data_9H1L
#
_entry.id   9H1L
#
loop_
_entity.id
_entity.type
_entity.pdbx_description
1 polymer 'UPF0288 protein MmarC6_0796'
2 polymer 'Methyl-coenzyme M reductase subunit gamma'
3 polymer 'Methyl-coenzyme M reductase subunit beta'
4 polymer 'Methyl-coenzyme M reductase subunit alpha'
5 polymer 'Methanogenesis marker protein 17'
6 polymer 'Methanogenesis marker protein 7'
7 polymer 'Methyl-coenzyme M reductase operon protein C'
8 polymer 'Glycine betaine/carnitine/choline transport ATP-binding protein OpuCA'
9 polymer 'DUF2098 domain-containing protein'
10 non-polymer 'FACTOR 430'
11 non-polymer '1-THIOETHANESULFONIC ACID'
12 non-polymer 'Coenzyme B'
13 non-polymer O-PHOSPHONO-N-{(2E)-7-[(2-SULFOETHYL)DITHIO]HEPT-2-ENOYL}-L-THREONINE
14 non-polymer 'FeFe cofactor'
15 non-polymer 'ZINC ION'
16 non-polymer "ADENOSINE-5'-TRIPHOSPHATE"
17 non-polymer 'MAGNESIUM ION'
#
loop_
_entity_poly.entity_id
_entity_poly.type
_entity_poly.pdbx_seq_one_letter_code
_entity_poly.pdbx_strand_id
1 'polypeptide(L)'
;MNVLVNNNPKSGKTLEDVIKDEYYIPGSNIVIIKGTATVIKEETKKYLIKTTKGSFVVGITEENETVDFWNKNYKSFEDK
SLIWKSISDVSFGSIEIPLPVSSVKQNFKKWDVVLSVSGLDTSEGNLIFVQRDVLELYGLENPKIGILIGGKRVLKTLTA
DDRIISIEQMRESKENIDYEITTNLNKEIQDTWKIYTYCKAEFDGPPQSTEHALAILENGTLEISENTNTYVADCRLQTL
FIDEENPEDRDRGTITVRNIGNGVGKVYIYQESRASSLSHTVVGKVTDGIEIVDFSNSGHITVKTNPERLSVIGKTQKDA
KILFEKHGITLKMEGNIDEDAIIVEQVPEYTMDILKSKEVTTKGIEPEKLLYVEIYDKDAPTTSWYFRKVTGLTTKRIGT
LKIYFKHDDISMFERDWDYSKGLLPENTPEKSIDSGIIAVTNMVKKYKGYIGVRTSSNDKYGPTGETFEGTNIVGKVVKN
SEILKSVKQGENIYILEVNSN
;
J
2 'polypeptide(L)'
;MAYTPQFYPGATKVAENRRNHLNPNYELEKLREIPDEDVVKIMGHRQPGEDYKTVHPPLEEMDFVEDYARDLVEPLNGAK
EGHRVRYIQFADSMYFAPAQPYDRSRSYMSRLRGVDAGTLSGRQVVECRESDLEEFSKNILMDTELFDPATSGMRGATVH
GHSLRLDENGMMFDALQRCVFDEKTGHVMYVKDQVGKPLDAPVDVGEPIPEAKLREITTIYRNDGVAMRADPDVIEVVKR
IHRARTLGGYIPTNETFKGL
;
A,B
3 'polypeptide(L)'
;MVKYEDKISLYDAKGNLVAENVPLEAISPLYNPTIKSMVKNIKRTVAVNLAGIEGTLAAGKIGGKGCQVPGRTLDISAVS
NAQAIADEVEKILKVSEDDDTAVKIINGGKQLAVQVPTARLEVAAEYSVSMLSTAMALKEALIKTFNIDMFDGSTVHAAI
VGNYPQVMDYAGGNIASLLGAPSMMEGLGYALRNIPVNHAVATTKKNMMNAIAFSSVMEQTATFEMGDAVGSFERQHLLG
LAYQGLNADNLVIDFIKANAKGTVGSVVETVIDRAIADGVIVVDKTMSSGFNMYKPADVNKWNAYAAAGLVAAVAVSCGA
ARAAQNVASVILYFNDILEYETGLPGVDYGRSMGTAVGFSFFSHSIYGGGGPGIFNGNHVVTRHSKGFAIPPVCAAMCAD
AGTQMFSPEHTSGLVGSVYSAFDEFREPMKYVIEGALSIKDQF
;
E,D
4 'polypeptide(L)'
;MEAEKRLFLKALKEKFEEDPKEKYTKFYTFGGWEQSARKREFVEANEKIVSEKRQGIPLYNPDIGVPLGQRKLMPYKLSN
TDDYCEGDDLHFLNNAAIQQLWDDIRRTVIVGMDTAHSVLEKRLGVEVTPETINEYMHTINHSLPGGAVVQEHMVEVHPS
LAWDCYARIFTGDDELADELDSRFLIDINKLFPEEQAETLKAAIGKKTYQVSRVPSLVGRVCDGGTISRWSAMQIGMSFI
TAYKLCAGEAATADFSYASK(MHS)ADVIQMGNALPGR(AGM)ARGPNEPGGIRFGILSDVVQTTRVSEDPVEQSLEVVA
TGAALYDQIWLGAYMSGGIGFTQYATASYTDDILDDFSYYALDYVEKKYGRMGTKATMDVVEDVAGEVTLYALEQYDDYP
ALLEDHFGGS(MGN)RAAVAAAASGIGVCMATGNSNAGVNGWYLSQILHKEYHSRLGFY(GL3)YDLQDQ(SMC)GASNS
LAIRNDEAAPLELRGPNYPNYAMNVGHQGEYAGIAQAAHSARGDAFALNPLVKVAFADPMLVFDFSKPRKEIARGALREF
EAAGERDVILPAK
;
C,F
5 'polypeptide(L)'
;MAYIDVECNDEAGKAIYERIIQTSLEDLVLGKSIIKAKMICKQDVPYFIIGILPKSTSKLIRLRDIATIDESKKSDGKTI
TKLNIDDETYATELLAKINVMDQPSRFEVVTDSEVDLNMVIHDAKEDFIDRVLDFMNRVFPEGMRIRKTIRDKTIVMVAS
EKPIEEEWMNEAVKLQEELKIFK
;
G
6 'polypeptide(L)'
;MYQIIRYEGGVYKNNILKEWIEDVGGFIIQEHVMQLDVYMTIAIPQNEIENFKEEAKKYKGKIVETPLAGIEIAIVSPSL
SRHHLPHIACDVSEYVRKFGAKPNMIGLAHGAGKNISEIREKEKRLIQEHDIAIYVMGNFESCILDKTHLFKVDIPLVVT
GGPETLDIPYTYVGNLGRRAQRLRKGEEIRALRQMIDEVTKKINDKRMELSYDPPIIPPVVLKDEIEKRIDEVRGILAPM
PIVTQLDGLRIKMDYDRNHEEIENVKIGKYLLKDIAYVTRSEMKNYILIKLKSTSELKTDENKA
;
H
7 'polypeptide(L)'
;MSAWSHPQFEKGGGSGGGSGGSAWSHPQFEKSAGSGMPVGRKEQIVDCRAVMGLGEGGGLAQRGTFAEGLRNDVVVVAMS
PGRRHITKPVCEITYGIREAGIQTSVLVLDAGGGIPSDAPQGSLGSTFGLKPEEAKQVNRHKLCVIHFGNVKSHIIYKAR
LFLKYVDIPTIIVCQTPVDMEDFAAIGIKTKNVMPLESKTEGKIVEIITGVIRGESAPQKKIDEIIESIKKHLG
;
I
8 'polypeptide(L)'
;MLLLEVKNVSKSYGDTEVLKNVSFELNEGDVMGVLGRSGAGKSVLLHMLRGMEGYEPTSGQIIYHVAYCPHCENVEAPSQ
VGKKCECETEYVAKSVDFWNNNEITYALKKKIAIMLQRTFALYGEKTVAENIMEALTAAGYEGKDATEWALNLIKMVKLE
HRVAHISRDLSGGEKQRVVLARQIAKNPVIFLADEPTGTLDPKTAKFVHNALTEAVIKHNIAMVITSHWPEVIEELCQKA
IWLDKGEMRLVGESKHVVEEFMKTVTSMKEFEKVEVKDELLKLENVEKRYVSVDRGIVKAVDGIDVSINEKEIFGLVGVS
GAGKTTLSKIIAAVIPPSKGNYEFRLADEWVDMTKVGPLYRGRAKRYIGMLFQEYSLYPHRTILYNLTESIGLEMPGEFA
KMKAEHTLVSVGFTEEEAENMLEKHPSELSVGEKHRVALAQVLIREPHLILLDEPTGTMDPITRNQVAESIQKSRSELDQ
TYVIVSHDMDFVLNVCDRAALVRGGKIIKTGKPDEIVKILSEEEKDEMIGH
;
K
9 'polypeptide(L)'
;MTLDRNGKLIEIGSYVRYINTGTHGTVKAIEPKNDEEWVLLENDIYYRPELLELVERRKIEKKESEEELIERITNEDIDL
EAAENGCGCSGAG
;
L
#
loop_
_chem_comp.id
_chem_comp.type
_chem_comp.name
_chem_comp.formula
ATP non-polymer ADENOSINE-5'-TRIPHOSPHATE 'C10 H16 N5 O13 P3'
COM non-polymer '1-THIOETHANESULFONIC ACID' 'C2 H6 O3 S2'
F43 non-polymer 'FACTOR 430' 'C42 H51 N6 Ni O13 1'
MG non-polymer 'MAGNESIUM ION' 'Mg 2'
S5Q non-polymer 'FeFe cofactor' 'C Fe8 S9 -4'
SHT non-polymer O-PHOSPHONO-N-{(2E)-7-[(2-SULFOETHYL)DITHIO]HEPT-2-ENOYL}-L-THREONINE 'C13 H24 N O10 P S3'
TP7 non-polymer 'Coenzyme B' 'C11 H22 N O7 P S'
ZN non-polymer 'ZINC ION' 'Zn 2'
#
# COMPACT_ATOMS: atom_id res chain seq x y z
N MET A 1 -3.87 62.13 -62.71
CA MET A 1 -4.82 62.77 -63.61
C MET A 1 -5.61 61.71 -64.36
N ASN A 2 -5.12 61.34 -65.55
CA ASN A 2 -5.78 60.34 -66.37
C ASN A 2 -5.53 58.96 -65.78
N VAL A 3 -6.55 58.40 -65.12
CA VAL A 3 -6.44 57.10 -64.48
C VAL A 3 -7.36 56.12 -65.20
N LEU A 4 -7.06 54.84 -65.04
CA LEU A 4 -7.83 53.77 -65.66
C LEU A 4 -8.75 53.15 -64.61
N VAL A 5 -10.05 53.12 -64.90
CA VAL A 5 -11.07 52.64 -63.97
C VAL A 5 -11.73 51.42 -64.58
N ASN A 6 -11.68 50.30 -63.85
CA ASN A 6 -12.32 49.06 -64.27
C ASN A 6 -11.85 48.62 -65.65
N ASN A 7 -12.49 49.21 -66.67
CA ASN A 7 -12.12 48.96 -68.08
C ASN A 7 -12.44 50.27 -68.79
N ASN A 8 -13.15 51.17 -68.09
CA ASN A 8 -13.54 52.49 -68.66
C ASN A 8 -12.87 53.57 -67.81
N PRO A 9 -11.72 54.13 -68.23
CA PRO A 9 -10.98 55.10 -67.41
C PRO A 9 -11.77 56.31 -66.91
N LYS A 10 -11.50 56.77 -65.69
CA LYS A 10 -12.14 58.02 -65.18
C LYS A 10 -11.01 59.01 -64.85
N SER A 11 -11.18 59.82 -63.80
CA SER A 11 -10.14 60.79 -63.40
C SER A 11 -10.41 61.33 -61.99
N GLY A 12 -11.67 61.54 -61.64
CA GLY A 12 -12.03 62.09 -60.31
C GLY A 12 -11.02 61.71 -59.23
N LYS A 13 -10.26 62.68 -58.73
CA LYS A 13 -9.21 62.40 -57.71
C LYS A 13 -9.80 61.56 -56.57
N THR A 14 -10.87 62.05 -55.93
CA THR A 14 -11.45 61.34 -54.76
C THR A 14 -12.12 60.04 -55.21
N LEU A 15 -12.03 58.99 -54.38
CA LEU A 15 -12.70 57.71 -54.70
C LEU A 15 -14.16 57.99 -55.03
N GLU A 16 -14.87 58.68 -54.12
CA GLU A 16 -16.31 58.97 -54.34
C GLU A 16 -16.56 59.27 -55.82
N ASP A 17 -15.81 60.21 -56.40
CA ASP A 17 -16.03 60.61 -57.81
C ASP A 17 -16.07 59.37 -58.70
N VAL A 18 -15.01 58.54 -58.67
CA VAL A 18 -14.97 57.38 -59.61
C VAL A 18 -15.94 56.29 -59.14
N ILE A 19 -16.17 56.15 -57.84
CA ILE A 19 -17.04 55.03 -57.36
C ILE A 19 -18.50 55.48 -57.40
N LYS A 20 -18.75 56.76 -57.70
CA LYS A 20 -20.16 57.23 -57.84
C LYS A 20 -20.88 56.30 -58.83
N ASP A 21 -20.32 56.16 -60.02
CA ASP A 21 -20.93 55.27 -61.06
C ASP A 21 -20.78 53.82 -60.59
N GLU A 22 -19.57 53.43 -60.15
CA GLU A 22 -19.32 52.04 -59.72
C GLU A 22 -20.28 51.66 -58.60
N TYR A 23 -21.90 49.74 -59.26
CA TYR A 23 -22.96 49.54 -58.22
C TYR A 23 -22.30 49.10 -56.91
N TYR A 24 -22.56 49.82 -55.81
CA TYR A 24 -21.86 49.47 -54.58
C TYR A 24 -22.78 49.72 -53.40
N ILE A 25 -23.04 48.67 -52.62
CA ILE A 25 -23.81 48.79 -51.38
C ILE A 25 -22.90 49.39 -50.31
N PRO A 26 -23.29 50.49 -49.67
CA PRO A 26 -22.39 51.14 -48.71
C PRO A 26 -22.08 50.24 -47.53
N GLY A 27 -20.80 50.17 -47.16
CA GLY A 27 -20.38 49.37 -46.03
C GLY A 27 -19.30 48.35 -46.37
N SER A 28 -19.10 48.08 -47.65
CA SER A 28 -18.15 47.08 -48.09
C SER A 28 -16.74 47.68 -48.15
N ASN A 29 -15.80 46.92 -48.69
CA ASN A 29 -14.42 47.35 -48.79
C ASN A 29 -14.07 47.74 -50.22
N ILE A 30 -12.98 48.50 -50.35
CA ILE A 30 -12.47 48.96 -51.63
C ILE A 30 -11.06 48.40 -51.81
N VAL A 31 -10.81 47.77 -52.96
CA VAL A 31 -9.54 47.13 -53.25
C VAL A 31 -8.80 47.95 -54.30
N ILE A 32 -7.54 48.25 -54.02
CA ILE A 32 -6.69 49.04 -54.92
C ILE A 32 -5.33 48.37 -54.98
N ILE A 33 -5.74 48.28 -56.20
CA ILE A 33 -4.43 47.72 -56.54
C ILE A 33 -3.57 48.84 -57.12
N LYS A 34 -2.26 48.75 -56.86
CA LYS A 34 -1.30 49.71 -57.41
C LYS A 34 -0.67 49.22 -58.69
N GLY A 35 -0.01 48.07 -58.64
CA GLY A 35 0.65 47.55 -59.82
C GLY A 35 1.46 46.31 -59.47
N THR A 36 2.40 45.99 -60.35
CA THR A 36 3.25 44.81 -60.22
C THR A 36 4.69 45.23 -59.97
N ALA A 37 5.42 44.37 -59.26
CA ALA A 37 6.82 44.61 -58.92
C ALA A 37 7.78 43.81 -59.79
N THR A 38 7.48 42.54 -60.07
CA THR A 38 8.28 41.68 -60.94
C THR A 38 9.73 41.61 -60.45
N VAL A 39 9.89 41.06 -59.25
CA VAL A 39 11.22 40.87 -58.68
C VAL A 39 11.85 39.61 -59.28
N ILE A 40 13.08 39.74 -59.78
CA ILE A 40 13.78 38.64 -60.43
C ILE A 40 14.79 38.08 -59.43
N LYS A 41 14.51 36.89 -58.91
CA LYS A 41 15.40 36.20 -57.98
C LYS A 41 15.75 34.84 -58.57
N GLU A 42 17.04 34.51 -58.57
CA GLU A 42 17.50 33.26 -59.16
C GLU A 42 18.67 32.72 -58.36
N GLU A 43 18.56 31.45 -57.98
CA GLU A 43 19.61 30.85 -57.11
C GLU A 43 20.15 29.70 -57.94
N THR A 44 19.29 29.20 -58.82
CA THR A 44 19.74 28.18 -59.78
C THR A 44 20.55 27.10 -59.06
N LYS A 45 20.01 26.54 -57.96
CA LYS A 45 20.72 25.37 -57.36
C LYS A 45 20.98 24.48 -58.58
N LYS A 46 19.98 24.36 -59.46
CA LYS A 46 20.18 23.65 -60.74
C LYS A 46 20.65 24.71 -61.75
N TYR A 47 21.81 24.52 -62.36
CA TYR A 47 22.35 25.55 -63.28
C TYR A 47 22.02 25.17 -64.73
N LEU A 48 21.84 26.18 -65.58
CA LEU A 48 21.60 25.90 -67.02
C LEU A 48 22.92 26.09 -67.78
N ILE A 49 22.85 26.19 -69.10
CA ILE A 49 24.09 26.33 -69.92
C ILE A 49 23.68 26.66 -71.36
N LYS A 50 24.62 27.10 -72.20
CA LYS A 50 24.31 27.33 -73.63
C LYS A 50 25.51 26.86 -74.45
N THR A 51 25.75 25.55 -74.50
CA THR A 51 26.93 25.01 -75.21
C THR A 51 26.74 25.11 -76.73
N THR A 52 27.80 24.78 -77.48
CA THR A 52 27.69 24.77 -78.96
C THR A 52 27.05 23.44 -79.39
N LYS A 53 26.68 22.60 -78.43
CA LYS A 53 25.99 21.32 -78.74
C LYS A 53 24.59 21.34 -78.10
N GLY A 54 24.17 22.50 -77.58
CA GLY A 54 22.82 22.62 -77.00
C GLY A 54 22.84 23.18 -75.59
N SER A 55 21.98 22.65 -74.71
CA SER A 55 21.89 23.20 -73.32
C SER A 55 21.48 22.09 -72.35
N PHE A 56 22.36 21.72 -71.42
CA PHE A 56 22.01 20.72 -70.38
C PHE A 56 21.71 21.45 -69.06
N VAL A 57 21.08 20.75 -68.12
CA VAL A 57 20.71 21.39 -66.82
C VAL A 57 21.53 20.77 -65.69
N VAL A 58 22.60 21.44 -65.26
CA VAL A 58 23.42 20.96 -64.12
C VAL A 58 22.63 21.24 -62.83
N GLY A 59 23.01 20.66 -61.69
CA GLY A 59 22.32 21.00 -60.43
C GLY A 59 23.18 20.73 -59.21
N ILE A 60 23.65 21.80 -58.55
CA ILE A 60 24.55 21.63 -57.37
C ILE A 60 23.85 20.77 -56.33
N THR A 61 24.60 19.86 -55.68
CA THR A 61 24.03 19.00 -54.63
C THR A 61 25.02 18.94 -53.46
N GLU A 62 26.23 18.42 -53.70
CA GLU A 62 27.24 18.30 -52.63
C GLU A 62 27.87 19.68 -52.36
N GLU A 63 27.51 20.31 -51.25
CA GLU A 63 28.05 21.66 -50.91
C GLU A 63 29.58 21.63 -50.99
N ASN A 64 30.23 20.73 -50.24
CA ASN A 64 31.71 20.67 -50.20
C ASN A 64 32.26 22.10 -50.31
N GLU A 65 33.06 22.38 -51.34
CA GLU A 65 33.60 23.74 -51.59
C GLU A 65 33.60 23.96 -53.10
N THR A 66 33.43 22.87 -53.85
CA THR A 66 33.33 23.00 -55.33
C THR A 66 32.09 23.85 -55.62
N VAL A 67 31.01 23.66 -54.85
CA VAL A 67 29.82 24.54 -54.99
C VAL A 67 30.27 25.97 -54.75
N ASP A 68 30.95 26.20 -53.62
CA ASP A 68 31.42 27.56 -53.27
C ASP A 68 32.24 28.12 -54.43
N PHE A 69 33.09 27.29 -55.05
CA PHE A 69 33.85 27.73 -56.24
C PHE A 69 32.85 28.07 -57.36
N TRP A 70 32.15 27.05 -57.86
CA TRP A 70 31.16 27.26 -58.95
C TRP A 70 30.40 28.57 -58.73
N ASN A 71 29.81 28.75 -57.53
CA ASN A 71 29.00 29.96 -57.21
C ASN A 71 29.24 31.09 -58.23
N LYS A 72 30.46 31.62 -58.30
CA LYS A 72 30.73 32.76 -59.21
C LYS A 72 31.78 32.36 -60.25
N ASN A 73 32.50 31.26 -60.01
CA ASN A 73 33.61 30.88 -60.93
C ASN A 73 33.04 30.15 -62.16
N TYR A 74 31.75 29.81 -62.15
CA TYR A 74 31.14 29.21 -63.36
C TYR A 74 31.11 30.28 -64.45
N LYS A 75 31.05 31.56 -64.05
CA LYS A 75 31.08 32.67 -65.04
C LYS A 75 32.50 32.75 -65.61
N SER A 76 33.51 32.32 -64.84
CA SER A 76 34.88 32.26 -65.38
C SER A 76 35.00 31.02 -66.26
N PHE A 77 34.15 30.02 -66.00
CA PHE A 77 34.14 28.79 -66.85
C PHE A 77 33.25 29.03 -68.07
N GLU A 78 32.68 30.23 -68.19
CA GLU A 78 31.84 30.56 -69.36
C GLU A 78 32.70 30.57 -70.63
N ASP A 79 32.11 30.22 -71.78
CA ASP A 79 32.84 30.24 -73.08
C ASP A 79 34.13 29.42 -72.97
N LYS A 80 34.07 28.27 -72.30
CA LYS A 80 35.26 27.37 -72.22
C LYS A 80 34.98 26.13 -73.06
N SER A 81 35.89 25.79 -73.98
CA SER A 81 35.64 24.64 -74.89
C SER A 81 35.82 23.32 -74.14
N LEU A 82 35.22 22.25 -74.65
CA LEU A 82 35.39 20.91 -74.02
C LEU A 82 36.86 20.53 -74.08
N ILE A 83 37.48 20.28 -72.93
CA ILE A 83 38.94 19.96 -72.90
C ILE A 83 39.14 18.51 -73.34
N TRP A 84 38.49 17.55 -72.66
CA TRP A 84 38.58 16.14 -73.09
C TRP A 84 37.25 15.41 -72.85
N LYS A 85 36.97 14.39 -73.66
CA LYS A 85 35.74 13.56 -73.45
C LYS A 85 36.19 12.11 -73.36
N SER A 86 37.28 11.84 -72.63
CA SER A 86 37.84 10.47 -72.55
C SER A 86 37.16 9.64 -71.46
N ILE A 87 37.79 8.54 -71.05
CA ILE A 87 37.23 7.66 -69.97
C ILE A 87 37.00 8.52 -68.73
N SER A 88 37.80 9.59 -68.56
CA SER A 88 37.60 10.51 -67.41
C SER A 88 36.43 11.45 -67.70
N ASP A 89 35.39 10.97 -68.39
CA ASP A 89 34.15 11.76 -68.65
C ASP A 89 34.41 12.98 -69.54
N VAL A 90 33.39 13.81 -69.71
CA VAL A 90 33.54 15.07 -70.52
C VAL A 90 34.09 16.14 -69.58
N SER A 91 35.09 16.90 -70.04
CA SER A 91 35.73 17.93 -69.18
C SER A 91 35.74 19.27 -69.93
N PHE A 92 35.76 20.38 -69.20
CA PHE A 92 35.68 21.71 -69.86
C PHE A 92 36.65 22.69 -69.20
N GLY A 93 37.00 23.77 -69.90
CA GLY A 93 37.88 24.80 -69.30
C GLY A 93 39.16 24.98 -70.08
N SER A 94 40.29 24.69 -69.43
CA SER A 94 40.32 24.52 -67.95
C SER A 94 40.71 25.84 -67.29
N ILE A 95 39.95 26.29 -66.29
CA ILE A 95 40.23 27.61 -65.65
C ILE A 95 40.96 27.39 -64.31
N GLU A 96 41.41 28.48 -63.70
CA GLU A 96 42.12 28.38 -62.39
C GLU A 96 41.13 27.92 -61.32
N ILE A 97 41.43 26.80 -60.65
CA ILE A 97 40.58 26.34 -59.52
C ILE A 97 41.48 26.24 -58.28
N PRO A 98 41.54 27.29 -57.43
CA PRO A 98 42.43 27.29 -56.26
C PRO A 98 42.05 26.23 -55.21
N LEU A 99 40.90 25.58 -55.38
CA LEU A 99 40.47 24.52 -54.44
C LEU A 99 41.63 23.57 -54.15
N PRO A 100 42.01 23.35 -52.88
CA PRO A 100 43.14 22.48 -52.53
C PRO A 100 42.97 21.09 -53.15
N VAL A 101 43.75 20.78 -54.19
CA VAL A 101 43.61 19.46 -54.89
C VAL A 101 44.16 18.35 -53.98
N SER A 102 43.37 17.94 -52.99
CA SER A 102 43.80 16.81 -52.11
C SER A 102 43.97 15.55 -52.97
N SER A 103 45.17 14.97 -52.98
CA SER A 103 45.39 13.71 -53.72
C SER A 103 44.25 12.73 -53.42
N VAL A 104 43.82 12.65 -52.16
CA VAL A 104 42.69 11.77 -51.75
C VAL A 104 41.67 11.72 -52.90
N LYS A 105 41.54 10.57 -53.55
CA LYS A 105 40.55 10.42 -54.65
C LYS A 105 39.17 10.11 -54.07
N GLN A 106 38.11 10.41 -54.81
CA GLN A 106 36.72 10.18 -54.31
C GLN A 106 35.92 9.42 -55.35
N ASN A 107 34.81 8.80 -54.95
CA ASN A 107 33.93 8.09 -55.91
C ASN A 107 32.85 9.07 -56.40
N PHE A 108 32.53 9.05 -57.69
CA PHE A 108 31.51 9.97 -58.26
C PHE A 108 30.44 9.13 -58.97
N LYS A 109 29.25 9.70 -59.20
CA LYS A 109 28.14 8.92 -59.80
C LYS A 109 27.88 9.36 -61.25
N LYS A 110 27.22 8.50 -62.04
CA LYS A 110 26.92 8.83 -63.45
C LYS A 110 26.34 10.24 -63.55
N TRP A 111 26.89 11.07 -64.44
CA TRP A 111 26.36 12.45 -64.65
C TRP A 111 26.32 13.22 -63.33
N ASP A 112 27.48 13.51 -62.73
CA ASP A 112 27.53 14.31 -61.49
C ASP A 112 28.47 15.50 -61.69
N VAL A 113 27.91 16.72 -61.75
CA VAL A 113 28.76 17.92 -62.02
C VAL A 113 29.99 17.82 -61.13
N VAL A 114 31.19 17.83 -61.73
CA VAL A 114 32.45 17.70 -60.95
C VAL A 114 33.42 18.79 -61.41
N LEU A 115 34.11 19.44 -60.47
CA LEU A 115 35.08 20.51 -60.82
C LEU A 115 36.50 20.01 -60.52
N SER A 116 36.80 18.77 -60.91
CA SER A 116 38.12 18.17 -60.58
C SER A 116 39.26 19.02 -61.16
N VAL A 117 40.10 19.59 -60.30
CA VAL A 117 41.29 20.35 -60.78
C VAL A 117 42.17 19.37 -61.56
N SER A 118 42.05 19.35 -62.90
CA SER A 118 42.80 18.35 -63.71
C SER A 118 44.31 18.52 -63.52
N GLY A 119 45.03 17.39 -63.42
CA GLY A 119 46.49 17.43 -63.27
C GLY A 119 46.93 18.03 -61.95
N LEU A 120 45.99 18.27 -61.03
CA LEU A 120 46.30 18.90 -59.71
C LEU A 120 46.96 20.26 -59.92
N ASP A 121 46.71 20.90 -61.08
CA ASP A 121 47.25 22.27 -61.32
C ASP A 121 46.08 23.25 -61.19
N THR A 122 46.10 24.10 -60.16
CA THR A 122 44.96 25.02 -59.92
C THR A 122 44.42 25.56 -61.25
N SER A 123 45.25 26.25 -62.03
CA SER A 123 44.79 26.89 -63.30
C SER A 123 44.33 25.84 -64.32
N GLU A 124 44.64 24.56 -64.10
CA GLU A 124 44.18 23.49 -65.02
C GLU A 124 42.95 22.80 -64.44
N GLY A 125 42.34 23.38 -63.39
CA GLY A 125 41.10 22.81 -62.86
C GLY A 125 40.08 22.61 -63.96
N ASN A 126 39.66 21.36 -64.19
CA ASN A 126 38.76 21.08 -65.34
C ASN A 126 37.31 20.95 -64.89
N LEU A 127 36.37 21.48 -65.68
CA LEU A 127 34.93 21.30 -65.38
C LEU A 127 34.53 19.91 -65.89
N ILE A 128 34.83 18.87 -65.12
CA ILE A 128 34.58 17.49 -65.62
C ILE A 128 33.09 17.15 -65.46
N PHE A 129 32.28 17.44 -66.47
CA PHE A 129 30.86 17.01 -66.41
C PHE A 129 30.87 15.48 -66.43
N VAL A 130 30.80 14.85 -65.25
CA VAL A 130 30.91 13.37 -65.18
C VAL A 130 29.87 12.74 -66.11
N GLN A 131 30.24 11.63 -66.77
CA GLN A 131 29.28 10.91 -67.65
C GLN A 131 28.99 9.55 -67.02
N ARG A 132 30.04 8.76 -66.77
CA ARG A 132 29.88 7.42 -66.14
C ARG A 132 30.37 7.48 -64.69
N ASP A 133 29.71 6.73 -63.80
CA ASP A 133 30.11 6.73 -62.37
C ASP A 133 31.60 6.43 -62.26
N VAL A 134 32.42 7.47 -62.09
CA VAL A 134 33.89 7.26 -61.93
C VAL A 134 34.18 7.13 -60.43
N LEU A 135 34.87 6.07 -60.02
CA LEU A 135 35.20 5.86 -58.59
C LEU A 135 36.42 6.72 -58.24
N GLU A 136 37.21 6.28 -57.25
CA GLU A 136 38.45 7.01 -56.92
C GLU A 136 39.21 7.27 -58.22
N LEU A 137 39.09 8.48 -58.79
CA LEU A 137 39.71 8.76 -60.11
C LEU A 137 40.31 10.17 -60.10
N TYR A 138 39.61 11.13 -59.50
CA TYR A 138 40.08 12.53 -59.52
C TYR A 138 40.60 12.93 -58.14
N GLY A 139 41.53 13.87 -58.08
CA GLY A 139 42.04 14.35 -56.77
C GLY A 139 41.10 15.35 -56.15
N LEU A 140 41.61 16.47 -55.63
CA LEU A 140 40.77 17.55 -55.02
C LEU A 140 40.14 17.10 -53.70
N GLU A 141 39.81 18.05 -52.82
CA GLU A 141 39.09 17.68 -51.57
C GLU A 141 37.88 16.84 -51.94
N ASN A 142 37.02 17.36 -52.83
CA ASN A 142 35.86 16.58 -53.34
C ASN A 142 35.35 17.28 -54.60
N PRO A 143 35.74 16.82 -55.81
CA PRO A 143 35.32 17.45 -57.07
C PRO A 143 33.80 17.55 -57.20
N LYS A 144 33.07 16.62 -56.59
CA LYS A 144 31.58 16.61 -56.73
C LYS A 144 30.99 17.94 -56.27
N ILE A 145 30.39 18.70 -57.20
CA ILE A 145 29.71 19.97 -56.80
C ILE A 145 28.20 19.72 -56.92
N GLY A 146 27.78 19.09 -58.02
CA GLY A 146 26.34 18.83 -58.23
C GLY A 146 26.10 17.56 -59.01
N ILE A 147 24.91 17.44 -59.62
CA ILE A 147 24.56 16.24 -60.42
C ILE A 147 23.94 16.70 -61.74
N LEU A 148 24.38 16.11 -62.86
CA LEU A 148 23.82 16.46 -64.19
C LEU A 148 22.65 15.52 -64.49
N ILE A 149 21.49 16.05 -64.86
CA ILE A 149 20.34 15.18 -65.27
C ILE A 149 19.70 15.79 -66.52
N GLY A 150 19.22 17.02 -66.41
CA GLY A 150 18.63 17.72 -67.58
C GLY A 150 19.65 17.86 -68.69
N GLY A 151 19.22 17.67 -69.94
CA GLY A 151 20.13 17.80 -71.10
C GLY A 151 21.26 16.79 -71.04
N LYS A 152 21.05 15.65 -70.38
CA LYS A 152 22.09 14.59 -70.29
C LYS A 152 22.72 14.40 -71.67
N ARG A 153 21.90 14.24 -72.72
CA ARG A 153 22.44 13.98 -74.08
C ARG A 153 23.35 15.12 -74.52
N VAL A 154 23.01 16.37 -74.18
CA VAL A 154 23.82 17.53 -74.66
C VAL A 154 25.28 17.28 -74.27
N LEU A 155 25.56 17.07 -72.99
CA LEU A 155 26.97 16.91 -72.53
C LEU A 155 27.55 15.62 -73.14
N LYS A 156 26.70 14.63 -73.43
CA LYS A 156 27.19 13.39 -74.09
C LYS A 156 27.62 13.73 -75.51
N THR A 157 26.75 14.36 -76.29
CA THR A 157 27.06 14.73 -77.69
C THR A 157 28.18 15.78 -77.70
N LEU A 158 28.23 16.65 -76.69
CA LEU A 158 29.25 17.72 -76.64
C LEU A 158 30.61 17.17 -77.08
N THR A 159 31.21 17.78 -78.10
CA THR A 159 32.55 17.35 -78.56
C THR A 159 33.59 18.41 -78.17
N ALA A 160 34.87 18.05 -78.20
CA ALA A 160 35.96 18.98 -77.83
C ALA A 160 35.69 20.36 -78.42
N ASP A 161 35.51 20.44 -79.74
CA ASP A 161 35.27 21.74 -80.43
C ASP A 161 34.22 22.56 -79.67
N ASP A 162 33.08 21.97 -79.34
CA ASP A 162 31.98 22.75 -78.70
C ASP A 162 32.43 23.32 -77.36
N ARG A 163 32.07 24.58 -77.08
CA ARG A 163 32.37 25.21 -75.77
C ARG A 163 31.07 25.32 -74.99
N ILE A 164 31.12 25.63 -73.70
CA ILE A 164 29.86 25.85 -72.91
C ILE A 164 29.35 27.26 -73.18
N ILE A 165 30.17 28.09 -73.84
CA ILE A 165 29.76 29.48 -74.19
C ILE A 165 28.97 30.09 -73.03
N SER A 166 27.69 30.40 -73.25
CA SER A 166 26.91 31.09 -72.20
C SER A 166 26.44 30.12 -71.11
N ILE A 167 27.31 29.81 -70.15
CA ILE A 167 26.84 28.97 -69.00
C ILE A 167 25.66 29.70 -68.38
N GLU A 168 24.44 29.24 -68.66
CA GLU A 168 23.23 29.91 -68.11
C GLU A 168 23.02 29.44 -66.66
N GLN A 169 21.84 29.70 -66.10
CA GLN A 169 21.62 29.37 -64.67
C GLN A 169 20.19 28.83 -64.48
N MET A 170 19.20 29.72 -64.42
CA MET A 170 17.79 29.29 -64.28
C MET A 170 16.89 30.53 -64.41
N ARG A 171 17.52 31.70 -64.56
CA ARG A 171 16.74 32.97 -64.66
C ARG A 171 15.58 32.91 -63.66
N GLU A 172 15.83 32.42 -62.44
CA GLU A 172 14.70 32.28 -61.54
C GLU A 172 14.05 33.63 -61.37
N SER A 173 12.72 33.67 -61.48
CA SER A 173 11.97 34.91 -61.39
C SER A 173 10.76 34.72 -60.50
N LYS A 174 10.29 35.82 -59.92
CA LYS A 174 9.14 35.80 -59.03
C LYS A 174 8.27 37.02 -59.33
N GLU A 175 7.11 37.08 -58.67
CA GLU A 175 6.16 38.16 -58.87
C GLU A 175 5.57 38.58 -57.53
N ASN A 176 5.41 39.89 -57.36
CA ASN A 176 4.77 40.44 -56.18
C ASN A 176 3.70 41.42 -56.64
N ILE A 177 2.55 41.41 -55.96
CA ILE A 177 1.40 42.24 -56.33
C ILE A 177 1.09 43.17 -55.16
N ASP A 178 1.05 44.47 -55.46
CA ASP A 178 0.76 45.45 -54.43
C ASP A 178 -0.73 45.49 -54.13
N TYR A 179 -1.07 45.64 -52.84
CA TYR A 179 -2.46 45.58 -52.41
C TYR A 179 -2.61 46.30 -51.08
N GLU A 180 -3.43 47.18 -51.67
CA GLU A 180 -3.84 47.71 -50.38
C GLU A 180 -5.34 47.57 -50.24
N ILE A 181 -5.80 47.44 -48.98
CA ILE A 181 -7.21 47.22 -48.67
C ILE A 181 -7.76 48.49 -48.02
N THR A 182 -8.88 48.98 -48.53
CA THR A 182 -9.52 50.18 -48.01
C THR A 182 -11.02 49.97 -47.97
N THR A 183 -11.69 50.82 -47.18
CA THR A 183 -13.14 50.83 -47.14
C THR A 183 -13.73 52.23 -47.13
N ASN A 184 -11.28 54.73 -47.51
CA ASN A 184 -11.72 56.12 -47.53
C ASN A 184 -12.28 56.49 -48.90
N LEU A 185 -12.77 57.72 -49.01
CA LEU A 185 -13.33 58.20 -50.25
C LEU A 185 -12.71 59.53 -50.68
N ASN A 186 -12.31 60.34 -49.70
CA ASN A 186 -11.73 61.66 -49.99
C ASN A 186 -10.20 61.57 -49.93
N LYS A 187 -9.64 61.02 -51.00
CA LYS A 187 -8.20 60.90 -51.15
C LYS A 187 -7.80 61.31 -52.56
N GLU A 188 -6.57 61.79 -52.70
CA GLU A 188 -6.07 62.26 -53.98
C GLU A 188 -5.44 61.12 -54.77
N ILE A 189 -5.79 61.02 -56.04
CA ILE A 189 -5.22 60.04 -56.95
C ILE A 189 -4.13 60.72 -57.78
N GLN A 190 -2.99 60.03 -57.93
CA GLN A 190 -1.85 60.63 -58.65
C GLN A 190 -2.00 60.45 -60.15
N ASP A 191 -1.98 59.19 -60.62
CA ASP A 191 -2.06 58.88 -62.04
C ASP A 191 -2.10 57.37 -62.21
N THR A 192 -2.84 56.91 -63.23
CA THR A 192 -2.84 55.52 -63.66
C THR A 192 -3.02 54.54 -62.51
N TRP A 193 -4.14 54.69 -61.79
CA TRP A 193 -4.45 53.84 -60.66
C TRP A 193 -5.78 53.14 -60.89
N LYS A 194 -5.81 51.85 -60.58
CA LYS A 194 -6.92 50.98 -60.93
C LYS A 194 -7.74 50.65 -59.69
N ILE A 195 -9.07 50.74 -59.83
CA ILE A 195 -10.00 50.56 -58.71
C ILE A 195 -11.06 49.54 -59.10
N TYR A 196 -11.31 48.59 -58.21
CA TYR A 196 -12.37 47.60 -58.39
C TYR A 196 -13.39 47.78 -57.27
N THR A 197 -14.67 47.64 -57.61
CA THR A 197 -15.75 47.97 -56.69
C THR A 197 -16.54 46.74 -56.24
N TYR A 198 -16.89 45.85 -57.18
CA TYR A 198 -17.77 44.74 -56.85
C TYR A 198 -17.40 43.53 -57.70
N CYS A 199 -17.88 42.37 -57.27
CA CYS A 199 -17.69 41.12 -57.98
C CYS A 199 -19.02 40.56 -58.47
N LYS A 200 -18.96 39.79 -59.55
CA LYS A 200 -20.13 39.19 -60.18
C LYS A 200 -20.15 37.70 -59.94
N ALA A 201 -21.27 37.19 -59.44
CA ALA A 201 -21.41 35.78 -59.07
C ALA A 201 -22.38 35.10 -60.03
N GLU A 202 -21.92 33.99 -60.62
CA GLU A 202 -22.75 33.17 -61.51
C GLU A 202 -23.07 31.88 -60.80
N PHE A 203 -24.37 31.57 -60.71
CA PHE A 203 -24.86 30.43 -59.92
C PHE A 203 -25.34 29.33 -60.84
N ASP A 204 -24.82 28.12 -60.64
CA ASP A 204 -25.26 26.94 -61.39
C ASP A 204 -24.95 25.72 -60.53
N GLY A 205 -25.98 25.17 -59.89
CA GLY A 205 -25.80 24.02 -59.03
C GLY A 205 -27.12 23.41 -58.61
N PRO A 206 -27.08 22.50 -57.63
CA PRO A 206 -28.31 21.89 -57.16
C PRO A 206 -29.22 22.93 -56.52
N PRO A 207 -30.54 22.72 -56.58
CA PRO A 207 -31.46 23.81 -56.22
C PRO A 207 -31.40 24.23 -54.76
N GLN A 208 -31.33 23.28 -53.84
CA GLN A 208 -31.38 23.63 -52.42
C GLN A 208 -30.11 24.38 -51.99
N SER A 209 -28.94 23.88 -52.39
CA SER A 209 -27.69 24.54 -52.03
C SER A 209 -27.60 25.91 -52.69
N THR A 210 -28.01 26.01 -53.95
CA THR A 210 -28.01 27.31 -54.63
C THR A 210 -28.96 28.29 -53.97
N GLU A 211 -30.12 27.81 -53.51
CA GLU A 211 -31.04 28.66 -52.78
C GLU A 211 -30.43 29.12 -51.45
N HIS A 212 -29.71 28.23 -50.77
CA HIS A 212 -28.99 28.61 -49.56
C HIS A 212 -27.99 29.74 -49.86
N ALA A 213 -27.22 29.57 -50.93
CA ALA A 213 -26.24 30.59 -51.30
C ALA A 213 -26.91 31.91 -51.66
N LEU A 214 -28.04 31.85 -52.38
CA LEU A 214 -28.77 33.05 -52.73
C LEU A 214 -29.31 33.76 -51.50
N ALA A 215 -29.83 32.99 -50.53
CA ALA A 215 -30.28 33.57 -49.28
C ALA A 215 -29.13 34.23 -48.52
N ILE A 216 -27.94 33.64 -48.60
CA ILE A 216 -26.76 34.28 -48.02
C ILE A 216 -26.50 35.63 -48.69
N LEU A 217 -26.59 35.67 -50.01
CA LEU A 217 -26.29 36.86 -50.80
C LEU A 217 -27.56 37.58 -51.25
N GLU A 218 -28.64 37.52 -50.46
CA GLU A 218 -29.86 38.22 -50.84
C GLU A 218 -29.70 39.73 -50.74
N ASN A 219 -28.85 40.19 -49.81
CA ASN A 219 -28.66 41.63 -49.61
C ASN A 219 -27.50 42.18 -50.45
N GLY A 220 -26.78 41.33 -51.18
CA GLY A 220 -25.71 41.78 -52.03
C GLY A 220 -24.35 41.88 -51.35
N THR A 221 -24.27 41.65 -50.04
CA THR A 221 -23.03 41.72 -49.30
C THR A 221 -22.70 40.36 -48.70
N LEU A 222 -21.42 39.98 -48.74
CA LEU A 222 -20.95 38.72 -48.18
C LEU A 222 -20.00 39.02 -47.03
N GLU A 223 -20.41 38.64 -45.82
CA GLU A 223 -19.54 38.80 -44.66
C GLU A 223 -18.34 37.87 -44.76
N ILE A 224 -17.19 38.36 -44.32
CA ILE A 224 -15.96 37.59 -44.26
C ILE A 224 -15.75 37.22 -42.79
N SER A 225 -16.16 36.02 -42.40
CA SER A 225 -16.01 35.54 -41.04
C SER A 225 -14.68 34.83 -40.81
N GLU A 226 -14.24 34.01 -41.76
CA GLU A 226 -12.95 33.35 -41.70
C GLU A 226 -12.18 33.64 -42.97
N ASN A 227 -10.87 33.78 -42.85
CA ASN A 227 -10.01 34.01 -43.99
C ASN A 227 -8.75 33.18 -43.87
N THR A 228 -8.37 32.52 -44.96
CA THR A 228 -7.10 31.83 -45.05
C THR A 228 -6.37 32.30 -46.31
N ASN A 229 -5.30 31.60 -46.68
CA ASN A 229 -4.62 31.91 -47.93
C ASN A 229 -5.29 31.30 -49.15
N THR A 230 -6.33 30.49 -48.95
CA THR A 230 -6.99 29.81 -50.05
C THR A 230 -8.46 30.13 -50.20
N TYR A 231 -9.14 30.60 -49.15
CA TYR A 231 -10.57 30.84 -49.23
C TYR A 231 -10.98 31.93 -48.24
N VAL A 232 -12.22 32.40 -48.41
CA VAL A 232 -12.92 33.22 -47.44
C VAL A 232 -14.30 32.63 -47.24
N ALA A 233 -14.77 32.62 -46.00
CA ALA A 233 -16.00 31.91 -45.66
C ALA A 233 -16.97 32.85 -44.95
N ASP A 234 -18.25 32.53 -45.10
CA ASP A 234 -19.32 33.27 -44.45
C ASP A 234 -20.06 32.33 -43.49
N CYS A 235 -20.36 32.83 -42.30
CA CYS A 235 -20.89 32.00 -41.22
C CYS A 235 -22.27 32.46 -40.76
N ARG A 236 -23.02 33.12 -41.65
CA ARG A 236 -24.37 33.55 -41.28
C ARG A 236 -25.28 32.36 -41.02
N LEU A 237 -25.21 31.34 -41.88
CA LEU A 237 -26.02 30.13 -41.74
C LEU A 237 -25.06 28.95 -41.61
N GLN A 238 -24.63 28.69 -40.38
CA GLN A 238 -23.67 27.63 -40.08
C GLN A 238 -24.32 26.41 -39.44
N THR A 239 -25.59 26.51 -39.05
CA THR A 239 -26.27 25.38 -38.41
C THR A 239 -27.48 24.94 -39.23
N LEU A 240 -27.54 25.34 -40.50
CA LEU A 240 -28.62 24.94 -41.39
C LEU A 240 -28.15 23.76 -42.24
N PHE A 241 -29.00 22.73 -42.32
CA PHE A 241 -28.63 21.48 -42.99
C PHE A 241 -28.93 21.57 -44.48
N ILE A 242 -28.12 20.88 -45.28
CA ILE A 242 -28.39 20.62 -46.69
C ILE A 242 -27.90 19.21 -46.99
N ASP A 243 -28.58 18.55 -47.92
CA ASP A 243 -28.17 17.20 -48.36
C ASP A 243 -28.07 17.23 -49.88
N GLU A 244 -26.94 17.71 -50.38
CA GLU A 244 -26.67 17.77 -51.81
C GLU A 244 -25.16 17.67 -52.00
N GLU A 245 -24.73 16.79 -52.90
CA GLU A 245 -23.31 16.61 -53.20
C GLU A 245 -23.03 17.10 -54.61
N ASN A 246 -22.09 18.02 -54.74
CA ASN A 246 -21.59 18.49 -56.02
C ASN A 246 -20.06 18.50 -55.97
N PRO A 247 -19.44 17.32 -55.98
CA PRO A 247 -17.98 17.23 -55.77
C PRO A 247 -17.15 17.37 -57.05
N GLU A 248 -16.97 18.60 -57.51
CA GLU A 248 -16.04 18.90 -58.58
C GLU A 248 -15.00 19.91 -58.09
N ASP A 249 -14.08 20.26 -58.98
CA ASP A 249 -12.89 21.00 -58.61
C ASP A 249 -13.25 22.36 -58.03
N ARG A 250 -12.59 22.71 -56.92
CA ARG A 250 -12.74 24.02 -56.29
C ARG A 250 -11.70 24.96 -56.90
N ASP A 251 -12.00 25.44 -58.09
CA ASP A 251 -11.05 26.22 -58.88
C ASP A 251 -10.98 27.65 -58.33
N ARG A 252 -10.29 28.51 -59.07
CA ARG A 252 -10.13 29.91 -58.69
C ARG A 252 -11.49 30.61 -58.75
N GLY A 253 -11.87 31.24 -57.65
CA GLY A 253 -13.14 31.94 -57.58
C GLY A 253 -14.36 31.03 -57.66
N THR A 254 -14.32 29.90 -56.95
CA THR A 254 -15.43 28.97 -56.91
C THR A 254 -16.21 29.17 -55.61
N ILE A 255 -17.53 29.09 -55.68
CA ILE A 255 -18.41 29.27 -54.54
C ILE A 255 -18.93 27.90 -54.12
N THR A 256 -18.65 27.51 -52.88
CA THR A 256 -19.06 26.22 -52.34
C THR A 256 -19.81 26.41 -51.04
N VAL A 257 -20.67 25.44 -50.73
CA VAL A 257 -21.38 25.37 -49.47
C VAL A 257 -21.01 24.05 -48.80
N ARG A 258 -20.50 24.12 -47.58
CA ARG A 258 -20.16 22.91 -46.83
C ARG A 258 -21.44 22.23 -46.36
N ASN A 259 -21.59 20.96 -46.68
CA ASN A 259 -22.84 20.25 -46.48
C ASN A 259 -22.80 19.25 -45.31
N ILE A 260 -21.69 19.15 -44.61
CA ILE A 260 -21.56 18.18 -43.53
C ILE A 260 -20.50 18.67 -42.55
N GLY A 261 -20.68 18.31 -41.28
CA GLY A 261 -19.70 18.59 -40.26
C GLY A 261 -20.11 19.71 -39.33
N ASN A 262 -19.12 20.23 -38.61
CA ASN A 262 -19.37 21.35 -37.70
C ASN A 262 -19.74 22.61 -38.46
N GLY A 263 -19.21 22.79 -39.66
CA GLY A 263 -19.46 23.99 -40.42
C GLY A 263 -20.40 23.79 -41.59
N VAL A 264 -21.45 23.00 -41.39
CA VAL A 264 -22.41 22.72 -42.46
C VAL A 264 -23.21 23.99 -42.75
N GLY A 265 -23.20 24.41 -44.01
CA GLY A 265 -23.90 25.60 -44.43
C GLY A 265 -23.04 26.82 -44.64
N LYS A 266 -21.76 26.77 -44.24
CA LYS A 266 -20.86 27.86 -44.53
C LYS A 266 -20.66 28.01 -46.04
N VAL A 267 -20.55 29.25 -46.50
CA VAL A 267 -20.38 29.54 -47.91
C VAL A 267 -18.92 29.96 -48.12
N TYR A 268 -18.22 29.25 -48.99
CA TYR A 268 -16.82 29.47 -49.25
C TYR A 268 -16.63 30.08 -50.62
N ILE A 269 -15.65 30.98 -50.74
CA ILE A 269 -15.17 31.48 -52.02
C ILE A 269 -13.68 31.23 -52.08
N TYR A 270 -13.23 30.45 -53.07
CA TYR A 270 -11.86 29.97 -53.10
C TYR A 270 -10.99 30.88 -53.95
N GLN A 271 -9.86 31.29 -53.37
CA GLN A 271 -8.88 32.12 -54.08
C GLN A 271 -7.75 31.31 -54.69
N GLU A 272 -7.78 29.98 -54.56
CA GLU A 272 -6.74 29.12 -55.10
C GLU A 272 -7.37 27.89 -55.73
N SER A 273 -6.70 27.34 -56.72
CA SER A 273 -7.17 26.15 -57.42
C SER A 273 -6.86 24.93 -56.57
N ARG A 274 -7.90 24.34 -55.98
CA ARG A 274 -7.75 23.18 -55.11
C ARG A 274 -8.52 21.99 -55.68
N ALA A 275 -8.33 20.85 -55.03
CA ALA A 275 -8.95 19.61 -55.47
C ALA A 275 -10.41 19.54 -55.04
N SER A 276 -11.14 18.61 -55.65
CA SER A 276 -12.53 18.39 -55.29
C SER A 276 -12.66 17.85 -53.88
N SER A 277 -13.77 18.16 -53.23
CA SER A 277 -14.06 17.69 -51.88
C SER A 277 -15.48 17.18 -51.80
N LEU A 278 -15.66 16.05 -51.10
CA LEU A 278 -16.99 15.50 -50.90
C LEU A 278 -17.82 16.31 -49.91
N SER A 279 -17.17 17.11 -49.06
CA SER A 279 -17.86 17.90 -48.06
C SER A 279 -18.20 19.31 -48.53
N HIS A 280 -17.91 19.63 -49.79
CA HIS A 280 -18.16 20.96 -50.34
C HIS A 280 -19.07 20.81 -51.56
N THR A 281 -20.19 21.52 -51.54
CA THR A 281 -21.14 21.54 -52.64
C THR A 281 -20.98 22.85 -53.39
N VAL A 282 -20.43 22.77 -54.61
CA VAL A 282 -20.23 23.97 -55.40
C VAL A 282 -21.58 24.49 -55.90
N VAL A 283 -21.84 25.77 -55.64
CA VAL A 283 -23.09 26.39 -56.05
C VAL A 283 -22.93 27.31 -57.24
N GLY A 284 -21.70 27.67 -57.62
CA GLY A 284 -21.50 28.54 -58.76
C GLY A 284 -20.06 28.99 -58.92
N LYS A 285 -19.89 30.21 -59.42
CA LYS A 285 -18.56 30.76 -59.68
C LYS A 285 -18.65 32.27 -59.66
N VAL A 286 -17.50 32.90 -59.46
CA VAL A 286 -17.37 34.35 -59.58
C VAL A 286 -16.71 34.62 -60.93
N THR A 287 -17.45 35.26 -61.83
CA THR A 287 -17.03 35.35 -63.23
C THR A 287 -15.87 36.34 -63.39
N ASP A 288 -16.09 37.60 -63.05
CA ASP A 288 -15.09 38.63 -63.22
C ASP A 288 -14.99 39.48 -61.96
N GLY A 289 -13.82 40.09 -61.76
CA GLY A 289 -13.57 40.84 -60.55
C GLY A 289 -13.26 39.95 -59.37
N ILE A 290 -12.27 39.07 -59.52
CA ILE A 290 -11.86 38.20 -58.42
C ILE A 290 -10.98 38.93 -57.42
N GLU A 291 -10.27 39.97 -57.85
CA GLU A 291 -9.25 40.59 -57.00
C GLU A 291 -9.85 41.22 -55.75
N ILE A 292 -11.12 41.63 -55.80
CA ILE A 292 -11.75 42.16 -54.59
C ILE A 292 -11.83 41.07 -53.53
N VAL A 293 -12.13 39.83 -53.93
CA VAL A 293 -12.07 38.71 -53.02
C VAL A 293 -10.63 38.39 -52.65
N ASP A 294 -9.72 38.48 -53.62
CA ASP A 294 -8.33 38.08 -53.39
C ASP A 294 -7.66 38.95 -52.32
N PHE A 295 -7.87 40.26 -52.38
CA PHE A 295 -7.17 41.18 -51.50
C PHE A 295 -7.97 41.58 -50.27
N SER A 296 -9.16 41.00 -50.06
CA SER A 296 -9.96 41.29 -48.90
C SER A 296 -9.76 40.20 -47.86
N ASN A 297 -9.37 40.60 -46.64
CA ASN A 297 -9.14 39.67 -45.55
C ASN A 297 -10.24 39.67 -44.51
N SER A 298 -11.01 40.77 -44.41
CA SER A 298 -12.11 40.84 -43.46
C SER A 298 -13.08 41.91 -43.92
N GLY A 299 -14.30 41.84 -43.38
CA GLY A 299 -15.28 42.88 -43.63
C GLY A 299 -16.40 42.49 -44.58
N HIS A 300 -16.68 43.38 -45.54
CA HIS A 300 -17.81 43.24 -46.45
C HIS A 300 -17.32 43.27 -47.88
N ILE A 301 -17.97 42.50 -48.74
CA ILE A 301 -17.75 42.60 -50.18
C ILE A 301 -19.10 42.62 -50.87
N THR A 302 -19.27 43.56 -51.79
CA THR A 302 -20.52 43.71 -52.53
C THR A 302 -20.57 42.67 -53.63
N VAL A 303 -21.55 41.77 -53.56
CA VAL A 303 -21.68 40.68 -54.52
C VAL A 303 -22.98 40.84 -55.27
N LYS A 304 -22.90 40.69 -56.60
CA LYS A 304 -24.05 40.72 -57.47
C LYS A 304 -24.25 39.33 -58.05
N THR A 305 -25.44 38.77 -57.88
CA THR A 305 -25.74 37.43 -58.35
C THR A 305 -26.46 37.53 -59.70
N ASN A 306 -25.94 36.82 -60.70
CA ASN A 306 -26.55 36.87 -62.02
C ASN A 306 -27.98 36.34 -62.05
N PRO A 307 -28.30 35.17 -61.50
CA PRO A 307 -29.70 34.77 -61.41
C PRO A 307 -30.36 35.38 -60.19
N GLU A 308 -31.31 36.28 -60.41
CA GLU A 308 -32.02 36.90 -59.31
C GLU A 308 -32.79 35.85 -58.52
N ARG A 309 -32.86 36.05 -57.20
CA ARG A 309 -33.56 35.11 -56.33
C ARG A 309 -35.06 35.29 -56.53
N LEU A 310 -35.70 34.28 -57.12
CA LEU A 310 -37.13 34.33 -57.39
C LEU A 310 -37.86 33.60 -56.27
N SER A 311 -37.95 34.28 -55.12
CA SER A 311 -38.68 33.77 -53.96
C SER A 311 -39.45 34.94 -53.38
N VAL A 312 -40.74 35.05 -53.74
CA VAL A 312 -41.60 36.14 -53.30
C VAL A 312 -42.56 35.58 -52.27
N ILE A 313 -42.16 35.65 -51.00
CA ILE A 313 -42.97 35.13 -49.91
C ILE A 313 -43.43 36.26 -49.02
N GLY A 314 -42.64 37.34 -48.95
CA GLY A 314 -42.99 38.51 -48.20
C GLY A 314 -43.62 39.63 -49.01
N LYS A 315 -43.98 39.38 -50.26
CA LYS A 315 -44.46 40.41 -51.17
C LYS A 315 -45.96 40.26 -51.38
N THR A 316 -46.53 41.21 -52.11
CA THR A 316 -47.93 41.15 -52.52
C THR A 316 -48.03 40.44 -53.86
N GLN A 317 -49.25 40.17 -54.30
CA GLN A 317 -49.46 39.37 -55.51
C GLN A 317 -49.09 40.12 -56.78
N LYS A 318 -49.35 41.44 -56.84
CA LYS A 318 -48.99 42.19 -58.04
C LYS A 318 -47.48 42.29 -58.21
N ASP A 319 -46.74 42.38 -57.10
CA ASP A 319 -45.28 42.41 -57.18
C ASP A 319 -44.75 41.11 -57.77
N ALA A 320 -45.26 39.97 -57.31
CA ALA A 320 -44.87 38.70 -57.88
C ALA A 320 -45.26 38.62 -59.35
N LYS A 321 -46.47 39.09 -59.69
CA LYS A 321 -46.91 39.07 -61.08
C LYS A 321 -45.94 39.84 -61.97
N ILE A 322 -45.62 41.08 -61.60
CA ILE A 322 -44.79 41.90 -62.47
C ILE A 322 -43.36 41.39 -62.51
N LEU A 323 -42.82 40.93 -61.36
CA LEU A 323 -41.46 40.43 -61.33
C LEU A 323 -41.30 39.13 -62.11
N PHE A 324 -42.32 38.27 -62.12
CA PHE A 324 -42.23 37.02 -62.86
C PHE A 324 -42.57 37.17 -64.33
N GLU A 325 -43.43 38.14 -64.70
CA GLU A 325 -43.63 38.45 -66.10
C GLU A 325 -42.46 39.20 -66.71
N LYS A 326 -41.73 39.98 -65.92
CA LYS A 326 -40.50 40.59 -66.43
C LYS A 326 -39.40 39.56 -66.67
N HIS A 327 -39.50 38.38 -66.05
CA HIS A 327 -38.59 37.29 -66.33
C HIS A 327 -39.14 36.30 -67.34
N GLY A 328 -40.33 36.56 -67.89
CA GLY A 328 -40.92 35.66 -68.88
C GLY A 328 -41.26 34.28 -68.35
N ILE A 329 -41.91 34.21 -67.19
CA ILE A 329 -42.27 32.94 -66.57
C ILE A 329 -43.79 32.84 -66.53
N THR A 330 -44.33 31.73 -67.01
CA THR A 330 -45.76 31.51 -66.97
C THR A 330 -46.25 31.41 -65.53
N LEU A 331 -47.42 31.96 -65.27
CA LEU A 331 -47.93 32.09 -63.92
C LEU A 331 -49.34 31.53 -63.82
N LYS A 332 -49.67 31.00 -62.64
CA LYS A 332 -51.01 30.53 -62.33
C LYS A 332 -51.31 30.84 -60.88
N MET A 333 -52.58 30.98 -60.51
CA MET A 333 -52.84 31.38 -59.09
C MET A 333 -53.36 30.19 -58.30
N GLU A 334 -53.21 30.22 -56.97
CA GLU A 334 -53.69 29.11 -56.10
C GLU A 334 -54.65 29.66 -55.05
N GLY A 335 -54.11 30.23 -53.97
CA GLY A 335 -54.97 30.72 -52.87
C GLY A 335 -55.48 32.14 -53.11
N ASN A 336 -55.50 32.96 -52.07
CA ASN A 336 -55.97 34.37 -52.21
C ASN A 336 -55.43 34.95 -53.53
N ILE A 337 -56.33 35.47 -54.38
CA ILE A 337 -55.91 35.98 -55.72
C ILE A 337 -55.76 37.51 -55.66
N ASP A 338 -56.25 38.15 -54.60
CA ASP A 338 -56.23 39.63 -54.50
C ASP A 338 -54.83 40.15 -54.87
N GLU A 339 -54.76 41.31 -55.54
CA GLU A 339 -53.46 41.90 -55.93
C GLU A 339 -52.61 42.14 -54.66
N ASP A 340 -53.26 42.28 -53.50
CA ASP A 340 -52.52 42.58 -52.25
C ASP A 340 -52.43 41.30 -51.41
N ALA A 341 -53.02 40.20 -51.88
CA ALA A 341 -52.90 38.91 -51.15
C ALA A 341 -51.44 38.63 -50.88
N ILE A 342 -51.11 38.24 -49.65
CA ILE A 342 -49.72 37.95 -49.30
C ILE A 342 -49.43 36.52 -49.71
N ILE A 343 -48.41 36.33 -50.53
CA ILE A 343 -47.97 34.99 -50.91
C ILE A 343 -47.46 34.27 -49.68
N VAL A 344 -47.81 32.99 -49.57
CA VAL A 344 -47.36 32.17 -48.45
C VAL A 344 -46.50 31.01 -48.94
N GLU A 345 -46.90 30.36 -50.02
CA GLU A 345 -46.15 29.24 -50.59
C GLU A 345 -46.07 29.40 -52.09
N GLN A 346 -44.95 28.97 -52.66
CA GLN A 346 -44.78 28.95 -54.11
C GLN A 346 -44.19 27.60 -54.51
N VAL A 347 -44.70 27.08 -55.63
CA VAL A 347 -44.28 25.77 -56.14
C VAL A 347 -43.82 25.96 -57.58
N PRO A 348 -42.56 25.67 -57.91
CA PRO A 348 -41.48 25.26 -57.00
C PRO A 348 -40.91 26.44 -56.23
N GLU A 349 -40.30 26.22 -55.07
CA GLU A 349 -39.81 27.30 -54.23
C GLU A 349 -38.34 27.63 -54.48
N TYR A 350 -37.67 26.91 -55.38
CA TYR A 350 -36.25 27.11 -55.65
C TYR A 350 -36.06 27.83 -56.97
N THR A 351 -35.11 28.76 -56.99
CA THR A 351 -34.86 29.57 -58.18
C THR A 351 -34.43 28.72 -59.37
N MET A 352 -33.55 27.74 -59.14
CA MET A 352 -33.11 26.89 -60.23
C MET A 352 -34.27 26.07 -60.80
N ASP A 353 -35.13 25.53 -59.94
CA ASP A 353 -36.29 24.79 -60.42
C ASP A 353 -37.23 25.69 -61.21
N ILE A 354 -37.45 26.91 -60.73
CA ILE A 354 -38.30 27.86 -61.44
C ILE A 354 -37.73 28.16 -62.82
N LEU A 355 -36.44 28.42 -62.90
CA LEU A 355 -35.83 28.77 -64.18
C LEU A 355 -35.82 27.58 -65.14
N LYS A 356 -35.58 26.37 -64.64
CA LYS A 356 -35.59 25.20 -65.51
C LYS A 356 -36.99 24.76 -65.91
N SER A 357 -38.01 25.14 -65.15
CA SER A 357 -39.38 24.75 -65.46
C SER A 357 -40.19 25.87 -66.11
N LYS A 358 -39.79 27.12 -65.90
CA LYS A 358 -40.43 28.29 -66.52
C LYS A 358 -41.90 28.41 -66.14
N GLU A 359 -42.27 27.97 -64.93
CA GLU A 359 -43.62 28.13 -64.43
C GLU A 359 -43.59 28.16 -62.91
N VAL A 360 -44.43 29.00 -62.32
CA VAL A 360 -44.52 29.14 -60.88
C VAL A 360 -45.99 29.04 -60.48
N THR A 361 -46.26 28.27 -59.42
CA THR A 361 -47.57 28.22 -58.80
C THR A 361 -47.49 28.97 -57.47
N THR A 362 -48.23 30.07 -57.37
CA THR A 362 -48.16 30.94 -56.19
C THR A 362 -49.41 30.77 -55.35
N LYS A 363 -49.20 30.57 -54.05
CA LYS A 363 -50.29 30.37 -53.09
C LYS A 363 -50.35 31.59 -52.17
N GLY A 364 -51.52 32.22 -52.12
CA GLY A 364 -51.76 33.32 -51.21
C GLY A 364 -52.58 32.89 -49.99
N ILE A 365 -52.65 33.80 -49.03
CA ILE A 365 -53.38 33.55 -47.79
C ILE A 365 -54.32 34.70 -47.52
N GLU A 366 -55.37 34.40 -46.76
CA GLU A 366 -56.33 35.43 -46.37
C GLU A 366 -55.66 36.42 -45.42
N PRO A 367 -56.07 37.69 -45.44
CA PRO A 367 -55.44 38.67 -44.56
C PRO A 367 -55.58 38.34 -43.08
N GLU A 368 -56.66 37.70 -42.68
CA GLU A 368 -56.89 37.37 -41.27
C GLU A 368 -56.37 35.99 -40.89
N LYS A 369 -55.91 35.19 -41.84
CA LYS A 369 -55.39 33.87 -41.54
C LYS A 369 -53.90 33.89 -41.19
N LEU A 370 -53.19 34.94 -41.58
CA LEU A 370 -51.77 35.02 -41.25
C LEU A 370 -51.59 35.37 -39.79
N LEU A 371 -50.74 34.61 -39.10
CA LEU A 371 -50.46 34.83 -37.69
C LEU A 371 -49.26 35.74 -37.53
N TYR A 372 -49.41 36.77 -36.68
CA TYR A 372 -48.36 37.76 -36.46
C TYR A 372 -47.67 37.45 -35.14
N VAL A 373 -46.34 37.31 -35.17
CA VAL A 373 -45.56 36.96 -34.00
C VAL A 373 -44.41 37.95 -33.83
N GLU A 374 -43.95 38.07 -32.60
CA GLU A 374 -42.77 38.84 -32.26
C GLU A 374 -41.81 37.93 -31.50
N ILE A 375 -40.55 37.90 -31.93
CA ILE A 375 -39.56 36.96 -31.43
C ILE A 375 -38.57 37.71 -30.56
N TYR A 376 -38.34 37.20 -29.35
CA TYR A 376 -37.36 37.78 -28.42
C TYR A 376 -35.98 37.23 -28.79
N ASP A 377 -35.21 38.02 -29.53
CA ASP A 377 -33.87 37.61 -29.90
C ASP A 377 -32.82 38.00 -28.86
N LYS A 378 -33.01 39.14 -28.19
CA LYS A 378 -32.08 39.56 -27.15
C LYS A 378 -32.28 38.79 -25.85
N ASP A 379 -33.50 38.36 -25.54
CA ASP A 379 -33.79 37.68 -24.29
C ASP A 379 -33.35 36.22 -24.32
N ALA A 380 -33.68 35.50 -25.39
CA ALA A 380 -33.37 34.08 -25.53
C ALA A 380 -32.69 33.86 -26.88
N PRO A 381 -31.39 34.17 -26.99
CA PRO A 381 -30.73 34.06 -28.30
C PRO A 381 -30.74 32.66 -28.86
N THR A 382 -30.35 31.64 -28.08
CA THR A 382 -30.32 30.28 -28.60
C THR A 382 -31.72 29.78 -28.94
N THR A 383 -32.70 30.05 -28.07
CA THR A 383 -34.06 29.61 -28.33
C THR A 383 -34.65 30.30 -29.54
N SER A 384 -34.40 31.60 -29.69
CA SER A 384 -34.90 32.32 -30.86
C SER A 384 -34.24 31.82 -32.13
N TRP A 385 -32.94 31.52 -32.07
CA TRP A 385 -32.27 30.95 -33.24
C TRP A 385 -32.86 29.60 -33.61
N TYR A 386 -33.12 28.75 -32.61
CA TYR A 386 -33.75 27.46 -32.88
C TYR A 386 -35.14 27.64 -33.48
N PHE A 387 -35.92 28.59 -32.95
CA PHE A 387 -37.26 28.83 -33.46
C PHE A 387 -37.23 29.32 -34.90
N ARG A 388 -36.30 30.23 -35.22
CA ARG A 388 -36.14 30.68 -36.59
C ARG A 388 -35.73 29.55 -37.52
N LYS A 389 -34.82 28.68 -37.07
CA LYS A 389 -34.40 27.56 -37.90
C LYS A 389 -35.55 26.60 -38.16
N VAL A 390 -36.31 26.25 -37.12
CA VAL A 390 -37.36 25.26 -37.28
C VAL A 390 -38.53 25.82 -38.08
N THR A 391 -38.89 27.08 -37.85
CA THR A 391 -40.05 27.64 -38.56
C THR A 391 -39.67 28.10 -39.96
N GLY A 392 -38.38 28.23 -40.23
CA GLY A 392 -37.92 28.62 -41.55
C GLY A 392 -37.73 30.11 -41.78
N LEU A 393 -37.84 30.93 -40.74
CA LEU A 393 -37.68 32.37 -40.91
C LEU A 393 -36.25 32.78 -41.19
N THR A 394 -35.28 31.87 -41.05
CA THR A 394 -33.90 32.18 -41.39
C THR A 394 -33.72 32.41 -42.89
N THR A 395 -34.58 31.83 -43.71
CA THR A 395 -34.45 31.89 -45.16
C THR A 395 -35.53 32.75 -45.81
N LYS A 396 -36.80 32.54 -45.46
CA LYS A 396 -37.91 33.27 -46.04
C LYS A 396 -38.48 34.26 -45.02
N ARG A 397 -39.43 35.07 -45.50
CA ARG A 397 -40.08 36.06 -44.64
C ARG A 397 -41.31 35.52 -43.92
N ILE A 398 -41.84 34.37 -44.36
CA ILE A 398 -43.01 33.76 -43.74
C ILE A 398 -42.64 32.35 -43.32
N GLY A 399 -42.82 32.06 -42.03
CA GLY A 399 -42.52 30.74 -41.51
C GLY A 399 -43.75 29.88 -41.37
N THR A 400 -43.57 28.56 -41.30
CA THR A 400 -44.67 27.61 -41.19
C THR A 400 -44.56 26.84 -39.89
N LEU A 401 -45.66 26.78 -39.14
CA LEU A 401 -45.75 25.98 -37.93
C LEU A 401 -46.83 24.92 -38.13
N LYS A 402 -46.47 23.67 -37.84
CA LYS A 402 -47.38 22.55 -37.99
C LYS A 402 -47.97 22.18 -36.64
N ILE A 403 -49.30 22.02 -36.60
CA ILE A 403 -49.97 21.61 -35.37
C ILE A 403 -49.64 20.15 -35.10
N TYR A 404 -49.13 19.87 -33.90
CA TYR A 404 -48.77 18.52 -33.50
C TYR A 404 -49.76 17.88 -32.54
N PHE A 405 -50.26 18.64 -31.57
CA PHE A 405 -51.22 18.12 -30.60
C PHE A 405 -52.07 19.28 -30.12
N LYS A 406 -53.33 18.99 -29.83
CA LYS A 406 -54.29 20.04 -29.49
C LYS A 406 -55.21 19.56 -28.39
N HIS A 407 -55.50 20.45 -27.43
CA HIS A 407 -56.46 20.15 -26.37
C HIS A 407 -56.99 21.48 -25.81
N ASP A 408 -58.22 21.81 -26.18
CA ASP A 408 -58.92 22.98 -25.65
C ASP A 408 -58.12 24.25 -25.86
N ASP A 409 -57.44 24.69 -24.80
CA ASP A 409 -56.68 25.94 -24.83
C ASP A 409 -55.27 25.77 -25.35
N ILE A 410 -54.75 24.54 -25.38
CA ILE A 410 -53.36 24.31 -25.75
C ILE A 410 -53.28 23.87 -27.21
N SER A 411 -52.27 24.40 -27.90
CA SER A 411 -51.95 23.98 -29.27
C SER A 411 -50.45 23.87 -29.38
N MET A 412 -49.94 22.64 -29.47
CA MET A 412 -48.51 22.37 -29.54
C MET A 412 -48.09 22.16 -30.97
N PHE A 413 -46.92 22.70 -31.33
CA PHE A 413 -46.39 22.61 -32.67
C PHE A 413 -45.31 21.54 -32.76
N GLU A 414 -45.00 21.14 -34.00
CA GLU A 414 -44.00 20.12 -34.22
C GLU A 414 -42.60 20.65 -33.91
N ARG A 415 -41.70 19.72 -33.62
CA ARG A 415 -40.31 20.04 -33.33
C ARG A 415 -39.41 19.50 -34.44
N ASP A 416 -38.18 20.02 -34.45
CA ASP A 416 -37.14 19.55 -35.35
C ASP A 416 -36.05 18.89 -34.51
N TRP A 417 -35.92 17.58 -34.62
CA TRP A 417 -34.88 16.88 -33.86
C TRP A 417 -33.55 16.92 -34.60
N ASP A 418 -33.18 18.13 -35.02
CA ASP A 418 -31.88 18.40 -35.60
C ASP A 418 -31.30 19.73 -35.15
N TYR A 419 -32.13 20.68 -34.74
CA TYR A 419 -31.68 21.98 -34.26
C TYR A 419 -31.84 22.13 -32.75
N SER A 420 -32.50 21.19 -32.09
CA SER A 420 -32.76 21.28 -30.65
C SER A 420 -31.65 20.55 -29.89
N LYS A 421 -30.48 21.19 -29.89
CA LYS A 421 -29.31 20.63 -29.22
C LYS A 421 -28.87 21.48 -28.03
N GLY A 422 -28.59 22.75 -28.23
CA GLY A 422 -28.12 23.59 -27.14
C GLY A 422 -29.24 24.34 -26.44
N LEU A 423 -30.38 23.68 -26.27
CA LEU A 423 -31.58 24.34 -25.72
C LEU A 423 -31.47 24.41 -24.20
N LEU A 424 -30.45 25.13 -23.73
CA LEU A 424 -30.32 25.39 -22.31
C LEU A 424 -31.48 26.27 -21.84
N PRO A 425 -31.90 26.12 -20.58
CA PRO A 425 -32.94 27.01 -20.05
C PRO A 425 -32.53 28.47 -20.15
N GLU A 426 -33.22 29.25 -20.98
CA GLU A 426 -32.80 30.61 -21.30
C GLU A 426 -33.74 31.66 -20.73
N ASN A 427 -35.02 31.62 -21.10
CA ASN A 427 -35.99 32.61 -20.64
C ASN A 427 -37.10 31.88 -19.88
N THR A 428 -36.84 31.59 -18.63
CA THR A 428 -37.80 30.80 -17.86
C THR A 428 -38.77 31.74 -17.15
N PRO A 429 -40.06 31.42 -17.15
CA PRO A 429 -41.04 32.31 -16.52
C PRO A 429 -40.79 32.45 -15.02
N GLU A 430 -41.08 33.65 -14.51
CA GLU A 430 -41.00 33.93 -13.08
C GLU A 430 -42.37 34.06 -12.43
N LYS A 431 -43.34 34.63 -13.13
CA LYS A 431 -44.72 34.72 -12.67
C LYS A 431 -45.60 33.91 -13.61
N SER A 432 -46.92 34.02 -13.41
CA SER A 432 -47.86 33.30 -14.25
C SER A 432 -47.73 33.74 -15.70
N ILE A 433 -47.75 32.77 -16.62
CA ILE A 433 -47.61 33.04 -18.04
C ILE A 433 -48.91 33.65 -18.55
N ASP A 434 -48.80 34.76 -19.27
CA ASP A 434 -49.97 35.40 -19.85
C ASP A 434 -50.34 34.71 -21.17
N SER A 435 -51.53 35.03 -21.67
CA SER A 435 -52.05 34.40 -22.87
C SER A 435 -51.26 34.81 -24.11
N GLY A 436 -51.30 33.95 -25.12
CA GLY A 436 -50.65 34.23 -26.39
C GLY A 436 -49.14 34.34 -26.30
N ILE A 437 -48.51 33.40 -25.58
CA ILE A 437 -47.06 33.38 -25.41
C ILE A 437 -46.54 32.10 -26.08
N ILE A 438 -45.59 32.26 -27.00
CA ILE A 438 -44.95 31.14 -27.65
C ILE A 438 -43.77 30.71 -26.80
N ALA A 439 -43.63 29.40 -26.59
CA ALA A 439 -42.58 28.87 -25.74
C ALA A 439 -42.08 27.56 -26.29
N VAL A 440 -40.81 27.25 -25.99
CA VAL A 440 -40.17 25.99 -26.35
C VAL A 440 -39.66 25.33 -25.08
N THR A 441 -39.92 24.03 -24.95
CA THR A 441 -39.44 23.27 -23.82
C THR A 441 -37.95 22.99 -23.99
N ASN A 442 -37.17 23.27 -22.95
CA ASN A 442 -35.72 23.13 -23.01
C ASN A 442 -35.34 21.66 -22.80
N MET A 443 -34.04 21.40 -22.67
CA MET A 443 -33.53 20.04 -22.54
C MET A 443 -33.86 19.41 -21.20
N VAL A 444 -34.38 20.19 -20.25
CA VAL A 444 -34.72 19.64 -18.94
C VAL A 444 -35.81 18.58 -19.06
N LYS A 445 -36.84 18.87 -19.86
CA LYS A 445 -37.97 17.96 -19.99
C LYS A 445 -37.68 16.91 -21.06
N LYS A 446 -38.52 15.86 -21.06
CA LYS A 446 -38.33 14.76 -22.00
C LYS A 446 -38.67 15.20 -23.42
N TYR A 447 -39.68 16.05 -23.58
CA TYR A 447 -40.10 16.53 -24.89
C TYR A 447 -39.45 17.89 -25.17
N LYS A 448 -38.13 17.84 -25.36
CA LYS A 448 -37.35 19.03 -25.63
C LYS A 448 -37.53 19.46 -27.08
N GLY A 449 -37.77 20.75 -27.29
CA GLY A 449 -37.86 21.32 -28.62
C GLY A 449 -39.28 21.53 -29.12
N TYR A 450 -40.27 20.90 -28.50
CA TYR A 450 -41.66 21.11 -28.91
C TYR A 450 -42.09 22.53 -28.59
N ILE A 451 -42.72 23.17 -29.57
CA ILE A 451 -43.20 24.53 -29.43
C ILE A 451 -44.72 24.47 -29.21
N GLY A 452 -45.24 25.47 -28.50
CA GLY A 452 -46.67 25.51 -28.26
C GLY A 452 -47.09 26.88 -27.77
N VAL A 453 -48.41 27.08 -27.77
CA VAL A 453 -49.00 28.34 -27.31
C VAL A 453 -50.39 28.04 -26.79
N ARG A 454 -50.81 28.77 -25.77
CA ARG A 454 -52.14 28.64 -25.22
C ARG A 454 -52.82 30.01 -25.19
N THR A 455 -54.14 30.01 -25.34
CA THR A 455 -54.92 31.24 -25.42
C THR A 455 -55.40 31.73 -24.05
N SER A 456 -55.02 31.03 -22.98
CA SER A 456 -55.40 31.46 -21.64
C SER A 456 -54.15 31.60 -20.77
N SER A 457 -54.34 31.81 -19.47
CA SER A 457 -53.23 32.01 -18.55
C SER A 457 -53.37 31.07 -17.36
N ASN A 458 -52.26 30.45 -16.96
CA ASN A 458 -52.21 29.65 -15.75
C ASN A 458 -50.91 29.94 -15.02
N ASP A 459 -50.91 29.68 -13.71
CA ASP A 459 -49.78 29.99 -12.85
C ASP A 459 -48.85 28.80 -12.62
N LYS A 460 -49.13 27.64 -13.22
CA LYS A 460 -48.38 26.43 -12.94
C LYS A 460 -47.68 25.87 -14.17
N TYR A 461 -48.37 25.77 -15.30
CA TYR A 461 -47.85 25.08 -16.48
C TYR A 461 -47.65 26.07 -17.62
N GLY A 462 -46.62 25.83 -18.41
CA GLY A 462 -46.33 26.65 -19.57
C GLY A 462 -47.21 26.28 -20.74
N PRO A 463 -46.99 26.93 -21.89
CA PRO A 463 -47.82 26.66 -23.08
C PRO A 463 -47.66 25.27 -23.66
N THR A 464 -46.79 24.43 -23.09
CA THR A 464 -46.53 23.11 -23.63
C THR A 464 -46.79 21.99 -22.63
N GLY A 465 -47.45 22.29 -21.51
CA GLY A 465 -47.75 21.27 -20.52
C GLY A 465 -46.65 20.97 -19.55
N GLU A 466 -45.52 21.68 -19.60
CA GLU A 466 -44.41 21.48 -18.70
C GLU A 466 -44.38 22.61 -17.67
N THR A 467 -43.66 22.36 -16.57
CA THR A 467 -43.51 23.36 -15.53
C THR A 467 -42.61 24.49 -16.03
N PHE A 468 -42.53 25.56 -15.23
CA PHE A 468 -41.83 26.76 -15.67
C PHE A 468 -40.34 26.53 -15.84
N GLU A 469 -39.73 25.68 -15.01
CA GLU A 469 -38.30 25.44 -15.13
C GLU A 469 -37.94 24.68 -16.40
N GLY A 470 -38.91 24.03 -17.02
CA GLY A 470 -38.70 23.32 -18.27
C GLY A 470 -39.18 24.04 -19.51
N THR A 471 -39.46 25.34 -19.42
CA THR A 471 -40.02 26.10 -20.52
C THR A 471 -39.27 27.42 -20.63
N ASN A 472 -38.83 27.76 -21.84
CA ASN A 472 -38.22 29.05 -22.12
C ASN A 472 -39.04 29.81 -23.14
N ILE A 473 -39.41 31.04 -22.80
CA ILE A 473 -40.27 31.88 -23.63
C ILE A 473 -39.43 32.45 -24.77
N VAL A 474 -39.89 32.24 -26.00
CA VAL A 474 -39.19 32.72 -27.18
C VAL A 474 -39.89 33.92 -27.80
N GLY A 475 -41.21 33.96 -27.76
CA GLY A 475 -41.93 35.07 -28.35
C GLY A 475 -43.39 35.04 -28.01
N LYS A 476 -44.15 35.93 -28.66
CA LYS A 476 -45.58 36.05 -28.41
C LYS A 476 -46.30 36.34 -29.72
N VAL A 477 -47.59 36.05 -29.72
CA VAL A 477 -48.47 36.38 -30.83
C VAL A 477 -49.09 37.75 -30.55
N VAL A 478 -48.91 38.68 -31.47
CA VAL A 478 -49.21 40.08 -31.22
C VAL A 478 -50.58 40.50 -31.74
N LYS A 479 -50.88 40.22 -33.01
CA LYS A 479 -52.05 40.80 -33.64
C LYS A 479 -53.14 39.77 -33.96
N ASN A 480 -52.83 38.76 -34.74
CA ASN A 480 -53.86 37.86 -35.24
C ASN A 480 -54.05 36.68 -34.29
N SER A 481 -55.29 36.43 -33.92
CA SER A 481 -55.64 35.38 -32.98
C SER A 481 -56.92 34.71 -33.49
N GLU A 482 -57.59 33.97 -32.59
CA GLU A 482 -58.83 33.23 -32.87
C GLU A 482 -58.74 32.40 -34.16
N ILE A 483 -57.53 32.04 -34.56
CA ILE A 483 -57.32 31.03 -35.59
C ILE A 483 -56.65 29.78 -35.03
N LEU A 484 -56.04 29.87 -33.84
CA LEU A 484 -55.49 28.70 -33.17
C LEU A 484 -56.57 27.79 -32.61
N LYS A 485 -57.80 28.28 -32.45
CA LYS A 485 -58.91 27.47 -31.96
C LYS A 485 -59.69 26.81 -33.09
N SER A 486 -59.39 27.13 -34.34
CA SER A 486 -60.11 26.59 -35.49
C SER A 486 -59.16 25.95 -36.48
N VAL A 487 -58.06 25.36 -35.98
CA VAL A 487 -57.10 24.67 -36.82
C VAL A 487 -56.94 23.25 -36.29
N LYS A 488 -57.12 22.27 -37.17
CA LYS A 488 -57.05 20.88 -36.78
C LYS A 488 -55.60 20.43 -36.62
N GLN A 489 -55.44 19.20 -36.12
CA GLN A 489 -54.11 18.62 -35.99
C GLN A 489 -53.53 18.30 -37.36
N GLY A 490 -52.24 18.58 -37.52
CA GLY A 490 -51.55 18.33 -38.77
C GLY A 490 -51.59 19.49 -39.75
N GLU A 491 -52.45 20.47 -39.53
CA GLU A 491 -52.54 21.62 -40.42
C GLU A 491 -51.43 22.62 -40.09
N ASN A 492 -51.02 23.36 -41.12
CA ASN A 492 -49.92 24.31 -41.01
C ASN A 492 -50.46 25.72 -40.92
N ILE A 493 -49.96 26.47 -39.94
CA ILE A 493 -50.26 27.90 -39.84
C ILE A 493 -48.99 28.66 -40.18
N TYR A 494 -49.17 29.87 -40.71
CA TYR A 494 -48.07 30.66 -41.25
C TYR A 494 -47.89 31.91 -40.40
N ILE A 495 -46.64 32.27 -40.14
CA ILE A 495 -46.32 33.35 -39.22
C ILE A 495 -45.48 34.41 -39.94
N LEU A 496 -45.55 35.63 -39.41
CA LEU A 496 -44.81 36.76 -39.94
C LEU A 496 -44.24 37.55 -38.78
N GLU A 497 -42.94 37.78 -38.80
CA GLU A 497 -42.27 38.50 -37.72
C GLU A 497 -42.52 40.00 -37.86
N VAL A 498 -42.95 40.64 -36.77
CA VAL A 498 -43.25 42.06 -36.78
C VAL A 498 -42.35 42.86 -35.85
N ASN A 499 -41.40 42.20 -35.18
CA ASN A 499 -40.49 42.82 -34.20
C ASN A 499 -41.16 43.88 -33.33
N ALA B 2 35.16 -21.94 66.99
CA ALA B 2 34.76 -21.38 65.71
C ALA B 2 34.24 -22.48 64.78
N TYR B 3 34.34 -22.24 63.48
CA TYR B 3 33.89 -23.18 62.46
C TYR B 3 35.10 -23.69 61.68
N THR B 4 35.26 -25.01 61.63
CA THR B 4 36.36 -25.60 60.87
C THR B 4 35.90 -25.90 59.45
N PRO B 5 36.54 -25.33 58.43
CA PRO B 5 36.10 -25.56 57.05
C PRO B 5 36.36 -26.98 56.58
N GLN B 6 35.53 -27.44 55.64
CA GLN B 6 35.68 -28.75 55.02
C GLN B 6 35.89 -28.66 53.51
N PHE B 7 35.75 -27.48 52.92
CA PHE B 7 36.14 -27.16 51.54
C PHE B 7 35.25 -28.23 50.91
N TYR B 8 35.81 -29.08 50.06
CA TYR B 8 35.01 -30.03 49.30
C TYR B 8 34.56 -31.38 49.85
N PRO B 9 33.46 -31.92 49.32
CA PRO B 9 33.04 -33.27 49.70
C PRO B 9 33.83 -34.33 48.94
N GLY B 10 33.55 -35.58 49.26
CA GLY B 10 34.16 -36.68 48.55
C GLY B 10 35.31 -37.30 49.32
N ALA B 11 35.48 -38.60 49.16
CA ALA B 11 36.53 -39.36 49.82
C ALA B 11 37.61 -39.85 48.86
N THR B 12 37.46 -39.58 47.56
CA THR B 12 38.42 -40.06 46.58
C THR B 12 39.67 -39.17 46.56
N LYS B 13 40.68 -39.65 45.84
CA LYS B 13 41.97 -38.95 45.78
C LYS B 13 41.85 -37.61 45.05
N VAL B 14 41.02 -37.55 44.01
CA VAL B 14 40.80 -36.30 43.28
C VAL B 14 40.10 -35.28 44.17
N ALA B 15 39.11 -35.71 44.95
CA ALA B 15 38.46 -34.81 45.90
C ALA B 15 39.42 -34.34 46.98
N GLU B 16 40.34 -35.22 47.39
CA GLU B 16 41.37 -34.82 48.35
C GLU B 16 42.30 -33.76 47.76
N ASN B 17 42.67 -33.91 46.49
CA ASN B 17 43.51 -32.92 45.82
C ASN B 17 42.77 -31.58 45.68
N ARG B 18 41.47 -31.64 45.38
CA ARG B 18 40.67 -30.43 45.30
C ARG B 18 40.57 -29.74 46.67
N ARG B 19 40.41 -30.52 47.73
CA ARG B 19 40.41 -29.97 49.08
C ARG B 19 41.74 -29.34 49.45
N ASN B 20 42.84 -29.98 49.04
CA ASN B 20 44.17 -29.44 49.30
C ASN B 20 44.40 -28.12 48.55
N HIS B 21 43.92 -28.04 47.31
CA HIS B 21 44.03 -26.79 46.56
C HIS B 21 43.15 -25.70 47.17
N LEU B 22 41.97 -26.08 47.66
CA LEU B 22 41.06 -25.10 48.26
C LEU B 22 41.56 -24.63 49.62
N ASN B 23 42.29 -25.46 50.34
CA ASN B 23 42.74 -25.12 51.69
C ASN B 23 43.87 -24.10 51.63
N PRO B 24 43.70 -22.91 52.20
CA PRO B 24 44.81 -21.93 52.20
C PRO B 24 45.92 -22.28 53.17
N ASN B 25 45.66 -23.14 54.15
CA ASN B 25 46.66 -23.58 55.11
C ASN B 25 47.45 -24.79 54.63
N TYR B 26 47.12 -25.31 53.44
CA TYR B 26 47.86 -26.43 52.88
C TYR B 26 49.06 -25.91 52.10
N GLU B 27 50.24 -26.43 52.41
CA GLU B 27 51.46 -26.01 51.73
C GLU B 27 51.58 -26.77 50.42
N LEU B 28 51.56 -26.05 49.31
CA LEU B 28 51.72 -26.67 48.00
C LEU B 28 53.15 -27.19 47.84
N GLU B 29 53.26 -28.36 47.22
CA GLU B 29 54.56 -29.02 47.10
C GLU B 29 55.43 -28.30 46.09
N LYS B 30 56.67 -28.00 46.49
CA LYS B 30 57.62 -27.31 45.63
C LYS B 30 58.28 -28.30 44.68
N LEU B 31 58.25 -28.00 43.38
CA LEU B 31 58.83 -28.86 42.37
C LEU B 31 59.87 -28.18 41.50
N ARG B 32 59.84 -26.86 41.38
CA ARG B 32 60.73 -26.13 40.48
C ARG B 32 61.36 -24.96 41.22
N GLU B 33 62.27 -24.28 40.54
CA GLU B 33 62.84 -23.03 41.03
C GLU B 33 63.15 -22.16 39.81
N ILE B 34 62.22 -21.30 39.46
CA ILE B 34 62.35 -20.39 38.32
C ILE B 34 62.53 -18.99 38.89
N PRO B 35 63.58 -18.27 38.50
CA PRO B 35 63.81 -16.92 39.05
C PRO B 35 62.74 -15.94 38.60
N ASP B 36 62.62 -14.85 39.36
CA ASP B 36 61.58 -13.86 39.13
C ASP B 36 61.72 -13.19 37.78
N GLU B 37 62.97 -12.93 37.37
CA GLU B 37 63.22 -12.31 36.06
C GLU B 37 62.76 -13.20 34.92
N ASP B 38 62.96 -14.51 35.06
CA ASP B 38 62.51 -15.45 34.03
C ASP B 38 61.00 -15.48 33.92
N VAL B 39 60.29 -15.46 35.06
CA VAL B 39 58.83 -15.46 35.02
C VAL B 39 58.31 -14.14 34.44
N VAL B 40 58.99 -13.03 34.76
CA VAL B 40 58.59 -11.73 34.21
C VAL B 40 58.78 -11.71 32.70
N LYS B 41 59.91 -12.23 32.21
CA LYS B 41 60.13 -12.28 30.78
C LYS B 41 59.24 -13.29 30.08
N ILE B 42 58.77 -14.32 30.79
CA ILE B 42 57.81 -15.26 30.22
C ILE B 42 56.41 -14.65 30.11
N MET B 43 55.98 -13.88 31.12
CA MET B 43 54.69 -13.19 31.01
C MET B 43 54.70 -12.15 29.90
N GLY B 44 55.83 -11.50 29.64
CA GLY B 44 55.93 -10.59 28.52
C GLY B 44 55.31 -9.22 28.73
N HIS B 45 54.90 -8.89 29.94
CA HIS B 45 54.31 -7.58 30.19
C HIS B 45 55.37 -6.49 30.19
N ARG B 46 56.53 -6.77 30.76
CA ARG B 46 57.60 -5.79 30.86
C ARG B 46 58.94 -6.52 30.86
N GLN B 47 59.99 -5.78 30.49
CA GLN B 47 61.30 -6.40 30.61
C GLN B 47 61.82 -6.23 32.04
N PRO B 48 62.62 -7.18 32.53
CA PRO B 48 63.21 -7.00 33.87
C PRO B 48 64.28 -5.93 33.88
N GLY B 49 64.00 -4.82 34.56
CA GLY B 49 64.95 -3.71 34.60
C GLY B 49 64.30 -2.35 34.55
N GLU B 50 63.12 -2.26 33.97
CA GLU B 50 62.41 -0.99 33.89
C GLU B 50 61.43 -0.85 35.05
N ASP B 51 61.02 0.38 35.31
CA ASP B 51 60.09 0.67 36.39
C ASP B 51 58.69 0.20 36.03
N TYR B 52 57.88 -0.01 37.07
CA TYR B 52 56.49 -0.39 36.89
C TYR B 52 55.71 0.83 36.40
N LYS B 53 55.05 0.69 35.24
CA LYS B 53 54.26 1.80 34.75
C LYS B 53 52.96 1.93 35.54
N THR B 54 52.31 3.07 35.37
CA THR B 54 51.27 3.55 36.28
C THR B 54 49.97 3.77 35.52
N VAL B 55 48.87 3.25 36.07
CA VAL B 55 47.55 3.50 35.51
C VAL B 55 46.81 4.61 36.25
N HIS B 56 47.17 4.89 37.51
CA HIS B 56 46.60 5.97 38.29
C HIS B 56 47.63 6.37 39.33
N PRO B 57 47.60 7.62 39.82
CA PRO B 57 48.60 8.06 40.82
C PRO B 57 48.52 7.26 42.10
N PRO B 58 49.59 7.25 42.90
CA PRO B 58 49.55 6.51 44.17
C PRO B 58 48.49 7.05 45.12
N LEU B 59 48.01 6.15 45.98
CA LEU B 59 46.89 6.49 46.87
C LEU B 59 47.27 7.58 47.87
N GLU B 60 48.57 7.70 48.19
CA GLU B 60 49.00 8.77 49.09
C GLU B 60 48.97 10.12 48.39
N GLU B 61 49.35 10.17 47.11
CA GLU B 61 49.39 11.45 46.40
C GLU B 61 47.98 11.95 46.09
N MET B 62 47.11 11.07 45.61
CA MET B 62 45.73 11.47 45.33
C MET B 62 44.93 11.53 46.62
N ASP B 63 43.84 12.29 46.58
CA ASP B 63 42.98 12.48 47.74
C ASP B 63 41.63 11.83 47.50
N PHE B 64 41.08 11.23 48.56
CA PHE B 64 39.78 10.57 48.51
C PHE B 64 38.87 11.14 49.59
N VAL B 65 37.60 10.76 49.50
CA VAL B 65 36.65 11.08 50.57
C VAL B 65 36.90 10.17 51.76
N GLU B 66 36.35 10.57 52.91
CA GLU B 66 36.51 9.78 54.14
C GLU B 66 35.44 8.70 54.15
N ASP B 67 35.84 7.48 53.79
CA ASP B 67 34.93 6.33 53.75
C ASP B 67 35.39 5.34 54.81
N TYR B 68 34.56 5.11 55.82
CA TYR B 68 34.96 4.26 56.94
C TYR B 68 35.07 2.79 56.53
N ALA B 69 34.11 2.30 55.77
CA ALA B 69 34.10 0.87 55.42
C ALA B 69 35.18 0.54 54.39
N ARG B 70 35.51 1.48 53.51
CA ARG B 70 36.51 1.22 52.49
C ARG B 70 37.93 1.25 53.06
N ASP B 71 38.18 2.13 54.04
CA ASP B 71 39.53 2.41 54.50
C ASP B 71 39.98 1.50 55.63
N LEU B 72 39.16 0.53 56.05
CA LEU B 72 39.61 -0.45 57.03
C LEU B 72 39.98 -1.77 56.40
N VAL B 73 40.00 -1.86 55.08
CA VAL B 73 40.58 -2.98 54.35
C VAL B 73 41.92 -2.51 53.80
N GLU B 74 42.99 -3.18 54.17
CA GLU B 74 44.30 -2.79 53.68
C GLU B 74 44.44 -3.15 52.20
N PRO B 75 45.11 -2.33 51.40
CA PRO B 75 45.26 -2.60 49.97
C PRO B 75 46.52 -3.39 49.67
N LEU B 76 46.58 -3.90 48.43
CA LEU B 76 47.79 -4.52 47.95
C LEU B 76 48.89 -3.47 47.75
N ASN B 77 50.13 -3.94 47.73
CA ASN B 77 51.26 -3.03 47.55
C ASN B 77 51.26 -2.40 46.15
N GLY B 78 50.80 -3.14 45.15
CA GLY B 78 50.65 -2.57 43.83
C GLY B 78 49.48 -1.61 43.71
N ALA B 79 48.50 -1.72 44.62
CA ALA B 79 47.37 -0.80 44.61
C ALA B 79 47.77 0.58 45.13
N LYS B 80 48.55 0.63 46.22
CA LYS B 80 48.96 1.91 46.76
C LYS B 80 50.04 2.58 45.91
N GLU B 81 50.73 1.82 45.08
CA GLU B 81 51.69 2.38 44.13
C GLU B 81 51.05 2.74 42.80
N GLY B 82 49.77 2.44 42.61
CA GLY B 82 49.07 2.74 41.38
C GLY B 82 49.56 1.96 40.17
N HIS B 83 49.97 0.71 40.37
CA HIS B 83 50.44 -0.11 39.27
C HIS B 83 49.29 -0.55 38.38
N ARG B 84 49.60 -0.81 37.11
CA ARG B 84 48.60 -1.26 36.18
C ARG B 84 48.21 -2.71 36.47
N VAL B 85 47.03 -3.09 36.00
CA VAL B 85 46.51 -4.44 36.19
C VAL B 85 46.91 -5.28 34.98
N ARG B 86 47.65 -6.34 35.22
CA ARG B 86 48.11 -7.25 34.18
C ARG B 86 47.52 -8.64 34.43
N TYR B 87 47.83 -9.56 33.51
CA TYR B 87 47.19 -10.87 33.51
C TYR B 87 48.24 -11.97 33.39
N ILE B 88 47.89 -13.13 33.92
CA ILE B 88 48.58 -14.38 33.62
C ILE B 88 47.52 -15.44 33.36
N GLN B 89 47.67 -16.16 32.24
CA GLN B 89 46.62 -17.03 31.74
C GLN B 89 47.21 -18.40 31.44
N PHE B 90 46.56 -19.45 31.94
CA PHE B 90 47.05 -20.82 31.80
C PHE B 90 46.03 -21.68 31.06
N ALA B 91 46.53 -22.61 30.26
CA ALA B 91 45.73 -23.64 29.63
C ALA B 91 46.09 -24.98 30.26
N ASP B 92 45.09 -25.72 30.72
CA ASP B 92 45.30 -26.97 31.43
C ASP B 92 44.75 -28.13 30.62
N SER B 93 45.58 -29.14 30.40
CA SER B 93 45.16 -30.31 29.63
C SER B 93 44.13 -31.12 30.40
N MET B 94 43.27 -31.81 29.66
CA MET B 94 42.29 -32.69 30.30
C MET B 94 42.86 -34.06 30.62
N TYR B 95 44.11 -34.33 30.24
CA TYR B 95 44.75 -35.61 30.50
C TYR B 95 45.65 -35.47 31.73
N PHE B 96 45.00 -35.43 32.90
CA PHE B 96 45.66 -35.50 34.21
C PHE B 96 46.62 -34.34 34.45
N ALA B 97 46.22 -33.14 34.06
CA ALA B 97 46.94 -31.96 34.51
C ALA B 97 46.69 -31.77 36.01
N PRO B 98 47.70 -31.32 36.76
CA PRO B 98 47.51 -31.23 38.22
C PRO B 98 46.58 -30.12 38.64
N ALA B 99 46.38 -29.11 37.80
CA ALA B 99 45.46 -28.02 38.08
C ALA B 99 44.43 -27.93 36.98
N GLN B 100 43.20 -27.59 37.35
CA GLN B 100 42.06 -27.53 36.45
C GLN B 100 41.39 -26.18 36.59
N PRO B 101 40.67 -25.70 35.55
CA PRO B 101 40.26 -24.28 35.54
C PRO B 101 39.35 -23.85 36.69
N TYR B 102 38.29 -24.60 36.98
CA TYR B 102 37.43 -24.24 38.11
C TYR B 102 38.17 -24.44 39.44
N ASP B 103 38.98 -25.49 39.49
CA ASP B 103 39.79 -25.76 40.71
C ASP B 103 40.74 -24.56 40.92
N ARG B 104 41.50 -24.19 39.89
CA ARG B 104 42.41 -23.02 39.98
C ARG B 104 41.63 -21.81 40.47
N SER B 105 40.58 -21.42 39.73
CA SER B 105 39.77 -20.24 40.10
C SER B 105 39.43 -20.29 41.59
N ARG B 106 38.83 -21.38 42.05
CA ARG B 106 38.43 -21.48 43.45
C ARG B 106 39.63 -21.35 44.39
N SER B 107 40.75 -22.00 44.04
CA SER B 107 41.94 -21.92 44.88
C SER B 107 42.51 -20.50 44.90
N TYR B 108 42.51 -19.83 43.76
CA TYR B 108 43.06 -18.47 43.69
C TYR B 108 42.18 -17.48 44.43
N MET B 109 40.85 -17.66 44.37
CA MET B 109 39.97 -16.79 45.13
C MET B 109 39.99 -17.10 46.63
N SER B 110 40.32 -18.33 47.03
CA SER B 110 40.42 -18.64 48.44
C SER B 110 41.83 -18.43 49.01
N ARG B 111 42.81 -18.14 48.17
CA ARG B 111 44.19 -17.97 48.64
C ARG B 111 44.73 -16.57 48.44
N LEU B 112 44.51 -15.97 47.27
CA LEU B 112 45.11 -14.68 46.94
C LEU B 112 44.15 -13.54 47.28
N ARG B 113 44.72 -12.36 47.47
CA ARG B 113 43.97 -11.16 47.85
C ARG B 113 43.84 -10.24 46.65
N GLY B 114 42.62 -9.78 46.39
CA GLY B 114 42.38 -8.77 45.37
C GLY B 114 42.68 -9.21 43.96
N VAL B 115 42.27 -10.43 43.59
CA VAL B 115 42.54 -10.96 42.27
C VAL B 115 41.22 -11.17 41.54
N ASP B 116 41.29 -11.09 40.22
CA ASP B 116 40.16 -11.36 39.34
C ASP B 116 40.44 -12.67 38.63
N ALA B 117 39.71 -13.72 38.99
CA ALA B 117 39.89 -15.05 38.41
C ALA B 117 38.74 -15.33 37.46
N GLY B 118 39.08 -15.82 36.26
CA GLY B 118 38.08 -16.18 35.29
C GLY B 118 38.35 -17.54 34.68
N THR B 119 37.33 -18.39 34.59
CA THR B 119 37.51 -19.74 34.11
C THR B 119 36.84 -19.91 32.75
N LEU B 120 37.44 -20.78 31.93
CA LEU B 120 36.87 -21.21 30.67
C LEU B 120 37.19 -22.68 30.51
N SER B 121 36.75 -23.26 29.39
CA SER B 121 37.13 -24.63 29.08
C SER B 121 38.62 -24.72 28.74
N GLY B 122 39.10 -23.81 27.89
CA GLY B 122 40.45 -23.91 27.39
C GLY B 122 41.47 -23.02 28.08
N ARG B 123 41.03 -22.12 28.96
CA ARG B 123 41.96 -21.18 29.57
C ARG B 123 41.40 -20.72 30.91
N GLN B 124 42.32 -20.33 31.79
CA GLN B 124 41.99 -19.72 33.08
C GLN B 124 42.94 -18.54 33.28
N VAL B 125 42.36 -17.37 33.57
CA VAL B 125 43.09 -16.12 33.58
C VAL B 125 42.97 -15.47 34.96
N VAL B 126 44.06 -14.85 35.41
CA VAL B 126 44.12 -14.14 36.68
C VAL B 126 44.53 -12.71 36.39
N GLU B 127 43.77 -11.74 36.91
CA GLU B 127 44.10 -10.33 36.76
C GLU B 127 44.37 -9.72 38.12
N CYS B 128 45.50 -9.03 38.25
CA CYS B 128 45.88 -8.39 39.50
C CYS B 128 46.86 -7.28 39.18
N ARG B 129 47.20 -6.50 40.22
CA ARG B 129 48.22 -5.48 40.09
C ARG B 129 49.56 -6.13 39.78
N GLU B 130 50.36 -5.43 38.95
CA GLU B 130 51.45 -6.06 38.21
C GLU B 130 52.52 -6.63 39.14
N SER B 131 52.94 -5.86 40.15
CA SER B 131 53.96 -6.34 41.08
C SER B 131 53.45 -7.51 41.91
N ASP B 132 52.23 -7.39 42.44
CA ASP B 132 51.63 -8.50 43.18
C ASP B 132 51.40 -9.70 42.28
N LEU B 133 51.02 -9.46 41.02
CA LEU B 133 50.80 -10.55 40.07
C LEU B 133 52.09 -11.32 39.82
N GLU B 134 53.20 -10.60 39.61
CA GLU B 134 54.49 -11.26 39.44
C GLU B 134 54.88 -12.03 40.69
N GLU B 135 54.64 -11.44 41.87
CA GLU B 135 55.01 -12.09 43.13
C GLU B 135 54.26 -13.40 43.32
N PHE B 136 52.92 -13.37 43.23
CA PHE B 136 52.21 -14.62 43.49
C PHE B 136 52.35 -15.60 42.33
N SER B 137 52.56 -15.10 41.11
CA SER B 137 52.79 -15.99 39.97
C SER B 137 54.06 -16.80 40.17
N LYS B 138 55.19 -16.11 40.46
CA LYS B 138 56.44 -16.82 40.69
C LYS B 138 56.38 -17.71 41.92
N ASN B 139 55.72 -17.24 42.99
CA ASN B 139 55.75 -18.00 44.24
C ASN B 139 54.83 -19.22 44.22
N ILE B 140 53.69 -19.16 43.53
CA ILE B 140 52.66 -20.18 43.61
C ILE B 140 52.38 -20.82 42.26
N LEU B 141 52.16 -20.00 41.23
CA LEU B 141 51.61 -20.52 39.99
C LEU B 141 52.64 -21.28 39.17
N MET B 142 53.92 -20.94 39.29
CA MET B 142 54.97 -21.54 38.48
C MET B 142 55.67 -22.71 39.16
N ASP B 143 56.31 -22.47 40.30
CA ASP B 143 57.17 -23.50 40.91
C ASP B 143 56.45 -24.27 42.02
N THR B 144 55.26 -24.79 41.76
CA THR B 144 54.56 -25.62 42.75
C THR B 144 53.99 -26.83 42.02
N GLU B 145 53.13 -27.57 42.72
CA GLU B 145 52.40 -28.67 42.12
C GLU B 145 51.27 -28.19 41.22
N LEU B 146 50.95 -26.89 41.23
CA LEU B 146 49.91 -26.35 40.39
C LEU B 146 50.32 -26.24 38.92
N PHE B 147 51.59 -26.45 38.61
CA PHE B 147 52.10 -26.26 37.26
C PHE B 147 52.84 -27.51 36.79
N ASP B 148 52.62 -27.87 35.54
CA ASP B 148 53.38 -28.90 34.86
C ASP B 148 53.74 -28.38 33.48
N PRO B 149 55.03 -28.32 33.12
CA PRO B 149 55.41 -27.74 31.82
C PRO B 149 54.88 -28.51 30.61
N ALA B 150 54.50 -29.77 30.78
CA ALA B 150 53.95 -30.54 29.67
C ALA B 150 52.45 -30.35 29.50
N THR B 151 51.69 -30.53 30.57
CA THR B 151 50.23 -30.49 30.50
C THR B 151 49.63 -29.13 30.82
N SER B 152 50.45 -28.15 31.19
CA SER B 152 49.96 -26.80 31.44
C SER B 152 50.91 -25.79 30.81
N GLY B 153 50.36 -24.93 29.95
CA GLY B 153 51.15 -23.88 29.34
C GLY B 153 50.49 -22.54 29.54
N MET B 154 51.33 -21.52 29.72
CA MET B 154 50.86 -20.16 29.94
C MET B 154 50.74 -19.46 28.60
N ARG B 155 49.51 -19.27 28.13
CA ARG B 155 49.22 -18.77 26.80
C ARG B 155 48.27 -17.58 26.92
N GLY B 156 48.74 -16.39 26.56
CA GLY B 156 47.88 -15.22 26.59
C GLY B 156 46.89 -15.13 25.45
N ALA B 157 47.15 -15.83 24.35
CA ALA B 157 46.27 -15.82 23.19
C ALA B 157 46.47 -17.11 22.42
N THR B 158 45.49 -17.42 21.56
CA THR B 158 45.44 -18.63 20.75
C THR B 158 45.56 -19.88 21.63
N VAL B 159 44.62 -20.00 22.56
CA VAL B 159 44.57 -21.15 23.46
C VAL B 159 43.82 -22.27 22.77
N HIS B 160 44.51 -23.40 22.61
CA HIS B 160 43.95 -24.58 21.95
C HIS B 160 44.81 -25.80 22.28
N GLY B 161 44.19 -26.85 22.79
CA GLY B 161 44.94 -28.04 23.11
C GLY B 161 44.56 -28.67 24.43
N HIS B 162 43.69 -28.01 25.17
CA HIS B 162 43.28 -28.52 26.48
C HIS B 162 42.49 -29.83 26.35
N SER B 163 41.81 -30.02 25.23
CA SER B 163 41.03 -31.23 24.99
C SER B 163 41.61 -32.08 23.86
N LEU B 164 42.79 -31.74 23.37
CA LEU B 164 43.44 -32.50 22.31
C LEU B 164 44.44 -33.49 22.91
N ARG B 165 44.78 -34.50 22.11
CA ARG B 165 45.71 -35.53 22.54
C ARG B 165 47.13 -34.99 22.62
N LEU B 166 47.88 -35.47 23.60
CA LEU B 166 49.27 -35.05 23.75
C LEU B 166 50.12 -35.65 22.63
N ASP B 167 51.26 -35.01 22.37
CA ASP B 167 52.14 -35.47 21.32
C ASP B 167 53.01 -36.63 21.83
N GLU B 168 54.02 -37.01 21.04
CA GLU B 168 54.89 -38.11 21.42
C GLU B 168 55.78 -37.78 22.61
N ASN B 169 55.94 -36.50 22.93
CA ASN B 169 56.71 -36.06 24.10
C ASN B 169 55.85 -35.83 25.32
N GLY B 170 54.55 -36.09 25.22
CA GLY B 170 53.65 -35.86 26.34
C GLY B 170 53.32 -34.41 26.59
N MET B 171 53.52 -33.55 25.60
CA MET B 171 53.30 -32.13 25.74
C MET B 171 51.99 -31.72 25.09
N MET B 172 51.39 -30.65 25.60
CA MET B 172 50.15 -30.13 25.06
C MET B 172 50.37 -29.51 23.68
N PHE B 173 49.33 -29.57 22.85
CA PHE B 173 49.37 -28.90 21.56
C PHE B 173 49.40 -27.38 21.75
N ASP B 174 50.23 -26.72 20.97
CA ASP B 174 50.33 -25.25 20.99
C ASP B 174 50.54 -24.78 19.56
N ALA B 175 49.56 -24.04 19.04
CA ALA B 175 49.65 -23.57 17.65
C ALA B 175 50.77 -22.56 17.47
N LEU B 176 50.97 -21.69 18.46
CA LEU B 176 52.06 -20.72 18.39
C LEU B 176 53.40 -21.32 18.75
N GLN B 177 53.41 -22.49 19.40
CA GLN B 177 54.61 -23.21 19.83
C GLN B 177 55.51 -22.34 20.71
N ARG B 178 54.90 -21.78 21.76
CA ARG B 178 55.66 -21.03 22.74
C ARG B 178 56.50 -21.92 23.64
N CYS B 179 56.26 -23.23 23.62
CA CYS B 179 56.89 -24.17 24.53
C CYS B 179 57.52 -25.28 23.70
N VAL B 180 58.78 -25.59 23.97
CA VAL B 180 59.51 -26.60 23.22
C VAL B 180 60.15 -27.58 24.20
N PHE B 181 60.40 -28.80 23.70
CA PHE B 181 61.02 -29.87 24.47
C PHE B 181 62.34 -30.24 23.81
N ASP B 182 63.42 -30.23 24.59
CA ASP B 182 64.73 -30.63 24.11
C ASP B 182 65.05 -32.02 24.64
N GLU B 183 65.35 -32.94 23.72
CA GLU B 183 65.56 -34.34 24.10
C GLU B 183 66.92 -34.57 24.73
N LYS B 184 67.92 -33.77 24.38
CA LYS B 184 69.27 -33.99 24.89
C LYS B 184 69.40 -33.62 26.36
N THR B 185 68.53 -32.75 26.89
CA THR B 185 68.51 -32.43 28.30
C THR B 185 67.30 -32.97 29.03
N GLY B 186 66.21 -33.26 28.32
CA GLY B 186 65.00 -33.74 28.95
C GLY B 186 64.15 -32.68 29.60
N HIS B 187 64.56 -31.41 29.52
CA HIS B 187 63.82 -30.32 30.14
C HIS B 187 62.79 -29.77 29.15
N VAL B 188 62.11 -28.70 29.56
CA VAL B 188 61.15 -27.99 28.73
C VAL B 188 61.58 -26.55 28.67
N MET B 189 61.60 -25.97 27.47
CA MET B 189 62.07 -24.60 27.27
C MET B 189 60.95 -23.73 26.73
N TYR B 190 60.95 -22.47 27.15
CA TYR B 190 60.04 -21.47 26.62
C TYR B 190 60.81 -20.55 25.66
N VAL B 191 60.35 -20.50 24.41
CA VAL B 191 61.00 -19.67 23.40
C VAL B 191 60.21 -18.40 23.10
N LYS B 192 58.94 -18.34 23.50
CA LYS B 192 58.12 -17.16 23.30
C LYS B 192 57.40 -16.84 24.61
N ASP B 193 56.92 -15.61 24.72
CA ASP B 193 56.11 -15.25 25.88
C ASP B 193 54.69 -15.78 25.69
N GLN B 194 53.82 -15.48 26.67
CA GLN B 194 52.46 -16.01 26.63
C GLN B 194 51.64 -15.40 25.50
N VAL B 195 51.98 -14.19 25.07
CA VAL B 195 51.33 -13.61 23.90
C VAL B 195 51.77 -14.34 22.62
N GLY B 196 53.08 -14.59 22.49
CA GLY B 196 53.60 -15.25 21.32
C GLY B 196 54.82 -14.58 20.73
N LYS B 197 55.23 -13.45 21.31
CA LYS B 197 56.42 -12.77 20.85
C LYS B 197 57.66 -13.57 21.26
N PRO B 198 58.59 -13.82 20.34
CA PRO B 198 59.79 -14.58 20.70
C PRO B 198 60.68 -13.83 21.67
N LEU B 199 61.36 -14.59 22.52
CA LEU B 199 62.27 -14.05 23.51
C LEU B 199 63.69 -13.99 22.97
N ASP B 200 64.54 -13.21 23.65
CA ASP B 200 65.95 -13.12 23.26
C ASP B 200 66.68 -14.44 23.48
N ALA B 201 66.43 -15.10 24.60
CA ALA B 201 67.02 -16.39 24.90
C ALA B 201 65.95 -17.33 25.46
N PRO B 202 66.04 -18.62 25.15
CA PRO B 202 65.11 -19.58 25.77
C PRO B 202 65.32 -19.65 27.28
N VAL B 203 64.21 -19.86 27.99
CA VAL B 203 64.21 -19.93 29.45
C VAL B 203 63.71 -21.31 29.86
N ASP B 204 64.50 -21.99 30.68
CA ASP B 204 64.18 -23.35 31.11
C ASP B 204 63.22 -23.31 32.28
N VAL B 205 62.12 -24.07 32.17
CA VAL B 205 61.19 -24.19 33.27
C VAL B 205 61.37 -25.49 34.05
N GLY B 206 61.93 -26.53 33.42
CA GLY B 206 62.26 -27.76 34.12
C GLY B 206 61.70 -28.96 33.38
N GLU B 207 61.89 -30.13 34.00
CA GLU B 207 61.42 -31.38 33.44
C GLU B 207 59.91 -31.53 33.63
N PRO B 208 59.24 -32.22 32.71
CA PRO B 208 57.81 -32.47 32.89
C PRO B 208 57.56 -33.46 34.02
N ILE B 209 56.42 -33.29 34.67
CA ILE B 209 56.01 -34.21 35.74
C ILE B 209 55.64 -35.55 35.13
N PRO B 210 56.13 -36.67 35.68
CA PRO B 210 55.79 -37.98 35.12
C PRO B 210 54.32 -38.30 35.27
N GLU B 211 53.85 -39.21 34.40
CA GLU B 211 52.43 -39.55 34.33
C GLU B 211 51.94 -40.22 35.61
N ALA B 212 52.77 -41.09 36.20
CA ALA B 212 52.39 -41.77 37.44
C ALA B 212 52.20 -40.76 38.58
N LYS B 213 53.07 -39.75 38.66
CA LYS B 213 52.85 -38.67 39.61
C LYS B 213 51.65 -37.82 39.24
N LEU B 214 51.42 -37.63 37.94
CA LEU B 214 50.29 -36.83 37.47
C LEU B 214 48.95 -37.46 37.83
N ARG B 215 48.90 -38.79 37.91
CA ARG B 215 47.66 -39.47 38.26
C ARG B 215 47.25 -39.18 39.70
N GLU B 216 48.23 -39.05 40.60
CA GLU B 216 47.94 -38.92 42.02
C GLU B 216 47.83 -37.48 42.50
N ILE B 217 48.06 -36.50 41.64
CA ILE B 217 47.97 -35.09 42.01
C ILE B 217 46.95 -34.33 41.19
N THR B 218 46.28 -34.98 40.24
CA THR B 218 45.33 -34.27 39.39
C THR B 218 44.03 -34.00 40.12
N THR B 219 43.28 -33.01 39.61
CA THR B 219 42.02 -32.60 40.20
C THR B 219 40.84 -32.80 39.24
N ILE B 220 40.98 -33.70 38.28
CA ILE B 220 39.94 -33.96 37.29
C ILE B 220 39.50 -35.42 37.42
N TYR B 221 38.22 -35.65 37.14
CA TYR B 221 37.66 -37.00 37.13
C TYR B 221 37.73 -37.56 35.71
N ARG B 222 38.25 -38.78 35.58
CA ARG B 222 38.38 -39.43 34.29
C ARG B 222 38.04 -40.90 34.44
N ASN B 223 37.51 -41.49 33.37
CA ASN B 223 37.20 -42.92 33.39
C ASN B 223 38.46 -43.76 33.48
N ASP B 224 39.53 -43.33 32.81
CA ASP B 224 40.81 -44.01 32.91
C ASP B 224 41.56 -43.66 34.19
N GLY B 225 41.15 -42.61 34.90
CA GLY B 225 41.68 -42.31 36.20
C GLY B 225 40.73 -42.77 37.28
N VAL B 226 40.25 -41.86 38.12
CA VAL B 226 39.15 -42.14 39.02
C VAL B 226 37.95 -41.30 38.56
N ALA B 227 36.77 -41.89 38.67
CA ALA B 227 35.56 -41.31 38.11
C ALA B 227 34.64 -40.84 39.22
N MET B 228 33.61 -40.07 38.81
CA MET B 228 32.60 -39.64 39.76
C MET B 228 31.74 -40.79 40.28
N ARG B 229 31.65 -41.88 39.52
CA ARG B 229 30.94 -43.06 40.02
C ARG B 229 31.64 -43.70 41.21
N ALA B 230 32.93 -43.48 41.36
CA ALA B 230 33.66 -43.90 42.56
C ALA B 230 33.54 -42.90 43.70
N ASP B 231 32.94 -41.74 43.46
CA ASP B 231 32.75 -40.71 44.49
C ASP B 231 31.28 -40.29 44.49
N PRO B 232 30.40 -41.07 45.12
CA PRO B 232 28.98 -40.73 45.11
C PRO B 232 28.63 -39.54 45.99
N ASP B 233 29.50 -39.15 46.91
CA ASP B 233 29.18 -38.05 47.83
C ASP B 233 29.17 -36.70 47.11
N VAL B 234 30.09 -36.51 46.16
CA VAL B 234 30.09 -35.27 45.37
C VAL B 234 28.84 -35.19 44.51
N ILE B 235 28.42 -36.30 43.92
CA ILE B 235 27.20 -36.33 43.13
C ILE B 235 25.99 -36.04 44.01
N GLU B 236 25.98 -36.58 45.23
CA GLU B 236 24.88 -36.32 46.15
C GLU B 236 24.82 -34.86 46.57
N VAL B 237 25.98 -34.25 46.80
CA VAL B 237 26.02 -32.82 47.13
C VAL B 237 25.53 -31.98 45.95
N VAL B 238 25.93 -32.35 44.73
CA VAL B 238 25.48 -31.64 43.54
C VAL B 238 23.96 -31.73 43.37
N LYS B 239 23.41 -32.94 43.57
CA LYS B 239 21.97 -33.12 43.46
C LYS B 239 21.23 -32.38 44.56
N ARG B 240 21.79 -32.33 45.77
CA ARG B 240 21.19 -31.55 46.84
C ARG B 240 21.19 -30.06 46.53
N ILE B 241 22.29 -29.56 45.96
CA ILE B 241 22.37 -28.15 45.58
C ILE B 241 21.34 -27.82 44.50
N HIS B 242 21.20 -28.72 43.52
CA HIS B 242 20.22 -28.52 42.45
C HIS B 242 18.80 -28.53 42.99
N ARG B 243 18.48 -29.46 43.90
CA ARG B 243 17.14 -29.53 44.46
C ARG B 243 16.85 -28.32 45.34
N ALA B 244 17.83 -27.87 46.11
CA ALA B 244 17.64 -26.68 46.94
C ALA B 244 17.43 -25.44 46.09
N ARG B 245 18.17 -25.33 44.98
CA ARG B 245 17.95 -24.22 44.05
C ARG B 245 16.56 -24.26 43.45
N THR B 246 16.10 -25.44 43.04
CA THR B 246 14.77 -25.58 42.44
C THR B 246 13.67 -25.23 43.44
N LEU B 247 13.79 -25.71 44.68
CA LEU B 247 12.77 -25.45 45.67
C LEU B 247 12.78 -23.99 46.11
N GLY B 248 13.97 -23.38 46.22
CA GLY B 248 14.03 -21.96 46.55
C GLY B 248 13.48 -21.09 45.44
N GLY B 249 13.70 -21.49 44.18
CA GLY B 249 13.11 -20.76 43.08
C GLY B 249 11.60 -20.88 43.01
N TYR B 250 11.07 -22.08 43.31
CA TYR B 250 9.63 -22.28 43.30
C TYR B 250 8.93 -21.46 44.38
N ILE B 251 9.16 -21.81 45.65
CA ILE B 251 8.59 -21.11 46.80
C ILE B 251 9.65 -21.08 47.89
N PRO B 252 10.13 -19.91 48.30
CA PRO B 252 11.21 -19.85 49.31
C PRO B 252 10.67 -19.83 50.74
N THR B 253 10.09 -20.94 51.17
CA THR B 253 9.57 -21.09 52.52
C THR B 253 10.18 -22.33 53.17
N ASN B 254 10.04 -22.41 54.49
CA ASN B 254 10.52 -23.58 55.23
C ASN B 254 9.69 -24.83 54.90
N GLU B 255 8.42 -24.65 54.56
CA GLU B 255 7.58 -25.79 54.23
C GLU B 255 7.98 -26.43 52.91
N THR B 256 8.42 -25.60 51.95
CA THR B 256 8.88 -26.15 50.67
C THR B 256 10.20 -26.91 50.82
N PHE B 257 11.04 -26.50 51.76
CA PHE B 257 12.33 -27.13 51.97
C PHE B 257 12.24 -28.35 52.88
N LYS B 258 11.04 -28.72 53.33
CA LYS B 258 10.88 -29.98 54.04
C LYS B 258 11.05 -31.17 53.10
N GLY B 259 10.77 -30.98 51.81
CA GLY B 259 11.02 -32.00 50.82
C GLY B 259 12.38 -31.87 50.17
N LEU B 260 13.42 -31.73 50.99
CA LEU B 260 14.78 -31.57 50.50
C LEU B 260 15.50 -32.90 50.41
N ALA C 2 -28.48 38.40 14.05
CA ALA C 2 -27.91 37.11 13.70
C ALA C 2 -26.62 37.29 12.90
N TYR C 3 -26.26 36.26 12.13
CA TYR C 3 -25.05 36.27 11.32
C TYR C 3 -25.41 35.83 9.91
N THR C 4 -25.19 36.72 8.94
CA THR C 4 -25.42 36.38 7.54
C THR C 4 -24.22 35.60 7.02
N PRO C 5 -24.40 34.34 6.59
CA PRO C 5 -23.24 33.51 6.25
C PRO C 5 -22.74 33.78 4.84
N GLN C 6 -21.52 34.32 4.76
CA GLN C 6 -20.76 34.19 3.53
C GLN C 6 -20.24 32.77 3.42
N PHE C 7 -19.91 32.36 2.20
CA PHE C 7 -19.54 30.96 1.98
C PHE C 7 -18.15 30.78 1.42
N TYR C 8 -17.66 31.71 0.62
CA TYR C 8 -16.36 31.57 -0.02
C TYR C 8 -15.88 32.94 -0.46
N PRO C 9 -14.61 33.28 -0.29
CA PRO C 9 -14.10 34.55 -0.78
C PRO C 9 -13.90 34.51 -2.29
N GLY C 10 -13.78 35.71 -2.87
CA GLY C 10 -13.45 35.81 -4.28
C GLY C 10 -14.45 36.59 -5.11
N ALA C 11 -13.99 37.10 -6.25
CA ALA C 11 -14.83 37.89 -7.15
C ALA C 11 -15.05 37.24 -8.50
N THR C 12 -14.34 36.16 -8.81
CA THR C 12 -14.44 35.55 -10.13
C THR C 12 -15.69 34.69 -10.22
N LYS C 13 -15.91 34.12 -11.41
CA LYS C 13 -17.05 33.25 -11.63
C LYS C 13 -16.87 31.92 -10.92
N VAL C 14 -15.63 31.45 -10.78
CA VAL C 14 -15.36 30.19 -10.09
C VAL C 14 -15.70 30.32 -8.60
N ALA C 15 -15.30 31.43 -7.98
CA ALA C 15 -15.64 31.67 -6.58
C ALA C 15 -17.14 31.84 -6.40
N GLU C 16 -17.80 32.49 -7.36
CA GLU C 16 -19.25 32.62 -7.30
C GLU C 16 -19.95 31.27 -7.40
N ASN C 17 -19.44 30.39 -8.27
CA ASN C 17 -20.01 29.05 -8.38
C ASN C 17 -19.77 28.23 -7.12
N ARG C 18 -18.60 28.38 -6.50
CA ARG C 18 -18.33 27.70 -5.24
C ARG C 18 -19.24 28.21 -4.13
N ARG C 19 -19.49 29.51 -4.08
CA ARG C 19 -20.42 30.08 -3.12
C ARG C 19 -21.84 29.57 -3.37
N ASN C 20 -22.24 29.47 -4.63
CA ASN C 20 -23.57 28.96 -4.97
C ASN C 20 -23.71 27.50 -4.57
N HIS C 21 -22.67 26.70 -4.78
CA HIS C 21 -22.70 25.30 -4.36
C HIS C 21 -22.77 25.17 -2.84
N LEU C 22 -22.03 26.02 -2.12
CA LEU C 22 -22.04 25.95 -0.67
C LEU C 22 -23.35 26.47 -0.08
N ASN C 23 -24.03 27.36 -0.77
CA ASN C 23 -25.25 27.98 -0.24
C ASN C 23 -26.39 26.99 -0.25
N PRO C 24 -26.98 26.66 0.91
CA PRO C 24 -28.17 25.79 0.90
C PRO C 24 -29.43 26.50 0.44
N ASN C 25 -29.46 27.83 0.46
CA ASN C 25 -30.61 28.59 0.00
C ASN C 25 -30.52 28.95 -1.48
N TYR C 26 -29.46 28.55 -2.17
CA TYR C 26 -29.34 28.75 -3.60
C TYR C 26 -29.96 27.56 -4.32
N GLU C 27 -30.94 27.82 -5.17
CA GLU C 27 -31.58 26.77 -5.94
C GLU C 27 -30.71 26.46 -7.16
N LEU C 28 -30.13 25.27 -7.20
CA LEU C 28 -29.32 24.88 -8.33
C LEU C 28 -30.19 24.70 -9.57
N GLU C 29 -29.72 25.23 -10.69
CA GLU C 29 -30.47 25.14 -11.94
C GLU C 29 -30.45 23.72 -12.45
N LYS C 30 -31.63 23.17 -12.74
CA LYS C 30 -31.72 21.81 -13.26
C LYS C 30 -31.64 21.85 -14.78
N LEU C 31 -31.01 20.81 -15.34
CA LEU C 31 -30.71 20.76 -16.76
C LEU C 31 -31.16 19.48 -17.44
N ARG C 32 -31.72 18.53 -16.71
CA ARG C 32 -32.17 17.27 -17.27
C ARG C 32 -33.21 16.68 -16.35
N GLU C 33 -33.98 15.71 -16.86
CA GLU C 33 -34.91 14.95 -16.06
C GLU C 33 -34.57 13.48 -16.19
N ILE C 34 -33.99 12.92 -15.13
CA ILE C 34 -33.76 11.49 -15.01
C ILE C 34 -34.75 10.98 -13.96
N PRO C 35 -35.59 9.99 -14.29
CA PRO C 35 -36.58 9.51 -13.32
C PRO C 35 -35.92 8.82 -12.14
N ASP C 36 -36.71 8.67 -11.08
CA ASP C 36 -36.21 8.08 -9.84
C ASP C 36 -35.76 6.64 -10.03
N GLU C 37 -36.54 5.86 -10.78
CA GLU C 37 -36.17 4.47 -11.03
C GLU C 37 -34.95 4.37 -11.94
N ASP C 38 -34.75 5.35 -12.82
CA ASP C 38 -33.54 5.35 -13.65
C ASP C 38 -32.30 5.65 -12.81
N VAL C 39 -32.41 6.59 -11.86
CA VAL C 39 -31.31 6.88 -10.95
C VAL C 39 -31.01 5.67 -10.08
N VAL C 40 -32.06 4.96 -9.64
CA VAL C 40 -31.88 3.73 -8.87
C VAL C 40 -31.17 2.67 -9.71
N LYS C 41 -31.54 2.55 -10.98
CA LYS C 41 -30.93 1.55 -11.86
C LYS C 41 -29.46 1.85 -12.12
N ILE C 42 -29.11 3.13 -12.35
CA ILE C 42 -27.70 3.49 -12.52
C ILE C 42 -26.93 3.30 -11.21
N MET C 43 -27.59 3.56 -10.08
CA MET C 43 -26.95 3.37 -8.78
C MET C 43 -26.61 1.90 -8.53
N GLY C 44 -27.49 1.00 -8.97
CA GLY C 44 -27.19 -0.42 -8.92
C GLY C 44 -27.28 -1.07 -7.56
N HIS C 45 -27.86 -0.39 -6.56
CA HIS C 45 -27.91 -0.96 -5.23
C HIS C 45 -29.12 -1.88 -5.06
N ARG C 46 -30.30 -1.44 -5.50
CA ARG C 46 -31.52 -2.19 -5.31
C ARG C 46 -32.33 -2.21 -6.60
N GLN C 47 -33.16 -3.23 -6.71
CA GLN C 47 -34.12 -3.29 -7.81
C GLN C 47 -35.21 -2.27 -7.58
N PRO C 48 -35.56 -1.45 -8.59
CA PRO C 48 -36.66 -0.50 -8.41
C PRO C 48 -38.00 -1.22 -8.27
N GLY C 49 -38.81 -0.76 -7.33
CA GLY C 49 -40.09 -1.35 -7.03
C GLY C 49 -40.10 -2.28 -5.83
N GLU C 50 -38.94 -2.79 -5.42
CA GLU C 50 -38.84 -3.65 -4.26
C GLU C 50 -38.44 -2.84 -3.02
N ASP C 51 -38.73 -3.40 -1.85
CA ASP C 51 -38.55 -2.68 -0.61
C ASP C 51 -37.07 -2.55 -0.26
N TYR C 52 -36.77 -1.52 0.54
CA TYR C 52 -35.41 -1.29 1.00
C TYR C 52 -35.00 -2.36 2.01
N LYS C 53 -33.80 -2.90 1.83
CA LYS C 53 -33.25 -3.82 2.81
C LYS C 53 -32.90 -3.08 4.10
N THR C 54 -33.06 -3.77 5.22
CA THR C 54 -32.88 -3.17 6.53
C THR C 54 -31.64 -3.75 7.22
N VAL C 55 -30.98 -2.91 8.02
CA VAL C 55 -29.86 -3.35 8.84
C VAL C 55 -30.25 -3.48 10.31
N HIS C 56 -31.29 -2.80 10.76
CA HIS C 56 -31.75 -2.90 12.13
C HIS C 56 -33.24 -2.61 12.16
N PRO C 57 -33.94 -2.99 13.23
CA PRO C 57 -35.36 -2.61 13.37
C PRO C 57 -35.55 -1.11 13.41
N PRO C 58 -36.78 -0.63 13.19
CA PRO C 58 -37.03 0.82 13.31
C PRO C 58 -36.77 1.32 14.72
N LEU C 59 -36.46 2.62 14.81
CA LEU C 59 -35.99 3.22 16.05
C LEU C 59 -37.03 3.14 17.17
N GLU C 60 -38.32 3.08 16.81
CA GLU C 60 -39.35 2.88 17.82
C GLU C 60 -39.28 1.47 18.38
N GLU C 61 -38.93 0.48 17.55
CA GLU C 61 -38.89 -0.90 18.00
C GLU C 61 -37.71 -1.18 18.91
N MET C 62 -36.52 -0.69 18.54
CA MET C 62 -35.35 -0.87 19.39
C MET C 62 -35.45 0.01 20.62
N ASP C 63 -35.01 -0.51 21.76
CA ASP C 63 -35.01 0.22 23.02
C ASP C 63 -33.60 0.76 23.28
N PHE C 64 -33.50 2.07 23.44
CA PHE C 64 -32.25 2.73 23.77
C PHE C 64 -32.34 3.28 25.20
N VAL C 65 -31.19 3.68 25.73
CA VAL C 65 -31.14 4.31 27.04
C VAL C 65 -31.68 5.74 26.90
N GLU C 66 -32.07 6.32 28.03
CA GLU C 66 -32.60 7.68 28.04
C GLU C 66 -31.45 8.67 27.91
N ASP C 67 -31.43 9.40 26.81
CA ASP C 67 -30.36 10.35 26.52
C ASP C 67 -31.01 11.65 26.05
N TYR C 68 -30.86 12.72 26.83
CA TYR C 68 -31.48 13.99 26.47
C TYR C 68 -30.79 14.62 25.26
N ALA C 69 -29.46 14.58 25.21
CA ALA C 69 -28.73 15.23 24.13
C ALA C 69 -28.87 14.46 22.81
N ARG C 70 -28.94 13.13 22.88
CA ARG C 70 -29.07 12.34 21.67
C ARG C 70 -30.45 12.50 21.04
N ASP C 71 -31.49 12.62 21.86
CA ASP C 71 -32.86 12.73 21.37
C ASP C 71 -33.22 14.12 20.88
N LEU C 72 -32.33 15.11 21.05
CA LEU C 72 -32.60 16.45 20.53
C LEU C 72 -32.56 16.48 19.02
N VAL C 73 -31.75 15.63 18.40
CA VAL C 73 -31.55 15.63 16.96
C VAL C 73 -32.59 14.73 16.31
N GLU C 74 -33.29 15.25 15.32
CA GLU C 74 -34.27 14.46 14.58
C GLU C 74 -33.55 13.55 13.59
N PRO C 75 -33.81 12.24 13.64
CA PRO C 75 -33.15 11.33 12.69
C PRO C 75 -33.75 11.43 11.29
N LEU C 76 -32.99 10.90 10.34
CA LEU C 76 -33.48 10.81 8.97
C LEU C 76 -34.59 9.78 8.86
N ASN C 77 -35.36 9.87 7.78
CA ASN C 77 -36.43 8.90 7.55
C ASN C 77 -35.87 7.50 7.31
N GLY C 78 -34.77 7.41 6.55
CA GLY C 78 -34.12 6.13 6.36
C GLY C 78 -33.52 5.57 7.65
N ALA C 79 -33.13 6.46 8.56
CA ALA C 79 -32.71 6.02 9.89
C ALA C 79 -33.90 5.64 10.76
N LYS C 80 -35.04 6.32 10.59
CA LYS C 80 -36.23 5.98 11.36
C LYS C 80 -36.75 4.60 11.00
N GLU C 81 -36.88 4.30 9.70
CA GLU C 81 -37.31 2.97 9.30
C GLU C 81 -36.18 1.96 9.49
N GLY C 82 -34.95 2.37 9.25
CA GLY C 82 -33.81 1.49 9.42
C GLY C 82 -33.43 0.92 8.08
N HIS C 83 -32.47 1.52 7.41
CA HIS C 83 -32.07 1.10 6.07
C HIS C 83 -30.56 1.01 6.01
N ARG C 84 -30.08 0.18 5.10
CA ARG C 84 -28.63 0.04 4.93
C ARG C 84 -28.05 1.32 4.36
N VAL C 85 -26.79 1.58 4.68
CA VAL C 85 -26.09 2.76 4.20
C VAL C 85 -25.42 2.41 2.88
N ARG C 86 -25.84 3.08 1.82
CA ARG C 86 -25.28 2.90 0.50
C ARG C 86 -24.51 4.14 0.09
N TYR C 87 -23.91 4.09 -1.10
CA TYR C 87 -23.04 5.14 -1.57
C TYR C 87 -23.37 5.47 -3.02
N ILE C 88 -22.99 6.68 -3.42
CA ILE C 88 -22.95 7.08 -4.83
C ILE C 88 -21.65 7.83 -5.06
N GLN C 89 -20.90 7.41 -6.07
CA GLN C 89 -19.55 7.89 -6.31
C GLN C 89 -19.48 8.63 -7.63
N PHE C 90 -18.74 9.72 -7.67
CA PHE C 90 -18.61 10.55 -8.86
C PHE C 90 -17.14 10.80 -9.17
N ALA C 91 -16.83 10.82 -10.46
CA ALA C 91 -15.53 11.26 -10.97
C ALA C 91 -15.74 12.56 -11.74
N ASP C 92 -14.83 13.52 -11.53
CA ASP C 92 -14.96 14.83 -12.14
C ASP C 92 -13.69 15.16 -12.93
N SER C 93 -13.87 15.53 -14.19
CA SER C 93 -12.74 15.88 -15.03
C SER C 93 -12.16 17.24 -14.63
N MET C 94 -10.85 17.37 -14.80
CA MET C 94 -10.21 18.67 -14.58
C MET C 94 -10.54 19.67 -15.68
N TYR C 95 -11.09 19.21 -16.80
CA TYR C 95 -11.41 20.09 -17.93
C TYR C 95 -12.84 20.61 -17.79
N PHE C 96 -13.00 21.54 -16.83
CA PHE C 96 -14.21 22.36 -16.67
C PHE C 96 -15.45 21.53 -16.34
N ALA C 97 -15.29 20.53 -15.47
CA ALA C 97 -16.46 19.87 -14.91
C ALA C 97 -17.16 20.82 -13.95
N PRO C 98 -18.50 20.84 -13.93
CA PRO C 98 -19.21 21.81 -13.08
C PRO C 98 -19.00 21.59 -11.60
N ALA C 99 -18.80 20.36 -11.15
CA ALA C 99 -18.56 20.05 -9.76
C ALA C 99 -17.19 19.42 -9.61
N GLN C 100 -16.53 19.70 -8.49
CA GLN C 100 -15.18 19.28 -8.20
C GLN C 100 -15.15 18.63 -6.82
N PRO C 101 -14.19 17.72 -6.56
CA PRO C 101 -14.32 16.82 -5.38
C PRO C 101 -14.40 17.52 -4.03
N TYR C 102 -13.51 18.46 -3.72
CA TYR C 102 -13.60 19.14 -2.44
C TYR C 102 -14.81 20.07 -2.40
N ASP C 103 -15.13 20.69 -3.54
CA ASP C 103 -16.36 21.48 -3.63
C ASP C 103 -17.59 20.60 -3.43
N ARG C 104 -17.58 19.40 -4.01
CA ARG C 104 -18.67 18.45 -3.81
C ARG C 104 -18.82 18.08 -2.34
N SER C 105 -17.70 17.75 -1.68
CA SER C 105 -17.77 17.35 -0.28
C SER C 105 -18.26 18.48 0.61
N ARG C 106 -17.75 19.69 0.39
CA ARG C 106 -18.18 20.84 1.19
C ARG C 106 -19.65 21.15 0.98
N SER C 107 -20.12 21.10 -0.27
CA SER C 107 -21.52 21.37 -0.55
C SER C 107 -22.43 20.28 0.02
N TYR C 108 -21.98 19.02 -0.03
CA TYR C 108 -22.79 17.93 0.53
C TYR C 108 -22.89 18.06 2.04
N MET C 109 -21.79 18.37 2.71
CA MET C 109 -21.82 18.49 4.16
C MET C 109 -22.48 19.79 4.62
N SER C 110 -22.60 20.78 3.74
CA SER C 110 -23.33 22.00 4.05
C SER C 110 -24.82 21.91 3.72
N ARG C 111 -25.21 21.02 2.82
CA ARG C 111 -26.59 20.98 2.34
C ARG C 111 -27.39 19.77 2.81
N LEU C 112 -26.74 18.64 3.07
CA LEU C 112 -27.43 17.40 3.37
C LEU C 112 -27.20 16.98 4.82
N ARG C 113 -28.18 16.27 5.37
CA ARG C 113 -28.12 15.80 6.76
C ARG C 113 -27.66 14.35 6.79
N GLY C 114 -26.74 14.06 7.71
CA GLY C 114 -26.31 12.69 7.96
C GLY C 114 -25.62 12.00 6.82
N VAL C 115 -24.69 12.70 6.17
CA VAL C 115 -23.98 12.16 5.02
C VAL C 115 -22.51 11.95 5.39
N ASP C 116 -21.86 11.08 4.62
CA ASP C 116 -20.46 10.70 4.83
C ASP C 116 -19.74 11.03 3.53
N ALA C 117 -19.04 12.16 3.50
CA ALA C 117 -18.37 12.62 2.30
C ALA C 117 -16.89 12.24 2.32
N GLY C 118 -16.41 11.73 1.18
CA GLY C 118 -15.01 11.40 1.03
C GLY C 118 -14.43 11.99 -0.24
N THR C 119 -13.23 12.59 -0.14
CA THR C 119 -12.64 13.32 -1.25
C THR C 119 -11.32 12.69 -1.64
N LEU C 120 -11.18 12.31 -2.90
CA LEU C 120 -9.92 11.90 -3.49
C LEU C 120 -9.62 12.82 -4.68
N SER C 121 -8.45 12.60 -5.30
CA SER C 121 -8.08 13.42 -6.44
C SER C 121 -8.95 13.11 -7.65
N GLY C 122 -9.23 11.84 -7.89
CA GLY C 122 -10.07 11.45 -9.00
C GLY C 122 -11.34 10.74 -8.57
N ARG C 123 -11.83 11.06 -7.38
CA ARG C 123 -12.95 10.34 -6.81
C ARG C 123 -13.64 11.21 -5.76
N GLN C 124 -14.94 11.03 -5.64
CA GLN C 124 -15.72 11.67 -4.58
C GLN C 124 -16.94 10.81 -4.30
N VAL C 125 -17.11 10.40 -3.04
CA VAL C 125 -18.16 9.49 -2.65
C VAL C 125 -18.93 10.10 -1.47
N VAL C 126 -20.25 9.94 -1.49
CA VAL C 126 -21.10 10.34 -0.37
C VAL C 126 -21.93 9.12 0.04
N GLU C 127 -21.94 8.83 1.35
CA GLU C 127 -22.66 7.69 1.89
C GLU C 127 -23.79 8.17 2.78
N CYS C 128 -24.96 7.55 2.63
CA CYS C 128 -26.13 7.88 3.42
C CYS C 128 -27.06 6.68 3.42
N ARG C 129 -28.14 6.79 4.21
CA ARG C 129 -29.19 5.79 4.18
C ARG C 129 -29.88 5.81 2.82
N GLU C 130 -30.30 4.61 2.38
CA GLU C 130 -30.56 4.36 0.97
C GLU C 130 -31.69 5.23 0.41
N SER C 131 -32.77 5.41 1.18
CA SER C 131 -33.89 6.21 0.69
C SER C 131 -33.53 7.69 0.59
N ASP C 132 -32.91 8.24 1.64
CA ASP C 132 -32.47 9.63 1.60
C ASP C 132 -31.38 9.84 0.56
N LEU C 133 -30.49 8.86 0.42
CA LEU C 133 -29.43 8.94 -0.58
C LEU C 133 -30.01 8.98 -1.99
N GLU C 134 -31.02 8.15 -2.26
CA GLU C 134 -31.70 8.20 -3.55
C GLU C 134 -32.41 9.53 -3.75
N GLU C 135 -33.01 10.08 -2.69
CA GLU C 135 -33.71 11.35 -2.78
C GLU C 135 -32.78 12.48 -3.19
N PHE C 136 -31.65 12.65 -2.48
CA PHE C 136 -30.79 13.75 -2.89
C PHE C 136 -29.92 13.39 -4.10
N SER C 137 -29.82 12.12 -4.47
CA SER C 137 -29.16 11.77 -5.71
C SER C 137 -29.99 12.21 -6.90
N LYS C 138 -31.31 12.02 -6.83
CA LYS C 138 -32.17 12.50 -7.91
C LYS C 138 -32.31 14.03 -7.86
N ASN C 139 -32.54 14.59 -6.68
CA ASN C 139 -32.93 15.99 -6.59
C ASN C 139 -31.77 16.96 -6.79
N ILE C 140 -30.56 16.57 -6.38
CA ILE C 140 -29.44 17.50 -6.38
C ILE C 140 -28.30 16.98 -7.24
N LEU C 141 -27.96 15.70 -7.07
CA LEU C 141 -26.71 15.17 -7.61
C LEU C 141 -26.76 14.92 -9.12
N MET C 142 -27.92 14.60 -9.68
CA MET C 142 -28.00 14.15 -11.06
C MET C 142 -28.66 15.14 -12.00
N ASP C 143 -29.77 15.76 -11.61
CA ASP C 143 -30.57 16.55 -12.53
C ASP C 143 -30.17 18.02 -12.59
N THR C 144 -29.35 18.49 -11.66
CA THR C 144 -29.04 19.91 -11.56
C THR C 144 -27.76 20.23 -12.32
N GLU C 145 -27.26 21.45 -12.12
CA GLU C 145 -26.02 21.92 -12.71
C GLU C 145 -24.78 21.38 -12.01
N LEU C 146 -24.95 20.52 -11.00
CA LEU C 146 -23.82 19.83 -10.39
C LEU C 146 -23.34 18.66 -11.23
N PHE C 147 -24.11 18.25 -12.23
CA PHE C 147 -23.79 17.07 -13.02
C PHE C 147 -23.73 17.43 -14.49
N ASP C 148 -22.75 16.87 -15.19
CA ASP C 148 -22.65 16.94 -16.63
C ASP C 148 -22.34 15.52 -17.09
N PRO C 149 -23.15 14.92 -17.97
CA PRO C 149 -22.89 13.53 -18.38
C PRO C 149 -21.60 13.33 -19.16
N ALA C 150 -20.99 14.40 -19.67
CA ALA C 150 -19.72 14.29 -20.38
C ALA C 150 -18.53 14.41 -19.44
N THR C 151 -18.40 15.55 -18.74
CA THR C 151 -17.24 15.82 -17.92
C THR C 151 -17.34 15.20 -16.53
N SER C 152 -18.49 14.66 -16.15
CA SER C 152 -18.64 13.97 -14.88
C SER C 152 -19.35 12.65 -15.12
N GLY C 153 -19.23 11.75 -14.16
CA GLY C 153 -19.86 10.45 -14.29
C GLY C 153 -20.03 9.71 -12.98
N MET C 154 -21.19 9.10 -12.79
CA MET C 154 -21.42 8.27 -11.61
C MET C 154 -20.72 6.94 -11.82
N ARG C 155 -19.61 6.73 -11.12
CA ARG C 155 -18.82 5.52 -11.33
C ARG C 155 -18.14 5.10 -10.04
N GLY C 156 -18.28 3.83 -9.70
CA GLY C 156 -17.43 3.19 -8.71
C GLY C 156 -16.36 2.38 -9.39
N ALA C 157 -15.88 1.35 -8.68
CA ALA C 157 -14.96 0.34 -9.21
C ALA C 157 -13.83 1.13 -9.87
N THR C 158 -13.47 0.75 -11.08
CA THR C 158 -12.39 1.41 -11.82
C THR C 158 -12.64 2.88 -12.15
N VAL C 159 -11.93 3.77 -11.45
CA VAL C 159 -12.02 5.21 -11.71
C VAL C 159 -10.66 5.68 -12.24
N HIS C 160 -10.67 6.30 -13.40
CA HIS C 160 -9.47 6.83 -14.03
C HIS C 160 -9.91 7.74 -15.18
N GLY C 161 -9.25 8.88 -15.31
CA GLY C 161 -9.54 9.76 -16.41
C GLY C 161 -9.89 11.17 -15.99
N HIS C 162 -9.80 11.46 -14.69
CA HIS C 162 -10.10 12.80 -14.23
C HIS C 162 -9.08 13.81 -14.73
N SER C 163 -7.82 13.39 -14.87
CA SER C 163 -6.77 14.27 -15.36
C SER C 163 -6.44 14.05 -16.83
N LEU C 164 -7.08 13.08 -17.48
CA LEU C 164 -6.84 12.84 -18.89
C LEU C 164 -7.68 13.78 -19.75
N ARG C 165 -7.29 13.90 -21.02
CA ARG C 165 -8.03 14.72 -21.95
C ARG C 165 -9.35 14.04 -22.33
N LEU C 166 -10.30 14.86 -22.79
CA LEU C 166 -11.59 14.35 -23.20
C LEU C 166 -11.47 13.61 -24.54
N ASP C 167 -12.47 12.78 -24.82
CA ASP C 167 -12.47 12.00 -26.06
C ASP C 167 -13.01 12.87 -27.21
N GLU C 168 -13.32 12.23 -28.34
CA GLU C 168 -13.80 12.95 -29.51
C GLU C 168 -15.20 13.53 -29.31
N ASN C 169 -15.96 13.03 -28.34
CA ASN C 169 -17.29 13.53 -28.05
C ASN C 169 -17.31 14.44 -26.83
N GLY C 170 -16.15 14.77 -26.28
CA GLY C 170 -16.09 15.65 -25.12
C GLY C 170 -16.37 15.00 -23.79
N MET C 171 -16.40 13.67 -23.73
CA MET C 171 -16.68 12.94 -22.52
C MET C 171 -15.39 12.55 -21.80
N MET C 172 -15.50 12.34 -20.50
CA MET C 172 -14.37 11.87 -19.71
C MET C 172 -14.05 10.44 -20.09
N PHE C 173 -12.76 10.09 -20.03
CA PHE C 173 -12.34 8.73 -20.31
C PHE C 173 -12.88 7.77 -19.26
N ASP C 174 -13.37 6.63 -19.73
CA ASP C 174 -13.88 5.57 -18.85
C ASP C 174 -13.27 4.26 -19.29
N ALA C 175 -12.57 3.59 -18.37
CA ALA C 175 -11.94 2.32 -18.70
C ALA C 175 -12.98 1.21 -18.84
N LEU C 176 -14.11 1.34 -18.14
CA LEU C 176 -15.17 0.34 -18.21
C LEU C 176 -16.29 0.73 -19.16
N GLN C 177 -16.34 1.99 -19.60
CA GLN C 177 -17.32 2.52 -20.55
C GLN C 177 -18.74 2.31 -20.03
N ARG C 178 -19.04 2.94 -18.90
CA ARG C 178 -20.39 2.87 -18.33
C ARG C 178 -21.38 3.66 -19.18
N CYS C 179 -20.96 4.82 -19.67
CA CYS C 179 -21.81 5.69 -20.47
C CYS C 179 -21.19 5.90 -21.85
N VAL C 180 -22.01 5.80 -22.89
CA VAL C 180 -21.57 5.99 -24.26
C VAL C 180 -22.36 7.15 -24.86
N PHE C 181 -21.92 7.59 -26.03
CA PHE C 181 -22.54 8.70 -26.75
C PHE C 181 -23.36 8.15 -27.90
N ASP C 182 -24.61 8.59 -27.98
CA ASP C 182 -25.52 8.20 -29.06
C ASP C 182 -25.65 9.39 -30.00
N GLU C 183 -25.00 9.30 -31.17
CA GLU C 183 -24.96 10.42 -32.10
C GLU C 183 -26.29 10.65 -32.81
N LYS C 184 -27.18 9.65 -32.83
CA LYS C 184 -28.46 9.84 -33.48
C LYS C 184 -29.36 10.79 -32.71
N THR C 185 -29.30 10.73 -31.38
CA THR C 185 -30.05 11.64 -30.53
C THR C 185 -29.18 12.72 -29.90
N GLY C 186 -27.86 12.58 -29.98
CA GLY C 186 -26.97 13.55 -29.37
C GLY C 186 -26.92 13.47 -27.85
N HIS C 187 -27.29 12.32 -27.28
CA HIS C 187 -27.41 12.17 -25.84
C HIS C 187 -26.42 11.14 -25.34
N VAL C 188 -26.08 11.26 -24.07
CA VAL C 188 -25.26 10.28 -23.37
C VAL C 188 -26.19 9.26 -22.73
N MET C 189 -25.90 7.97 -22.95
CA MET C 189 -26.71 6.88 -22.41
C MET C 189 -25.84 5.99 -21.55
N TYR C 190 -26.31 5.71 -20.34
CA TYR C 190 -25.62 4.79 -19.44
C TYR C 190 -25.99 3.36 -19.80
N VAL C 191 -25.03 2.60 -20.30
CA VAL C 191 -25.26 1.20 -20.62
C VAL C 191 -24.85 0.27 -19.48
N LYS C 192 -24.17 0.78 -18.46
CA LYS C 192 -23.81 0.03 -17.28
C LYS C 192 -24.11 0.86 -16.04
N ASP C 193 -24.21 0.21 -14.90
CA ASP C 193 -24.42 0.92 -13.65
C ASP C 193 -23.09 1.48 -13.15
N GLN C 194 -23.08 2.05 -11.94
CA GLN C 194 -21.89 2.74 -11.46
C GLN C 194 -20.76 1.79 -11.10
N VAL C 195 -21.04 0.50 -10.94
CA VAL C 195 -20.00 -0.46 -10.59
C VAL C 195 -19.53 -1.30 -11.77
N GLY C 196 -20.35 -1.47 -12.81
CA GLY C 196 -19.84 -2.07 -14.03
C GLY C 196 -20.66 -3.15 -14.70
N LYS C 197 -21.64 -3.74 -14.03
CA LYS C 197 -22.45 -4.75 -14.70
C LYS C 197 -23.39 -4.09 -15.69
N PRO C 198 -23.64 -4.71 -16.84
CA PRO C 198 -24.44 -4.05 -17.88
C PRO C 198 -25.90 -3.92 -17.49
N LEU C 199 -26.53 -2.88 -18.01
CA LEU C 199 -27.95 -2.63 -17.80
C LEU C 199 -28.75 -3.26 -18.93
N ASP C 200 -29.94 -3.76 -18.58
CA ASP C 200 -30.79 -4.40 -19.58
C ASP C 200 -31.36 -3.38 -20.55
N ALA C 201 -31.68 -2.19 -20.06
CA ALA C 201 -32.15 -1.10 -20.90
C ALA C 201 -31.26 0.12 -20.67
N PRO C 202 -30.64 0.68 -21.72
CA PRO C 202 -29.84 1.89 -21.51
C PRO C 202 -30.71 3.07 -21.12
N VAL C 203 -30.15 3.92 -20.26
CA VAL C 203 -30.89 5.02 -19.65
C VAL C 203 -30.28 6.33 -20.11
N ASP C 204 -31.12 7.24 -20.61
CA ASP C 204 -30.68 8.53 -21.11
C ASP C 204 -30.43 9.46 -19.92
N VAL C 205 -29.18 9.87 -19.74
CA VAL C 205 -28.89 10.88 -18.72
C VAL C 205 -28.85 12.27 -19.33
N GLY C 206 -29.14 12.40 -20.61
CA GLY C 206 -29.22 13.68 -21.26
C GLY C 206 -28.02 13.90 -22.15
N GLU C 207 -27.94 15.10 -22.69
CA GLU C 207 -26.88 15.47 -23.61
C GLU C 207 -25.78 16.22 -22.88
N PRO C 208 -24.56 16.21 -23.44
CA PRO C 208 -23.45 16.97 -22.81
C PRO C 208 -23.74 18.46 -22.75
N ILE C 209 -23.31 19.08 -21.67
CA ILE C 209 -23.40 20.53 -21.51
C ILE C 209 -22.43 21.19 -22.50
N PRO C 210 -22.83 22.24 -23.21
CA PRO C 210 -21.89 22.93 -24.09
C PRO C 210 -20.76 23.57 -23.30
N GLU C 211 -19.60 23.70 -23.95
CA GLU C 211 -18.39 24.16 -23.27
C GLU C 211 -18.52 25.60 -22.80
N ALA C 212 -19.27 26.43 -23.52
CA ALA C 212 -19.47 27.82 -23.11
C ALA C 212 -20.19 27.90 -21.78
N LYS C 213 -21.21 27.07 -21.58
CA LYS C 213 -21.88 26.99 -20.28
C LYS C 213 -20.97 26.37 -19.23
N LEU C 214 -20.14 25.40 -19.63
CA LEU C 214 -19.22 24.75 -18.70
C LEU C 214 -18.18 25.72 -18.16
N ARG C 215 -17.77 26.71 -18.96
CA ARG C 215 -16.88 27.75 -18.45
C ARG C 215 -17.55 28.57 -17.36
N GLU C 216 -18.85 28.84 -17.50
CA GLU C 216 -19.55 29.66 -16.53
C GLU C 216 -19.88 28.89 -15.25
N ILE C 217 -20.17 27.59 -15.34
CA ILE C 217 -20.68 26.86 -14.19
C ILE C 217 -19.62 26.00 -13.50
N THR C 218 -18.37 26.04 -13.94
CA THR C 218 -17.36 25.21 -13.32
C THR C 218 -16.89 25.80 -12.00
N THR C 219 -16.32 24.94 -11.16
CA THR C 219 -15.77 25.34 -9.87
C THR C 219 -14.26 25.11 -9.78
N ILE C 220 -13.60 24.84 -10.90
CA ILE C 220 -12.16 24.61 -10.91
C ILE C 220 -11.48 25.85 -11.48
N TYR C 221 -10.25 26.07 -11.05
CA TYR C 221 -9.42 27.14 -11.56
C TYR C 221 -8.49 26.58 -12.63
N ARG C 222 -8.41 27.25 -13.77
CA ARG C 222 -7.60 26.78 -14.88
C ARG C 222 -6.95 27.97 -15.56
N ASN C 223 -5.78 27.73 -16.15
CA ASN C 223 -5.09 28.80 -16.88
C ASN C 223 -5.85 29.16 -18.15
N ASP C 224 -6.41 28.16 -18.84
CA ASP C 224 -7.20 28.42 -20.03
C ASP C 224 -8.62 28.91 -19.71
N GLY C 225 -9.02 28.83 -18.44
CA GLY C 225 -10.30 29.39 -18.02
C GLY C 225 -10.11 30.60 -17.12
N VAL C 226 -10.41 30.44 -15.84
CA VAL C 226 -10.22 31.48 -14.84
C VAL C 226 -9.16 30.98 -13.86
N ALA C 227 -8.08 31.74 -13.72
CA ALA C 227 -6.97 31.36 -12.86
C ALA C 227 -7.08 32.08 -11.52
N MET C 228 -6.38 31.54 -10.51
CA MET C 228 -6.35 32.18 -9.20
C MET C 228 -5.59 33.49 -9.22
N ARG C 229 -4.71 33.71 -10.20
CA ARG C 229 -4.03 35.00 -10.30
C ARG C 229 -5.02 36.12 -10.61
N ALA C 230 -6.15 35.79 -11.23
CA ALA C 230 -7.25 36.72 -11.42
C ALA C 230 -8.15 36.82 -10.20
N ASP C 231 -7.92 36.02 -9.17
CA ASP C 231 -8.71 36.02 -7.95
C ASP C 231 -7.77 36.13 -6.75
N PRO C 232 -7.25 37.33 -6.48
CA PRO C 232 -6.30 37.48 -5.37
C PRO C 232 -6.93 37.37 -3.99
N ASP C 233 -8.26 37.48 -3.88
CA ASP C 233 -8.91 37.42 -2.58
C ASP C 233 -8.86 36.02 -1.99
N VAL C 234 -8.96 34.99 -2.84
CA VAL C 234 -8.93 33.61 -2.35
C VAL C 234 -7.51 33.27 -1.87
N ILE C 235 -6.50 33.71 -2.61
CA ILE C 235 -5.12 33.45 -2.23
C ILE C 235 -4.77 34.13 -0.91
N GLU C 236 -5.29 35.35 -0.70
CA GLU C 236 -5.05 36.05 0.55
C GLU C 236 -5.70 35.34 1.74
N VAL C 237 -6.91 34.79 1.53
CA VAL C 237 -7.58 34.05 2.60
C VAL C 237 -6.84 32.76 2.90
N VAL C 238 -6.33 32.07 1.86
CA VAL C 238 -5.56 30.85 2.06
C VAL C 238 -4.27 31.15 2.83
N LYS C 239 -3.59 32.24 2.48
CA LYS C 239 -2.37 32.63 3.17
C LYS C 239 -2.65 33.05 4.61
N ARG C 240 -3.78 33.71 4.85
CA ARG C 240 -4.16 34.07 6.21
C ARG C 240 -4.47 32.84 7.05
N ILE C 241 -5.14 31.84 6.46
CA ILE C 241 -5.41 30.59 7.17
C ILE C 241 -4.10 29.88 7.51
N HIS C 242 -3.17 29.84 6.55
CA HIS C 242 -1.88 29.21 6.79
C HIS C 242 -1.09 29.93 7.88
N ARG C 243 -1.07 31.26 7.86
CA ARG C 243 -0.34 32.02 8.87
C ARG C 243 -0.99 31.88 10.24
N ALA C 244 -2.33 31.85 10.30
CA ALA C 244 -3.02 31.66 11.57
C ALA C 244 -2.74 30.27 12.15
N ARG C 245 -2.71 29.25 11.29
CA ARG C 245 -2.35 27.91 11.75
C ARG C 245 -0.91 27.88 12.27
N THR C 246 0.01 28.55 11.57
CA THR C 246 1.41 28.59 12.01
C THR C 246 1.56 29.31 13.35
N LEU C 247 0.88 30.44 13.52
CA LEU C 247 0.99 31.20 14.75
C LEU C 247 0.31 30.47 15.91
N GLY C 248 -0.79 29.79 15.65
CA GLY C 248 -1.41 28.99 16.69
C GLY C 248 -0.58 27.79 17.09
N GLY C 249 0.10 27.17 16.13
CA GLY C 249 0.97 26.06 16.46
C GLY C 249 2.24 26.48 17.16
N TYR C 250 2.71 27.71 16.93
CA TYR C 250 3.92 28.17 17.59
C TYR C 250 3.65 28.48 19.06
N ILE C 251 2.85 29.52 19.31
CA ILE C 251 2.39 29.89 20.65
C ILE C 251 0.98 30.43 20.50
N PRO C 252 -0.03 29.80 21.08
CA PRO C 252 -1.43 30.21 20.86
C PRO C 252 -1.91 31.27 21.85
N THR C 253 -1.31 32.46 21.77
CA THR C 253 -1.68 33.58 22.61
C THR C 253 -2.08 34.78 21.75
N ASN C 254 -2.69 35.77 22.41
CA ASN C 254 -3.15 36.96 21.70
C ASN C 254 -1.99 37.82 21.21
N GLU C 255 -0.89 37.88 21.96
CA GLU C 255 0.24 38.72 21.54
C GLU C 255 0.96 38.13 20.33
N THR C 256 1.03 36.81 20.20
CA THR C 256 1.63 36.22 19.02
C THR C 256 0.73 36.36 17.79
N PHE C 257 -0.57 36.52 17.99
CA PHE C 257 -1.50 36.75 16.89
C PHE C 257 -1.61 38.22 16.52
N LYS C 258 -0.85 39.10 17.19
CA LYS C 258 -0.78 40.49 16.77
C LYS C 258 -0.02 40.65 15.46
N GLY C 259 0.83 39.69 15.12
CA GLY C 259 1.53 39.71 13.85
C GLY C 259 0.83 38.87 12.80
N LEU C 260 -0.50 38.95 12.76
CA LEU C 260 -1.30 38.19 11.82
C LEU C 260 -1.60 39.02 10.58
N VAL D 2 -4.55 33.92 42.02
CA VAL D 2 -5.05 33.33 40.79
C VAL D 2 -4.25 33.85 39.61
N LYS D 3 -4.29 33.13 38.49
CA LYS D 3 -3.60 33.55 37.28
C LYS D 3 -4.49 33.61 36.05
N TYR D 4 -5.65 32.96 36.06
CA TYR D 4 -6.61 33.03 34.96
C TYR D 4 -7.87 33.73 35.46
N GLU D 5 -8.28 34.80 34.77
CA GLU D 5 -9.49 35.53 35.10
C GLU D 5 -10.72 34.96 34.42
N ASP D 6 -10.58 33.84 33.70
CA ASP D 6 -11.71 33.26 32.98
C ASP D 6 -12.68 32.62 33.96
N LYS D 7 -13.96 32.94 33.80
CA LYS D 7 -15.04 32.33 34.57
C LYS D 7 -15.92 31.52 33.64
N ILE D 8 -16.38 30.37 34.12
CA ILE D 8 -17.27 29.51 33.34
C ILE D 8 -18.51 29.22 34.18
N SER D 9 -19.62 28.97 33.49
CA SER D 9 -20.85 28.52 34.13
C SER D 9 -21.05 27.04 33.81
N LEU D 10 -21.28 26.25 34.84
CA LEU D 10 -21.35 24.81 34.69
C LEU D 10 -22.79 24.35 34.52
N TYR D 11 -22.99 23.43 33.58
CA TYR D 11 -24.30 22.87 33.27
C TYR D 11 -24.22 21.35 33.38
N ASP D 12 -25.37 20.72 33.62
CA ASP D 12 -25.43 19.27 33.70
C ASP D 12 -25.69 18.70 32.30
N ALA D 13 -25.92 17.39 32.23
CA ALA D 13 -26.13 16.75 30.93
C ALA D 13 -27.50 17.07 30.33
N LYS D 14 -28.42 17.60 31.14
CA LYS D 14 -29.75 17.98 30.65
C LYS D 14 -29.83 19.45 30.26
N GLY D 15 -28.73 20.20 30.36
CA GLY D 15 -28.74 21.59 29.99
C GLY D 15 -29.20 22.55 31.07
N ASN D 16 -29.38 22.08 32.30
CA ASN D 16 -29.78 22.96 33.40
C ASN D 16 -28.55 23.55 34.08
N LEU D 17 -28.69 24.80 34.53
CA LEU D 17 -27.60 25.49 35.18
C LEU D 17 -27.29 24.87 36.54
N VAL D 18 -26.00 24.73 36.85
CA VAL D 18 -25.54 24.22 38.14
C VAL D 18 -24.93 25.34 38.97
N ALA D 19 -23.93 26.05 38.44
CA ALA D 19 -23.32 27.16 39.15
C ALA D 19 -22.76 28.14 38.13
N GLU D 20 -22.54 29.38 38.59
CA GLU D 20 -22.02 30.45 37.77
C GLU D 20 -20.71 30.99 38.36
N ASN D 21 -19.93 31.64 37.50
CA ASN D 21 -18.67 32.29 37.86
C ASN D 21 -17.66 31.31 38.46
N VAL D 22 -17.70 30.07 38.00
CA VAL D 22 -16.71 29.07 38.44
C VAL D 22 -15.38 29.40 37.79
N PRO D 23 -14.27 29.43 38.55
CA PRO D 23 -12.96 29.67 37.95
C PRO D 23 -12.56 28.55 37.00
N LEU D 24 -11.75 28.92 36.00
CA LEU D 24 -11.35 27.96 34.97
C LEU D 24 -10.46 26.86 35.53
N GLU D 25 -9.67 27.16 36.55
CA GLU D 25 -8.78 26.17 37.13
C GLU D 25 -9.50 25.21 38.07
N ALA D 26 -10.79 25.43 38.35
CA ALA D 26 -11.55 24.49 39.17
C ALA D 26 -11.78 23.16 38.48
N ILE D 27 -11.75 23.12 37.15
CA ILE D 27 -11.86 21.88 36.39
C ILE D 27 -10.51 21.38 35.91
N SER D 28 -9.42 22.00 36.37
CA SER D 28 -8.09 21.58 35.94
C SER D 28 -7.74 20.21 36.53
N PRO D 29 -7.02 19.38 35.79
CA PRO D 29 -6.57 18.09 36.36
C PRO D 29 -5.64 18.26 37.55
N LEU D 30 -4.92 19.39 37.65
CA LEU D 30 -4.05 19.63 38.77
C LEU D 30 -4.79 20.12 40.02
N TYR D 31 -6.09 20.38 39.91
CA TYR D 31 -6.84 20.90 41.05
C TYR D 31 -8.07 20.06 41.37
N ASN D 32 -8.70 19.50 40.35
CA ASN D 32 -9.97 18.78 40.52
C ASN D 32 -9.75 17.48 41.26
N PRO D 33 -10.41 17.25 42.40
CA PRO D 33 -10.23 15.98 43.11
C PRO D 33 -10.84 14.80 42.36
N THR D 34 -11.90 15.03 41.60
CA THR D 34 -12.54 13.95 40.85
C THR D 34 -11.61 13.39 39.78
N ILE D 35 -10.92 14.27 39.05
CA ILE D 35 -10.01 13.83 38.00
C ILE D 35 -8.84 13.06 38.59
N LYS D 36 -8.34 13.53 39.75
CA LYS D 36 -7.31 12.79 40.48
C LYS D 36 -7.78 11.40 40.87
N SER D 37 -9.03 11.31 41.35
CA SER D 37 -9.58 10.01 41.76
C SER D 37 -9.72 9.07 40.58
N MET D 38 -10.17 9.57 39.42
CA MET D 38 -10.26 8.72 38.23
C MET D 38 -8.88 8.27 37.77
N VAL D 39 -7.87 9.15 37.84
CA VAL D 39 -6.52 8.75 37.44
C VAL D 39 -5.98 7.66 38.35
N LYS D 40 -6.15 7.82 39.67
CA LYS D 40 -5.68 6.82 40.61
C LYS D 40 -6.43 5.49 40.45
N ASN D 41 -7.75 5.57 40.24
CA ASN D 41 -8.55 4.36 40.09
C ASN D 41 -8.19 3.62 38.80
N ILE D 42 -7.95 4.34 37.71
CA ILE D 42 -7.49 3.71 36.48
C ILE D 42 -6.12 3.07 36.69
N LYS D 43 -5.24 3.74 37.43
CA LYS D 43 -3.92 3.20 37.68
C LYS D 43 -3.95 1.93 38.54
N ARG D 44 -4.96 1.79 39.41
CA ARG D 44 -4.95 0.67 40.36
C ARG D 44 -6.03 -0.38 40.15
N THR D 45 -6.84 -0.30 39.09
CA THR D 45 -7.91 -1.27 38.88
C THR D 45 -7.48 -2.33 37.87
N VAL D 46 -7.70 -3.59 38.24
CA VAL D 46 -7.35 -4.74 37.41
C VAL D 46 -8.59 -5.60 37.22
N ALA D 47 -8.83 -6.02 35.98
CA ALA D 47 -9.94 -6.90 35.64
C ALA D 47 -9.42 -8.30 35.39
N VAL D 48 -10.01 -9.29 36.06
CA VAL D 48 -9.56 -10.67 36.00
C VAL D 48 -10.70 -11.53 35.45
N ASN D 49 -10.39 -12.33 34.43
CA ASN D 49 -11.36 -13.23 33.81
C ASN D 49 -11.13 -14.64 34.36
N LEU D 50 -11.91 -15.01 35.38
CA LEU D 50 -11.77 -16.34 35.97
C LEU D 50 -12.30 -17.42 35.04
N ALA D 51 -13.39 -17.14 34.32
CA ALA D 51 -13.93 -18.09 33.36
C ALA D 51 -12.96 -18.34 32.22
N GLY D 52 -12.27 -17.29 31.77
CA GLY D 52 -11.25 -17.46 30.75
C GLY D 52 -10.08 -18.30 31.24
N ILE D 53 -9.69 -18.11 32.50
CA ILE D 53 -8.61 -18.93 33.08
C ILE D 53 -9.03 -20.40 33.15
N GLU D 54 -10.28 -20.64 33.58
CA GLU D 54 -10.79 -22.01 33.65
C GLU D 54 -10.85 -22.67 32.28
N GLY D 55 -11.33 -21.92 31.28
CA GLY D 55 -11.40 -22.47 29.93
C GLY D 55 -10.03 -22.71 29.32
N THR D 56 -9.08 -21.81 29.58
CA THR D 56 -7.72 -21.98 29.07
C THR D 56 -7.04 -23.17 29.71
N LEU D 57 -7.19 -23.35 31.03
CA LEU D 57 -6.55 -24.45 31.71
C LEU D 57 -7.20 -25.78 31.39
N ALA D 58 -8.51 -25.80 31.17
CA ALA D 58 -9.20 -27.06 30.89
C ALA D 58 -8.80 -27.63 29.54
N ALA D 59 -8.68 -26.78 28.52
CA ALA D 59 -8.35 -27.22 27.17
C ALA D 59 -6.86 -27.13 26.87
N GLY D 60 -6.06 -26.58 27.77
CA GLY D 60 -4.64 -26.37 27.48
C GLY D 60 -4.40 -25.34 26.40
N LYS D 61 -5.17 -24.25 26.39
CA LYS D 61 -5.12 -23.23 25.36
C LYS D 61 -4.16 -22.11 25.69
N ILE D 62 -3.08 -22.41 26.42
CA ILE D 62 -2.10 -21.39 26.75
C ILE D 62 -1.30 -20.98 25.51
N GLY D 63 -0.76 -19.78 25.54
CA GLY D 63 -0.01 -19.25 24.42
C GLY D 63 -0.65 -18.02 23.81
N GLY D 64 -1.15 -18.16 22.59
CA GLY D 64 -1.79 -17.05 21.90
C GLY D 64 -2.88 -17.49 20.94
N LYS D 65 -2.89 -16.88 19.76
CA LYS D 65 -3.90 -17.21 18.76
C LYS D 65 -3.62 -18.58 18.15
N GLY D 66 -4.54 -19.51 18.35
CA GLY D 66 -4.39 -20.84 17.79
C GLY D 66 -3.38 -21.72 18.47
N CYS D 67 -2.89 -21.34 19.65
CA CYS D 67 -1.85 -22.09 20.35
C CYS D 67 -2.50 -23.04 21.35
N GLN D 68 -1.96 -24.27 21.41
CA GLN D 68 -2.47 -25.29 22.31
C GLN D 68 -1.35 -26.27 22.62
N VAL D 69 -1.09 -26.50 23.90
CA VAL D 69 -0.04 -27.40 24.35
C VAL D 69 -0.70 -28.68 24.84
N PRO D 70 -0.52 -29.81 24.14
CA PRO D 70 -1.07 -31.07 24.63
C PRO D 70 -0.34 -31.55 25.88
N GLY D 71 -1.11 -32.07 26.83
CA GLY D 71 -0.59 -32.61 28.06
C GLY D 71 -0.52 -31.62 29.21
N ARG D 72 -0.55 -30.34 28.92
CA ARG D 72 -0.51 -29.31 29.96
C ARG D 72 -1.92 -28.75 30.22
N THR D 73 -2.80 -29.64 30.67
CA THR D 73 -4.19 -29.28 30.96
C THR D 73 -4.44 -29.47 32.45
N LEU D 74 -5.04 -28.46 33.07
CA LEU D 74 -5.40 -28.51 34.49
C LEU D 74 -6.90 -28.33 34.63
N ASP D 75 -7.54 -29.21 35.38
CA ASP D 75 -8.98 -29.17 35.59
C ASP D 75 -9.26 -28.61 36.97
N ILE D 76 -9.36 -27.28 37.05
CA ILE D 76 -9.73 -26.59 38.28
C ILE D 76 -11.08 -25.92 38.06
N SER D 77 -11.70 -25.51 39.17
CA SER D 77 -13.00 -24.85 39.15
C SER D 77 -12.83 -23.46 39.77
N ALA D 78 -12.41 -22.50 38.94
CA ALA D 78 -12.20 -21.14 39.43
C ALA D 78 -13.50 -20.39 39.63
N VAL D 79 -14.48 -20.60 38.73
CA VAL D 79 -15.76 -19.91 38.85
C VAL D 79 -16.55 -20.43 40.03
N SER D 80 -16.49 -21.75 40.26
CA SER D 80 -17.24 -22.36 41.37
C SER D 80 -16.72 -21.87 42.72
N ASN D 81 -15.40 -21.76 42.87
CA ASN D 81 -14.85 -21.29 44.14
C ASN D 81 -15.00 -19.78 44.26
N ALA D 82 -14.32 -19.02 43.38
CA ALA D 82 -14.49 -17.58 43.19
C ALA D 82 -14.28 -16.73 44.44
N GLN D 83 -15.14 -16.92 45.45
CA GLN D 83 -15.06 -16.13 46.67
C GLN D 83 -13.81 -16.47 47.47
N ALA D 84 -13.45 -17.75 47.52
CA ALA D 84 -12.22 -18.16 48.20
C ALA D 84 -10.99 -17.61 47.50
N ILE D 85 -10.99 -17.65 46.16
CA ILE D 85 -9.88 -17.09 45.38
C ILE D 85 -9.80 -15.58 45.59
N ALA D 86 -10.95 -14.90 45.61
CA ALA D 86 -10.98 -13.46 45.83
C ALA D 86 -10.46 -13.11 47.22
N ASP D 87 -10.83 -13.90 48.23
CA ASP D 87 -10.35 -13.66 49.59
C ASP D 87 -8.85 -13.88 49.69
N GLU D 88 -8.33 -14.92 49.04
CA GLU D 88 -6.88 -15.16 49.04
C GLU D 88 -6.12 -14.05 48.33
N VAL D 89 -6.65 -13.58 47.19
CA VAL D 89 -6.01 -12.50 46.46
C VAL D 89 -6.03 -11.21 47.28
N GLU D 90 -7.14 -10.93 47.95
CA GLU D 90 -7.23 -9.75 48.80
C GLU D 90 -6.27 -9.85 49.98
N LYS D 91 -6.12 -11.04 50.57
CA LYS D 91 -5.21 -11.23 51.69
C LYS D 91 -3.75 -11.06 51.26
N ILE D 92 -3.40 -11.57 50.07
CA ILE D 92 -2.03 -11.41 49.58
C ILE D 92 -1.75 -9.95 49.22
N LEU D 93 -2.68 -9.30 48.52
CA LEU D 93 -2.50 -7.91 48.12
C LEU D 93 -2.66 -6.92 49.27
N LYS D 94 -3.12 -7.36 50.43
CA LYS D 94 -3.34 -6.48 51.57
C LYS D 94 -2.02 -5.93 52.08
N VAL D 95 -1.97 -4.62 52.35
CA VAL D 95 -0.76 -4.01 52.96
C VAL D 95 -1.12 -3.69 54.40
N SER D 96 -1.99 -2.71 54.62
CA SER D 96 -2.48 -2.40 55.99
C SER D 96 -3.87 -3.01 56.16
N GLU D 97 -4.45 -2.94 57.36
CA GLU D 97 -5.83 -3.44 57.54
C GLU D 97 -6.81 -2.43 56.98
N ASP D 98 -6.50 -1.13 57.13
CA ASP D 98 -7.36 -0.06 56.53
C ASP D 98 -6.91 0.17 55.09
N ASP D 99 -6.66 -0.91 54.34
CA ASP D 99 -6.15 -0.79 52.95
C ASP D 99 -7.29 -0.48 51.99
N ASP D 100 -6.96 -0.10 50.75
CA ASP D 100 -8.00 0.12 49.72
C ASP D 100 -8.05 -1.13 48.83
N THR D 101 -7.42 -2.22 49.28
CA THR D 101 -7.48 -3.50 48.53
C THR D 101 -8.95 -3.92 48.39
N ALA D 102 -9.43 -4.09 47.15
CA ALA D 102 -10.85 -4.44 46.93
C ALA D 102 -10.98 -5.47 45.82
N VAL D 103 -11.21 -6.74 46.17
CA VAL D 103 -11.43 -7.79 45.13
C VAL D 103 -12.90 -8.19 45.15
N LYS D 104 -13.69 -7.65 44.23
CA LYS D 104 -15.13 -7.92 44.18
C LYS D 104 -15.44 -8.89 43.04
N ILE D 105 -16.57 -9.56 43.18
CA ILE D 105 -16.98 -10.66 42.31
C ILE D 105 -17.97 -10.13 41.27
N ILE D 106 -17.69 -10.41 40.00
CA ILE D 106 -18.44 -9.86 38.88
C ILE D 106 -19.05 -11.01 38.09
N ASN D 107 -20.36 -10.88 37.78
CA ASN D 107 -21.11 -11.84 36.97
C ASN D 107 -21.12 -13.24 37.59
N GLY D 108 -21.33 -13.30 38.90
CA GLY D 108 -21.51 -14.57 39.59
C GLY D 108 -20.30 -15.48 39.62
N GLY D 109 -19.10 -14.92 39.79
CA GLY D 109 -17.91 -15.70 39.96
C GLY D 109 -17.05 -15.87 38.73
N LYS D 110 -17.54 -15.50 37.56
CA LYS D 110 -16.79 -15.67 36.33
C LYS D 110 -15.84 -14.53 36.03
N GLN D 111 -15.88 -13.46 36.81
CA GLN D 111 -14.96 -12.34 36.63
C GLN D 111 -14.65 -11.72 37.98
N LEU D 112 -13.49 -11.09 38.08
CA LEU D 112 -13.04 -10.42 39.28
C LEU D 112 -12.62 -8.99 38.95
N ALA D 113 -13.00 -8.06 39.83
CA ALA D 113 -12.62 -6.65 39.70
C ALA D 113 -11.79 -6.30 40.93
N VAL D 114 -10.47 -6.38 40.79
CA VAL D 114 -9.55 -6.18 41.90
C VAL D 114 -8.97 -4.77 41.81
N GLN D 115 -8.91 -4.09 42.95
CA GLN D 115 -8.27 -2.79 43.09
C GLN D 115 -7.13 -2.93 44.08
N VAL D 116 -5.90 -2.86 43.58
CA VAL D 116 -4.72 -2.97 44.43
C VAL D 116 -4.61 -1.70 45.27
N PRO D 117 -4.02 -1.76 46.47
CA PRO D 117 -3.92 -0.56 47.31
C PRO D 117 -2.98 0.47 46.72
N THR D 118 -3.24 1.73 47.10
CA THR D 118 -2.40 2.85 46.68
C THR D 118 -1.02 2.84 47.35
N ALA D 119 -0.84 2.03 48.40
CA ALA D 119 0.48 1.92 49.02
C ALA D 119 1.48 1.28 48.08
N ARG D 120 1.05 0.30 47.29
CA ARG D 120 1.95 -0.31 46.31
C ARG D 120 2.21 0.59 45.11
N LEU D 121 1.34 1.55 44.86
CA LEU D 121 1.55 2.51 43.77
C LEU D 121 2.29 3.75 44.20
N GLU D 122 2.37 4.02 45.51
CA GLU D 122 3.12 5.17 45.98
C GLU D 122 4.62 4.97 45.83
N VAL D 123 5.07 3.72 45.83
CA VAL D 123 6.49 3.42 45.69
C VAL D 123 6.75 2.74 44.35
N ALA D 124 5.92 3.04 43.36
CA ALA D 124 6.09 2.52 42.01
C ALA D 124 6.26 3.68 41.04
N ALA D 125 7.23 3.55 40.13
CA ALA D 125 7.45 4.57 39.12
C ALA D 125 6.45 4.49 37.98
N GLU D 126 5.71 3.40 37.86
CA GLU D 126 4.76 3.21 36.77
C GLU D 126 3.57 2.42 37.29
N TYR D 127 2.49 2.44 36.50
CA TYR D 127 1.23 1.84 36.88
C TYR D 127 1.20 0.32 36.73
N SER D 128 2.25 -0.29 36.18
CA SER D 128 2.25 -1.71 35.89
C SER D 128 2.32 -2.58 37.14
N VAL D 129 2.55 -1.99 38.32
CA VAL D 129 2.59 -2.75 39.57
C VAL D 129 1.25 -3.41 39.85
N SER D 130 0.15 -2.81 39.39
CA SER D 130 -1.18 -3.35 39.64
C SER D 130 -1.36 -4.70 38.96
N MET D 131 -1.04 -4.79 37.68
CA MET D 131 -1.29 -6.02 36.94
C MET D 131 -0.32 -7.12 37.34
N LEU D 132 0.95 -6.77 37.56
CA LEU D 132 1.94 -7.76 37.98
C LEU D 132 1.64 -8.28 39.38
N SER D 133 1.27 -7.38 40.30
CA SER D 133 0.92 -7.80 41.65
C SER D 133 -0.34 -8.66 41.66
N THR D 134 -1.34 -8.29 40.87
CA THR D 134 -2.57 -9.08 40.77
C THR D 134 -2.29 -10.45 40.16
N ALA D 135 -1.41 -10.50 39.15
CA ALA D 135 -1.05 -11.77 38.54
C ALA D 135 -0.33 -12.68 39.52
N MET D 136 0.60 -12.13 40.30
CA MET D 136 1.31 -12.92 41.31
C MET D 136 0.36 -13.40 42.41
N ALA D 137 -0.53 -12.52 42.89
CA ALA D 137 -1.49 -12.92 43.92
C ALA D 137 -2.45 -13.98 43.41
N LEU D 138 -2.88 -13.86 42.15
CA LEU D 138 -3.78 -14.83 41.55
C LEU D 138 -3.08 -16.17 41.34
N LYS D 139 -1.82 -16.16 40.93
CA LYS D 139 -1.06 -17.40 40.78
C LYS D 139 -0.91 -18.10 42.13
N GLU D 140 -0.57 -17.35 43.18
CA GLU D 140 -0.43 -17.94 44.51
C GLU D 140 -1.77 -18.47 45.02
N ALA D 141 -2.86 -17.73 44.79
CA ALA D 141 -4.19 -18.16 45.22
C ALA D 141 -4.63 -19.43 44.50
N LEU D 142 -4.35 -19.51 43.19
CA LEU D 142 -4.72 -20.71 42.45
C LEU D 142 -3.88 -21.91 42.86
N ILE D 143 -2.59 -21.70 43.15
CA ILE D 143 -1.72 -22.80 43.53
C ILE D 143 -2.08 -23.30 44.94
N LYS D 144 -2.46 -22.39 45.83
CA LYS D 144 -2.78 -22.81 47.19
C LYS D 144 -4.21 -23.31 47.34
N THR D 145 -5.15 -22.82 46.53
CA THR D 145 -6.55 -23.21 46.67
C THR D 145 -6.78 -24.61 46.13
N PHE D 146 -6.50 -24.83 44.85
CA PHE D 146 -6.41 -26.16 44.29
C PHE D 146 -4.95 -26.58 44.32
N ASN D 147 -4.67 -27.76 44.85
CA ASN D 147 -3.29 -28.18 45.11
C ASN D 147 -2.60 -28.49 43.78
N ILE D 148 -2.15 -27.43 43.12
CA ILE D 148 -1.43 -27.57 41.86
C ILE D 148 -0.05 -28.15 42.13
N ASP D 149 0.36 -29.11 41.30
CA ASP D 149 1.70 -29.67 41.39
C ASP D 149 2.74 -28.60 41.04
N MET D 150 3.96 -28.79 41.57
CA MET D 150 5.03 -27.83 41.37
C MET D 150 5.41 -27.71 39.89
N PHE D 151 5.21 -28.77 39.12
CA PHE D 151 5.55 -28.77 37.70
C PHE D 151 4.49 -28.17 36.80
N ASP D 152 3.37 -27.69 37.37
CA ASP D 152 2.31 -27.07 36.59
C ASP D 152 2.12 -25.58 36.92
N GLY D 153 2.97 -25.01 37.77
CA GLY D 153 2.90 -23.58 38.02
C GLY D 153 3.20 -22.75 36.81
N SER D 154 4.07 -23.25 35.91
CA SER D 154 4.32 -22.57 34.65
C SER D 154 3.08 -22.56 33.78
N THR D 155 2.31 -23.66 33.77
CA THR D 155 1.05 -23.69 33.04
C THR D 155 0.04 -22.70 33.62
N VAL D 156 -0.02 -22.60 34.95
CA VAL D 156 -0.90 -21.63 35.60
C VAL D 156 -0.50 -20.20 35.22
N HIS D 157 0.81 -19.92 35.23
CA HIS D 157 1.31 -18.60 34.86
C HIS D 157 0.99 -18.28 33.40
N ALA D 158 1.13 -19.26 32.51
CA ALA D 158 0.83 -19.06 31.10
C ALA D 158 -0.67 -18.80 30.89
N ALA D 159 -1.51 -19.48 31.67
CA ALA D 159 -2.95 -19.25 31.55
C ALA D 159 -3.33 -17.88 32.08
N ILE D 160 -2.66 -17.41 33.12
CA ILE D 160 -3.04 -16.14 33.72
C ILE D 160 -2.50 -14.96 32.92
N VAL D 161 -1.22 -14.95 32.62
CA VAL D 161 -0.56 -13.80 32.02
C VAL D 161 -0.38 -13.98 30.52
N GLY D 162 0.34 -15.02 30.11
CA GLY D 162 0.40 -15.37 28.70
C GLY D 162 1.59 -14.78 27.98
N ASN D 163 2.60 -15.62 27.75
CA ASN D 163 3.76 -15.31 26.91
C ASN D 163 4.55 -14.09 27.37
N TYR D 164 4.47 -13.72 28.66
CA TYR D 164 5.09 -12.46 29.08
C TYR D 164 6.63 -12.45 28.98
N PRO D 165 7.37 -13.44 29.48
CA PRO D 165 8.85 -13.34 29.34
C PRO D 165 9.32 -13.36 27.90
N GLN D 166 8.56 -13.96 26.98
CA GLN D 166 8.90 -13.96 25.57
C GLN D 166 8.34 -12.73 24.86
N VAL D 167 7.08 -12.42 25.08
CA VAL D 167 6.41 -11.27 24.47
C VAL D 167 6.12 -10.27 25.58
N MET D 168 6.71 -9.08 25.49
CA MET D 168 6.56 -8.10 26.55
C MET D 168 5.17 -7.46 26.56
N ASP D 169 4.15 -8.26 26.86
CA ASP D 169 2.76 -7.85 26.82
C ASP D 169 1.94 -8.99 27.43
N TYR D 170 0.66 -8.73 27.65
CA TYR D 170 -0.29 -9.73 28.11
C TYR D 170 -1.20 -10.06 26.93
N ALA D 171 -0.80 -11.03 26.13
CA ALA D 171 -1.51 -11.34 24.90
C ALA D 171 -2.55 -12.45 25.09
N GLY D 172 -2.09 -13.64 25.48
CA GLY D 172 -2.98 -14.79 25.57
C GLY D 172 -3.50 -15.05 26.97
N GLY D 173 -3.40 -14.05 27.85
CA GLY D 173 -3.83 -14.20 29.22
C GLY D 173 -5.27 -13.75 29.44
N ASN D 174 -5.67 -13.80 30.70
CA ASN D 174 -7.03 -13.43 31.11
C ASN D 174 -7.01 -12.35 32.17
N ILE D 175 -6.05 -11.43 32.08
CA ILE D 175 -5.94 -10.31 33.00
C ILE D 175 -5.77 -9.05 32.15
N ALA D 176 -6.52 -7.99 32.48
CA ALA D 176 -6.58 -6.83 31.62
C ALA D 176 -6.65 -5.55 32.46
N SER D 177 -6.20 -4.46 31.85
CA SER D 177 -6.27 -3.14 32.45
C SER D 177 -6.61 -2.13 31.36
N LEU D 178 -7.04 -0.94 31.79
CA LEU D 178 -7.38 0.11 30.84
C LEU D 178 -6.15 0.71 30.18
N LEU D 179 -4.96 0.53 30.77
CA LEU D 179 -3.72 1.07 30.24
C LEU D 179 -2.84 -0.06 29.73
N GLY D 180 -2.20 0.18 28.58
CA GLY D 180 -1.29 -0.78 28.01
C GLY D 180 0.09 -0.69 28.64
N ALA D 181 1.02 -1.47 28.08
CA ALA D 181 2.38 -1.46 28.57
C ALA D 181 3.05 -0.11 28.29
N PRO D 182 3.78 0.44 29.26
CA PRO D 182 4.45 1.74 29.03
C PRO D 182 5.53 1.70 27.96
N SER D 183 6.07 0.52 27.65
CA SER D 183 6.99 0.40 26.53
C SER D 183 6.28 0.29 25.20
N MET D 184 4.95 0.17 25.19
CA MET D 184 4.16 0.11 23.97
C MET D 184 3.39 1.39 23.73
N MET D 185 3.98 2.53 24.08
CA MET D 185 3.34 3.82 23.85
C MET D 185 3.83 4.43 22.55
N GLU D 186 2.96 5.24 21.94
CA GLU D 186 3.36 5.96 20.74
C GLU D 186 4.40 7.03 21.04
N GLY D 187 4.24 7.74 22.15
CA GLY D 187 5.20 8.74 22.57
C GLY D 187 5.28 8.74 24.08
N LEU D 188 6.18 9.56 24.60
CA LEU D 188 6.36 9.66 26.05
C LEU D 188 5.25 10.49 26.67
N GLY D 189 4.64 9.97 27.72
CA GLY D 189 3.48 10.60 28.31
C GLY D 189 2.16 10.24 27.67
N TYR D 190 2.12 9.20 26.84
CA TYR D 190 0.93 8.81 26.10
C TYR D 190 0.12 7.73 26.79
N ALA D 191 0.40 7.46 28.07
CA ALA D 191 -0.23 6.33 28.75
C ALA D 191 -1.73 6.55 28.95
N LEU D 192 -2.13 7.77 29.24
CA LEU D 192 -3.54 8.05 29.50
C LEU D 192 -4.40 8.11 28.24
N ARG D 193 -3.79 8.18 27.05
CA ARG D 193 -4.59 8.12 25.83
C ARG D 193 -4.69 6.70 25.30
N ASN D 194 -4.97 5.73 26.16
CA ASN D 194 -5.07 4.34 25.73
C ASN D 194 -6.49 3.81 25.77
N ILE D 195 -7.40 4.49 26.46
CA ILE D 195 -8.79 4.05 26.55
C ILE D 195 -9.46 4.32 25.22
N PRO D 196 -9.99 3.28 24.54
CA PRO D 196 -10.67 3.51 23.26
C PRO D 196 -12.02 4.19 23.43
N VAL D 197 -12.65 4.52 22.30
CA VAL D 197 -13.96 5.14 22.33
C VAL D 197 -15.01 4.18 22.90
N ASN D 198 -14.92 2.91 22.53
CA ASN D 198 -15.93 1.93 22.94
C ASN D 198 -15.89 1.69 24.44
N HIS D 199 -14.70 1.71 25.05
CA HIS D 199 -14.60 1.55 26.50
C HIS D 199 -15.26 2.72 27.22
N ALA D 200 -15.05 3.94 26.72
CA ALA D 200 -15.67 5.11 27.32
C ALA D 200 -17.18 5.09 27.15
N VAL D 201 -17.67 4.62 26.00
CA VAL D 201 -19.10 4.56 25.76
C VAL D 201 -19.75 3.50 26.65
N ALA D 202 -19.11 2.33 26.78
CA ALA D 202 -19.66 1.26 27.61
C ALA D 202 -19.59 1.60 29.10
N THR D 203 -18.56 2.34 29.52
CA THR D 203 -18.45 2.73 30.93
C THR D 203 -19.55 3.70 31.31
N THR D 204 -19.94 4.59 30.40
CA THR D 204 -20.94 5.60 30.66
C THR D 204 -22.35 5.13 30.32
N LYS D 205 -22.51 3.85 29.97
CA LYS D 205 -23.80 3.24 29.62
C LYS D 205 -24.46 3.95 28.45
N LYS D 206 -23.66 4.20 27.40
CA LYS D 206 -24.11 4.80 26.13
C LYS D 206 -24.77 6.16 26.33
N ASN D 207 -24.26 6.94 27.27
CA ASN D 207 -24.72 8.30 27.49
C ASN D 207 -23.80 9.26 26.73
N MET D 208 -24.41 10.22 26.03
CA MET D 208 -23.65 11.08 25.12
C MET D 208 -22.70 12.00 25.88
N MET D 209 -23.25 12.85 26.74
CA MET D 209 -22.45 13.87 27.41
C MET D 209 -21.44 13.26 28.38
N ASN D 210 -21.81 12.16 29.04
CA ASN D 210 -20.90 11.52 29.98
C ASN D 210 -19.72 10.87 29.26
N ALA D 211 -19.97 10.25 28.10
CA ALA D 211 -18.86 9.68 27.33
C ALA D 211 -17.95 10.78 26.79
N ILE D 212 -18.54 11.89 26.35
CA ILE D 212 -17.74 13.04 25.90
C ILE D 212 -16.88 13.56 27.04
N ALA D 213 -17.46 13.69 28.24
CA ALA D 213 -16.72 14.18 29.40
C ALA D 213 -15.60 13.23 29.78
N PHE D 214 -15.85 11.92 29.74
CA PHE D 214 -14.81 10.94 30.06
C PHE D 214 -13.65 11.02 29.08
N SER D 215 -13.95 11.04 27.78
CA SER D 215 -12.89 11.10 26.76
C SER D 215 -12.11 12.40 26.86
N SER D 216 -12.81 13.52 27.08
CA SER D 216 -12.12 14.81 27.18
C SER D 216 -11.26 14.89 28.43
N VAL D 217 -11.75 14.36 29.56
CA VAL D 217 -10.98 14.40 30.79
C VAL D 217 -9.69 13.59 30.64
N MET D 218 -9.80 12.38 30.07
CA MET D 218 -8.61 11.56 29.86
C MET D 218 -7.65 12.22 28.87
N GLU D 219 -8.16 12.77 27.77
CA GLU D 219 -7.29 13.36 26.76
C GLU D 219 -6.57 14.60 27.27
N GLN D 220 -7.28 15.49 27.97
CA GLN D 220 -6.64 16.70 28.45
C GLN D 220 -5.74 16.46 29.65
N THR D 221 -6.09 15.50 30.52
CA THR D 221 -5.15 15.09 31.57
C THR D 221 -3.90 14.47 30.96
N ALA D 222 -4.03 13.76 29.84
CA ALA D 222 -2.87 13.24 29.15
C ALA D 222 -2.02 14.36 28.56
N THR D 223 -2.65 15.41 28.01
CA THR D 223 -1.88 16.54 27.51
C THR D 223 -1.15 17.26 28.64
N PHE D 224 -1.74 17.28 29.83
CA PHE D 224 -1.01 17.75 31.00
C PHE D 224 0.15 16.82 31.34
N GLU D 225 -0.05 15.51 31.16
CA GLU D 225 1.02 14.53 31.42
C GLU D 225 2.13 14.63 30.39
N MET D 226 1.79 14.90 29.13
CA MET D 226 2.79 15.02 28.07
C MET D 226 3.65 16.27 28.21
N GLY D 227 3.29 17.20 29.08
CA GLY D 227 3.94 18.49 29.11
C GLY D 227 3.46 19.46 28.06
N ASP D 228 2.44 19.08 27.28
CA ASP D 228 1.92 19.96 26.25
C ASP D 228 1.20 21.15 26.87
N ALA D 229 0.34 20.90 27.86
CA ALA D 229 -0.42 21.96 28.53
C ALA D 229 0.41 22.60 29.65
N VAL D 230 1.54 23.17 29.25
CA VAL D 230 2.49 23.77 30.17
C VAL D 230 2.82 25.16 29.65
N GLY D 231 2.61 26.17 30.48
CA GLY D 231 2.97 27.55 30.12
C GLY D 231 1.83 28.24 29.36
N SER D 232 2.07 28.54 28.09
CA SER D 232 1.12 29.28 27.27
C SER D 232 0.05 28.40 26.63
N PHE D 233 0.18 27.08 26.74
CA PHE D 233 -0.81 26.15 26.18
C PHE D 233 -1.79 25.66 27.23
N GLU D 234 -1.51 25.92 28.51
CA GLU D 234 -2.37 25.43 29.59
C GLU D 234 -3.75 26.06 29.53
N ARG D 235 -3.82 27.36 29.23
CA ARG D 235 -5.11 28.04 29.13
C ARG D 235 -5.95 27.47 27.99
N GLN D 236 -5.32 27.21 26.84
CA GLN D 236 -6.05 26.65 25.71
C GLN D 236 -6.52 25.23 26.00
N HIS D 237 -5.73 24.45 26.74
CA HIS D 237 -6.18 23.08 27.02
C HIS D 237 -7.27 23.05 28.09
N LEU D 238 -7.18 23.95 29.07
CA LEU D 238 -8.24 24.06 30.07
C LEU D 238 -9.55 24.53 29.45
N LEU D 239 -9.48 25.53 28.56
CA LEU D 239 -10.67 25.99 27.86
C LEU D 239 -11.25 24.92 26.96
N GLY D 240 -10.37 24.16 26.28
CA GLY D 240 -10.83 23.07 25.45
C GLY D 240 -11.54 21.99 26.25
N LEU D 241 -10.97 21.62 27.40
CA LEU D 241 -11.61 20.64 28.28
C LEU D 241 -12.97 21.14 28.77
N ALA D 242 -13.02 22.39 29.24
CA ALA D 242 -14.24 22.94 29.82
C ALA D 242 -15.35 23.05 28.77
N TYR D 243 -15.03 23.53 27.58
CA TYR D 243 -16.06 23.77 26.58
C TYR D 243 -16.38 22.57 25.73
N GLN D 244 -15.48 21.60 25.60
CA GLN D 244 -15.75 20.43 24.78
C GLN D 244 -16.29 19.27 25.59
N GLY D 245 -15.76 19.04 26.78
CA GLY D 245 -16.17 17.86 27.53
C GLY D 245 -17.17 18.11 28.63
N LEU D 246 -17.08 19.26 29.28
CA LEU D 246 -17.88 19.55 30.46
C LEU D 246 -19.03 20.50 30.20
N ASN D 247 -19.25 20.90 28.93
CA ASN D 247 -20.37 21.74 28.51
C ASN D 247 -20.39 23.07 29.27
N ALA D 248 -19.27 23.79 29.19
CA ALA D 248 -19.18 25.10 29.80
C ALA D 248 -20.05 26.08 29.04
N ASP D 249 -20.85 26.86 29.78
CA ASP D 249 -21.81 27.84 29.27
C ASP D 249 -22.85 27.21 28.34
N ASN D 250 -23.08 25.91 28.48
CA ASN D 250 -24.11 25.15 27.76
C ASN D 250 -23.95 25.25 26.25
N LEU D 251 -22.72 25.37 25.76
CA LEU D 251 -22.48 25.64 24.35
C LEU D 251 -22.87 24.46 23.46
N VAL D 252 -22.48 23.25 23.87
CA VAL D 252 -22.77 22.06 23.06
C VAL D 252 -24.27 21.81 22.98
N ILE D 253 -24.95 21.90 24.12
CA ILE D 253 -26.40 21.70 24.17
C ILE D 253 -27.12 22.78 23.39
N ASP D 254 -26.65 24.04 23.49
CA ASP D 254 -27.27 25.13 22.75
C ASP D 254 -27.12 24.96 21.25
N PHE D 255 -25.92 24.55 20.79
CA PHE D 255 -25.72 24.35 19.35
C PHE D 255 -26.54 23.17 18.84
N ILE D 256 -26.64 22.08 19.62
CA ILE D 256 -27.44 20.94 19.22
C ILE D 256 -28.92 21.32 19.16
N LYS D 257 -29.41 22.08 20.15
CA LYS D 257 -30.80 22.52 20.14
C LYS D 257 -31.08 23.45 18.98
N ALA D 258 -30.15 24.34 18.66
CA ALA D 258 -30.33 25.24 17.52
C ALA D 258 -30.24 24.51 16.18
N ASN D 259 -29.58 23.35 16.14
CA ASN D 259 -29.45 22.63 14.88
C ASN D 259 -30.08 21.24 14.96
N ALA D 260 -31.28 21.14 15.51
CA ALA D 260 -31.99 19.86 15.58
C ALA D 260 -32.33 19.33 14.20
N LYS D 261 -32.81 20.20 13.32
CA LYS D 261 -33.10 19.84 11.93
C LYS D 261 -31.95 20.18 10.98
N GLY D 262 -30.85 20.73 11.50
CA GLY D 262 -29.84 21.33 10.66
C GLY D 262 -28.80 20.35 10.15
N THR D 263 -27.80 20.93 9.48
CA THR D 263 -26.67 20.20 8.91
C THR D 263 -25.39 20.69 9.59
N VAL D 264 -24.25 20.23 9.08
CA VAL D 264 -22.94 20.66 9.60
C VAL D 264 -22.71 22.14 9.33
N GLY D 265 -23.11 22.60 8.14
CA GLY D 265 -22.96 24.02 7.81
C GLY D 265 -23.81 24.93 8.69
N SER D 266 -25.00 24.48 9.08
CA SER D 266 -25.82 25.25 10.00
C SER D 266 -25.16 25.32 11.39
N VAL D 267 -24.49 24.23 11.80
CA VAL D 267 -23.74 24.25 13.05
C VAL D 267 -22.59 25.25 12.96
N VAL D 268 -21.91 25.28 11.81
CA VAL D 268 -20.84 26.26 11.59
C VAL D 268 -21.38 27.68 11.70
N GLU D 269 -22.55 27.92 11.09
CA GLU D 269 -23.17 29.25 11.13
C GLU D 269 -23.53 29.65 12.56
N THR D 270 -24.09 28.72 13.33
CA THR D 270 -24.46 29.03 14.72
C THR D 270 -23.23 29.26 15.58
N VAL D 271 -22.14 28.53 15.32
CA VAL D 271 -20.90 28.74 16.06
C VAL D 271 -20.31 30.12 15.78
N ILE D 272 -20.31 30.51 14.50
CA ILE D 272 -19.80 31.84 14.15
C ILE D 272 -20.67 32.94 14.74
N ASP D 273 -22.00 32.74 14.73
CA ASP D 273 -22.90 33.71 15.32
C ASP D 273 -22.69 33.85 16.82
N ARG D 274 -22.52 32.71 17.51
CA ARG D 274 -22.27 32.75 18.96
C ARG D 274 -20.93 33.40 19.29
N ALA D 275 -19.90 33.11 18.50
CA ALA D 275 -18.59 33.71 18.75
C ALA D 275 -18.58 35.21 18.45
N ILE D 276 -19.36 35.65 17.47
CA ILE D 276 -19.50 37.08 17.23
C ILE D 276 -20.27 37.75 18.36
N ALA D 277 -21.36 37.12 18.81
CA ALA D 277 -22.20 37.69 19.86
C ALA D 277 -21.47 37.77 21.19
N ASP D 278 -20.64 36.78 21.51
CA ASP D 278 -19.89 36.78 22.75
C ASP D 278 -18.63 37.62 22.70
N GLY D 279 -18.31 38.21 21.55
CA GLY D 279 -17.12 39.02 21.41
C GLY D 279 -15.84 38.25 21.28
N VAL D 280 -15.90 36.94 21.02
CA VAL D 280 -14.69 36.14 20.89
C VAL D 280 -13.95 36.48 19.60
N ILE D 281 -14.68 36.70 18.51
CA ILE D 281 -14.07 37.05 17.24
C ILE D 281 -14.64 38.38 16.77
N VAL D 282 -13.83 39.13 16.03
CA VAL D 282 -14.20 40.42 15.48
C VAL D 282 -13.82 40.45 14.01
N VAL D 283 -14.34 41.45 13.30
CA VAL D 283 -14.02 41.62 11.89
C VAL D 283 -12.62 42.19 11.75
N ASP D 284 -11.77 41.49 11.00
CA ASP D 284 -10.43 41.99 10.72
C ASP D 284 -10.46 43.07 9.65
N LYS D 285 -10.86 42.70 8.43
CA LYS D 285 -10.96 43.63 7.33
C LYS D 285 -11.91 43.06 6.29
N THR D 286 -12.45 43.95 5.47
CA THR D 286 -13.34 43.57 4.37
C THR D 286 -12.58 43.66 3.07
N MET D 287 -12.60 42.57 2.30
CA MET D 287 -11.91 42.54 1.02
C MET D 287 -12.72 43.28 -0.04
N SER D 288 -12.18 43.32 -1.26
CA SER D 288 -12.87 43.99 -2.36
C SER D 288 -14.15 43.26 -2.74
N SER D 289 -14.13 41.94 -2.73
CA SER D 289 -15.29 41.13 -3.08
C SER D 289 -16.10 40.77 -1.83
N GLY D 290 -16.42 41.76 -1.01
CA GLY D 290 -17.05 41.49 0.27
C GLY D 290 -16.12 40.68 1.16
N PHE D 291 -16.69 39.69 1.83
CA PHE D 291 -15.97 38.70 2.66
C PHE D 291 -15.13 39.40 3.74
N ASN D 292 -15.84 39.98 4.70
CA ASN D 292 -15.16 40.58 5.84
C ASN D 292 -14.41 39.51 6.63
N MET D 293 -13.08 39.61 6.66
CA MET D 293 -12.25 38.66 7.37
C MET D 293 -12.46 38.76 8.87
N TYR D 294 -12.27 37.64 9.55
CA TYR D 294 -12.46 37.56 11.00
C TYR D 294 -11.14 37.21 11.68
N LYS D 295 -10.88 37.86 12.79
CA LYS D 295 -9.73 37.58 13.63
C LYS D 295 -10.18 37.32 15.05
N PRO D 296 -9.46 36.49 15.80
CA PRO D 296 -9.90 36.18 17.17
C PRO D 296 -9.46 37.27 18.15
N ALA D 297 -10.43 37.81 18.89
CA ALA D 297 -10.10 38.66 20.02
C ALA D 297 -9.57 37.84 21.20
N ASP D 298 -9.99 36.58 21.31
CA ASP D 298 -9.45 35.64 22.28
C ASP D 298 -9.17 34.34 21.54
N VAL D 299 -7.89 34.02 21.35
CA VAL D 299 -7.52 32.89 20.49
C VAL D 299 -7.92 31.57 21.12
N ASN D 300 -7.61 31.38 22.41
CA ASN D 300 -7.92 30.13 23.08
C ASN D 300 -9.43 29.95 23.26
N LYS D 301 -10.15 31.04 23.52
CA LYS D 301 -11.60 30.97 23.64
C LYS D 301 -12.24 30.64 22.29
N TRP D 302 -11.69 31.17 21.20
CA TRP D 302 -12.18 30.82 19.88
C TRP D 302 -11.93 29.34 19.57
N ASN D 303 -10.77 28.83 19.97
CA ASN D 303 -10.49 27.41 19.81
C ASN D 303 -11.46 26.55 20.61
N ALA D 304 -11.78 26.98 21.84
CA ALA D 304 -12.74 26.25 22.66
C ALA D 304 -14.14 26.28 22.07
N TYR D 305 -14.56 27.43 21.55
CA TYR D 305 -15.86 27.54 20.90
C TYR D 305 -15.94 26.65 19.67
N ALA D 306 -14.86 26.62 18.87
CA ALA D 306 -14.84 25.76 17.70
C ALA D 306 -14.85 24.28 18.08
N ALA D 307 -14.19 23.92 19.19
CA ALA D 307 -14.20 22.53 19.64
C ALA D 307 -15.58 22.10 20.12
N ALA D 308 -16.27 22.99 20.86
CA ALA D 308 -17.63 22.71 21.28
C ALA D 308 -18.56 22.56 20.08
N GLY D 309 -18.40 23.45 19.09
CA GLY D 309 -19.16 23.31 17.87
C GLY D 309 -18.83 22.07 17.08
N LEU D 310 -17.58 21.61 17.16
CA LEU D 310 -17.20 20.37 16.51
C LEU D 310 -17.92 19.17 17.12
N VAL D 311 -17.97 19.13 18.45
CA VAL D 311 -18.71 18.07 19.15
C VAL D 311 -20.19 18.14 18.79
N ALA D 312 -20.75 19.36 18.76
CA ALA D 312 -22.16 19.52 18.43
C ALA D 312 -22.46 19.12 16.99
N ALA D 313 -21.54 19.42 16.06
CA ALA D 313 -21.73 19.05 14.67
C ALA D 313 -21.69 17.53 14.49
N VAL D 314 -20.77 16.87 15.19
CA VAL D 314 -20.73 15.41 15.14
C VAL D 314 -22.01 14.82 15.70
N ALA D 315 -22.49 15.38 16.82
CA ALA D 315 -23.74 14.90 17.42
C ALA D 315 -24.93 15.11 16.49
N VAL D 316 -25.00 16.26 15.83
CA VAL D 316 -26.13 16.57 14.95
C VAL D 316 -26.13 15.64 13.73
N SER D 317 -24.97 15.48 13.09
CA SER D 317 -24.92 14.65 11.88
C SER D 317 -25.12 13.18 12.21
N CYS D 318 -24.50 12.68 13.28
CA CYS D 318 -24.64 11.29 13.64
C CYS D 318 -25.96 10.98 14.35
N GLY D 319 -26.71 12.00 14.77
CA GLY D 319 -28.05 11.77 15.27
C GLY D 319 -29.05 11.83 14.14
N ALA D 320 -28.73 12.58 13.09
CA ALA D 320 -29.53 12.53 11.88
C ALA D 320 -29.40 11.18 11.18
N ALA D 321 -28.16 10.71 11.01
CA ALA D 321 -27.96 9.44 10.33
C ALA D 321 -28.19 8.23 11.24
N ARG D 322 -28.07 8.41 12.56
CA ARG D 322 -28.11 7.32 13.54
C ARG D 322 -27.07 6.24 13.23
N ALA D 323 -25.92 6.68 12.72
CA ALA D 323 -24.83 5.79 12.35
C ALA D 323 -23.53 6.47 12.73
N ALA D 324 -22.59 5.68 13.25
CA ALA D 324 -21.33 6.22 13.74
C ALA D 324 -20.23 6.23 12.70
N GLN D 325 -20.57 6.10 11.42
CA GLN D 325 -19.55 6.09 10.39
C GLN D 325 -19.21 7.48 9.86
N ASN D 326 -19.91 8.52 10.30
CA ASN D 326 -19.77 9.85 9.73
C ASN D 326 -18.75 10.73 10.43
N VAL D 327 -18.04 10.23 11.46
CA VAL D 327 -17.25 11.10 12.34
C VAL D 327 -16.14 11.80 11.59
N ALA D 328 -15.44 11.07 10.73
CA ALA D 328 -14.27 11.62 10.05
C ALA D 328 -14.65 12.76 9.11
N SER D 329 -15.69 12.55 8.31
CA SER D 329 -16.13 13.57 7.36
C SER D 329 -16.65 14.80 8.09
N VAL D 330 -17.36 14.60 9.20
CA VAL D 330 -17.94 15.74 9.91
C VAL D 330 -16.84 16.63 10.49
N ILE D 331 -15.83 16.03 11.12
CA ILE D 331 -14.73 16.81 11.68
C ILE D 331 -13.95 17.51 10.58
N LEU D 332 -13.62 16.76 9.52
CA LEU D 332 -12.83 17.30 8.41
C LEU D 332 -13.52 18.48 7.76
N TYR D 333 -14.78 18.31 7.36
CA TYR D 333 -15.45 19.36 6.61
C TYR D 333 -16.08 20.41 7.50
N PHE D 334 -16.29 20.14 8.79
CA PHE D 334 -16.57 21.20 9.73
C PHE D 334 -15.41 22.18 9.79
N ASN D 335 -14.19 21.65 9.95
CA ASN D 335 -13.02 22.52 9.99
C ASN D 335 -12.82 23.24 8.66
N ASP D 336 -13.02 22.53 7.54
CA ASP D 336 -12.84 23.13 6.22
C ASP D 336 -13.84 24.26 5.97
N ILE D 337 -15.12 24.00 6.24
CA ILE D 337 -16.17 25.00 6.03
C ILE D 337 -15.96 26.19 6.94
N LEU D 338 -15.60 25.96 8.20
CA LEU D 338 -15.36 27.06 9.12
C LEU D 338 -14.17 27.92 8.67
N GLU D 339 -13.08 27.28 8.24
CA GLU D 339 -11.90 28.02 7.82
C GLU D 339 -12.17 28.85 6.57
N TYR D 340 -12.84 28.28 5.58
CA TYR D 340 -13.07 29.02 4.34
C TYR D 340 -14.36 29.84 4.38
N GLU D 341 -15.06 29.83 5.50
CA GLU D 341 -16.18 30.73 5.75
C GLU D 341 -15.74 31.97 6.51
N THR D 342 -14.79 31.82 7.45
CA THR D 342 -14.37 32.94 8.27
C THR D 342 -12.96 33.45 7.98
N GLY D 343 -12.08 32.61 7.46
CA GLY D 343 -10.67 32.97 7.37
C GLY D 343 -9.92 32.80 8.67
N LEU D 344 -10.53 32.18 9.66
CA LEU D 344 -10.16 31.82 11.02
C LEU D 344 -9.58 30.41 11.05
N PRO D 345 -8.69 30.10 11.99
CA PRO D 345 -8.20 28.72 12.08
C PRO D 345 -9.25 27.79 12.67
N GLY D 346 -9.14 26.52 12.32
CA GLY D 346 -10.05 25.51 12.83
C GLY D 346 -9.65 25.05 14.23
N VAL D 347 -10.24 23.93 14.63
CA VAL D 347 -9.92 23.34 15.92
C VAL D 347 -8.51 22.79 15.88
N ASP D 348 -7.70 23.16 16.88
CA ASP D 348 -6.31 22.75 17.05
C ASP D 348 -5.42 23.16 15.87
N TYR D 349 -5.82 24.21 15.14
CA TYR D 349 -5.05 24.81 14.05
C TYR D 349 -4.69 23.79 12.97
N GLY D 350 -5.68 23.00 12.57
CA GLY D 350 -5.52 22.00 11.53
C GLY D 350 -5.19 20.61 12.01
N ARG D 351 -4.81 20.45 13.28
CA ARG D 351 -4.53 19.12 13.80
C ARG D 351 -5.78 18.27 13.87
N SER D 352 -6.92 18.88 14.19
CA SER D 352 -8.20 18.15 14.17
C SER D 352 -8.55 17.69 12.76
N MET D 353 -8.31 18.55 11.76
CA MET D 353 -8.57 18.17 10.37
C MET D 353 -7.63 17.05 9.93
N GLY D 354 -6.36 17.11 10.32
CA GLY D 354 -5.43 16.04 10.00
C GLY D 354 -5.80 14.72 10.65
N THR D 355 -6.23 14.77 11.91
CA THR D 355 -6.71 13.56 12.59
C THR D 355 -8.01 13.06 11.98
N ALA D 356 -8.82 13.96 11.43
CA ALA D 356 -10.02 13.53 10.71
C ALA D 356 -9.67 12.82 9.41
N VAL D 357 -8.64 13.30 8.71
CA VAL D 357 -8.13 12.59 7.54
C VAL D 357 -7.61 11.22 7.94
N GLY D 358 -6.96 11.14 9.11
CA GLY D 358 -6.53 9.85 9.63
C GLY D 358 -7.69 8.91 9.92
N PHE D 359 -8.74 9.44 10.55
CA PHE D 359 -9.95 8.65 10.80
C PHE D 359 -10.57 8.18 9.49
N SER D 360 -10.55 9.05 8.47
CA SER D 360 -11.10 8.72 7.16
C SER D 360 -10.37 7.54 6.53
N PHE D 361 -9.04 7.61 6.49
CA PHE D 361 -8.34 6.50 5.85
C PHE D 361 -8.26 5.26 6.75
N PHE D 362 -8.53 5.41 8.04
CA PHE D 362 -8.50 4.26 8.94
C PHE D 362 -9.83 3.53 9.04
N SER D 363 -10.95 4.19 8.73
CA SER D 363 -12.25 3.58 8.92
C SER D 363 -13.11 3.56 7.66
N HIS D 364 -12.52 3.76 6.47
CA HIS D 364 -13.33 3.82 5.26
C HIS D 364 -12.69 3.15 4.05
N SER D 365 -11.75 2.23 4.24
CA SER D 365 -11.06 1.65 3.09
C SER D 365 -10.53 0.28 3.45
N ILE D 366 -10.14 -0.46 2.41
CA ILE D 366 -9.42 -1.72 2.62
C ILE D 366 -8.04 -1.45 3.20
N TYR D 367 -7.47 -0.27 2.94
CA TYR D 367 -6.29 0.16 3.69
C TYR D 367 -6.63 0.49 5.13
N GLY D 368 -7.90 0.75 5.44
CA GLY D 368 -8.31 0.99 6.80
C GLY D 368 -8.38 -0.29 7.61
N GLY D 369 -8.60 -0.12 8.91
CA GLY D 369 -8.78 -1.25 9.80
C GLY D 369 -9.64 -0.88 10.99
N GLY D 370 -10.74 -1.63 11.19
CA GLY D 370 -11.62 -1.37 12.29
C GLY D 370 -12.50 -0.16 12.07
N GLY D 371 -13.40 0.06 13.03
CA GLY D 371 -14.29 1.18 12.99
C GLY D 371 -13.87 2.28 13.93
N PRO D 372 -14.74 3.29 14.11
CA PRO D 372 -14.40 4.41 15.00
C PRO D 372 -14.45 4.07 16.48
N GLY D 373 -15.00 2.92 16.86
CA GLY D 373 -15.10 2.57 18.27
C GLY D 373 -13.77 2.23 18.92
N ILE D 374 -12.76 1.88 18.13
CA ILE D 374 -11.45 1.53 18.67
C ILE D 374 -10.46 2.70 18.52
N PHE D 375 -10.95 3.92 18.37
CA PHE D 375 -10.09 5.08 18.29
C PHE D 375 -9.55 5.42 19.67
N ASN D 376 -8.22 5.57 19.75
CA ASN D 376 -7.57 6.01 20.98
C ASN D 376 -6.36 6.85 20.60
N GLY D 377 -5.97 7.74 21.52
CA GLY D 377 -4.88 8.65 21.24
C GLY D 377 -3.49 8.05 21.24
N ASN D 378 -3.35 6.78 21.67
CA ASN D 378 -2.07 6.10 21.66
C ASN D 378 -1.84 5.34 20.35
N HIS D 379 -2.47 5.78 19.28
CA HIS D 379 -2.29 5.18 17.96
C HIS D 379 -1.66 6.22 17.04
N VAL D 380 -0.83 5.73 16.11
CA VAL D 380 -0.09 6.63 15.21
C VAL D 380 -1.05 7.39 14.29
N VAL D 381 -2.22 6.81 14.02
CA VAL D 381 -3.20 7.48 13.16
C VAL D 381 -3.86 8.64 13.90
N THR D 382 -4.12 8.48 15.19
CA THR D 382 -5.00 9.38 15.91
C THR D 382 -4.29 10.22 16.97
N ARG D 383 -2.96 10.22 17.00
CA ARG D 383 -2.22 10.89 18.07
C ARG D 383 -2.03 12.39 17.84
N HIS D 384 -2.35 12.90 16.65
CA HIS D 384 -1.88 14.21 16.26
C HIS D 384 -2.65 15.35 16.93
N SER D 385 -3.95 15.20 17.12
CA SER D 385 -4.73 16.20 17.82
C SER D 385 -4.58 16.01 19.33
N LYS D 386 -4.24 17.08 20.03
CA LYS D 386 -4.02 17.03 21.47
C LYS D 386 -5.36 17.18 22.18
N GLY D 387 -6.12 16.10 22.17
CA GLY D 387 -7.40 16.03 22.87
C GLY D 387 -8.51 16.90 22.31
N PHE D 388 -8.65 16.95 20.99
CA PHE D 388 -9.71 17.71 20.36
C PHE D 388 -10.49 16.94 19.30
N ALA D 389 -10.01 15.76 18.88
CA ALA D 389 -10.69 14.98 17.86
C ALA D 389 -11.31 13.70 18.37
N ILE D 390 -10.87 13.18 19.51
CA ILE D 390 -11.37 11.94 20.09
C ILE D 390 -12.72 12.09 20.80
N PRO D 391 -12.97 13.10 21.66
CA PRO D 391 -14.29 13.16 22.35
C PRO D 391 -15.50 13.28 21.44
N PRO D 392 -15.44 13.91 20.25
CA PRO D 392 -16.59 13.78 19.34
C PRO D 392 -16.89 12.36 18.87
N VAL D 393 -15.88 11.50 18.78
CA VAL D 393 -16.13 10.11 18.37
C VAL D 393 -16.98 9.38 19.41
N CYS D 394 -16.88 9.77 20.68
CA CYS D 394 -17.75 9.20 21.71
C CYS D 394 -19.20 9.58 21.48
N ALA D 395 -19.47 10.83 21.11
CA ALA D 395 -20.84 11.24 20.77
C ALA D 395 -21.35 10.49 19.56
N ALA D 396 -20.47 10.30 18.57
CA ALA D 396 -20.84 9.55 17.36
C ALA D 396 -21.22 8.11 17.68
N MET D 397 -20.41 7.45 18.54
CA MET D 397 -20.71 6.07 18.88
C MET D 397 -21.90 5.97 19.82
N CYS D 398 -22.17 7.02 20.60
CA CYS D 398 -23.37 7.02 21.43
C CYS D 398 -24.62 7.22 20.60
N ALA D 399 -24.52 7.92 19.47
CA ALA D 399 -25.64 8.14 18.58
C ALA D 399 -25.85 6.99 17.60
N ASP D 400 -25.00 5.97 17.63
CA ASP D 400 -25.10 4.87 16.68
C ASP D 400 -26.26 3.96 17.03
N ALA D 401 -27.07 3.62 16.02
CA ALA D 401 -28.21 2.71 16.20
C ALA D 401 -27.85 1.29 15.82
N GLY D 402 -26.74 0.78 16.36
CA GLY D 402 -26.37 -0.62 16.17
C GLY D 402 -26.06 -1.03 14.74
N THR D 403 -25.36 -0.19 13.99
CA THR D 403 -24.96 -0.51 12.63
C THR D 403 -23.45 -0.62 12.48
N GLN D 404 -22.73 -0.81 13.58
CA GLN D 404 -21.28 -0.92 13.57
C GLN D 404 -20.86 -2.32 14.02
N MET D 405 -19.89 -2.89 13.31
CA MET D 405 -19.35 -4.19 13.72
C MET D 405 -18.59 -4.05 15.03
N PHE D 406 -17.83 -2.97 15.19
CA PHE D 406 -17.13 -2.69 16.44
C PHE D 406 -18.04 -1.93 17.41
N SER D 407 -19.13 -2.60 17.77
CA SER D 407 -20.05 -2.05 18.75
C SER D 407 -19.41 -2.09 20.15
N PRO D 408 -19.83 -1.21 21.05
CA PRO D 408 -19.35 -1.29 22.43
C PRO D 408 -19.69 -2.60 23.13
N GLU D 409 -20.81 -3.23 22.74
CA GLU D 409 -21.19 -4.50 23.35
C GLU D 409 -20.23 -5.61 22.94
N HIS D 410 -19.70 -5.56 21.71
CA HIS D 410 -18.82 -6.60 21.23
C HIS D 410 -17.42 -6.46 21.80
N THR D 411 -16.97 -5.24 22.10
CA THR D 411 -15.58 -5.02 22.45
C THR D 411 -15.33 -4.57 23.89
N SER D 412 -16.35 -4.14 24.62
CA SER D 412 -16.11 -3.50 25.91
C SER D 412 -17.11 -3.95 26.97
N GLY D 413 -17.65 -5.16 26.86
CA GLY D 413 -18.60 -5.63 27.87
C GLY D 413 -17.96 -5.83 29.22
N LEU D 414 -16.76 -6.43 29.25
CA LEU D 414 -16.03 -6.60 30.50
C LEU D 414 -15.63 -5.26 31.09
N VAL D 415 -15.19 -4.32 30.24
CA VAL D 415 -14.80 -3.00 30.70
C VAL D 415 -15.98 -2.25 31.30
N GLY D 416 -17.13 -2.34 30.64
CA GLY D 416 -18.33 -1.70 31.19
C GLY D 416 -18.78 -2.32 32.50
N SER D 417 -18.76 -3.65 32.58
CA SER D 417 -19.19 -4.31 33.81
C SER D 417 -18.24 -4.05 34.97
N VAL D 418 -16.95 -3.85 34.69
CA VAL D 418 -15.99 -3.58 35.76
C VAL D 418 -16.05 -2.11 36.18
N TYR D 419 -15.91 -1.20 35.22
CA TYR D 419 -15.72 0.21 35.55
C TYR D 419 -17.01 1.00 35.64
N SER D 420 -18.16 0.40 35.35
CA SER D 420 -19.43 1.09 35.53
C SER D 420 -19.87 1.14 36.98
N ALA D 421 -19.26 0.33 37.85
CA ALA D 421 -19.64 0.34 39.26
C ALA D 421 -19.19 1.62 39.95
N PHE D 422 -18.09 2.22 39.50
CA PHE D 422 -17.60 3.45 40.10
C PHE D 422 -18.43 4.63 39.61
N ASP D 423 -18.81 5.51 40.54
CA ASP D 423 -19.70 6.61 40.20
C ASP D 423 -19.01 7.66 39.33
N GLU D 424 -17.74 7.93 39.59
CA GLU D 424 -17.00 8.93 38.83
C GLU D 424 -16.66 8.48 37.42
N PHE D 425 -16.83 7.20 37.11
CA PHE D 425 -16.60 6.67 35.78
C PHE D 425 -17.88 6.50 34.98
N ARG D 426 -18.96 6.05 35.64
CA ARG D 426 -20.25 5.91 34.98
C ARG D 426 -20.82 7.27 34.59
N GLU D 427 -20.71 8.27 35.48
CA GLU D 427 -21.18 9.62 35.21
C GLU D 427 -20.04 10.60 35.50
N PRO D 428 -19.04 10.68 34.60
CA PRO D 428 -17.91 11.58 34.85
C PRO D 428 -18.29 13.05 34.88
N MET D 429 -19.30 13.44 34.11
CA MET D 429 -19.67 14.86 34.00
C MET D 429 -20.17 15.40 35.32
N LYS D 430 -21.13 14.69 35.95
CA LYS D 430 -21.74 15.17 37.18
C LYS D 430 -20.73 15.26 38.31
N TYR D 431 -19.89 14.24 38.47
CA TYR D 431 -18.95 14.23 39.58
C TYR D 431 -17.77 15.15 39.34
N VAL D 432 -17.37 15.37 38.08
CA VAL D 432 -16.35 16.38 37.81
C VAL D 432 -16.89 17.78 38.10
N ILE D 433 -18.16 18.03 37.77
CA ILE D 433 -18.79 19.31 38.10
C ILE D 433 -18.87 19.49 39.61
N GLU D 434 -19.23 18.43 40.35
CA GLU D 434 -19.30 18.51 41.80
C GLU D 434 -17.92 18.75 42.43
N GLY D 435 -16.89 18.08 41.91
CA GLY D 435 -15.54 18.32 42.38
C GLY D 435 -15.04 19.72 42.08
N ALA D 436 -15.45 20.29 40.95
CA ALA D 436 -15.14 21.69 40.67
C ALA D 436 -15.88 22.62 41.63
N LEU D 437 -17.12 22.27 41.99
CA LEU D 437 -17.88 23.07 42.93
C LEU D 437 -17.27 23.02 44.33
N SER D 438 -16.63 21.90 44.69
CA SER D 438 -16.06 21.78 46.03
C SER D 438 -14.81 22.66 46.22
N ILE D 439 -14.18 23.11 45.14
CA ILE D 439 -12.93 23.86 45.26
C ILE D 439 -13.07 25.24 44.63
N LYS D 440 -14.31 25.76 44.59
CA LYS D 440 -14.54 27.08 44.02
C LYS D 440 -13.91 28.18 44.86
N ASP D 441 -14.04 28.09 46.18
CA ASP D 441 -13.65 29.19 47.06
C ASP D 441 -12.15 29.29 47.29
N GLN D 442 -11.37 28.29 46.90
CA GLN D 442 -9.94 28.34 47.11
C GLN D 442 -9.19 29.07 46.01
N PHE D 443 -9.89 29.55 44.99
CA PHE D 443 -9.24 30.29 43.91
C PHE D 443 -9.48 31.79 44.06
N VAL E 2 3.76 -6.64 61.31
CA VAL E 2 2.57 -7.23 61.89
C VAL E 2 2.53 -8.72 61.59
N LYS E 3 2.67 -9.07 60.31
CA LYS E 3 2.65 -10.46 59.90
C LYS E 3 4.04 -11.11 59.96
N TYR E 4 5.08 -10.33 60.24
CA TYR E 4 6.43 -10.86 60.39
C TYR E 4 6.90 -10.54 61.81
N GLU E 5 7.26 -11.58 62.55
CA GLU E 5 7.62 -11.44 63.95
C GLU E 5 9.13 -11.36 64.19
N ASP E 6 9.94 -11.39 63.13
CA ASP E 6 11.39 -11.32 63.30
C ASP E 6 11.85 -9.88 63.33
N LYS E 7 12.64 -9.54 64.34
CA LYS E 7 13.15 -8.19 64.54
C LYS E 7 14.58 -8.08 64.07
N ILE E 8 15.01 -6.85 63.78
CA ILE E 8 16.37 -6.54 63.39
C ILE E 8 16.88 -5.39 64.24
N SER E 9 18.20 -5.33 64.39
CA SER E 9 18.84 -4.14 64.92
C SER E 9 19.11 -3.17 63.79
N LEU E 10 19.57 -1.97 64.15
CA LEU E 10 19.91 -0.95 63.16
C LEU E 10 21.28 -0.37 63.48
N TYR E 11 22.15 -0.35 62.49
CA TYR E 11 23.49 0.22 62.63
C TYR E 11 23.71 1.22 61.50
N ASP E 12 24.56 2.22 61.76
CA ASP E 12 24.87 3.23 60.76
C ASP E 12 26.01 2.73 59.87
N ALA E 13 26.54 3.62 59.03
CA ALA E 13 27.63 3.24 58.15
C ALA E 13 28.95 3.09 58.91
N LYS E 14 29.05 3.62 60.12
CA LYS E 14 30.24 3.50 60.94
C LYS E 14 30.23 2.28 61.84
N GLY E 15 29.17 1.49 61.83
CA GLY E 15 29.08 0.32 62.68
C GLY E 15 28.60 0.57 64.08
N ASN E 16 28.10 1.76 64.38
CA ASN E 16 27.58 2.07 65.70
C ASN E 16 26.11 1.72 65.79
N LEU E 17 25.70 1.18 66.93
CA LEU E 17 24.31 0.79 67.14
C LEU E 17 23.41 2.02 67.20
N VAL E 18 22.27 1.94 66.52
CA VAL E 18 21.25 2.97 66.55
C VAL E 18 20.06 2.56 67.41
N ALA E 19 19.47 1.41 67.12
CA ALA E 19 18.33 0.91 67.90
C ALA E 19 18.25 -0.60 67.75
N GLU E 20 17.50 -1.21 68.66
CA GLU E 20 17.31 -2.65 68.70
C GLU E 20 15.83 -2.99 68.61
N ASN E 21 15.57 -4.25 68.25
CA ASN E 21 14.22 -4.82 68.19
C ASN E 21 13.31 -4.06 67.21
N VAL E 22 13.90 -3.55 66.15
CA VAL E 22 13.14 -2.88 65.09
C VAL E 22 12.45 -3.96 64.26
N PRO E 23 11.14 -3.85 64.03
CA PRO E 23 10.45 -4.84 63.19
C PRO E 23 10.93 -4.79 61.74
N LEU E 24 10.81 -5.93 61.06
CA LEU E 24 11.30 -6.04 59.69
C LEU E 24 10.52 -5.16 58.73
N GLU E 25 9.22 -4.97 58.97
CA GLU E 25 8.40 -4.14 58.10
C GLU E 25 8.67 -2.65 58.27
N ALA E 26 9.47 -2.24 59.26
CA ALA E 26 9.80 -0.84 59.41
C ALA E 26 10.71 -0.32 58.30
N ILE E 27 11.46 -1.19 57.63
CA ILE E 27 12.27 -0.81 56.48
C ILE E 27 11.62 -1.22 55.18
N SER E 28 10.37 -1.66 55.21
CA SER E 28 9.68 -2.06 53.99
C SER E 28 9.39 -0.84 53.12
N PRO E 29 9.48 -0.98 51.79
CA PRO E 29 9.11 0.14 50.90
C PRO E 29 7.66 0.57 51.05
N LEU E 30 6.77 -0.35 51.42
CA LEU E 30 5.37 -0.03 51.62
C LEU E 30 5.09 0.70 52.93
N TYR E 31 6.08 0.78 53.82
CA TYR E 31 5.87 1.41 55.11
C TYR E 31 6.85 2.52 55.42
N ASN E 32 8.10 2.39 55.01
CA ASN E 32 9.14 3.36 55.37
C ASN E 32 8.88 4.70 54.70
N PRO E 33 8.73 5.79 55.45
CA PRO E 33 8.49 7.10 54.82
C PRO E 33 9.66 7.59 54.00
N THR E 34 10.88 7.22 54.36
CA THR E 34 12.06 7.66 53.61
C THR E 34 12.10 7.02 52.23
N ILE E 35 11.74 5.74 52.12
CA ILE E 35 11.73 5.07 50.82
C ILE E 35 10.64 5.66 49.94
N LYS E 36 9.46 5.95 50.51
CA LYS E 36 8.39 6.60 49.76
C LYS E 36 8.81 7.97 49.29
N SER E 37 9.48 8.74 50.15
CA SER E 37 9.94 10.07 49.77
C SER E 37 11.03 9.99 48.69
N MET E 38 11.90 8.98 48.77
CA MET E 38 12.93 8.79 47.75
C MET E 38 12.31 8.45 46.40
N VAL E 39 11.28 7.60 46.39
CA VAL E 39 10.63 7.26 45.14
C VAL E 39 9.89 8.46 44.57
N LYS E 40 9.21 9.23 45.43
CA LYS E 40 8.50 10.42 44.95
C LYS E 40 9.47 11.47 44.41
N ASN E 41 10.60 11.68 45.09
CA ASN E 41 11.55 12.71 44.69
C ASN E 41 12.38 12.28 43.48
N ILE E 42 12.62 10.97 43.31
CA ILE E 42 13.36 10.50 42.15
C ILE E 42 12.54 10.61 40.88
N LYS E 43 11.21 10.74 40.99
CA LYS E 43 10.34 10.87 39.84
C LYS E 43 10.15 12.30 39.40
N ARG E 44 10.46 13.27 40.26
CA ARG E 44 10.23 14.67 39.96
C ARG E 44 11.51 15.48 39.80
N THR E 45 12.67 14.90 40.06
CA THR E 45 13.93 15.63 39.97
C THR E 45 14.54 15.47 38.58
N VAL E 46 14.87 16.60 37.96
CA VAL E 46 15.40 16.64 36.60
C VAL E 46 16.72 17.38 36.62
N ALA E 47 17.73 16.82 35.96
CA ALA E 47 19.05 17.43 35.84
C ALA E 47 19.11 18.23 34.53
N VAL E 48 19.52 19.49 34.63
CA VAL E 48 19.59 20.40 33.49
C VAL E 48 21.02 20.89 33.34
N ASN E 49 21.56 20.76 32.13
CA ASN E 49 22.91 21.24 31.80
C ASN E 49 22.76 22.56 31.06
N LEU E 50 22.86 23.67 31.81
CA LEU E 50 22.75 24.99 31.20
C LEU E 50 23.98 25.32 30.36
N ALA E 51 25.18 24.97 30.86
CA ALA E 51 26.39 25.17 30.07
C ALA E 51 26.40 24.29 28.84
N GLY E 52 25.85 23.08 28.95
CA GLY E 52 25.69 22.23 27.78
C GLY E 52 24.74 22.83 26.76
N ILE E 53 23.65 23.46 27.24
CA ILE E 53 22.70 24.12 26.34
C ILE E 53 23.38 25.27 25.62
N GLU E 54 24.15 26.07 26.35
CA GLU E 54 24.84 27.22 25.76
C GLU E 54 25.89 26.76 24.74
N GLY E 55 26.65 25.72 25.06
CA GLY E 55 27.64 25.20 24.13
C GLY E 55 27.03 24.57 22.91
N THR E 56 25.90 23.87 23.08
CA THR E 56 25.22 23.26 21.95
C THR E 56 24.64 24.31 21.03
N LEU E 57 24.05 25.37 21.59
CA LEU E 57 23.47 26.41 20.75
C LEU E 57 24.55 27.27 20.09
N ALA E 58 25.66 27.50 20.78
CA ALA E 58 26.70 28.39 20.24
C ALA E 58 27.41 27.77 19.04
N ALA E 59 27.59 26.45 19.05
CA ALA E 59 28.26 25.77 17.96
C ALA E 59 27.32 25.04 17.02
N GLY E 60 26.02 25.04 17.32
CA GLY E 60 25.08 24.28 16.51
C GLY E 60 25.27 22.79 16.62
N LYS E 61 25.52 22.28 17.82
CA LYS E 61 25.85 20.87 18.04
C LYS E 61 24.61 20.01 18.24
N ILE E 62 23.46 20.41 17.71
CA ILE E 62 22.25 19.63 17.87
C ILE E 62 22.31 18.39 16.99
N GLY E 63 21.66 17.32 17.45
CA GLY E 63 21.59 16.10 16.67
C GLY E 63 22.12 14.86 17.37
N GLY E 64 23.20 15.01 18.13
CA GLY E 64 23.77 13.87 18.82
C GLY E 64 25.27 13.71 18.64
N LYS E 65 25.70 12.51 18.26
CA LYS E 65 27.11 12.19 18.19
C LYS E 65 27.70 12.74 16.90
N GLY E 66 28.51 13.78 17.03
CA GLY E 66 29.18 14.38 15.87
C GLY E 66 28.25 15.00 14.86
N CYS E 67 27.15 15.59 15.31
CA CYS E 67 26.16 16.20 14.44
C CYS E 67 26.22 17.71 14.56
N GLN E 68 26.36 18.39 13.43
CA GLN E 68 26.37 19.85 13.38
C GLN E 68 25.43 20.31 12.29
N VAL E 69 24.59 21.29 12.60
CA VAL E 69 23.73 21.90 11.58
C VAL E 69 24.23 23.32 11.33
N PRO E 70 24.91 23.57 10.22
CA PRO E 70 25.37 24.93 9.93
C PRO E 70 24.21 25.84 9.58
N GLY E 71 24.16 27.00 10.24
CA GLY E 71 23.11 27.98 10.06
C GLY E 71 22.18 28.12 11.24
N ARG E 72 22.00 27.04 12.01
CA ARG E 72 21.13 27.07 13.19
C ARG E 72 21.98 27.26 14.45
N THR E 73 22.62 28.42 14.51
CA THR E 73 23.50 28.79 15.60
C THR E 73 22.89 29.95 16.36
N LEU E 74 22.74 29.80 17.68
CA LEU E 74 22.19 30.82 18.55
C LEU E 74 23.20 31.15 19.63
N ASP E 75 23.42 32.44 19.85
CA ASP E 75 24.38 32.92 20.85
C ASP E 75 23.60 33.47 22.03
N ILE E 76 23.47 32.66 23.08
CA ILE E 76 22.79 33.04 24.31
C ILE E 76 23.78 32.97 25.46
N SER E 77 23.37 33.51 26.60
CA SER E 77 24.20 33.63 27.80
C SER E 77 23.48 33.01 28.99
N ALA E 78 23.07 31.75 28.83
CA ALA E 78 22.22 31.09 29.81
C ALA E 78 22.89 30.94 31.17
N VAL E 79 24.20 30.71 31.21
CA VAL E 79 24.89 30.56 32.49
C VAL E 79 24.89 31.88 33.27
N SER E 80 25.06 33.00 32.56
CA SER E 80 25.02 34.30 33.22
C SER E 80 23.61 34.66 33.68
N ASN E 81 22.60 34.29 32.89
CA ASN E 81 21.21 34.58 33.20
C ASN E 81 20.51 33.39 33.84
N ALA E 82 21.26 32.52 34.51
CA ALA E 82 20.70 31.32 35.14
C ALA E 82 19.67 31.65 36.22
N GLN E 83 19.86 32.76 36.94
CA GLN E 83 18.89 33.12 37.97
C GLN E 83 17.54 33.47 37.36
N ALA E 84 17.55 34.26 36.29
CA ALA E 84 16.31 34.62 35.60
C ALA E 84 15.67 33.39 34.95
N ILE E 85 16.50 32.51 34.36
CA ILE E 85 15.98 31.30 33.74
C ILE E 85 15.34 30.39 34.78
N ALA E 86 15.99 30.22 35.94
CA ALA E 86 15.43 29.42 37.01
C ALA E 86 14.15 30.01 37.56
N ASP E 87 14.09 31.34 37.69
CA ASP E 87 12.88 32.00 38.16
C ASP E 87 11.72 31.78 37.18
N GLU E 88 12.00 31.88 35.87
CA GLU E 88 10.93 31.67 34.88
C GLU E 88 10.50 30.22 34.85
N VAL E 89 11.43 29.27 34.98
CA VAL E 89 11.08 27.86 35.01
C VAL E 89 10.23 27.54 36.24
N GLU E 90 10.59 28.12 37.39
CA GLU E 90 9.80 27.92 38.60
C GLU E 90 8.41 28.54 38.46
N LYS E 91 8.32 29.70 37.82
CA LYS E 91 7.02 30.34 37.60
C LYS E 91 6.14 29.49 36.69
N ILE E 92 6.71 28.91 35.64
CA ILE E 92 5.94 28.10 34.71
C ILE E 92 5.51 26.78 35.38
N LEU E 93 6.42 26.14 36.11
CA LEU E 93 6.14 24.83 36.68
C LEU E 93 5.30 24.88 37.94
N LYS E 94 5.12 26.05 38.55
CA LYS E 94 4.37 26.17 39.80
C LYS E 94 2.90 25.82 39.59
N VAL E 95 2.33 25.06 40.53
CA VAL E 95 0.88 24.72 40.45
C VAL E 95 0.17 25.67 41.41
N SER E 96 0.41 25.50 42.72
CA SER E 96 -0.17 26.43 43.71
C SER E 96 1.07 27.22 44.11
N GLU E 97 1.00 27.99 45.19
CA GLU E 97 2.18 28.74 45.69
C GLU E 97 3.06 28.10 46.75
N ASP E 98 2.62 26.94 47.28
CA ASP E 98 3.41 26.23 48.32
C ASP E 98 3.78 24.84 47.78
N ASP E 99 3.52 24.60 46.49
CA ASP E 99 3.86 23.29 45.86
C ASP E 99 5.37 23.05 46.00
N ASP E 100 5.78 21.80 46.14
CA ASP E 100 7.19 21.49 46.38
C ASP E 100 7.98 21.64 45.08
N THR E 101 7.92 22.85 44.52
CA THR E 101 8.68 23.20 43.33
C THR E 101 9.94 23.92 43.75
N ALA E 102 11.09 23.37 43.37
CA ALA E 102 12.39 23.96 43.69
C ALA E 102 13.28 23.86 42.47
N VAL E 103 13.81 25.00 42.04
CA VAL E 103 14.79 25.07 40.97
C VAL E 103 16.04 25.70 41.57
N LYS E 104 16.98 24.86 42.02
CA LYS E 104 18.20 25.34 42.65
C LYS E 104 19.32 25.44 41.63
N ILE E 105 20.22 26.39 41.87
CA ILE E 105 21.32 26.67 40.96
C ILE E 105 22.57 25.97 41.46
N ILE E 106 23.20 25.20 40.58
CA ILE E 106 24.35 24.36 40.92
C ILE E 106 25.54 24.79 40.07
N ASN E 107 26.71 24.92 40.72
CA ASN E 107 27.99 25.21 40.07
C ASN E 107 28.00 26.57 39.40
N GLY E 108 27.41 27.56 40.07
CA GLY E 108 27.43 28.93 39.57
C GLY E 108 26.67 29.15 38.28
N GLY E 109 25.53 28.50 38.12
CA GLY E 109 24.72 28.62 36.92
C GLY E 109 25.04 27.62 35.84
N LYS E 110 26.07 26.79 36.02
CA LYS E 110 26.46 25.83 35.01
C LYS E 110 25.45 24.68 34.94
N GLN E 111 24.89 24.29 36.08
CA GLN E 111 23.90 23.22 36.15
C GLN E 111 22.65 23.74 36.85
N LEU E 112 21.53 23.06 36.59
CA LEU E 112 20.26 23.41 37.20
C LEU E 112 19.58 22.14 37.68
N ALA E 113 19.15 22.14 38.94
CA ALA E 113 18.41 21.03 39.53
C ALA E 113 16.98 21.49 39.78
N VAL E 114 16.04 20.95 39.03
CA VAL E 114 14.64 21.32 39.18
C VAL E 114 13.89 20.16 39.82
N GLN E 115 12.81 20.49 40.52
CA GLN E 115 11.90 19.51 41.09
C GLN E 115 10.49 19.95 40.75
N VAL E 116 9.86 19.25 39.80
CA VAL E 116 8.50 19.56 39.39
C VAL E 116 7.57 19.20 40.54
N PRO E 117 6.43 19.87 40.69
CA PRO E 117 5.58 19.62 41.86
C PRO E 117 4.96 18.23 41.84
N THR E 118 4.64 17.76 43.05
CA THR E 118 4.03 16.45 43.23
C THR E 118 2.65 16.39 42.57
N ALA E 119 1.89 17.48 42.68
CA ALA E 119 0.56 17.55 42.09
C ALA E 119 0.57 17.39 40.57
N ARG E 120 1.69 17.71 39.92
CA ARG E 120 1.82 17.44 38.49
C ARG E 120 1.99 15.95 38.23
N LEU E 121 2.51 15.19 39.20
CA LEU E 121 2.70 13.75 39.05
C LEU E 121 1.56 12.91 39.60
N GLU E 122 0.67 13.51 40.41
CA GLU E 122 -0.46 12.73 40.92
C GLU E 122 -1.42 12.32 39.81
N VAL E 123 -1.60 13.20 38.80
CA VAL E 123 -2.49 12.90 37.69
C VAL E 123 -1.74 12.32 36.51
N ALA E 124 -0.46 12.02 36.66
CA ALA E 124 0.34 11.37 35.64
C ALA E 124 0.41 9.88 35.90
N ALA E 125 0.28 9.10 34.82
CA ALA E 125 0.37 7.65 34.95
C ALA E 125 1.80 7.17 35.14
N GLU E 126 2.79 7.97 34.78
CA GLU E 126 4.19 7.55 34.81
C GLU E 126 5.04 8.73 35.27
N TYR E 127 6.35 8.61 35.10
CA TYR E 127 7.32 9.57 35.58
C TYR E 127 7.85 10.49 34.49
N SER E 128 7.44 10.28 33.23
CA SER E 128 7.97 11.07 32.13
C SER E 128 7.45 12.50 32.12
N VAL E 129 6.46 12.83 32.95
CA VAL E 129 5.91 14.19 32.99
C VAL E 129 6.95 15.19 33.48
N SER E 130 7.88 14.74 34.34
CA SER E 130 8.87 15.65 34.91
C SER E 130 9.81 16.18 33.84
N MET E 131 10.37 15.31 33.01
CA MET E 131 11.35 15.74 32.03
C MET E 131 10.70 16.51 30.90
N LEU E 132 9.51 16.08 30.46
CA LEU E 132 8.80 16.81 29.40
C LEU E 132 8.35 18.18 29.88
N SER E 133 7.83 18.27 31.11
CA SER E 133 7.42 19.55 31.65
C SER E 133 8.61 20.48 31.85
N THR E 134 9.74 19.94 32.33
CA THR E 134 10.94 20.75 32.48
C THR E 134 11.46 21.22 31.13
N ALA E 135 11.41 20.37 30.11
CA ALA E 135 11.84 20.76 28.77
C ALA E 135 10.96 21.87 28.21
N MET E 136 9.64 21.78 28.41
CA MET E 136 8.75 22.82 27.90
C MET E 136 8.94 24.13 28.66
N ALA E 137 9.10 24.06 29.98
CA ALA E 137 9.34 25.25 30.78
C ALA E 137 10.66 25.91 30.41
N LEU E 138 11.70 25.11 30.18
CA LEU E 138 12.99 25.64 29.76
C LEU E 138 12.91 26.27 28.38
N LYS E 139 12.16 25.64 27.46
CA LYS E 139 11.99 26.21 26.13
C LYS E 139 11.31 27.57 26.20
N GLU E 140 10.24 27.66 26.98
CA GLU E 140 9.54 28.95 27.11
C GLU E 140 10.42 29.99 27.80
N ALA E 141 11.16 29.59 28.82
CA ALA E 141 12.05 30.52 29.52
C ALA E 141 13.17 31.03 28.62
N LEU E 142 13.74 30.15 27.79
CA LEU E 142 14.78 30.58 26.86
C LEU E 142 14.22 31.45 25.75
N ILE E 143 12.99 31.15 25.29
CA ILE E 143 12.38 31.94 24.23
C ILE E 143 12.03 33.34 24.72
N LYS E 144 11.55 33.47 25.95
CA LYS E 144 11.14 34.79 26.43
C LYS E 144 12.26 35.54 27.14
N THR E 145 13.33 34.87 27.56
CA THR E 145 14.44 35.57 28.20
C THR E 145 15.33 36.25 27.14
N PHE E 146 15.91 35.46 26.26
CA PHE E 146 16.56 35.97 25.06
C PHE E 146 15.55 35.93 23.94
N ASN E 147 15.33 37.07 23.29
CA ASN E 147 14.24 37.21 22.32
C ASN E 147 14.59 36.42 21.06
N ILE E 148 14.36 35.11 21.13
CA ILE E 148 14.70 34.20 20.05
C ILE E 148 13.59 34.23 19.02
N ASP E 149 13.98 34.23 17.73
CA ASP E 149 13.04 34.29 16.63
C ASP E 149 12.15 33.04 16.61
N MET E 150 10.98 33.18 15.98
CA MET E 150 10.03 32.08 15.87
C MET E 150 10.61 30.92 15.08
N PHE E 151 11.50 31.21 14.13
CA PHE E 151 12.10 30.18 13.28
C PHE E 151 13.29 29.49 13.94
N ASP E 152 13.63 29.85 15.18
CA ASP E 152 14.75 29.24 15.89
C ASP E 152 14.33 28.52 17.16
N GLY E 153 13.04 28.55 17.51
CA GLY E 153 12.55 27.76 18.62
C GLY E 153 12.70 26.27 18.40
N SER E 154 12.69 25.83 17.14
CA SER E 154 13.00 24.45 16.82
C SER E 154 14.44 24.11 17.19
N THR E 155 15.37 25.03 16.94
CA THR E 155 16.76 24.83 17.35
C THR E 155 16.89 24.80 18.85
N VAL E 156 16.14 25.65 19.56
CA VAL E 156 16.14 25.64 21.02
C VAL E 156 15.63 24.30 21.55
N HIS E 157 14.56 23.78 20.95
CA HIS E 157 14.03 22.48 21.34
C HIS E 157 15.04 21.37 21.09
N ALA E 158 15.73 21.42 19.94
CA ALA E 158 16.74 20.42 19.62
C ALA E 158 17.91 20.48 20.58
N ALA E 159 18.27 21.68 21.04
CA ALA E 159 19.33 21.83 22.02
C ALA E 159 18.92 21.26 23.37
N ILE E 160 17.67 21.45 23.76
CA ILE E 160 17.25 20.97 25.08
C ILE E 160 17.01 19.46 25.05
N VAL E 161 16.24 18.97 24.09
CA VAL E 161 16.01 17.54 23.89
C VAL E 161 16.53 17.18 22.51
N GLY E 162 17.37 16.15 22.42
CA GLY E 162 18.11 15.88 21.21
C GLY E 162 17.31 15.55 19.95
N ASN E 163 16.73 14.36 19.90
CA ASN E 163 15.96 13.91 18.74
C ASN E 163 14.68 13.23 19.17
N TYR E 164 13.94 13.83 20.11
CA TYR E 164 12.83 13.14 20.76
C TYR E 164 11.71 12.68 19.83
N PRO E 165 11.17 13.51 18.91
CA PRO E 165 10.12 12.96 18.02
C PRO E 165 10.62 11.85 17.11
N GLN E 166 11.90 11.87 16.73
CA GLN E 166 12.44 10.82 15.88
C GLN E 166 12.99 9.65 16.67
N VAL E 167 13.75 9.93 17.74
CA VAL E 167 14.29 8.91 18.63
C VAL E 167 13.56 9.04 19.95
N MET E 168 12.82 8.01 20.36
CA MET E 168 12.05 8.07 21.60
C MET E 168 13.04 7.88 22.76
N ASP E 169 13.75 8.97 23.07
CA ASP E 169 14.79 9.01 24.09
C ASP E 169 15.21 10.46 24.26
N TYR E 170 16.17 10.69 25.15
CA TYR E 170 16.84 11.97 25.33
C TYR E 170 18.34 11.70 25.23
N ALA E 171 18.88 11.71 24.01
CA ALA E 171 20.27 11.36 23.79
C ALA E 171 21.15 12.57 23.51
N GLY E 172 20.80 13.38 22.51
CA GLY E 172 21.60 14.53 22.18
C GLY E 172 21.28 15.78 22.96
N GLY E 173 20.35 15.72 23.91
CA GLY E 173 19.94 16.87 24.66
C GLY E 173 20.81 17.11 25.89
N ASN E 174 20.48 18.20 26.60
CA ASN E 174 21.19 18.58 27.81
C ASN E 174 20.30 18.48 29.05
N ILE E 175 19.36 17.55 29.02
CA ILE E 175 18.47 17.28 30.14
C ILE E 175 18.58 15.80 30.48
N ALA E 176 18.45 15.48 31.76
CA ALA E 176 18.70 14.11 32.21
C ALA E 176 17.99 13.85 33.52
N SER E 177 17.84 12.58 33.83
CA SER E 177 17.22 12.13 35.08
C SER E 177 17.90 10.83 35.50
N LEU E 178 17.68 10.45 36.76
CA LEU E 178 18.23 9.19 37.26
C LEU E 178 17.60 8.00 36.55
N LEU E 179 16.29 8.05 36.32
CA LEU E 179 15.60 6.98 35.61
C LEU E 179 15.74 7.15 34.11
N GLY E 180 15.80 6.03 33.40
CA GLY E 180 15.83 6.04 31.96
C GLY E 180 14.44 6.20 31.36
N ALA E 181 14.41 6.28 30.04
CA ALA E 181 13.14 6.39 29.33
C ALA E 181 12.35 5.08 29.44
N PRO E 182 11.02 5.16 29.50
CA PRO E 182 10.21 3.93 29.54
C PRO E 182 10.34 3.05 28.30
N SER E 183 10.76 3.61 27.16
CA SER E 183 10.96 2.82 25.96
C SER E 183 12.17 1.90 26.05
N MET E 184 13.07 2.14 27.01
CA MET E 184 14.26 1.33 27.17
C MET E 184 14.07 0.20 28.17
N MET E 185 12.88 0.06 28.74
CA MET E 185 12.62 -0.98 29.72
C MET E 185 12.60 -2.35 29.07
N GLU E 186 13.32 -3.29 29.68
CA GLU E 186 13.37 -4.66 29.20
C GLU E 186 12.29 -5.54 29.83
N GLY E 187 11.51 -4.99 30.74
CA GLY E 187 10.39 -5.72 31.32
C GLY E 187 9.48 -4.74 32.03
N LEU E 188 8.25 -5.18 32.28
CA LEU E 188 7.32 -4.33 33.00
C LEU E 188 7.68 -4.28 34.48
N GLY E 189 7.60 -3.07 35.05
CA GLY E 189 8.04 -2.83 36.41
C GLY E 189 9.53 -2.57 36.56
N TYR E 190 10.27 -2.47 35.46
CA TYR E 190 11.73 -2.30 35.50
C TYR E 190 12.16 -0.84 35.47
N ALA E 191 11.24 0.09 35.77
CA ALA E 191 11.56 1.51 35.70
C ALA E 191 12.60 1.90 36.76
N LEU E 192 12.46 1.35 37.97
CA LEU E 192 13.43 1.64 39.03
C LEU E 192 14.72 0.84 38.88
N ARG E 193 14.77 -0.13 37.98
CA ARG E 193 15.98 -0.88 37.69
C ARG E 193 16.86 -0.22 36.65
N ASN E 194 16.39 0.87 36.03
CA ASN E 194 17.12 1.53 34.96
C ASN E 194 18.03 2.65 35.46
N ILE E 195 18.56 2.50 36.68
CA ILE E 195 19.56 3.42 37.21
C ILE E 195 20.93 2.73 37.08
N PRO E 196 21.84 3.23 36.25
CA PRO E 196 23.15 2.59 36.13
C PRO E 196 23.96 2.75 37.40
N VAL E 197 24.97 1.87 37.54
CA VAL E 197 25.80 1.82 38.74
C VAL E 197 26.57 3.12 38.91
N ASN E 198 27.06 3.68 37.79
CA ASN E 198 27.81 4.93 37.85
C ASN E 198 26.96 6.08 38.37
N HIS E 199 25.68 6.11 37.99
CA HIS E 199 24.78 7.14 38.49
C HIS E 199 24.60 7.05 40.00
N ALA E 200 24.43 5.83 40.51
CA ALA E 200 24.27 5.65 41.96
C ALA E 200 25.56 5.97 42.71
N VAL E 201 26.70 5.66 42.12
CA VAL E 201 27.98 5.94 42.77
C VAL E 201 28.23 7.45 42.79
N ALA E 202 27.96 8.14 41.68
CA ALA E 202 28.16 9.59 41.65
C ALA E 202 27.13 10.32 42.49
N THR E 203 25.93 9.75 42.65
CA THR E 203 24.91 10.37 43.50
C THR E 203 25.33 10.36 44.97
N THR E 204 25.95 9.28 45.42
CA THR E 204 26.34 9.12 46.81
C THR E 204 27.75 9.63 47.09
N LYS E 205 28.39 10.25 46.09
CA LYS E 205 29.75 10.81 46.20
C LYS E 205 30.77 9.77 46.61
N LYS E 206 30.66 8.58 45.99
CA LYS E 206 31.63 7.49 46.13
C LYS E 206 31.77 7.00 47.56
N ASN E 207 30.68 7.05 48.32
CA ASN E 207 30.64 6.44 49.64
C ASN E 207 30.09 5.03 49.51
N MET E 208 30.82 4.05 50.04
CA MET E 208 30.52 2.65 49.76
C MET E 208 29.19 2.23 50.38
N MET E 209 29.00 2.49 51.68
CA MET E 209 27.79 2.04 52.36
C MET E 209 26.56 2.79 51.87
N ASN E 210 26.71 4.09 51.58
CA ASN E 210 25.60 4.87 51.05
C ASN E 210 25.20 4.40 49.66
N ALA E 211 26.18 4.04 48.82
CA ALA E 211 25.86 3.53 47.49
C ALA E 211 25.22 2.15 47.56
N ILE E 212 25.67 1.31 48.50
CA ILE E 212 25.04 0.02 48.73
C ILE E 212 23.59 0.21 49.15
N ALA E 213 23.35 1.15 50.07
CA ALA E 213 21.99 1.42 50.53
C ALA E 213 21.11 1.96 49.40
N PHE E 214 21.65 2.87 48.58
CA PHE E 214 20.89 3.44 47.48
C PHE E 214 20.50 2.37 46.46
N SER E 215 21.48 1.57 46.04
CA SER E 215 21.22 0.52 45.06
C SER E 215 20.28 -0.54 45.61
N SER E 216 20.46 -0.93 46.88
CA SER E 216 19.61 -1.95 47.47
C SER E 216 18.18 -1.45 47.63
N VAL E 217 18.00 -0.20 48.07
CA VAL E 217 16.66 0.36 48.23
C VAL E 217 15.96 0.44 46.87
N MET E 218 16.68 0.92 45.85
CA MET E 218 16.08 1.01 44.52
C MET E 218 15.74 -0.35 43.95
N GLU E 219 16.63 -1.33 44.10
CA GLU E 219 16.40 -2.65 43.53
C GLU E 219 15.27 -3.40 44.24
N GLN E 220 15.22 -3.33 45.57
CA GLN E 220 14.16 -4.05 46.27
C GLN E 220 12.81 -3.35 46.13
N THR E 221 12.80 -2.01 46.07
CA THR E 221 11.57 -1.31 45.74
C THR E 221 11.10 -1.66 44.33
N ALA E 222 12.04 -1.88 43.40
CA ALA E 222 11.69 -2.34 42.07
C ALA E 222 11.08 -3.73 42.10
N THR E 223 11.66 -4.64 42.91
CA THR E 223 11.09 -5.99 43.02
C THR E 223 9.70 -5.95 43.62
N PHE E 224 9.43 -4.99 44.51
CA PHE E 224 8.05 -4.74 44.92
C PHE E 224 7.20 -4.24 43.76
N GLU E 225 7.77 -3.38 42.91
CA GLU E 225 7.03 -2.84 41.78
C GLU E 225 6.75 -3.91 40.72
N MET E 226 7.72 -4.79 40.45
CA MET E 226 7.53 -5.87 39.49
C MET E 226 6.57 -6.95 39.98
N GLY E 227 6.09 -6.87 41.21
CA GLY E 227 5.26 -7.92 41.75
C GLY E 227 6.01 -9.13 42.22
N ASP E 228 7.35 -9.10 42.18
CA ASP E 228 8.14 -10.25 42.60
C ASP E 228 8.08 -10.44 44.11
N ALA E 229 8.12 -9.35 44.87
CA ALA E 229 8.14 -9.43 46.33
C ALA E 229 6.75 -9.23 46.92
N VAL E 230 5.83 -10.13 46.56
CA VAL E 230 4.50 -10.16 47.16
C VAL E 230 4.23 -11.57 47.67
N GLY E 231 3.29 -11.65 48.61
CA GLY E 231 2.90 -12.95 49.14
C GLY E 231 4.00 -13.58 49.96
N SER E 232 4.31 -14.85 49.63
CA SER E 232 5.33 -15.60 50.34
C SER E 232 6.75 -15.21 49.92
N PHE E 233 6.90 -14.43 48.86
CA PHE E 233 8.20 -13.96 48.40
C PHE E 233 8.64 -12.68 49.08
N GLU E 234 7.77 -12.04 49.85
CA GLU E 234 8.04 -10.70 50.36
C GLU E 234 9.06 -10.71 51.50
N ARG E 235 9.02 -11.73 52.35
CA ARG E 235 9.91 -11.79 53.51
C ARG E 235 11.37 -11.92 53.08
N GLN E 236 11.62 -12.70 52.02
CA GLN E 236 12.98 -12.87 51.51
C GLN E 236 13.56 -11.55 51.01
N HIS E 237 12.75 -10.77 50.28
CA HIS E 237 13.25 -9.49 49.79
C HIS E 237 13.36 -8.46 50.90
N LEU E 238 12.49 -8.51 51.89
CA LEU E 238 12.62 -7.61 53.05
C LEU E 238 13.90 -7.89 53.82
N LEU E 239 14.20 -9.17 54.05
CA LEU E 239 15.44 -9.52 54.74
C LEU E 239 16.67 -9.22 53.89
N GLY E 240 16.55 -9.38 52.57
CA GLY E 240 17.66 -9.01 51.70
C GLY E 240 17.93 -7.52 51.69
N LEU E 241 16.87 -6.71 51.75
CA LEU E 241 17.06 -5.26 51.86
C LEU E 241 17.64 -4.89 53.22
N ALA E 242 17.18 -5.55 54.28
CA ALA E 242 17.64 -5.20 55.63
C ALA E 242 19.10 -5.56 55.85
N TYR E 243 19.49 -6.78 55.45
CA TYR E 243 20.84 -7.24 55.74
C TYR E 243 21.84 -6.82 54.67
N GLN E 244 21.47 -6.92 53.40
CA GLN E 244 22.31 -6.48 52.29
C GLN E 244 21.80 -5.11 51.85
N GLY E 245 22.39 -4.06 52.40
CA GLY E 245 21.98 -2.72 52.05
C GLY E 245 21.85 -1.79 53.23
N LEU E 246 21.45 -2.33 54.38
CA LEU E 246 21.30 -1.53 55.58
C LEU E 246 22.10 -2.04 56.77
N ASN E 247 22.81 -3.17 56.62
CA ASN E 247 23.57 -3.88 57.65
C ASN E 247 22.83 -3.91 58.99
N ALA E 248 21.71 -4.66 58.98
CA ALA E 248 20.78 -4.71 60.11
C ALA E 248 21.47 -5.15 61.40
N ASP E 249 21.97 -6.38 61.42
CA ASP E 249 22.69 -6.88 62.59
C ASP E 249 24.18 -6.55 62.53
N ASN E 250 24.54 -5.50 61.81
CA ASN E 250 25.94 -5.10 61.56
C ASN E 250 26.74 -6.22 60.91
N LEU E 251 26.08 -7.03 60.08
CA LEU E 251 26.74 -8.19 59.48
C LEU E 251 27.80 -7.78 58.48
N VAL E 252 27.52 -6.77 57.66
CA VAL E 252 28.45 -6.36 56.61
C VAL E 252 29.72 -5.78 57.23
N ILE E 253 29.56 -4.87 58.19
CA ILE E 253 30.71 -4.22 58.82
C ILE E 253 31.52 -5.23 59.63
N ASP E 254 30.84 -6.14 60.34
CA ASP E 254 31.55 -7.14 61.13
C ASP E 254 32.33 -8.12 60.25
N PHE E 255 31.73 -8.54 59.13
CA PHE E 255 32.43 -9.44 58.21
C PHE E 255 33.64 -8.76 57.58
N ILE E 256 33.49 -7.50 57.17
CA ILE E 256 34.60 -6.76 56.58
C ILE E 256 35.70 -6.55 57.62
N LYS E 257 35.33 -6.24 58.87
CA LYS E 257 36.31 -6.07 59.93
C LYS E 257 37.04 -7.37 60.24
N ALA E 258 36.31 -8.50 60.24
CA ALA E 258 36.93 -9.79 60.48
C ALA E 258 37.80 -10.24 59.31
N ASN E 259 37.60 -9.68 58.12
CA ASN E 259 38.41 -10.05 56.98
C ASN E 259 39.10 -8.83 56.38
N ALA E 260 39.73 -8.02 57.22
CA ALA E 260 40.40 -6.81 56.75
C ALA E 260 41.62 -7.15 55.89
N LYS E 261 42.31 -8.23 56.22
CA LYS E 261 43.45 -8.69 55.44
C LYS E 261 43.20 -10.10 54.88
N GLY E 262 41.94 -10.41 54.57
CA GLY E 262 41.55 -11.72 54.13
C GLY E 262 41.18 -11.78 52.66
N THR E 263 40.72 -12.96 52.26
CA THR E 263 40.32 -13.27 50.90
C THR E 263 38.81 -13.51 50.86
N VAL E 264 38.32 -13.93 49.69
CA VAL E 264 36.91 -14.30 49.54
C VAL E 264 36.60 -15.53 50.38
N GLY E 265 37.52 -16.49 50.42
CA GLY E 265 37.30 -17.71 51.19
C GLY E 265 37.17 -17.46 52.69
N SER E 266 37.98 -16.54 53.21
CA SER E 266 37.89 -16.20 54.63
C SER E 266 36.55 -15.56 54.96
N VAL E 267 36.03 -14.73 54.05
CA VAL E 267 34.69 -14.17 54.21
C VAL E 267 33.65 -15.29 54.20
N VAL E 268 33.84 -16.29 53.35
CA VAL E 268 32.91 -17.41 53.26
C VAL E 268 32.86 -18.18 54.58
N GLU E 269 34.03 -18.48 55.15
CA GLU E 269 34.04 -19.17 56.44
C GLU E 269 33.49 -18.30 57.57
N THR E 270 33.73 -16.99 57.52
CA THR E 270 33.14 -16.09 58.51
C THR E 270 31.62 -16.09 58.44
N VAL E 271 31.07 -16.10 57.22
CA VAL E 271 29.63 -16.13 57.04
C VAL E 271 29.04 -17.44 57.56
N ILE E 272 29.69 -18.56 57.25
CA ILE E 272 29.20 -19.86 57.71
C ILE E 272 29.27 -19.95 59.23
N ASP E 273 30.35 -19.45 59.83
CA ASP E 273 30.48 -19.46 61.28
C ASP E 273 29.40 -18.60 61.95
N ARG E 274 29.13 -17.41 61.39
CA ARG E 274 28.10 -16.55 61.96
C ARG E 274 26.71 -17.16 61.80
N ALA E 275 26.45 -17.79 60.65
CA ALA E 275 25.15 -18.42 60.43
C ALA E 275 24.93 -19.62 61.34
N ILE E 276 26.01 -20.37 61.62
CA ILE E 276 25.90 -21.48 62.56
C ILE E 276 25.69 -20.97 63.97
N ALA E 277 26.42 -19.92 64.36
CA ALA E 277 26.30 -19.37 65.71
C ALA E 277 24.93 -18.74 65.95
N ASP E 278 24.33 -18.16 64.92
CA ASP E 278 23.01 -17.54 65.05
C ASP E 278 21.87 -18.54 64.91
N GLY E 279 22.16 -19.81 64.65
CA GLY E 279 21.13 -20.81 64.50
C GLY E 279 20.41 -20.78 63.16
N VAL E 280 20.91 -20.03 62.19
CA VAL E 280 20.24 -19.92 60.90
C VAL E 280 20.35 -21.22 60.12
N ILE E 281 21.51 -21.88 60.18
CA ILE E 281 21.71 -23.16 59.50
C ILE E 281 22.11 -24.21 60.51
N VAL E 282 21.76 -25.46 60.21
CA VAL E 282 22.06 -26.60 61.05
C VAL E 282 22.59 -27.73 60.16
N VAL E 283 23.21 -28.71 60.80
CA VAL E 283 23.73 -29.87 60.09
C VAL E 283 22.57 -30.77 59.70
N ASP E 284 22.45 -31.05 58.40
CA ASP E 284 21.43 -31.97 57.92
C ASP E 284 21.86 -33.41 58.13
N LYS E 285 22.98 -33.81 57.53
CA LYS E 285 23.49 -35.16 57.67
C LYS E 285 25.00 -35.13 57.50
N THR E 286 25.65 -36.17 58.00
CA THR E 286 27.08 -36.37 57.82
C THR E 286 27.30 -37.54 56.88
N MET E 287 28.05 -37.31 55.82
CA MET E 287 28.22 -38.30 54.78
C MET E 287 29.32 -39.30 55.14
N SER E 288 29.52 -40.29 54.28
CA SER E 288 30.53 -41.32 54.52
C SER E 288 31.93 -40.74 54.44
N SER E 289 32.13 -39.71 53.61
CA SER E 289 33.43 -39.06 53.51
C SER E 289 33.71 -38.12 54.68
N GLY E 290 32.71 -37.84 55.51
CA GLY E 290 32.85 -36.89 56.58
C GLY E 290 32.35 -35.49 56.27
N PHE E 291 31.82 -35.28 55.07
CA PHE E 291 31.30 -33.98 54.69
C PHE E 291 30.00 -33.70 55.45
N ASN E 292 29.92 -32.51 56.05
CA ASN E 292 28.74 -32.10 56.81
C ASN E 292 27.81 -31.33 55.89
N MET E 293 26.74 -31.98 55.45
CA MET E 293 25.73 -31.30 54.65
C MET E 293 24.85 -30.45 55.54
N TYR E 294 24.64 -29.19 55.15
CA TYR E 294 23.91 -28.23 55.95
C TYR E 294 22.54 -27.96 55.33
N LYS E 295 21.58 -27.66 56.20
CA LYS E 295 20.24 -27.26 55.80
C LYS E 295 19.87 -25.96 56.50
N PRO E 296 19.06 -25.10 55.88
CA PRO E 296 18.68 -23.84 56.53
C PRO E 296 17.53 -24.06 57.49
N ALA E 297 17.73 -23.66 58.75
CA ALA E 297 16.59 -23.60 59.68
C ALA E 297 15.67 -22.44 59.32
N ASP E 298 16.23 -21.37 58.77
CA ASP E 298 15.46 -20.25 58.23
C ASP E 298 15.99 -19.97 56.83
N VAL E 299 15.16 -20.21 55.82
CA VAL E 299 15.61 -20.11 54.43
C VAL E 299 15.90 -18.67 54.06
N ASN E 300 14.96 -17.76 54.37
CA ASN E 300 15.12 -16.36 53.99
C ASN E 300 16.22 -15.68 54.80
N LYS E 301 16.38 -16.06 56.08
CA LYS E 301 17.46 -15.49 56.88
C LYS E 301 18.82 -15.95 56.38
N TRP E 302 18.92 -17.22 55.94
CA TRP E 302 20.16 -17.68 55.34
C TRP E 302 20.45 -16.97 54.04
N ASN E 303 19.39 -16.69 53.26
CA ASN E 303 19.53 -15.89 52.04
C ASN E 303 20.09 -14.50 52.35
N ALA E 304 19.54 -13.85 53.38
CA ALA E 304 20.00 -12.51 53.76
C ALA E 304 21.43 -12.52 54.29
N TYR E 305 21.78 -13.54 55.08
CA TYR E 305 23.15 -13.67 55.58
C TYR E 305 24.14 -13.87 54.45
N ALA E 306 23.79 -14.71 53.47
CA ALA E 306 24.66 -14.92 52.31
C ALA E 306 24.79 -13.66 51.48
N ALA E 307 23.70 -12.88 51.34
CA ALA E 307 23.78 -11.64 50.58
C ALA E 307 24.67 -10.60 51.27
N ALA E 308 24.54 -10.47 52.60
CA ALA E 308 25.40 -9.56 53.34
C ALA E 308 26.86 -9.99 53.26
N GLY E 309 27.11 -11.30 53.34
CA GLY E 309 28.47 -11.78 53.15
C GLY E 309 29.00 -11.58 51.75
N LEU E 310 28.12 -11.63 50.75
CA LEU E 310 28.52 -11.36 49.37
C LEU E 310 28.97 -9.91 49.22
N VAL E 311 28.22 -8.98 49.79
CA VAL E 311 28.63 -7.58 49.77
C VAL E 311 29.94 -7.38 50.53
N ALA E 312 30.09 -8.05 51.67
CA ALA E 312 31.33 -7.95 52.44
C ALA E 312 32.53 -8.51 51.67
N ALA E 313 32.35 -9.63 50.98
CA ALA E 313 33.44 -10.22 50.19
C ALA E 313 33.83 -9.32 49.03
N VAL E 314 32.83 -8.73 48.37
CA VAL E 314 33.10 -7.79 47.29
C VAL E 314 33.90 -6.59 47.81
N ALA E 315 33.47 -6.05 48.96
CA ALA E 315 34.16 -4.90 49.54
C ALA E 315 35.59 -5.26 49.95
N VAL E 316 35.79 -6.44 50.52
CA VAL E 316 37.12 -6.86 50.95
C VAL E 316 38.06 -7.01 49.76
N SER E 317 37.61 -7.73 48.73
CA SER E 317 38.48 -8.00 47.58
C SER E 317 38.74 -6.74 46.76
N CYS E 318 37.71 -5.91 46.55
CA CYS E 318 37.90 -4.70 45.77
C CYS E 318 38.48 -3.55 46.58
N GLY E 319 38.63 -3.70 47.90
CA GLY E 319 39.39 -2.75 48.66
C GLY E 319 40.83 -3.17 48.77
N ALA E 320 41.07 -4.48 48.69
CA ALA E 320 42.44 -4.97 48.57
C ALA E 320 43.03 -4.60 47.23
N ALA E 321 42.31 -4.87 46.15
CA ALA E 321 42.83 -4.55 44.82
C ALA E 321 42.73 -3.07 44.49
N ARG E 322 41.75 -2.37 45.08
CA ARG E 322 41.40 -0.98 44.74
C ARG E 322 41.06 -0.82 43.26
N ALA E 323 40.51 -1.88 42.67
CA ALA E 323 40.09 -1.89 41.27
C ALA E 323 38.72 -2.52 41.20
N ALA E 324 37.84 -1.93 40.39
CA ALA E 324 36.45 -2.35 40.34
C ALA E 324 36.19 -3.43 39.30
N GLN E 325 37.22 -4.07 38.76
CA GLN E 325 37.00 -5.10 37.76
C GLN E 325 36.86 -6.49 38.36
N ASN E 326 36.84 -6.61 39.69
CA ASN E 326 36.80 -7.90 40.36
C ASN E 326 35.42 -8.32 40.82
N VAL E 327 34.37 -7.53 40.55
CA VAL E 327 33.05 -7.82 41.13
C VAL E 327 32.50 -9.13 40.61
N ALA E 328 32.60 -9.36 39.30
CA ALA E 328 32.00 -10.54 38.70
C ALA E 328 32.64 -11.82 39.23
N SER E 329 33.97 -11.82 39.34
CA SER E 329 34.68 -12.99 39.88
C SER E 329 34.33 -13.22 41.35
N VAL E 330 34.25 -12.16 42.15
CA VAL E 330 33.97 -12.34 43.57
C VAL E 330 32.55 -12.83 43.78
N ILE E 331 31.58 -12.26 43.06
CA ILE E 331 30.21 -12.72 43.17
C ILE E 331 30.06 -14.15 42.67
N LEU E 332 30.83 -14.53 41.63
CA LEU E 332 30.81 -15.90 41.16
C LEU E 332 31.35 -16.86 42.21
N TYR E 333 32.55 -16.60 42.71
CA TYR E 333 33.24 -17.62 43.48
C TYR E 333 32.92 -17.60 44.97
N PHE E 334 32.38 -16.50 45.50
CA PHE E 334 31.79 -16.53 46.83
C PHE E 334 30.68 -17.58 46.89
N ASN E 335 29.73 -17.49 45.96
CA ASN E 335 28.67 -18.49 45.88
C ASN E 335 29.22 -19.86 45.50
N ASP E 336 30.19 -19.90 44.58
CA ASP E 336 30.70 -21.18 44.08
C ASP E 336 31.38 -21.99 45.18
N ILE E 337 32.17 -21.34 46.04
CA ILE E 337 32.79 -22.09 47.13
C ILE E 337 31.89 -22.22 48.34
N LEU E 338 30.92 -21.31 48.53
CA LEU E 338 29.95 -21.47 49.61
C LEU E 338 29.07 -22.69 49.40
N GLU E 339 28.59 -22.89 48.16
CA GLU E 339 27.70 -24.01 47.88
C GLU E 339 28.40 -25.36 48.07
N TYR E 340 29.65 -25.48 47.64
CA TYR E 340 30.36 -26.74 47.77
C TYR E 340 31.13 -26.87 49.07
N GLU E 341 31.13 -25.84 49.90
CA GLU E 341 31.59 -25.97 51.27
C GLU E 341 30.45 -26.41 52.20
N THR E 342 29.24 -25.91 51.99
CA THR E 342 28.14 -26.19 52.90
C THR E 342 27.09 -27.15 52.35
N GLY E 343 26.95 -27.26 51.03
CA GLY E 343 25.84 -28.01 50.48
C GLY E 343 24.54 -27.24 50.40
N LEU E 344 24.56 -25.94 50.69
CA LEU E 344 23.53 -24.93 50.77
C LEU E 344 23.44 -24.16 49.45
N PRO E 345 22.28 -23.62 49.10
CA PRO E 345 22.18 -22.80 47.88
C PRO E 345 22.84 -21.45 48.07
N GLY E 346 23.04 -20.76 46.94
CA GLY E 346 23.75 -19.50 46.92
C GLY E 346 22.96 -18.33 47.45
N VAL E 347 23.35 -17.13 46.99
CA VAL E 347 22.74 -15.90 47.50
C VAL E 347 21.29 -15.78 47.02
N ASP E 348 21.04 -16.04 45.75
CA ASP E 348 19.69 -15.96 45.21
C ASP E 348 19.30 -17.30 44.57
N TYR E 349 19.66 -18.39 45.23
CA TYR E 349 19.51 -19.77 44.72
C TYR E 349 20.16 -19.91 43.36
N GLY E 350 21.34 -19.31 43.21
CA GLY E 350 22.11 -19.40 42.00
C GLY E 350 21.64 -18.52 40.86
N ARG E 351 20.63 -17.66 41.09
CA ARG E 351 20.25 -16.63 40.12
C ARG E 351 21.28 -15.50 40.09
N SER E 352 22.08 -15.37 41.15
CA SER E 352 23.09 -14.32 41.23
C SER E 352 24.48 -14.80 40.84
N MET E 353 24.79 -16.08 41.09
CA MET E 353 26.00 -16.64 40.53
C MET E 353 25.96 -16.64 39.01
N GLY E 354 24.81 -17.00 38.43
CA GLY E 354 24.66 -16.91 36.98
C GLY E 354 24.74 -15.48 36.47
N THR E 355 24.23 -14.53 37.24
CA THR E 355 24.43 -13.12 36.93
C THR E 355 25.91 -12.77 36.90
N ALA E 356 26.70 -13.36 37.80
CA ALA E 356 28.14 -13.15 37.76
C ALA E 356 28.82 -13.86 36.59
N VAL E 357 28.28 -15.01 36.16
CA VAL E 357 28.85 -15.79 35.04
C VAL E 357 28.62 -15.05 33.70
N GLY E 358 27.51 -14.32 33.61
CA GLY E 358 27.28 -13.44 32.48
C GLY E 358 27.98 -12.09 32.61
N PHE E 359 28.11 -11.59 33.84
CA PHE E 359 28.89 -10.38 34.08
C PHE E 359 30.36 -10.62 33.75
N SER E 360 30.85 -11.82 34.02
CA SER E 360 32.20 -12.22 33.67
C SER E 360 32.34 -12.39 32.16
N PHE E 361 31.28 -12.85 31.48
CA PHE E 361 31.28 -12.75 30.02
C PHE E 361 31.44 -11.30 29.56
N PHE E 362 30.45 -10.47 29.87
CA PHE E 362 30.31 -9.18 29.22
C PHE E 362 31.14 -8.08 29.86
N SER E 363 31.99 -8.42 30.81
CA SER E 363 33.00 -7.50 31.32
C SER E 363 34.41 -7.88 30.88
N HIS E 364 34.57 -8.98 30.14
CA HIS E 364 35.89 -9.42 29.71
C HIS E 364 35.90 -9.99 28.30
N SER E 365 34.99 -9.54 27.43
CA SER E 365 34.88 -10.13 26.11
C SER E 365 34.58 -9.06 25.07
N ILE E 366 34.51 -9.48 23.81
CA ILE E 366 34.25 -8.59 22.68
C ILE E 366 32.76 -8.39 22.41
N TYR E 367 31.89 -9.10 23.10
CA TYR E 367 30.52 -9.28 22.64
C TYR E 367 29.54 -8.23 23.17
N GLY E 368 29.96 -7.34 24.04
CA GLY E 368 29.07 -6.34 24.57
C GLY E 368 29.43 -6.01 26.00
N GLY E 369 28.47 -5.38 26.68
CA GLY E 369 28.72 -4.94 28.04
C GLY E 369 29.74 -3.82 28.06
N GLY E 370 30.67 -3.92 29.00
CA GLY E 370 31.72 -2.93 29.14
C GLY E 370 32.30 -2.95 30.54
N GLY E 371 32.53 -1.77 31.11
CA GLY E 371 32.94 -1.67 32.49
C GLY E 371 31.79 -1.99 33.42
N PRO E 372 32.09 -2.29 34.67
CA PRO E 372 31.02 -2.57 35.65
C PRO E 372 30.10 -1.39 35.92
N GLY E 373 30.54 -0.16 35.66
CA GLY E 373 29.75 1.01 35.99
C GLY E 373 28.56 1.27 35.10
N ILE E 374 28.56 0.71 33.87
CA ILE E 374 27.46 0.97 32.94
C ILE E 374 26.32 -0.03 33.08
N PHE E 375 26.48 -1.06 33.89
CA PHE E 375 25.43 -2.05 34.08
C PHE E 375 24.38 -1.52 35.05
N ASN E 376 23.21 -2.16 35.02
CA ASN E 376 22.09 -1.79 35.88
C ASN E 376 21.15 -2.98 35.98
N GLY E 377 20.07 -2.80 36.74
CA GLY E 377 19.06 -3.83 36.84
C GLY E 377 18.23 -4.00 35.59
N ASN E 378 18.18 -2.98 34.73
CA ASN E 378 17.47 -3.09 33.47
C ASN E 378 18.31 -3.72 32.37
N HIS E 379 19.62 -3.82 32.58
CA HIS E 379 20.50 -4.43 31.59
C HIS E 379 20.20 -5.91 31.45
N VAL E 380 20.36 -6.44 30.23
CA VAL E 380 20.04 -7.83 29.95
C VAL E 380 21.02 -8.78 30.65
N VAL E 381 22.16 -8.28 31.09
CA VAL E 381 23.15 -9.12 31.75
C VAL E 381 22.95 -9.17 33.26
N THR E 382 22.40 -8.12 33.85
CA THR E 382 22.32 -7.99 35.31
C THR E 382 20.88 -7.84 35.80
N ARG E 383 19.91 -8.32 35.02
CA ARG E 383 18.51 -8.27 35.43
C ARG E 383 18.06 -9.52 36.17
N HIS E 384 18.86 -10.57 36.17
CA HIS E 384 18.40 -11.88 36.61
C HIS E 384 18.38 -12.04 38.12
N SER E 385 19.24 -11.32 38.84
CA SER E 385 19.24 -11.35 40.30
C SER E 385 18.37 -10.21 40.80
N LYS E 386 17.33 -10.54 41.57
CA LYS E 386 16.35 -9.56 42.01
C LYS E 386 16.88 -8.83 43.25
N GLY E 387 17.76 -7.88 42.98
CA GLY E 387 18.26 -7.01 44.03
C GLY E 387 19.32 -7.59 44.93
N PHE E 388 20.14 -8.51 44.42
CA PHE E 388 21.20 -9.12 45.21
C PHE E 388 22.57 -9.04 44.58
N ALA E 389 22.69 -8.45 43.37
CA ALA E 389 23.96 -8.40 42.68
C ALA E 389 24.44 -6.99 42.33
N ILE E 390 23.53 -6.01 42.28
CA ILE E 390 23.87 -4.63 41.91
C ILE E 390 24.53 -3.85 43.04
N PRO E 391 24.09 -3.92 44.32
CA PRO E 391 24.84 -3.21 45.39
C PRO E 391 26.28 -3.68 45.55
N PRO E 392 26.62 -4.97 45.32
CA PRO E 392 28.06 -5.28 45.21
C PRO E 392 28.80 -4.52 44.11
N VAL E 393 28.17 -4.33 42.95
CA VAL E 393 28.81 -3.57 41.88
C VAL E 393 28.98 -2.12 42.27
N CYS E 394 27.98 -1.56 42.96
CA CYS E 394 28.09 -0.19 43.44
C CYS E 394 29.20 -0.04 44.47
N ALA E 395 29.33 -1.01 45.38
CA ALA E 395 30.42 -1.00 46.36
C ALA E 395 31.78 -1.08 45.68
N ALA E 396 31.91 -1.94 44.67
CA ALA E 396 33.18 -2.09 43.97
C ALA E 396 33.54 -0.84 43.20
N MET E 397 32.56 -0.20 42.56
CA MET E 397 32.85 1.05 41.86
C MET E 397 33.16 2.17 42.85
N CYS E 398 32.63 2.10 44.07
CA CYS E 398 33.06 3.02 45.10
C CYS E 398 34.49 2.76 45.54
N ALA E 399 34.92 1.50 45.51
CA ALA E 399 36.28 1.16 45.92
C ALA E 399 37.31 1.34 44.80
N ASP E 400 36.89 1.72 43.60
CA ASP E 400 37.83 1.89 42.50
C ASP E 400 38.66 3.15 42.69
N ALA E 401 39.96 3.04 42.42
CA ALA E 401 40.88 4.15 42.58
C ALA E 401 41.17 4.88 41.27
N GLY E 402 40.55 4.48 40.17
CA GLY E 402 40.77 5.16 38.91
C GLY E 402 41.34 4.28 37.82
N THR E 403 41.04 2.99 37.86
CA THR E 403 41.50 2.05 36.84
C THR E 403 40.47 1.83 35.74
N GLN E 404 39.35 2.53 35.76
CA GLN E 404 38.27 2.35 34.80
C GLN E 404 38.21 3.55 33.86
N MET E 405 38.09 3.28 32.56
CA MET E 405 37.95 4.35 31.59
C MET E 405 36.58 5.00 31.67
N PHE E 406 35.53 4.19 31.79
CA PHE E 406 34.16 4.72 31.92
C PHE E 406 33.82 4.86 33.40
N SER E 407 34.51 5.80 34.03
CA SER E 407 34.33 6.10 35.44
C SER E 407 33.03 6.87 35.65
N PRO E 408 32.55 6.96 36.89
CA PRO E 408 31.41 7.85 37.18
C PRO E 408 31.68 9.30 36.83
N GLU E 409 32.93 9.77 36.93
CA GLU E 409 33.26 11.11 36.50
C GLU E 409 33.07 11.28 35.00
N HIS E 410 33.43 10.26 34.22
CA HIS E 410 33.27 10.32 32.78
C HIS E 410 31.80 10.16 32.38
N THR E 411 31.07 9.28 33.06
CA THR E 411 29.73 8.92 32.66
C THR E 411 28.67 9.81 33.30
N SER E 412 28.71 9.97 34.62
CA SER E 412 27.67 10.69 35.36
C SER E 412 28.29 11.92 36.01
N GLY E 413 28.38 12.99 35.24
CA GLY E 413 28.86 14.25 35.77
C GLY E 413 27.75 15.22 36.07
N LEU E 414 26.79 15.33 35.14
CA LEU E 414 25.64 16.19 35.38
C LEU E 414 24.68 15.56 36.37
N VAL E 415 24.41 14.26 36.21
CA VAL E 415 23.47 13.55 37.08
C VAL E 415 24.00 13.49 38.50
N GLY E 416 25.28 13.16 38.66
CA GLY E 416 25.85 13.07 40.00
C GLY E 416 25.88 14.40 40.72
N SER E 417 26.31 15.46 40.03
CA SER E 417 26.36 16.78 40.64
C SER E 417 24.97 17.32 40.96
N VAL E 418 23.98 17.01 40.13
CA VAL E 418 22.62 17.48 40.40
C VAL E 418 22.01 16.72 41.57
N TYR E 419 22.12 15.40 41.57
CA TYR E 419 21.44 14.58 42.56
C TYR E 419 22.21 14.44 43.87
N SER E 420 23.46 14.89 43.93
CA SER E 420 24.18 14.90 45.20
C SER E 420 23.82 16.10 46.06
N ALA E 421 23.11 17.09 45.51
CA ALA E 421 22.70 18.27 46.27
C ALA E 421 21.58 17.97 47.25
N PHE E 422 20.93 16.82 47.15
CA PHE E 422 19.84 16.46 48.04
C PHE E 422 20.34 15.44 49.06
N ASP E 423 20.01 15.68 50.33
CA ASP E 423 20.55 14.87 51.41
C ASP E 423 20.00 13.45 51.39
N GLU E 424 18.74 13.29 50.93
CA GLU E 424 18.12 11.97 50.94
C GLU E 424 18.77 11.04 49.92
N PHE E 425 19.13 11.57 48.74
CA PHE E 425 19.78 10.76 47.74
C PHE E 425 21.24 10.51 48.05
N ARG E 426 21.93 11.48 48.65
CA ARG E 426 23.36 11.36 48.88
C ARG E 426 23.68 10.39 50.01
N GLU E 427 22.94 10.46 51.12
CA GLU E 427 23.16 9.62 52.29
C GLU E 427 21.87 8.89 52.63
N PRO E 428 21.55 7.82 51.90
CA PRO E 428 20.29 7.11 52.15
C PRO E 428 20.28 6.30 53.44
N MET E 429 21.44 5.91 53.96
CA MET E 429 21.49 5.11 55.18
C MET E 429 20.92 5.87 56.37
N LYS E 430 21.44 7.08 56.62
CA LYS E 430 21.09 7.81 57.82
C LYS E 430 19.66 8.33 57.81
N TYR E 431 19.00 8.33 56.66
CA TYR E 431 17.60 8.74 56.57
C TYR E 431 16.65 7.57 56.49
N VAL E 432 17.05 6.46 55.87
CA VAL E 432 16.21 5.26 55.90
C VAL E 432 16.15 4.70 57.32
N ILE E 433 17.27 4.77 58.06
CA ILE E 433 17.26 4.34 59.46
C ILE E 433 16.33 5.23 60.29
N GLU E 434 16.37 6.54 60.04
CA GLU E 434 15.48 7.47 60.74
C GLU E 434 14.02 7.22 60.40
N GLY E 435 13.72 6.93 59.13
CA GLY E 435 12.35 6.57 58.75
C GLY E 435 11.88 5.28 59.38
N ALA E 436 12.78 4.31 59.55
CA ALA E 436 12.42 3.09 60.27
C ALA E 436 12.17 3.38 61.74
N LEU E 437 12.98 4.25 62.34
CA LEU E 437 12.76 4.63 63.74
C LEU E 437 11.46 5.38 63.94
N SER E 438 11.02 6.12 62.92
CA SER E 438 9.76 6.86 63.01
C SER E 438 8.55 5.94 63.08
N ILE E 439 8.63 4.74 62.52
CA ILE E 439 7.47 3.85 62.45
C ILE E 439 7.76 2.54 63.18
N LYS E 440 8.83 2.53 63.98
CA LYS E 440 9.16 1.35 64.80
C LYS E 440 8.02 0.93 65.71
N ASP E 441 7.26 1.89 66.25
CA ASP E 441 6.23 1.60 67.23
C ASP E 441 4.86 1.36 66.63
N GLN E 442 4.76 1.32 65.30
CA GLN E 442 3.47 1.13 64.63
C GLN E 442 3.27 -0.29 64.11
N PHE E 443 4.02 -1.26 64.63
CA PHE E 443 3.88 -2.65 64.22
C PHE E 443 3.66 -3.55 65.42
N GLU F 4 33.23 -52.22 22.38
CA GLU F 4 31.90 -51.64 22.45
C GLU F 4 31.51 -51.01 21.13
N LYS F 5 30.21 -50.98 20.85
CA LYS F 5 29.67 -50.37 19.64
C LYS F 5 29.03 -49.03 20.00
N ARG F 6 29.46 -47.97 19.32
CA ARG F 6 28.91 -46.64 19.54
C ARG F 6 28.48 -46.06 18.20
N LEU F 7 27.44 -45.22 18.25
CA LEU F 7 26.92 -44.62 17.03
C LEU F 7 27.89 -43.60 16.43
N PHE F 8 28.70 -42.95 17.26
CA PHE F 8 29.64 -41.94 16.78
C PHE F 8 30.96 -42.54 16.30
N LEU F 9 31.11 -43.86 16.38
CA LEU F 9 32.41 -44.48 16.10
C LEU F 9 32.81 -44.34 14.63
N LYS F 10 31.84 -44.52 13.72
CA LYS F 10 32.14 -44.54 12.29
C LYS F 10 32.68 -43.20 11.80
N ALA F 11 32.08 -42.10 12.28
CA ALA F 11 32.59 -40.77 11.94
C ALA F 11 33.99 -40.55 12.50
N LEU F 12 34.27 -41.13 13.67
CA LEU F 12 35.62 -41.02 14.24
C LEU F 12 36.64 -41.82 13.43
N LYS F 13 36.25 -42.98 12.90
CA LYS F 13 37.15 -43.72 12.02
C LYS F 13 37.39 -42.96 10.72
N GLU F 14 36.35 -42.31 10.18
CA GLU F 14 36.53 -41.60 8.92
C GLU F 14 37.30 -40.29 9.10
N LYS F 15 37.08 -39.57 10.20
CA LYS F 15 37.68 -38.26 10.39
C LYS F 15 39.09 -38.33 10.96
N PHE F 16 39.44 -39.39 11.67
CA PHE F 16 40.73 -39.50 12.32
C PHE F 16 41.50 -40.68 11.75
N GLU F 17 42.74 -40.44 11.34
CA GLU F 17 43.60 -41.52 10.87
C GLU F 17 43.98 -42.46 12.02
N GLU F 18 44.25 -41.89 13.19
CA GLU F 18 44.64 -42.69 14.34
C GLU F 18 43.43 -43.45 14.90
N ASP F 19 43.73 -44.40 15.79
CA ASP F 19 42.67 -45.13 16.48
C ASP F 19 41.91 -44.19 17.40
N PRO F 20 40.58 -44.31 17.47
CA PRO F 20 39.79 -43.38 18.30
C PRO F 20 40.12 -43.43 19.79
N LYS F 21 40.57 -44.56 20.31
CA LYS F 21 40.95 -44.68 21.71
C LYS F 21 42.42 -44.35 21.96
N GLU F 22 43.18 -44.06 20.91
CA GLU F 22 44.60 -43.74 21.08
C GLU F 22 44.76 -42.37 21.70
N LYS F 23 45.65 -42.26 22.69
CA LYS F 23 45.82 -41.05 23.47
C LYS F 23 46.88 -40.10 22.91
N TYR F 24 47.56 -40.48 21.83
CA TYR F 24 48.67 -39.68 21.32
C TYR F 24 48.57 -39.52 19.81
N THR F 25 49.13 -38.41 19.32
CA THR F 25 49.16 -38.10 17.89
C THR F 25 50.31 -37.12 17.65
N LYS F 26 50.33 -36.51 16.48
CA LYS F 26 51.34 -35.53 16.13
C LYS F 26 50.70 -34.36 15.40
N PHE F 27 51.34 -33.20 15.49
CA PHE F 27 50.86 -31.97 14.85
C PHE F 27 52.01 -31.33 14.11
N TYR F 28 51.76 -30.10 13.64
CA TYR F 28 52.75 -29.20 13.02
C TYR F 28 53.35 -29.77 11.74
N THR F 29 52.68 -30.71 11.09
CA THR F 29 53.20 -31.34 9.88
C THR F 29 52.09 -31.47 8.85
N PHE F 30 51.13 -30.56 8.86
CA PHE F 30 49.99 -30.61 7.95
C PHE F 30 50.05 -29.53 6.88
N GLY F 31 51.11 -28.72 6.85
CA GLY F 31 51.27 -27.72 5.83
C GLY F 31 50.51 -26.43 6.05
N GLY F 32 49.81 -26.29 7.18
CA GLY F 32 49.05 -25.09 7.44
C GLY F 32 47.66 -25.12 6.84
N TRP F 33 47.25 -24.01 6.24
CA TRP F 33 45.94 -23.94 5.61
C TRP F 33 45.85 -24.71 4.30
N GLU F 34 46.99 -25.15 3.74
CA GLU F 34 47.00 -25.88 2.48
C GLU F 34 46.40 -27.27 2.58
N GLN F 35 46.18 -27.79 3.79
CA GLN F 35 45.60 -29.12 3.95
C GLN F 35 44.13 -29.17 3.56
N SER F 36 43.45 -28.02 3.49
CA SER F 36 42.03 -27.95 3.19
C SER F 36 41.82 -27.34 1.82
N ALA F 37 41.01 -28.01 1.00
CA ALA F 37 40.72 -27.49 -0.34
C ALA F 37 39.86 -26.23 -0.28
N ARG F 38 39.04 -26.09 0.77
CA ARG F 38 38.22 -24.89 0.91
C ARG F 38 39.08 -23.65 1.14
N LYS F 39 40.14 -23.78 1.95
CA LYS F 39 41.03 -22.65 2.18
C LYS F 39 41.81 -22.28 0.92
N ARG F 40 42.23 -23.28 0.14
CA ARG F 40 42.91 -23.00 -1.13
C ARG F 40 41.98 -22.31 -2.12
N GLU F 41 40.73 -22.77 -2.20
CA GLU F 41 39.73 -22.12 -3.05
C GLU F 41 39.48 -20.68 -2.60
N PHE F 42 39.46 -20.47 -1.28
CA PHE F 42 39.31 -19.12 -0.74
C PHE F 42 40.48 -18.24 -1.14
N VAL F 43 41.69 -18.80 -1.16
CA VAL F 43 42.88 -18.03 -1.51
C VAL F 43 42.85 -17.62 -2.98
N GLU F 44 42.56 -18.56 -3.88
CA GLU F 44 42.49 -18.19 -5.31
C GLU F 44 41.36 -17.21 -5.57
N ALA F 45 40.20 -17.41 -4.94
CA ALA F 45 39.08 -16.48 -5.09
C ALA F 45 39.44 -15.11 -4.54
N ASN F 46 40.20 -15.06 -3.44
CA ASN F 46 40.60 -13.78 -2.87
C ASN F 46 41.54 -13.03 -3.79
N GLU F 47 42.54 -13.70 -4.35
CA GLU F 47 43.46 -13.04 -5.27
C GLU F 47 42.74 -12.53 -6.52
N LYS F 48 41.87 -13.36 -7.10
CA LYS F 48 41.11 -12.92 -8.27
C LYS F 48 40.18 -11.75 -7.94
N ILE F 49 39.50 -11.83 -6.80
CA ILE F 49 38.53 -10.81 -6.41
C ILE F 49 39.24 -9.49 -6.12
N VAL F 50 40.39 -9.55 -5.44
CA VAL F 50 41.14 -8.32 -5.13
C VAL F 50 41.61 -7.67 -6.42
N SER F 51 42.25 -8.47 -7.30
CA SER F 51 42.86 -7.92 -8.52
C SER F 51 41.80 -7.35 -9.47
N GLU F 52 40.65 -8.02 -9.57
CA GLU F 52 39.62 -7.52 -10.48
C GLU F 52 38.79 -6.40 -9.86
N LYS F 53 38.09 -6.71 -8.76
CA LYS F 53 37.11 -5.77 -8.23
C LYS F 53 37.74 -4.74 -7.29
N ARG F 54 38.66 -5.16 -6.43
CA ARG F 54 39.03 -4.30 -5.32
C ARG F 54 40.15 -3.32 -5.65
N GLN F 55 40.77 -3.46 -6.82
CA GLN F 55 41.83 -2.56 -7.31
C GLN F 55 43.00 -2.46 -6.33
N GLY F 56 43.37 -3.58 -5.72
CA GLY F 56 44.55 -3.66 -4.90
C GLY F 56 44.33 -3.61 -3.40
N ILE F 57 43.10 -3.39 -2.95
CA ILE F 57 42.83 -3.37 -1.51
C ILE F 57 42.83 -4.81 -0.99
N PRO F 58 43.62 -5.13 0.04
CA PRO F 58 43.64 -6.51 0.55
C PRO F 58 42.32 -6.90 1.19
N LEU F 59 41.89 -8.13 0.94
CA LEU F 59 40.64 -8.65 1.50
C LEU F 59 40.87 -9.83 2.44
N TYR F 60 41.55 -10.87 1.98
CA TYR F 60 41.77 -12.08 2.77
C TYR F 60 43.26 -12.34 2.82
N ASN F 61 43.83 -12.35 4.03
CA ASN F 61 45.26 -12.52 4.24
C ASN F 61 45.47 -13.63 5.26
N PRO F 62 45.60 -14.88 4.80
CA PRO F 62 45.85 -15.98 5.75
C PRO F 62 47.20 -15.91 6.45
N ASP F 63 48.15 -15.14 5.92
CA ASP F 63 49.47 -15.03 6.55
C ASP F 63 49.38 -14.28 7.87
N ILE F 64 48.55 -13.24 7.95
CA ILE F 64 48.42 -12.47 9.18
C ILE F 64 47.40 -13.15 10.10
N GLY F 65 47.55 -12.90 11.39
CA GLY F 65 46.68 -13.53 12.38
C GLY F 65 47.22 -14.85 12.88
N VAL F 66 46.34 -15.77 13.22
CA VAL F 66 46.75 -17.09 13.71
C VAL F 66 47.32 -17.90 12.55
N PRO F 67 48.44 -18.62 12.73
CA PRO F 67 48.81 -19.61 11.72
C PRO F 67 47.87 -20.80 11.77
N LEU F 68 46.96 -20.87 10.80
CA LEU F 68 45.93 -21.88 10.81
C LEU F 68 46.49 -23.22 10.33
N GLY F 69 45.77 -24.29 10.65
CA GLY F 69 46.16 -25.60 10.18
C GLY F 69 47.34 -26.22 10.90
N GLN F 70 47.64 -25.77 12.13
CA GLN F 70 48.67 -26.43 12.91
C GLN F 70 48.27 -27.84 13.31
N ARG F 71 46.99 -28.06 13.55
CA ARG F 71 46.43 -29.39 13.75
C ARG F 71 45.62 -29.78 12.52
N LYS F 72 45.17 -31.04 12.50
CA LYS F 72 44.42 -31.55 11.37
C LYS F 72 43.01 -30.95 11.36
N LEU F 73 42.68 -30.24 10.28
CA LEU F 73 41.34 -29.70 10.10
C LEU F 73 40.42 -30.83 9.66
N MET F 74 39.67 -31.37 10.60
CA MET F 74 38.85 -32.55 10.35
C MET F 74 37.64 -32.19 9.49
N PRO F 75 37.15 -33.13 8.69
CA PRO F 75 35.86 -32.94 8.02
C PRO F 75 34.73 -33.20 9.00
N TYR F 76 33.51 -32.89 8.57
CA TYR F 76 32.34 -33.08 9.42
C TYR F 76 31.33 -33.94 8.69
N LYS F 77 30.90 -35.01 9.35
CA LYS F 77 29.74 -35.76 8.90
C LYS F 77 28.47 -34.97 9.23
N LEU F 78 27.33 -35.44 8.72
CA LEU F 78 26.03 -34.96 9.14
C LEU F 78 25.20 -36.15 9.59
N SER F 79 24.58 -36.02 10.76
CA SER F 79 23.99 -37.16 11.44
C SER F 79 22.82 -37.74 10.65
N ASN F 80 22.75 -39.07 10.64
CA ASN F 80 21.80 -39.89 9.87
C ASN F 80 21.93 -39.71 8.37
N THR F 81 23.01 -39.07 7.89
CA THR F 81 23.29 -38.93 6.47
C THR F 81 24.68 -39.44 6.18
N ASP F 82 24.85 -40.08 5.02
CA ASP F 82 26.14 -40.65 4.63
C ASP F 82 26.91 -39.70 3.69
N ASP F 83 27.17 -38.49 4.18
CA ASP F 83 27.99 -37.55 3.42
C ASP F 83 28.79 -36.68 4.36
N TYR F 84 29.94 -36.22 3.87
CA TYR F 84 30.89 -35.47 4.67
C TYR F 84 31.15 -34.12 4.00
N CYS F 85 31.52 -33.13 4.81
CA CYS F 85 31.81 -31.81 4.31
C CYS F 85 32.79 -31.12 5.23
N GLU F 86 33.45 -30.09 4.71
CA GLU F 86 34.32 -29.27 5.53
C GLU F 86 33.50 -28.37 6.45
N GLY F 87 34.15 -27.84 7.48
CA GLY F 87 33.45 -26.99 8.42
C GLY F 87 33.08 -25.64 7.85
N ASP F 88 33.81 -25.18 6.83
CA ASP F 88 33.49 -23.90 6.20
C ASP F 88 32.18 -23.99 5.42
N ASP F 89 31.84 -25.17 4.91
CA ASP F 89 30.58 -25.36 4.21
C ASP F 89 29.38 -25.27 5.13
N LEU F 90 29.57 -25.49 6.43
CA LEU F 90 28.49 -25.42 7.41
C LEU F 90 28.29 -24.02 7.96
N HIS F 91 29.13 -23.05 7.58
CA HIS F 91 28.88 -21.66 7.94
C HIS F 91 27.64 -21.16 7.22
N PHE F 92 26.82 -20.38 7.94
CA PHE F 92 25.53 -19.98 7.40
C PHE F 92 25.66 -19.03 6.21
N LEU F 93 26.76 -18.28 6.12
CA LEU F 93 26.99 -17.45 4.96
C LEU F 93 27.42 -18.29 3.75
N ASN F 94 28.12 -19.38 3.99
CA ASN F 94 28.56 -20.26 2.91
C ASN F 94 27.56 -21.36 2.59
N ASN F 95 26.52 -21.52 3.38
CA ASN F 95 25.52 -22.57 3.20
C ASN F 95 24.20 -21.93 2.80
N ALA F 96 23.79 -22.16 1.56
CA ALA F 96 22.52 -21.62 1.09
C ALA F 96 21.31 -22.34 1.68
N ALA F 97 21.50 -23.57 2.15
CA ALA F 97 20.38 -24.31 2.73
C ALA F 97 19.97 -23.73 4.07
N ILE F 98 20.93 -23.29 4.89
CA ILE F 98 20.59 -22.65 6.16
C ILE F 98 19.93 -21.30 5.93
N GLN F 99 20.41 -20.56 4.91
CA GLN F 99 19.79 -19.30 4.53
C GLN F 99 18.35 -19.51 4.07
N GLN F 100 18.11 -20.57 3.29
CA GLN F 100 16.75 -20.85 2.86
C GLN F 100 15.90 -21.39 4.01
N LEU F 101 16.51 -22.10 4.96
CA LEU F 101 15.81 -22.53 6.16
C LEU F 101 15.25 -21.33 6.91
N TRP F 102 16.07 -20.28 7.07
CA TRP F 102 15.55 -19.09 7.74
C TRP F 102 14.61 -18.31 6.82
N ASP F 103 14.88 -18.30 5.51
CA ASP F 103 14.05 -17.54 4.59
C ASP F 103 12.61 -18.07 4.55
N ASP F 104 12.45 -19.39 4.53
CA ASP F 104 11.12 -19.98 4.47
C ASP F 104 10.31 -19.71 5.74
N ILE F 105 10.98 -19.70 6.90
CA ILE F 105 10.31 -19.37 8.15
C ILE F 105 9.95 -17.89 8.19
N ARG F 106 10.85 -17.03 7.73
CA ARG F 106 10.63 -15.59 7.80
C ARG F 106 9.48 -15.15 6.90
N ARG F 107 9.32 -15.79 5.75
CA ARG F 107 8.36 -15.35 4.75
C ARG F 107 6.98 -16.00 4.91
N THR F 108 6.71 -16.67 6.03
CA THR F 108 5.48 -17.39 6.25
C THR F 108 4.56 -16.58 7.16
N VAL F 109 3.34 -16.31 6.68
CA VAL F 109 2.27 -15.73 7.50
C VAL F 109 1.03 -16.58 7.30
N ILE F 110 0.40 -16.98 8.40
CA ILE F 110 -0.83 -17.78 8.37
C ILE F 110 -1.99 -16.87 8.77
N VAL F 111 -2.95 -16.72 7.87
CA VAL F 111 -4.13 -15.89 8.08
C VAL F 111 -5.36 -16.77 7.97
N GLY F 112 -6.29 -16.62 8.92
CA GLY F 112 -7.54 -17.34 8.86
C GLY F 112 -8.60 -16.58 8.06
N MET F 113 -9.37 -17.33 7.29
CA MET F 113 -10.49 -16.77 6.53
C MET F 113 -11.78 -17.45 6.99
N ASP F 114 -12.27 -17.02 8.13
CA ASP F 114 -13.59 -17.38 8.60
C ASP F 114 -14.39 -16.16 9.02
N THR F 115 -13.73 -15.18 9.64
CA THR F 115 -14.37 -13.90 9.91
C THR F 115 -14.55 -13.11 8.61
N ALA F 116 -13.60 -13.23 7.69
CA ALA F 116 -13.74 -12.57 6.39
C ALA F 116 -14.91 -13.15 5.60
N HIS F 117 -15.05 -14.47 5.61
CA HIS F 117 -16.17 -15.11 4.91
C HIS F 117 -17.49 -14.75 5.57
N SER F 118 -17.52 -14.68 6.90
CA SER F 118 -18.75 -14.31 7.61
C SER F 118 -19.13 -12.85 7.33
N VAL F 119 -18.14 -11.96 7.25
CA VAL F 119 -18.42 -10.57 6.92
C VAL F 119 -18.89 -10.44 5.47
N LEU F 120 -18.29 -11.22 4.57
CA LEU F 120 -18.72 -11.22 3.17
C LEU F 120 -20.15 -11.72 3.03
N GLU F 121 -20.52 -12.77 3.77
CA GLU F 121 -21.86 -13.33 3.65
C GLU F 121 -22.91 -12.44 4.27
N LYS F 122 -22.64 -11.91 5.47
CA LYS F 122 -23.67 -11.16 6.19
C LYS F 122 -23.61 -9.66 5.89
N ARG F 123 -22.50 -9.01 6.22
CA ARG F 123 -22.47 -7.56 6.15
C ARG F 123 -22.35 -7.05 4.71
N LEU F 124 -21.59 -7.74 3.87
CA LEU F 124 -21.40 -7.31 2.50
C LEU F 124 -22.42 -7.89 1.53
N GLY F 125 -23.15 -8.92 1.94
CA GLY F 125 -24.16 -9.52 1.09
C GLY F 125 -23.62 -10.22 -0.14
N VAL F 126 -22.45 -10.85 -0.03
CA VAL F 126 -21.82 -11.57 -1.13
C VAL F 126 -21.71 -13.03 -0.74
N GLU F 127 -22.22 -13.91 -1.60
CA GLU F 127 -22.17 -15.33 -1.32
C GLU F 127 -20.73 -15.86 -1.41
N VAL F 128 -20.40 -16.79 -0.53
CA VAL F 128 -19.07 -17.40 -0.48
C VAL F 128 -19.25 -18.87 -0.78
N THR F 129 -18.87 -19.27 -1.98
CA THR F 129 -18.91 -20.63 -2.47
C THR F 129 -17.49 -21.17 -2.60
N PRO F 130 -17.32 -22.50 -2.69
CA PRO F 130 -16.00 -23.03 -3.03
C PRO F 130 -15.45 -22.54 -4.36
N GLU F 131 -16.32 -22.24 -5.33
CA GLU F 131 -15.88 -21.63 -6.57
C GLU F 131 -15.33 -20.23 -6.34
N THR F 132 -15.99 -19.45 -5.47
CA THR F 132 -15.49 -18.12 -5.14
C THR F 132 -14.16 -18.20 -4.38
N ILE F 133 -14.00 -19.21 -3.52
CA ILE F 133 -12.74 -19.39 -2.81
C ILE F 133 -11.63 -19.78 -3.79
N ASN F 134 -11.95 -20.61 -4.80
CA ASN F 134 -10.97 -20.94 -5.83
C ASN F 134 -10.58 -19.71 -6.64
N GLU F 135 -11.56 -18.86 -6.97
CA GLU F 135 -11.28 -17.62 -7.67
C GLU F 135 -10.40 -16.69 -6.85
N TYR F 136 -10.68 -16.58 -5.55
CA TYR F 136 -9.84 -15.77 -4.67
C TYR F 136 -8.43 -16.33 -4.58
N MET F 137 -8.30 -17.66 -4.55
CA MET F 137 -6.98 -18.28 -4.47
C MET F 137 -6.18 -18.03 -5.73
N HIS F 138 -6.84 -18.09 -6.90
CA HIS F 138 -6.18 -17.72 -8.15
C HIS F 138 -5.73 -16.26 -8.12
N THR F 139 -6.60 -15.37 -7.62
CA THR F 139 -6.28 -13.95 -7.57
C THR F 139 -5.10 -13.67 -6.64
N ILE F 140 -5.07 -14.29 -5.46
CA ILE F 140 -3.98 -14.04 -4.53
C ILE F 140 -2.69 -14.71 -5.03
N ASN F 141 -2.80 -15.84 -5.72
CA ASN F 141 -1.60 -16.47 -6.28
C ASN F 141 -1.01 -15.62 -7.40
N HIS F 142 -1.85 -14.91 -8.16
CA HIS F 142 -1.31 -13.97 -9.13
C HIS F 142 -0.75 -12.73 -8.45
N SER F 143 -1.41 -12.25 -7.40
CA SER F 143 -1.13 -10.94 -6.85
C SER F 143 -0.08 -10.92 -5.75
N LEU F 144 0.12 -12.03 -5.03
CA LEU F 144 1.08 -12.05 -3.93
C LEU F 144 2.53 -11.79 -4.35
N PRO F 145 3.10 -12.42 -5.44
CA PRO F 145 4.52 -12.13 -5.73
C PRO F 145 4.80 -10.70 -6.13
N GLY F 146 4.22 -10.24 -7.24
CA GLY F 146 4.28 -8.83 -7.60
C GLY F 146 3.09 -8.38 -8.42
N GLY F 147 2.10 -9.26 -8.57
CA GLY F 147 1.12 -9.09 -9.62
C GLY F 147 0.10 -8.00 -9.33
N ALA F 148 -0.40 -7.41 -10.41
CA ALA F 148 -1.53 -6.50 -10.37
C ALA F 148 -2.63 -7.09 -11.23
N VAL F 149 -3.79 -7.33 -10.65
CA VAL F 149 -4.87 -7.96 -11.38
C VAL F 149 -5.51 -6.95 -12.32
N VAL F 150 -5.73 -7.37 -13.58
CA VAL F 150 -6.26 -6.62 -14.73
C VAL F 150 -5.88 -5.14 -14.74
N GLN F 151 -4.63 -4.84 -14.41
CA GLN F 151 -4.10 -3.47 -14.47
C GLN F 151 -2.72 -3.56 -15.10
N GLU F 152 -2.67 -3.50 -16.44
CA GLU F 152 -1.39 -3.56 -17.14
C GLU F 152 -0.57 -2.29 -16.96
N HIS F 153 -1.21 -1.16 -16.65
CA HIS F 153 -0.50 0.08 -16.40
C HIS F 153 0.25 0.07 -15.08
N MET F 154 -0.11 -0.82 -14.16
CA MET F 154 0.53 -0.86 -12.86
C MET F 154 1.91 -1.50 -12.97
N VAL F 155 2.86 -0.98 -12.19
CA VAL F 155 4.20 -1.54 -12.15
C VAL F 155 4.19 -2.84 -11.36
N GLU F 156 4.77 -3.88 -11.94
CA GLU F 156 4.76 -5.20 -11.32
C GLU F 156 6.18 -5.76 -11.23
N VAL F 157 6.36 -6.67 -10.28
CA VAL F 157 7.62 -7.36 -10.09
C VAL F 157 7.76 -8.44 -11.15
N HIS F 158 9.00 -8.67 -11.60
CA HIS F 158 9.26 -9.70 -12.60
C HIS F 158 8.88 -11.07 -12.05
N PRO F 159 8.10 -11.87 -12.78
CA PRO F 159 7.63 -13.15 -12.24
C PRO F 159 8.72 -14.17 -11.95
N SER F 160 9.80 -14.19 -12.74
CA SER F 160 10.88 -15.13 -12.45
C SER F 160 11.69 -14.71 -11.24
N LEU F 161 11.59 -13.45 -10.84
CA LEU F 161 12.26 -12.97 -9.63
C LEU F 161 11.58 -13.44 -8.36
N ALA F 162 10.36 -13.97 -8.46
CA ALA F 162 9.56 -14.41 -7.31
C ALA F 162 8.95 -15.77 -7.59
N TRP F 163 9.76 -16.71 -8.08
CA TRP F 163 9.27 -18.04 -8.42
C TRP F 163 8.91 -18.87 -7.19
N ASP F 164 9.44 -18.51 -6.02
CA ASP F 164 9.19 -19.26 -4.79
C ASP F 164 7.93 -18.82 -4.08
N CYS F 165 7.22 -17.82 -4.60
CA CYS F 165 6.04 -17.29 -3.92
C CYS F 165 4.83 -18.15 -4.23
N TYR F 166 4.11 -18.54 -3.17
CA TYR F 166 2.89 -19.32 -3.31
C TYR F 166 1.88 -18.84 -2.28
N ALA F 167 0.60 -19.03 -2.60
CA ALA F 167 -0.49 -18.83 -1.66
C ALA F 167 -1.25 -20.14 -1.56
N ARG F 168 -1.29 -20.71 -0.36
CA ARG F 168 -1.89 -22.01 -0.13
C ARG F 168 -3.04 -21.88 0.85
N ILE F 169 -3.89 -22.91 0.88
CA ILE F 169 -5.05 -22.94 1.75
C ILE F 169 -5.14 -24.32 2.39
N PHE F 170 -5.60 -24.35 3.63
CA PHE F 170 -5.94 -25.60 4.29
C PHE F 170 -7.12 -25.36 5.21
N THR F 171 -7.83 -26.44 5.52
CA THR F 171 -9.02 -26.35 6.34
C THR F 171 -9.24 -27.66 7.08
N GLY F 172 -9.76 -27.57 8.30
CA GLY F 172 -10.21 -28.75 9.01
C GLY F 172 -11.54 -29.28 8.55
N ASP F 173 -12.27 -28.50 7.74
CA ASP F 173 -13.52 -28.93 7.16
C ASP F 173 -13.23 -29.81 5.96
N ASP F 174 -13.66 -31.08 6.02
CA ASP F 174 -13.25 -32.06 5.01
C ASP F 174 -13.99 -31.85 3.69
N GLU F 175 -15.30 -31.58 3.74
CA GLU F 175 -16.05 -31.41 2.50
C GLU F 175 -15.65 -30.14 1.77
N LEU F 176 -15.30 -29.08 2.51
CA LEU F 176 -14.70 -27.92 1.86
C LEU F 176 -13.34 -28.27 1.26
N ALA F 177 -12.60 -29.16 1.89
CA ALA F 177 -11.29 -29.55 1.37
C ALA F 177 -11.41 -30.32 0.06
N ASP F 178 -12.38 -31.24 -0.06
CA ASP F 178 -12.50 -31.97 -1.33
C ASP F 178 -13.25 -31.15 -2.36
N GLU F 179 -14.01 -30.14 -1.94
CA GLU F 179 -14.63 -29.25 -2.90
C GLU F 179 -13.69 -28.16 -3.41
N LEU F 180 -12.52 -27.99 -2.80
CA LEU F 180 -11.56 -26.98 -3.23
C LEU F 180 -10.58 -27.57 -4.24
N ASP F 181 -9.93 -26.67 -4.98
CA ASP F 181 -8.93 -27.08 -5.95
C ASP F 181 -7.67 -27.58 -5.24
N SER F 182 -7.13 -28.69 -5.75
CA SER F 182 -5.93 -29.29 -5.18
C SER F 182 -4.64 -28.62 -5.67
N ARG F 183 -4.74 -27.64 -6.55
CA ARG F 183 -3.56 -26.93 -7.05
C ARG F 183 -2.89 -26.15 -5.93
N PHE F 184 -3.67 -25.50 -5.06
CA PHE F 184 -3.15 -24.66 -4.00
C PHE F 184 -3.75 -25.04 -2.65
N LEU F 185 -3.90 -26.34 -2.40
CA LEU F 185 -4.45 -26.84 -1.15
C LEU F 185 -3.40 -27.68 -0.43
N ILE F 186 -3.20 -27.40 0.86
CA ILE F 186 -2.38 -28.24 1.72
C ILE F 186 -3.30 -29.30 2.32
N ASP F 187 -3.26 -30.51 1.75
CA ASP F 187 -4.16 -31.57 2.17
C ASP F 187 -3.64 -32.23 3.44
N ILE F 188 -4.37 -32.09 4.54
CA ILE F 188 -3.95 -32.67 5.82
C ILE F 188 -4.02 -34.19 5.76
N ASN F 189 -5.02 -34.73 5.06
CA ASN F 189 -5.26 -36.17 5.07
C ASN F 189 -4.14 -36.95 4.37
N LYS F 190 -3.63 -36.42 3.26
CA LYS F 190 -2.61 -37.14 2.51
C LYS F 190 -1.19 -36.75 2.90
N LEU F 191 -1.01 -35.74 3.75
CA LEU F 191 0.33 -35.34 4.20
C LEU F 191 0.65 -35.81 5.61
N PHE F 192 -0.33 -36.30 6.34
CA PHE F 192 -0.17 -36.73 7.72
C PHE F 192 -0.70 -38.14 7.88
N PRO F 193 -0.22 -38.88 8.87
CA PRO F 193 -0.85 -40.16 9.20
C PRO F 193 -2.25 -39.95 9.77
N GLU F 194 -3.02 -41.04 9.79
CA GLU F 194 -4.45 -40.96 10.08
C GLU F 194 -4.73 -40.42 11.48
N GLU F 195 -4.01 -40.93 12.48
CA GLU F 195 -4.21 -40.44 13.84
C GLU F 195 -3.73 -39.00 14.00
N GLN F 196 -2.61 -38.64 13.35
CA GLN F 196 -2.13 -37.27 13.39
C GLN F 196 -3.06 -36.33 12.65
N ALA F 197 -3.60 -36.77 11.51
CA ALA F 197 -4.55 -35.96 10.77
C ALA F 197 -5.83 -35.74 11.57
N GLU F 198 -6.32 -36.78 12.25
CA GLU F 198 -7.51 -36.65 13.08
C GLU F 198 -7.26 -35.70 14.25
N THR F 199 -6.10 -35.82 14.89
CA THR F 199 -5.77 -34.93 16.00
C THR F 199 -5.66 -33.48 15.54
N LEU F 200 -5.02 -33.25 14.39
CA LEU F 200 -4.86 -31.89 13.89
C LEU F 200 -6.18 -31.30 13.42
N LYS F 201 -7.05 -32.11 12.83
CA LYS F 201 -8.36 -31.62 12.43
C LYS F 201 -9.23 -31.32 13.64
N ALA F 202 -9.10 -32.11 14.71
CA ALA F 202 -9.82 -31.82 15.94
C ALA F 202 -9.30 -30.53 16.59
N ALA F 203 -7.99 -30.32 16.57
CA ALA F 203 -7.42 -29.13 17.19
C ALA F 203 -7.73 -27.87 16.39
N ILE F 204 -7.67 -27.96 15.06
CA ILE F 204 -7.96 -26.80 14.22
C ILE F 204 -9.45 -26.49 14.23
N GLY F 205 -10.28 -27.51 14.02
CA GLY F 205 -11.71 -27.30 14.01
C GLY F 205 -12.30 -27.37 12.61
N LYS F 206 -13.32 -26.57 12.35
CA LYS F 206 -13.95 -26.48 11.04
C LYS F 206 -13.66 -25.14 10.38
N LYS F 207 -12.44 -24.65 10.55
CA LYS F 207 -12.04 -23.32 10.10
C LYS F 207 -11.07 -23.42 8.94
N THR F 208 -11.03 -22.35 8.14
CA THR F 208 -10.22 -22.28 6.94
C THR F 208 -9.11 -21.25 7.14
N TYR F 209 -7.90 -21.61 6.74
CA TYR F 209 -6.73 -20.75 6.89
C TYR F 209 -5.98 -20.70 5.57
N GLN F 210 -5.38 -19.55 5.28
CA GLN F 210 -4.54 -19.40 4.10
C GLN F 210 -3.09 -19.16 4.53
N VAL F 211 -2.17 -19.79 3.81
CA VAL F 211 -0.74 -19.64 4.05
C VAL F 211 -0.17 -18.81 2.92
N SER F 212 0.39 -17.65 3.26
CA SER F 212 1.00 -16.76 2.29
C SER F 212 2.51 -16.90 2.38
N ARG F 213 3.13 -17.33 1.29
CA ARG F 213 4.59 -17.43 1.19
C ARG F 213 5.05 -16.24 0.37
N VAL F 214 5.36 -15.14 1.06
CA VAL F 214 5.93 -13.93 0.44
C VAL F 214 7.26 -14.31 -0.21
N PRO F 215 7.60 -13.76 -1.39
CA PRO F 215 8.86 -14.16 -2.04
C PRO F 215 10.08 -13.84 -1.19
N SER F 216 11.11 -14.67 -1.35
CA SER F 216 12.29 -14.60 -0.50
C SER F 216 13.03 -13.28 -0.66
N LEU F 217 13.04 -12.73 -1.88
CA LEU F 217 13.75 -11.48 -2.15
C LEU F 217 13.20 -10.32 -1.34
N VAL F 218 11.90 -10.35 -1.03
CA VAL F 218 11.31 -9.34 -0.17
C VAL F 218 11.93 -9.38 1.23
N GLY F 219 12.16 -10.59 1.75
CA GLY F 219 12.84 -10.72 3.01
C GLY F 219 14.33 -10.43 2.92
N ARG F 220 14.92 -10.59 1.74
CA ARG F 220 16.33 -10.25 1.57
C ARG F 220 16.54 -8.74 1.61
N VAL F 221 15.74 -7.99 0.83
CA VAL F 221 15.91 -6.54 0.76
C VAL F 221 15.46 -5.88 2.06
N CYS F 222 14.30 -6.28 2.56
CA CYS F 222 13.70 -5.67 3.74
C CYS F 222 13.95 -6.54 4.98
N ASP F 223 13.24 -6.24 6.06
CA ASP F 223 13.37 -6.95 7.31
C ASP F 223 12.26 -8.00 7.46
N GLY F 224 12.16 -8.59 8.64
CA GLY F 224 11.16 -9.62 8.88
C GLY F 224 9.76 -9.10 9.10
N GLY F 225 9.63 -7.89 9.64
CA GLY F 225 8.32 -7.29 9.84
C GLY F 225 7.65 -6.81 8.57
N THR F 226 8.37 -6.83 7.46
CA THR F 226 7.82 -6.51 6.15
C THR F 226 6.80 -7.54 5.69
N ILE F 227 6.99 -8.80 6.09
CA ILE F 227 6.24 -9.93 5.55
C ILE F 227 4.76 -9.83 5.90
N SER F 228 4.44 -9.46 7.14
CA SER F 228 3.04 -9.36 7.57
C SER F 228 2.31 -8.26 6.80
N ARG F 229 2.97 -7.11 6.62
CA ARG F 229 2.35 -6.02 5.86
C ARG F 229 2.16 -6.39 4.41
N TRP F 230 3.15 -7.07 3.81
CA TRP F 230 3.05 -7.49 2.41
C TRP F 230 1.88 -8.46 2.22
N SER F 231 1.79 -9.47 3.09
CA SER F 231 0.73 -10.46 2.99
C SER F 231 -0.63 -9.83 3.23
N ALA F 232 -0.74 -8.94 4.22
CA ALA F 232 -2.01 -8.28 4.52
C ALA F 232 -2.48 -7.41 3.37
N MET F 233 -1.55 -6.65 2.78
CA MET F 233 -1.90 -5.76 1.68
C MET F 233 -2.37 -6.56 0.46
N GLN F 234 -1.63 -7.63 0.12
CA GLN F 234 -2.02 -8.43 -1.04
C GLN F 234 -3.29 -9.22 -0.80
N ILE F 235 -3.54 -9.66 0.43
CA ILE F 235 -4.77 -10.35 0.76
C ILE F 235 -5.96 -9.41 0.63
N GLY F 236 -5.83 -8.17 1.12
CA GLY F 236 -6.90 -7.21 0.97
C GLY F 236 -7.18 -6.85 -0.48
N MET F 237 -6.12 -6.65 -1.28
CA MET F 237 -6.30 -6.35 -2.69
C MET F 237 -6.96 -7.51 -3.44
N SER F 238 -6.52 -8.74 -3.18
CA SER F 238 -7.10 -9.89 -3.85
C SER F 238 -8.53 -10.14 -3.41
N PHE F 239 -8.87 -9.81 -2.16
CA PHE F 239 -10.24 -9.97 -1.70
C PHE F 239 -11.16 -8.93 -2.34
N ILE F 240 -10.71 -7.68 -2.45
CA ILE F 240 -11.55 -6.68 -3.11
C ILE F 240 -11.53 -6.81 -4.62
N THR F 241 -10.63 -7.60 -5.19
CA THR F 241 -10.66 -7.84 -6.63
C THR F 241 -11.51 -9.06 -7.00
N ALA F 242 -11.25 -10.21 -6.36
CA ALA F 242 -11.97 -11.43 -6.68
C ALA F 242 -13.45 -11.31 -6.33
N TYR F 243 -13.75 -10.82 -5.13
CA TYR F 243 -15.09 -10.38 -4.79
C TYR F 243 -15.16 -8.89 -5.13
N LYS F 244 -16.04 -8.54 -6.08
CA LYS F 244 -16.13 -7.16 -6.54
C LYS F 244 -16.82 -6.32 -5.47
N LEU F 245 -16.01 -5.70 -4.61
CA LEU F 245 -16.51 -4.88 -3.51
C LEU F 245 -16.02 -3.45 -3.66
N CYS F 246 -16.80 -2.53 -3.11
CA CYS F 246 -16.38 -1.13 -3.08
C CYS F 246 -15.29 -0.94 -2.04
N ALA F 247 -14.23 -0.23 -2.43
CA ALA F 247 -13.08 -0.01 -1.55
C ALA F 247 -13.09 1.37 -0.92
N GLY F 248 -14.27 1.95 -0.72
CA GLY F 248 -14.36 3.29 -0.17
C GLY F 248 -15.43 3.47 0.89
N GLU F 249 -15.91 2.38 1.46
CA GLU F 249 -16.94 2.42 2.50
C GLU F 249 -16.42 1.81 3.79
N ALA F 250 -17.14 2.09 4.88
CA ALA F 250 -16.74 1.59 6.19
C ALA F 250 -16.88 0.09 6.30
N ALA F 251 -17.81 -0.50 5.54
CA ALA F 251 -17.94 -1.95 5.50
C ALA F 251 -16.68 -2.61 4.95
N THR F 252 -16.00 -1.95 4.01
CA THR F 252 -14.72 -2.44 3.54
C THR F 252 -13.65 -2.37 4.63
N ALA F 253 -13.73 -1.37 5.52
CA ALA F 253 -12.79 -1.31 6.64
C ALA F 253 -13.04 -2.44 7.64
N ASP F 254 -14.31 -2.73 7.92
CA ASP F 254 -14.63 -3.87 8.79
C ASP F 254 -14.18 -5.18 8.16
N PHE F 255 -14.38 -5.32 6.85
CA PHE F 255 -13.92 -6.51 6.15
C PHE F 255 -12.39 -6.60 6.12
N SER F 256 -11.71 -5.45 6.03
CA SER F 256 -10.26 -5.44 6.08
C SER F 256 -9.75 -5.92 7.43
N TYR F 257 -10.40 -5.48 8.52
CA TYR F 257 -10.05 -6.02 9.83
C TYR F 257 -10.31 -7.52 9.90
N ALA F 258 -11.45 -7.97 9.37
CA ALA F 258 -11.79 -9.38 9.44
C ALA F 258 -10.89 -10.25 8.58
N SER F 259 -10.29 -9.67 7.53
CA SER F 259 -9.53 -10.45 6.58
C SER F 259 -8.02 -10.39 6.78
N LYS F 260 -7.52 -9.32 7.41
CA LYS F 260 -6.04 -9.21 7.52
C LYS F 260 -5.62 -8.70 8.90
N MHS F 261 -6.54 -8.64 9.88
CA MHS F 261 -6.15 -8.22 11.25
C MHS F 261 -6.93 -9.01 12.31
O MHS F 261 -6.89 -8.60 13.49
CB MHS F 261 -6.39 -6.71 11.48
CG MHS F 261 -6.00 -5.81 10.35
ND1 MHS F 261 -4.68 -5.40 10.10
CD2 MHS F 261 -6.75 -5.17 9.41
CE1 MHS F 261 -4.74 -4.57 9.03
NE2 MHS F 261 -5.96 -4.41 8.58
CM MHS F 261 -3.50 -5.79 10.87
N ALA F 262 -7.62 -10.09 11.92
CA ALA F 262 -8.47 -10.81 12.90
C ALA F 262 -7.80 -12.11 13.37
N ASP F 263 -7.32 -12.94 12.43
CA ASP F 263 -6.75 -14.22 12.79
C ASP F 263 -5.39 -14.41 12.14
N VAL F 264 -4.53 -13.41 12.28
CA VAL F 264 -3.18 -13.47 11.73
C VAL F 264 -2.28 -14.21 12.70
N ILE F 265 -1.59 -15.24 12.21
CA ILE F 265 -0.63 -16.01 13.00
C ILE F 265 0.75 -15.68 12.46
N GLN F 266 1.57 -15.03 13.28
CA GLN F 266 2.91 -14.64 12.91
C GLN F 266 3.93 -15.64 13.46
N MET F 267 5.06 -15.75 12.77
CA MET F 267 6.07 -16.72 13.16
C MET F 267 6.81 -16.31 14.41
N GLY F 268 7.06 -15.01 14.57
CA GLY F 268 7.75 -14.51 15.74
C GLY F 268 7.20 -13.16 16.15
N ASN F 269 7.38 -12.84 17.42
CA ASN F 269 6.90 -11.57 17.97
C ASN F 269 8.01 -10.52 17.90
N ALA F 270 7.60 -9.27 18.05
CA ALA F 270 8.56 -8.17 18.12
C ALA F 270 9.31 -8.20 19.44
N LEU F 271 10.55 -7.72 19.41
CA LEU F 271 11.38 -7.76 20.60
C LEU F 271 11.67 -6.36 21.10
N PRO F 272 11.66 -6.16 22.42
CA PRO F 272 11.79 -4.81 22.98
C PRO F 272 13.22 -4.46 23.36
N GLY F 273 13.39 -3.19 23.75
CA GLY F 273 14.62 -2.76 24.40
C GLY F 273 15.80 -2.71 23.47
N ARG F 274 16.94 -3.18 23.96
CA ARG F 274 18.19 -3.14 23.21
C ARG F 274 18.24 -4.24 22.14
N AGM F 275 17.31 -5.18 22.21
CA AGM F 275 17.19 -6.21 21.19
CB AGM F 275 16.94 -7.58 21.82
CG AGM F 275 17.97 -8.00 22.86
CD AGM F 275 17.52 -9.22 23.67
CE2 AGM F 275 17.35 -10.46 22.80
NE1 AGM F 275 16.25 -8.98 24.35
CZ AGM F 275 16.04 -8.23 25.43
NH1 AGM F 275 17.05 -7.57 26.01
NH2 AGM F 275 14.83 -8.11 25.94
C AGM F 275 16.06 -5.88 20.23
O AGM F 275 15.38 -6.78 19.75
N ALA F 276 15.88 -4.59 19.96
CA ALA F 276 14.75 -4.09 19.18
C ALA F 276 14.69 -4.67 17.77
N ARG F 277 13.60 -5.39 17.50
CA ARG F 277 13.40 -6.04 16.22
C ARG F 277 11.90 -6.13 15.96
N GLY F 278 11.55 -6.33 14.69
CA GLY F 278 10.17 -6.49 14.30
C GLY F 278 9.71 -7.92 14.47
N PRO F 279 8.50 -8.22 14.01
CA PRO F 279 8.04 -9.61 13.99
C PRO F 279 8.75 -10.41 12.93
N ASN F 280 8.55 -11.73 12.99
CA ASN F 280 9.14 -12.69 12.04
C ASN F 280 10.66 -12.59 11.99
N GLU F 281 11.27 -12.41 13.16
CA GLU F 281 12.71 -12.45 13.38
C GLU F 281 13.02 -13.59 14.35
N PRO F 282 14.19 -14.25 14.24
CA PRO F 282 14.37 -15.53 14.94
C PRO F 282 14.48 -15.39 16.45
N GLY F 283 14.64 -14.18 16.98
CA GLY F 283 14.56 -14.00 18.42
C GLY F 283 13.15 -14.08 18.97
N GLY F 284 12.15 -13.86 18.12
CA GLY F 284 10.77 -13.92 18.52
C GLY F 284 10.10 -15.28 18.35
N ILE F 285 10.82 -16.28 17.88
CA ILE F 285 10.23 -17.59 17.63
C ILE F 285 10.33 -18.43 18.89
N ARG F 286 9.19 -18.85 19.42
CA ARG F 286 9.16 -19.71 20.58
C ARG F 286 9.63 -21.11 20.23
N PHE F 287 10.01 -21.87 21.27
CA PHE F 287 10.56 -23.21 21.05
C PHE F 287 9.50 -24.18 20.54
N GLY F 288 8.26 -24.06 21.03
CA GLY F 288 7.18 -24.89 20.53
C GLY F 288 6.83 -24.59 19.08
N ILE F 289 6.87 -23.32 18.68
CA ILE F 289 6.61 -22.95 17.30
C ILE F 289 7.66 -23.57 16.37
N LEU F 290 8.93 -23.51 16.77
CA LEU F 290 9.98 -24.12 15.97
C LEU F 290 9.89 -25.64 15.97
N SER F 291 9.43 -26.24 17.08
CA SER F 291 9.17 -27.67 17.08
C SER F 291 8.07 -28.04 16.10
N ASP F 292 7.03 -27.20 16.00
CA ASP F 292 5.97 -27.42 15.03
C ASP F 292 6.41 -27.14 13.59
N VAL F 293 7.45 -26.32 13.40
CA VAL F 293 7.97 -26.07 12.06
C VAL F 293 8.59 -27.33 11.47
N VAL F 294 9.40 -28.03 12.27
CA VAL F 294 10.04 -29.25 11.82
C VAL F 294 9.00 -30.35 11.72
N GLN F 295 9.01 -31.07 10.60
CA GLN F 295 8.02 -32.12 10.35
C GLN F 295 8.73 -33.47 10.29
N THR F 296 9.03 -34.01 11.47
CA THR F 296 9.57 -35.36 11.58
C THR F 296 8.56 -36.32 12.16
N THR F 297 7.58 -35.81 12.93
CA THR F 297 6.45 -36.62 13.37
C THR F 297 5.61 -37.11 12.20
N ARG F 298 5.63 -36.40 11.07
CA ARG F 298 4.91 -36.86 9.88
C ARG F 298 5.51 -38.13 9.32
N VAL F 299 6.84 -38.20 9.24
CA VAL F 299 7.52 -39.25 8.49
C VAL F 299 8.26 -40.23 9.40
N SER F 300 8.35 -39.97 10.69
CA SER F 300 9.07 -40.86 11.60
C SER F 300 8.25 -41.08 12.85
N GLU F 301 8.46 -42.24 13.48
CA GLU F 301 7.85 -42.56 14.76
C GLU F 301 8.84 -42.62 15.90
N ASP F 302 10.14 -42.54 15.61
CA ASP F 302 11.16 -42.53 16.65
C ASP F 302 11.15 -41.19 17.36
N PRO F 303 10.93 -41.15 18.69
CA PRO F 303 10.92 -39.86 19.39
C PRO F 303 12.29 -39.20 19.44
N VAL F 304 13.36 -39.98 19.49
CA VAL F 304 14.71 -39.41 19.57
C VAL F 304 15.03 -38.68 18.27
N GLU F 305 14.74 -39.30 17.12
CA GLU F 305 14.97 -38.64 15.83
C GLU F 305 14.09 -37.39 15.67
N GLN F 306 12.84 -37.46 16.14
CA GLN F 306 11.95 -36.31 16.10
C GLN F 306 12.50 -35.16 16.92
N SER F 307 13.05 -35.44 18.11
CA SER F 307 13.66 -34.40 18.90
C SER F 307 14.95 -33.88 18.28
N LEU F 308 15.74 -34.77 17.66
CA LEU F 308 17.06 -34.38 17.17
C LEU F 308 17.00 -33.56 15.89
N GLU F 309 15.98 -33.78 15.04
CA GLU F 309 15.80 -32.89 13.90
C GLU F 309 15.45 -31.47 14.36
N VAL F 310 14.64 -31.34 15.41
CA VAL F 310 14.36 -30.04 16.00
C VAL F 310 15.61 -29.46 16.64
N VAL F 311 16.45 -30.30 17.24
CA VAL F 311 17.72 -29.82 17.78
C VAL F 311 18.61 -29.24 16.68
N ALA F 312 18.69 -29.94 15.54
CA ALA F 312 19.50 -29.45 14.42
C ALA F 312 18.96 -28.16 13.85
N THR F 313 17.63 -28.08 13.64
CA THR F 313 17.03 -26.86 13.12
C THR F 313 17.21 -25.70 14.08
N GLY F 314 17.02 -25.95 15.39
CA GLY F 314 17.20 -24.90 16.37
C GLY F 314 18.64 -24.44 16.48
N ALA F 315 19.59 -25.37 16.38
CA ALA F 315 20.99 -24.98 16.37
C ALA F 315 21.29 -24.09 15.17
N ALA F 316 20.95 -24.56 13.97
CA ALA F 316 21.25 -23.82 12.75
C ALA F 316 20.51 -22.49 12.68
N LEU F 317 19.38 -22.34 13.36
CA LEU F 317 18.74 -21.04 13.40
C LEU F 317 19.29 -20.18 14.54
N TYR F 318 19.06 -20.60 15.79
CA TYR F 318 19.33 -19.75 16.95
C TYR F 318 20.82 -19.49 17.13
N ASP F 319 21.66 -20.53 17.02
CA ASP F 319 23.08 -20.31 17.30
C ASP F 319 23.82 -19.77 16.09
N GLN F 320 23.48 -20.28 14.89
CA GLN F 320 24.23 -19.89 13.71
C GLN F 320 23.77 -18.55 13.15
N ILE F 321 22.45 -18.35 12.99
CA ILE F 321 21.94 -17.14 12.38
C ILE F 321 21.63 -16.08 13.42
N TRP F 322 20.73 -16.39 14.36
CA TRP F 322 20.26 -15.39 15.33
C TRP F 322 21.39 -14.87 16.21
N LEU F 323 21.96 -15.74 17.05
CA LEU F 323 23.07 -15.31 17.89
C LEU F 323 24.36 -15.15 17.09
N GLY F 324 24.52 -15.91 16.01
CA GLY F 324 25.75 -15.85 15.24
C GLY F 324 25.95 -14.54 14.50
N ALA F 325 24.88 -13.98 13.92
CA ALA F 325 24.98 -12.75 13.17
C ALA F 325 24.07 -11.66 13.71
N TYR F 326 22.80 -11.98 13.98
CA TYR F 326 21.83 -10.97 14.42
C TYR F 326 22.25 -10.31 15.72
N MET F 327 22.81 -11.09 16.64
CA MET F 327 23.18 -10.59 17.95
C MET F 327 24.67 -10.28 18.08
N SER F 328 25.53 -11.05 17.42
CA SER F 328 26.96 -10.77 17.48
C SER F 328 27.54 -10.39 16.13
N GLY F 329 27.48 -11.26 15.13
CA GLY F 329 28.14 -11.00 13.87
C GLY F 329 29.60 -11.43 13.88
N GLY F 330 30.16 -11.50 12.67
CA GLY F 330 31.54 -11.89 12.49
C GLY F 330 31.70 -13.25 11.86
N ILE F 331 32.71 -14.01 12.30
CA ILE F 331 32.81 -15.41 11.88
C ILE F 331 31.62 -16.20 12.42
N GLY F 332 31.23 -15.96 13.66
CA GLY F 332 30.02 -16.50 14.20
C GLY F 332 30.24 -17.72 15.08
N PHE F 333 29.17 -18.49 15.24
CA PHE F 333 29.10 -19.63 16.14
C PHE F 333 28.65 -20.87 15.39
N THR F 334 29.30 -21.13 14.26
CA THR F 334 28.90 -22.25 13.40
C THR F 334 29.16 -23.58 14.07
N GLN F 335 30.40 -23.87 14.42
CA GLN F 335 30.68 -25.16 15.05
C GLN F 335 30.38 -25.18 16.55
N TYR F 336 29.92 -24.06 17.10
CA TYR F 336 29.18 -24.12 18.36
C TYR F 336 27.87 -24.89 18.18
N ALA F 337 27.28 -24.80 16.99
CA ALA F 337 25.98 -25.39 16.71
C ALA F 337 26.04 -26.71 15.95
N THR F 338 27.05 -26.88 15.09
CA THR F 338 27.12 -28.10 14.28
C THR F 338 27.43 -29.32 15.14
N ALA F 339 28.07 -29.13 16.30
CA ALA F 339 28.38 -30.23 17.19
C ALA F 339 27.13 -30.92 17.72
N SER F 340 25.99 -30.24 17.70
CA SER F 340 24.72 -30.89 18.00
C SER F 340 24.16 -31.69 16.84
N TYR F 341 24.70 -31.54 15.62
CA TYR F 341 24.17 -32.32 14.50
C TYR F 341 25.21 -32.84 13.51
N THR F 342 26.51 -32.79 13.80
CA THR F 342 27.46 -33.37 12.85
C THR F 342 27.56 -34.88 12.96
N ASP F 343 28.07 -35.38 14.08
CA ASP F 343 28.21 -36.81 14.21
C ASP F 343 27.03 -37.35 15.02
N ASP F 344 27.05 -38.65 15.24
CA ASP F 344 26.00 -39.30 16.03
C ASP F 344 26.30 -39.29 17.51
N ILE F 345 27.11 -38.32 17.98
CA ILE F 345 27.43 -38.21 19.40
C ILE F 345 26.18 -37.89 20.20
N LEU F 346 25.45 -36.85 19.78
CA LEU F 346 24.18 -36.54 20.41
C LEU F 346 23.16 -37.64 20.14
N ASP F 347 23.23 -38.28 18.98
CA ASP F 347 22.35 -39.41 18.68
C ASP F 347 22.63 -40.58 19.61
N ASP F 348 23.91 -40.93 19.82
CA ASP F 348 24.25 -42.03 20.72
C ASP F 348 23.85 -41.72 22.15
N PHE F 349 24.08 -40.47 22.60
CA PHE F 349 23.74 -40.10 23.97
C PHE F 349 22.23 -40.10 24.18
N SER F 350 21.47 -39.58 23.22
CA SER F 350 20.02 -39.57 23.32
C SER F 350 19.42 -40.96 23.23
N TYR F 351 19.99 -41.84 22.40
CA TYR F 351 19.49 -43.21 22.35
C TYR F 351 19.81 -43.97 23.63
N TYR F 352 20.97 -43.69 24.24
CA TYR F 352 21.24 -44.25 25.57
C TYR F 352 20.25 -43.74 26.60
N ALA F 353 19.91 -42.45 26.53
CA ALA F 353 18.94 -41.88 27.46
C ALA F 353 17.57 -42.55 27.29
N LEU F 354 17.13 -42.74 26.05
CA LEU F 354 15.87 -43.42 25.78
C LEU F 354 15.90 -44.86 26.27
N ASP F 355 17.00 -45.57 26.05
CA ASP F 355 17.12 -46.95 26.49
C ASP F 355 17.09 -47.06 28.01
N TYR F 356 17.81 -46.17 28.70
CA TYR F 356 17.82 -46.19 30.17
C TYR F 356 16.45 -45.86 30.74
N VAL F 357 15.76 -44.88 30.14
CA VAL F 357 14.42 -44.52 30.60
C VAL F 357 13.44 -45.65 30.36
N GLU F 358 13.53 -46.31 29.21
CA GLU F 358 12.63 -47.42 28.89
C GLU F 358 12.88 -48.61 29.80
N LYS F 359 14.14 -48.88 30.15
CA LYS F 359 14.44 -49.98 31.06
C LYS F 359 13.99 -49.68 32.48
N LYS F 360 14.18 -48.44 32.94
CA LYS F 360 13.91 -48.14 34.34
C LYS F 360 12.50 -47.63 34.59
N TYR F 361 12.07 -46.61 33.84
CA TYR F 361 10.80 -45.94 34.11
C TYR F 361 9.74 -46.22 33.07
N GLY F 362 10.01 -47.06 32.08
CA GLY F 362 9.08 -47.25 30.99
C GLY F 362 9.14 -46.09 30.02
N ARG F 363 8.20 -46.09 29.07
CA ARG F 363 8.15 -45.00 28.10
C ARG F 363 7.71 -43.70 28.76
N MET F 364 6.51 -43.69 29.35
CA MET F 364 6.00 -42.53 30.06
C MET F 364 5.32 -42.94 31.35
N GLY F 365 5.95 -43.85 32.09
CA GLY F 365 5.32 -44.48 33.23
C GLY F 365 5.39 -43.75 34.55
N THR F 366 5.98 -42.55 34.61
CA THR F 366 6.16 -41.86 35.88
C THR F 366 5.67 -40.42 35.80
N LYS F 367 4.99 -39.98 36.85
CA LYS F 367 4.69 -38.58 37.04
C LYS F 367 5.98 -37.81 37.31
N ALA F 368 6.05 -36.59 36.81
CA ALA F 368 7.25 -35.76 36.96
C ALA F 368 7.44 -35.37 38.42
N THR F 369 8.41 -36.00 39.07
CA THR F 369 8.85 -35.63 40.42
C THR F 369 10.31 -35.22 40.35
N MET F 370 10.88 -34.92 41.52
CA MET F 370 12.29 -34.52 41.56
C MET F 370 13.21 -35.70 41.31
N ASP F 371 12.94 -36.85 41.95
CA ASP F 371 13.88 -37.96 42.00
C ASP F 371 14.13 -38.56 40.61
N VAL F 372 13.08 -38.65 39.79
CA VAL F 372 13.25 -39.13 38.42
C VAL F 372 14.14 -38.19 37.62
N VAL F 373 13.94 -36.88 37.78
CA VAL F 373 14.79 -35.90 37.11
C VAL F 373 16.23 -36.05 37.53
N GLU F 374 16.47 -36.17 38.85
CA GLU F 374 17.84 -36.28 39.36
C GLU F 374 18.54 -37.54 38.84
N ASP F 375 17.90 -38.70 38.98
CA ASP F 375 18.62 -39.92 38.62
C ASP F 375 18.76 -40.07 37.11
N VAL F 376 17.77 -39.67 36.32
CA VAL F 376 17.88 -39.79 34.87
C VAL F 376 18.95 -38.84 34.33
N ALA F 377 18.90 -37.57 34.77
CA ALA F 377 19.89 -36.60 34.30
C ALA F 377 21.29 -36.95 34.76
N GLY F 378 21.45 -37.44 36.00
CA GLY F 378 22.76 -37.85 36.47
C GLY F 378 23.32 -39.04 35.72
N GLU F 379 22.48 -40.05 35.45
CA GLU F 379 22.95 -41.22 34.71
C GLU F 379 23.37 -40.86 33.29
N VAL F 380 22.55 -40.06 32.60
CA VAL F 380 22.87 -39.70 31.22
C VAL F 380 24.11 -38.81 31.17
N THR F 381 24.26 -37.90 32.14
CA THR F 381 25.44 -37.03 32.19
C THR F 381 26.70 -37.84 32.45
N LEU F 382 26.64 -38.79 33.38
CA LEU F 382 27.82 -39.61 33.68
C LEU F 382 28.21 -40.46 32.49
N TYR F 383 27.23 -41.04 31.78
CA TYR F 383 27.53 -41.81 30.59
C TYR F 383 28.15 -40.94 29.50
N ALA F 384 27.58 -39.76 29.25
CA ALA F 384 28.08 -38.89 28.19
C ALA F 384 29.48 -38.38 28.50
N LEU F 385 29.77 -38.14 29.77
CA LEU F 385 31.11 -37.67 30.13
C LEU F 385 32.14 -38.79 30.12
N GLU F 386 31.78 -40.00 30.53
CA GLU F 386 32.73 -41.08 30.41
C GLU F 386 32.96 -41.51 28.96
N GLN F 387 31.98 -41.29 28.07
CA GLN F 387 32.23 -41.48 26.64
C GLN F 387 33.28 -40.52 26.11
N TYR F 388 33.24 -39.26 26.53
CA TYR F 388 34.32 -38.33 26.21
C TYR F 388 35.64 -38.75 26.85
N ASP F 389 35.58 -39.37 28.03
CA ASP F 389 36.79 -39.79 28.72
C ASP F 389 37.51 -40.91 27.98
N ASP F 390 36.79 -41.96 27.57
CA ASP F 390 37.47 -43.12 27.00
C ASP F 390 37.63 -43.05 25.49
N TYR F 391 37.23 -41.95 24.84
CA TYR F 391 37.42 -41.76 23.41
C TYR F 391 38.11 -40.43 23.19
N PRO F 392 39.45 -40.42 23.11
CA PRO F 392 40.17 -39.16 22.83
C PRO F 392 39.79 -38.50 21.51
N ALA F 393 39.41 -39.26 20.49
CA ALA F 393 38.95 -38.67 19.24
C ALA F 393 37.63 -37.93 19.45
N LEU F 394 36.76 -38.44 20.32
CA LEU F 394 35.53 -37.74 20.65
C LEU F 394 35.81 -36.41 21.34
N LEU F 395 36.80 -36.39 22.25
CA LEU F 395 37.18 -35.15 22.91
C LEU F 395 37.82 -34.18 21.93
N GLU F 396 38.61 -34.69 20.99
CA GLU F 396 39.23 -33.83 19.98
C GLU F 396 38.20 -33.25 19.01
N ASP F 397 37.14 -34.01 18.71
CA ASP F 397 36.08 -33.50 17.85
C ASP F 397 35.32 -32.37 18.52
N HIS F 398 34.90 -32.57 19.77
CA HIS F 398 34.24 -31.53 20.55
C HIS F 398 35.28 -30.83 21.42
N PHE F 399 36.12 -30.03 20.76
CA PHE F 399 37.26 -29.43 21.46
C PHE F 399 36.81 -28.33 22.43
N GLY F 400 35.73 -27.63 22.11
CA GLY F 400 35.22 -26.62 23.01
C GLY F 400 34.31 -27.23 24.07
N GLY F 401 34.47 -26.77 25.30
CA GLY F 401 33.71 -27.30 26.41
C GLY F 401 32.27 -26.84 26.49
N SER F 402 31.90 -25.86 25.68
CA SER F 402 30.51 -25.32 25.72
C SER F 402 29.52 -26.43 25.38
N MGN F 403 31.23 -27.27 22.90
CA MGN F 403 30.42 -27.45 21.68
CB1 MGN F 403 31.27 -27.21 20.41
CB2 MGN F 403 29.31 -26.39 21.72
CG MGN F 403 32.26 -28.35 20.26
CD MGN F 403 33.36 -28.00 19.28
OE1 MGN F 403 33.57 -28.70 18.28
NE2 MGN F 403 34.07 -26.93 19.56
C MGN F 403 29.78 -28.85 21.69
O MGN F 403 28.93 -29.06 22.58
N ARG F 404 30.52 -29.74 24.53
CA ARG F 404 30.28 -31.01 25.27
C ARG F 404 29.16 -30.79 26.28
N ALA F 405 29.22 -29.68 27.03
CA ALA F 405 28.19 -29.37 28.04
C ALA F 405 26.79 -29.46 27.39
N ALA F 406 26.55 -28.68 26.34
CA ALA F 406 25.23 -28.68 25.66
C ALA F 406 24.83 -30.10 25.29
N VAL F 407 25.68 -30.79 24.52
CA VAL F 407 25.35 -32.17 24.03
C VAL F 407 24.89 -33.05 25.20
N ALA F 408 25.70 -33.15 26.25
CA ALA F 408 25.36 -34.01 27.38
C ALA F 408 24.08 -33.55 28.08
N ALA F 409 23.91 -32.24 28.25
CA ALA F 409 22.72 -31.72 28.90
C ALA F 409 21.49 -31.86 28.02
N ALA F 410 21.64 -31.76 26.69
CA ALA F 410 20.53 -32.01 25.79
C ALA F 410 20.08 -33.46 25.85
N ALA F 411 21.04 -34.39 25.92
CA ALA F 411 20.69 -35.79 26.07
C ALA F 411 19.98 -36.05 27.39
N SER F 412 20.46 -35.45 28.48
CA SER F 412 19.82 -35.63 29.78
C SER F 412 18.41 -35.05 29.80
N GLY F 413 18.23 -33.86 29.24
CA GLY F 413 16.90 -33.27 29.17
C GLY F 413 15.95 -34.04 28.28
N ILE F 414 16.47 -34.59 27.18
CA ILE F 414 15.65 -35.42 26.30
C ILE F 414 15.22 -36.69 27.04
N GLY F 415 16.13 -37.30 27.81
CA GLY F 415 15.75 -38.47 28.59
C GLY F 415 14.71 -38.17 29.65
N VAL F 416 14.85 -37.04 30.34
CA VAL F 416 13.85 -36.65 31.35
C VAL F 416 12.50 -36.38 30.67
N CYS F 417 12.50 -35.74 29.50
CA CYS F 417 11.26 -35.47 28.79
C CYS F 417 10.63 -36.75 28.25
N MET F 418 11.43 -37.76 27.91
CA MET F 418 10.87 -39.07 27.62
C MET F 418 10.19 -39.65 28.86
N ALA F 419 10.89 -39.64 29.99
CA ALA F 419 10.39 -40.30 31.19
C ALA F 419 9.13 -39.63 31.73
N THR F 420 9.05 -38.31 31.69
CA THR F 420 7.97 -37.59 32.36
C THR F 420 6.96 -36.98 31.39
N GLY F 421 7.39 -36.52 30.22
CA GLY F 421 6.51 -35.79 29.33
C GLY F 421 6.33 -34.32 29.65
N ASN F 422 7.03 -33.81 30.65
CA ASN F 422 6.97 -32.40 31.03
C ASN F 422 8.23 -31.71 30.55
N SER F 423 8.07 -30.57 29.87
CA SER F 423 9.22 -29.88 29.28
C SER F 423 10.03 -29.15 30.35
N ASN F 424 9.37 -28.62 31.38
CA ASN F 424 10.09 -27.94 32.45
C ASN F 424 10.91 -28.92 33.27
N ALA F 425 10.43 -30.15 33.45
CA ALA F 425 11.25 -31.19 34.06
C ALA F 425 12.47 -31.49 33.21
N GLY F 426 12.31 -31.50 31.88
CA GLY F 426 13.45 -31.71 31.01
C GLY F 426 14.48 -30.61 31.10
N VAL F 427 14.04 -29.36 31.17
CA VAL F 427 15.01 -28.27 31.33
C VAL F 427 15.65 -28.28 32.72
N ASN F 428 14.92 -28.75 33.74
CA ASN F 428 15.52 -28.93 35.06
C ASN F 428 16.62 -29.98 35.03
N GLY F 429 16.37 -31.09 34.33
CA GLY F 429 17.41 -32.08 34.08
C GLY F 429 18.59 -31.54 33.31
N TRP F 430 18.33 -30.65 32.35
CA TRP F 430 19.41 -29.95 31.64
C TRP F 430 20.29 -29.18 32.62
N TYR F 431 19.68 -28.40 33.52
CA TYR F 431 20.46 -27.60 34.46
C TYR F 431 21.26 -28.45 35.43
N LEU F 432 20.66 -29.54 35.93
CA LEU F 432 21.39 -30.45 36.80
C LEU F 432 22.56 -31.10 36.06
N SER F 433 22.35 -31.46 34.79
CA SER F 433 23.43 -32.01 33.99
C SER F 433 24.57 -31.01 33.82
N GLN F 434 24.23 -29.73 33.63
CA GLN F 434 25.27 -28.71 33.49
C GLN F 434 26.11 -28.59 34.75
N ILE F 435 25.48 -28.52 35.92
CA ILE F 435 26.28 -28.40 37.14
C ILE F 435 27.04 -29.68 37.47
N LEU F 436 26.49 -30.86 37.14
CA LEU F 436 27.23 -32.10 37.33
C LEU F 436 28.41 -32.21 36.37
N HIS F 437 28.26 -31.72 35.14
CA HIS F 437 29.38 -31.60 34.20
C HIS F 437 30.47 -30.69 34.76
N LYS F 438 30.06 -29.56 35.35
CA LYS F 438 31.01 -28.63 35.95
C LYS F 438 31.80 -29.27 37.08
N GLU F 439 31.13 -30.04 37.93
CA GLU F 439 31.87 -30.71 39.00
C GLU F 439 32.63 -31.95 38.54
N TYR F 440 32.24 -32.55 37.41
CA TYR F 440 32.99 -33.69 36.88
C TYR F 440 34.31 -33.24 36.29
N HIS F 441 34.27 -32.40 35.26
CA HIS F 441 35.49 -32.08 34.53
C HIS F 441 36.24 -30.88 35.09
N SER F 442 35.72 -30.26 36.17
CA SER F 442 36.18 -28.96 36.67
C SER F 442 36.21 -27.94 35.54
N ARG F 443 35.16 -27.98 34.71
CA ARG F 443 35.14 -27.27 33.45
C ARG F 443 33.69 -27.08 33.01
N LEU F 444 33.43 -26.02 32.26
CA LEU F 444 32.07 -25.88 31.67
C LEU F 444 32.45 -25.11 30.41
N GLY F 445 31.47 -24.74 29.58
CA GLY F 445 31.76 -23.95 28.39
C GLY F 445 32.72 -22.79 28.23
N PHE F 446 32.25 -21.69 27.64
CA PHE F 446 33.10 -20.48 27.47
C PHE F 446 32.88 -19.64 28.74
N TYR F 447 33.50 -18.46 28.81
CA TYR F 447 33.73 -17.76 30.10
C TYR F 447 33.18 -16.91 31.25
CA GL3 F 448 29.25 -16.77 29.34
N GL3 F 448 30.67 -17.00 29.60
C GL3 F 448 28.31 -17.31 30.38
S GL3 F 448 26.88 -17.87 29.58
N TYR F 449 29.61 -19.28 30.52
CA TYR F 449 28.61 -19.82 29.56
C TYR F 449 27.43 -20.35 30.35
N ASP F 450 27.39 -20.08 31.66
CA ASP F 450 26.34 -20.76 32.40
C ASP F 450 25.55 -19.80 33.26
N LEU F 451 25.30 -18.60 32.73
CA LEU F 451 24.36 -17.67 33.36
C LEU F 451 22.99 -18.32 33.53
N GLN F 452 22.50 -18.98 32.50
CA GLN F 452 21.19 -19.59 32.52
C GLN F 452 21.19 -21.01 33.06
N ASP F 453 22.34 -21.58 33.40
CA ASP F 453 22.42 -22.95 33.86
C ASP F 453 22.62 -23.10 35.35
N GLN F 454 23.04 -22.00 36.00
CA GLN F 454 23.13 -21.97 37.48
C GLN F 454 21.84 -21.26 37.92
N SMC F 455 21.39 -20.30 37.11
CA SMC F 455 20.11 -19.59 37.38
CB SMC F 455 19.93 -18.54 36.32
SG SMC F 455 20.35 -16.84 36.77
CS SMC F 455 18.72 -16.12 36.63
C SMC F 455 18.96 -20.54 37.08
O SMC F 455 18.07 -20.68 37.94
N GLY F 456 18.99 -21.16 35.90
CA GLY F 456 17.90 -22.03 35.47
C GLY F 456 17.33 -22.88 36.59
N ALA F 457 18.18 -23.63 37.29
CA ALA F 457 17.66 -24.54 38.34
C ALA F 457 16.50 -23.86 39.09
N SER F 458 16.66 -22.58 39.45
CA SER F 458 15.61 -21.95 40.25
C SER F 458 14.47 -21.45 39.38
N ASN F 459 14.74 -21.11 38.12
CA ASN F 459 13.73 -20.56 37.24
C ASN F 459 13.05 -21.61 36.38
N SER F 460 13.43 -22.89 36.50
CA SER F 460 12.82 -23.93 35.69
C SER F 460 11.37 -24.19 36.13
N LEU F 461 11.13 -24.19 37.44
CA LEU F 461 9.79 -24.42 37.98
C LEU F 461 9.29 -23.21 38.75
N ALA F 462 9.80 -22.02 38.42
CA ALA F 462 9.39 -20.81 39.10
C ALA F 462 7.96 -20.44 38.74
N ILE F 463 7.37 -19.52 39.52
CA ILE F 463 6.01 -19.07 39.26
C ILE F 463 5.98 -17.56 39.21
N ARG F 464 7.14 -16.92 39.34
CA ARG F 464 7.21 -15.46 39.31
C ARG F 464 6.99 -14.95 37.90
N ASN F 465 6.74 -13.63 37.80
CA ASN F 465 6.23 -13.06 36.56
C ASN F 465 7.25 -13.17 35.41
N ASP F 466 8.47 -12.71 35.63
CA ASP F 466 9.48 -12.72 34.58
C ASP F 466 10.34 -13.99 34.61
N GLU F 467 10.03 -14.94 35.48
CA GLU F 467 10.80 -16.18 35.58
C GLU F 467 10.03 -17.40 35.11
N ALA F 468 8.71 -17.38 35.21
CA ALA F 468 7.90 -18.53 34.83
C ALA F 468 7.49 -18.46 33.37
N ALA F 469 7.55 -19.61 32.70
CA ALA F 469 6.98 -19.90 31.40
C ALA F 469 7.13 -21.39 31.15
N PRO F 470 6.17 -22.03 30.49
CA PRO F 470 6.43 -23.35 29.92
C PRO F 470 7.52 -23.25 28.86
N LEU F 471 8.28 -24.33 28.71
CA LEU F 471 9.42 -24.30 27.79
C LEU F 471 8.98 -24.15 26.34
N GLU F 472 7.76 -24.59 26.01
CA GLU F 472 7.22 -24.35 24.67
C GLU F 472 6.97 -22.87 24.43
N LEU F 473 6.60 -22.13 25.47
CA LEU F 473 6.37 -20.69 25.36
C LEU F 473 7.63 -19.88 25.56
N ARG F 474 8.76 -20.52 25.88
CA ARG F 474 10.02 -19.80 26.01
C ARG F 474 10.68 -19.66 24.64
N GLY F 475 11.68 -18.78 24.58
CA GLY F 475 12.39 -18.54 23.36
C GLY F 475 13.63 -17.68 23.60
N PRO F 476 14.21 -17.15 22.53
CA PRO F 476 15.39 -16.29 22.68
C PRO F 476 15.12 -14.98 23.42
N ASN F 477 13.86 -14.55 23.54
CA ASN F 477 13.54 -13.36 24.30
C ASN F 477 13.28 -13.65 25.78
N TYR F 478 13.30 -14.91 26.18
CA TYR F 478 13.27 -15.23 27.60
C TYR F 478 14.52 -14.64 28.25
N PRO F 479 14.38 -13.94 29.38
CA PRO F 479 15.51 -13.13 29.90
C PRO F 479 16.76 -13.92 30.22
N ASN F 480 16.63 -15.15 30.69
CA ASN F 480 17.82 -15.95 30.96
C ASN F 480 18.50 -16.43 29.68
N TYR F 481 17.73 -16.59 28.59
CA TYR F 481 18.22 -17.23 27.38
C TYR F 481 18.62 -16.21 26.31
N ALA F 482 18.70 -14.93 26.67
CA ALA F 482 18.75 -13.88 25.67
C ALA F 482 20.10 -13.75 24.98
N MET F 483 21.20 -14.14 25.63
CA MET F 483 22.52 -13.78 25.14
C MET F 483 23.40 -14.95 24.72
N ASN F 484 23.27 -16.11 25.36
CA ASN F 484 24.33 -17.10 25.35
C ASN F 484 24.08 -18.20 24.33
N VAL F 485 25.16 -18.63 23.68
CA VAL F 485 25.09 -19.63 22.62
C VAL F 485 25.08 -21.02 23.23
N GLY F 486 24.58 -21.99 22.46
CA GLY F 486 24.60 -23.38 22.86
C GLY F 486 23.46 -23.85 23.73
N HIS F 487 22.39 -23.08 23.85
CA HIS F 487 21.27 -23.54 24.67
C HIS F 487 19.94 -23.50 23.92
N GLN F 488 19.69 -22.48 23.10
CA GLN F 488 18.36 -22.24 22.55
C GLN F 488 17.95 -23.34 21.58
N GLY F 489 18.88 -23.84 20.77
CA GLY F 489 18.55 -24.89 19.84
C GLY F 489 18.23 -26.20 20.52
N GLU F 490 18.97 -26.53 21.58
CA GLU F 490 18.70 -27.76 22.32
C GLU F 490 17.48 -27.65 23.22
N TYR F 491 17.09 -26.43 23.61
CA TYR F 491 15.86 -26.25 24.37
C TYR F 491 14.64 -26.62 23.54
N ALA F 492 14.63 -26.28 22.25
CA ALA F 492 13.52 -26.62 21.38
C ALA F 492 13.41 -28.13 21.17
N GLY F 493 14.54 -28.83 21.14
CA GLY F 493 14.51 -30.28 21.06
C GLY F 493 13.97 -30.91 22.33
N ILE F 494 14.28 -30.31 23.48
CA ILE F 494 13.71 -30.78 24.75
C ILE F 494 12.20 -30.54 24.77
N ALA F 495 11.75 -29.40 24.24
CA ALA F 495 10.32 -29.12 24.15
C ALA F 495 9.63 -30.10 23.20
N GLN F 496 10.31 -30.47 22.12
CA GLN F 496 9.78 -31.49 21.21
C GLN F 496 9.79 -32.87 21.87
N ALA F 497 10.81 -33.16 22.68
CA ALA F 497 10.93 -34.47 23.31
C ALA F 497 9.81 -34.71 24.33
N ALA F 498 9.26 -33.66 24.91
CA ALA F 498 8.11 -33.81 25.80
C ALA F 498 6.89 -34.32 25.05
N HIS F 499 6.67 -33.83 23.83
CA HIS F 499 5.53 -34.24 23.03
C HIS F 499 5.82 -35.46 22.16
N SER F 500 7.08 -35.70 21.83
CA SER F 500 7.43 -36.92 21.10
C SER F 500 7.28 -38.15 21.99
N ALA F 501 7.43 -37.98 23.31
CA ALA F 501 7.20 -39.09 24.22
C ALA F 501 5.72 -39.47 24.29
N ARG F 502 4.83 -38.49 24.15
CA ARG F 502 3.40 -38.76 24.13
C ARG F 502 2.88 -39.11 22.75
N GLY F 503 3.72 -39.04 21.72
CA GLY F 503 3.26 -39.26 20.36
C GLY F 503 2.31 -38.20 19.86
N ASP F 504 2.54 -36.95 20.23
CA ASP F 504 1.66 -35.85 19.85
C ASP F 504 1.89 -35.45 18.40
N ALA F 505 0.82 -35.03 17.75
CA ALA F 505 0.93 -34.57 16.36
C ALA F 505 1.62 -33.21 16.28
N PHE F 506 1.43 -32.36 17.28
CA PHE F 506 2.02 -31.03 17.32
C PHE F 506 2.46 -30.72 18.73
N ALA F 507 3.17 -29.61 18.89
CA ALA F 507 3.69 -29.17 20.19
C ALA F 507 2.99 -27.94 20.71
N LEU F 508 2.93 -26.87 19.94
CA LEU F 508 2.34 -25.61 20.38
C LEU F 508 1.23 -25.10 19.48
N ASN F 509 1.40 -25.16 18.16
CA ASN F 509 0.45 -24.58 17.22
C ASN F 509 0.13 -25.58 16.13
N PRO F 510 -1.11 -26.07 16.03
CA PRO F 510 -1.47 -26.94 14.90
C PRO F 510 -1.37 -26.26 13.56
N LEU F 511 -1.64 -24.95 13.50
CA LEU F 511 -1.63 -24.23 12.23
C LEU F 511 -0.23 -24.11 11.66
N VAL F 512 0.77 -23.93 12.53
CA VAL F 512 2.16 -23.88 12.07
C VAL F 512 2.59 -25.26 11.58
N LYS F 513 2.12 -26.32 12.25
CA LYS F 513 2.47 -27.68 11.84
C LYS F 513 1.93 -28.02 10.46
N VAL F 514 0.69 -27.65 10.18
CA VAL F 514 0.11 -27.93 8.87
C VAL F 514 0.74 -27.06 7.79
N ALA F 515 1.03 -25.80 8.11
CA ALA F 515 1.54 -24.86 7.12
C ALA F 515 2.90 -25.28 6.59
N PHE F 516 3.78 -25.77 7.46
CA PHE F 516 5.12 -26.16 7.05
C PHE F 516 5.20 -27.59 6.55
N ALA F 517 4.07 -28.27 6.43
CA ALA F 517 3.97 -29.53 5.71
C ALA F 517 3.78 -29.33 4.22
N ASP F 518 3.77 -28.09 3.76
CA ASP F 518 3.51 -27.77 2.36
C ASP F 518 4.63 -28.30 1.47
N PRO F 519 4.33 -29.10 0.45
CA PRO F 519 5.38 -29.56 -0.48
C PRO F 519 5.95 -28.44 -1.34
N MET F 520 5.29 -27.29 -1.44
CA MET F 520 5.76 -26.20 -2.28
C MET F 520 6.89 -25.40 -1.66
N LEU F 521 7.24 -25.67 -0.40
CA LEU F 521 8.37 -25.00 0.22
C LEU F 521 9.67 -25.47 -0.43
N VAL F 522 10.58 -24.51 -0.67
CA VAL F 522 11.87 -24.85 -1.27
C VAL F 522 12.74 -25.63 -0.29
N PHE F 523 12.77 -25.21 0.96
CA PHE F 523 13.40 -25.99 2.03
C PHE F 523 12.33 -26.88 2.65
N ASP F 524 12.50 -28.19 2.51
CA ASP F 524 11.58 -29.16 3.10
C ASP F 524 12.05 -29.48 4.52
N PHE F 525 11.20 -29.23 5.49
CA PHE F 525 11.55 -29.36 6.90
C PHE F 525 11.37 -30.78 7.42
N SER F 526 11.16 -31.75 6.53
CA SER F 526 11.05 -33.14 6.99
C SER F 526 12.40 -33.72 7.36
N LYS F 527 13.46 -33.36 6.63
CA LYS F 527 14.81 -33.83 6.91
C LYS F 527 15.77 -32.64 6.93
N PRO F 528 15.79 -31.88 8.03
CA PRO F 528 16.70 -30.73 8.12
C PRO F 528 18.18 -31.09 8.04
N ARG F 529 18.59 -32.26 8.54
CA ARG F 529 19.99 -32.66 8.44
C ARG F 529 20.40 -32.93 7.01
N LYS F 530 19.50 -33.51 6.22
CA LYS F 530 19.85 -33.90 4.85
C LYS F 530 20.01 -32.70 3.93
N GLU F 531 19.21 -31.64 4.13
CA GLU F 531 19.31 -30.50 3.24
C GLU F 531 20.48 -29.59 3.57
N ILE F 532 20.87 -29.51 4.86
CA ILE F 532 22.11 -28.82 5.21
C ILE F 532 23.30 -29.50 4.58
N ALA F 533 23.25 -30.83 4.45
CA ALA F 533 24.25 -31.56 3.67
C ALA F 533 24.21 -31.15 2.20
N ARG F 534 23.01 -30.94 1.65
CA ARG F 534 22.88 -30.55 0.25
C ARG F 534 23.39 -29.13 0.03
N GLY F 535 23.16 -28.24 0.99
CA GLY F 535 23.70 -26.90 0.88
C GLY F 535 25.20 -26.85 1.10
N ALA F 536 25.74 -27.82 1.83
CA ALA F 536 27.19 -27.91 2.03
C ALA F 536 27.89 -28.42 0.78
N LEU F 537 27.24 -29.27 0.00
CA LEU F 537 27.79 -29.80 -1.24
C LEU F 537 27.42 -28.98 -2.46
N ARG F 538 26.86 -27.78 -2.25
CA ARG F 538 26.50 -26.84 -3.32
C ARG F 538 25.53 -27.44 -4.32
N GLU F 539 24.54 -28.19 -3.82
CA GLU F 539 23.49 -28.76 -4.66
C GLU F 539 22.11 -28.37 -4.17
N PHE F 540 22.01 -27.25 -3.46
CA PHE F 540 20.73 -26.74 -2.97
C PHE F 540 20.36 -25.49 -3.76
N GLU F 541 19.21 -25.54 -4.42
CA GLU F 541 18.74 -24.42 -5.24
C GLU F 541 17.93 -23.49 -4.34
N ALA F 542 18.57 -22.40 -3.90
CA ALA F 542 17.92 -21.45 -3.02
C ALA F 542 17.15 -20.40 -3.83
N ALA F 543 16.34 -19.62 -3.14
CA ALA F 543 15.53 -18.57 -3.73
C ALA F 543 16.07 -17.21 -3.35
N GLY F 544 15.51 -16.18 -3.98
CA GLY F 544 15.91 -14.81 -3.71
C GLY F 544 17.09 -14.32 -4.49
N GLU F 545 17.44 -14.95 -5.60
CA GLU F 545 18.58 -14.53 -6.41
C GLU F 545 18.10 -13.61 -7.52
N ARG F 546 18.78 -12.47 -7.66
CA ARG F 546 18.41 -11.46 -8.65
C ARG F 546 19.16 -11.65 -9.96
N ASP F 547 19.09 -12.86 -10.50
CA ASP F 547 19.85 -13.19 -11.70
C ASP F 547 19.26 -12.59 -12.97
N VAL F 548 17.97 -12.27 -12.96
CA VAL F 548 17.31 -11.75 -14.16
C VAL F 548 17.34 -10.23 -14.25
N ILE F 549 17.85 -9.55 -13.24
CA ILE F 549 17.96 -8.09 -13.26
C ILE F 549 19.42 -7.64 -13.15
N LEU F 550 20.36 -8.55 -13.43
CA LEU F 550 21.77 -8.26 -13.28
C LEU F 550 22.51 -8.58 -14.58
N PRO F 551 23.58 -7.85 -14.89
CA PRO F 551 24.37 -8.15 -16.08
C PRO F 551 25.16 -9.44 -15.91
N ALA F 552 25.46 -10.06 -17.04
CA ALA F 552 26.19 -11.32 -17.05
C ALA F 552 27.70 -11.16 -17.06
N LYS F 553 28.21 -9.98 -17.41
CA LYS F 553 29.64 -9.76 -17.45
C LYS F 553 30.19 -9.47 -16.06
N ARG G 6 -59.96 6.13 -22.78
CA ARG G 6 -60.58 7.30 -23.38
C ARG G 6 -59.93 7.64 -24.72
N LEU G 7 -60.60 8.49 -25.50
CA LEU G 7 -60.05 8.92 -26.78
C LEU G 7 -58.81 9.79 -26.58
N PHE G 8 -58.84 10.65 -25.55
CA PHE G 8 -57.68 11.49 -25.26
C PHE G 8 -56.49 10.67 -24.78
N LEU G 9 -56.74 9.63 -23.98
CA LEU G 9 -55.64 8.77 -23.53
C LEU G 9 -54.98 8.04 -24.70
N LYS G 10 -55.79 7.53 -25.63
CA LYS G 10 -55.24 6.88 -26.82
C LYS G 10 -54.49 7.87 -27.69
N ALA G 11 -55.02 9.10 -27.83
CA ALA G 11 -54.33 10.12 -28.61
C ALA G 11 -52.99 10.51 -27.99
N LEU G 12 -52.94 10.64 -26.66
CA LEU G 12 -51.69 10.93 -25.97
C LEU G 12 -50.70 9.78 -26.09
N LYS G 13 -51.19 8.54 -26.00
CA LYS G 13 -50.32 7.39 -26.09
C LYS G 13 -49.75 7.24 -27.50
N GLU G 14 -50.54 7.54 -28.52
CA GLU G 14 -50.05 7.45 -29.89
C GLU G 14 -49.16 8.62 -30.27
N LYS G 15 -49.44 9.81 -29.75
CA LYS G 15 -48.70 11.01 -30.13
C LYS G 15 -47.40 11.20 -29.37
N PHE G 16 -47.31 10.73 -28.13
CA PHE G 16 -46.16 11.00 -27.28
C PHE G 16 -45.43 9.72 -26.87
N GLU G 17 -45.40 8.72 -27.76
CA GLU G 17 -44.72 7.46 -27.46
C GLU G 17 -43.29 7.55 -28.00
N GLU G 18 -42.36 7.92 -27.13
CA GLU G 18 -40.94 7.91 -27.48
C GLU G 18 -40.46 6.47 -27.40
N ASP G 19 -40.52 5.79 -28.54
CA ASP G 19 -40.13 4.38 -28.60
C ASP G 19 -38.62 4.26 -28.47
N PRO G 20 -38.12 3.48 -27.51
CA PRO G 20 -36.66 3.31 -27.37
C PRO G 20 -35.99 2.70 -28.57
N LYS G 21 -36.67 1.82 -29.31
CA LYS G 21 -36.08 1.29 -30.54
C LYS G 21 -35.95 2.36 -31.61
N GLU G 22 -36.93 3.28 -31.68
CA GLU G 22 -36.87 4.37 -32.65
C GLU G 22 -35.92 5.47 -32.22
N LYS G 23 -35.90 5.81 -30.93
CA LYS G 23 -35.11 6.94 -30.46
C LYS G 23 -33.64 6.57 -30.21
N TYR G 24 -33.37 5.30 -29.96
CA TYR G 24 -32.05 4.84 -29.52
C TYR G 24 -31.62 3.62 -30.33
N THR G 25 -31.63 3.77 -31.67
CA THR G 25 -31.33 2.69 -32.59
C THR G 25 -29.90 2.15 -32.46
N LYS G 26 -29.00 2.88 -31.78
CA LYS G 26 -27.64 2.41 -31.56
C LYS G 26 -27.61 1.15 -30.70
N PHE G 27 -28.58 0.98 -29.81
CA PHE G 27 -28.56 -0.09 -28.82
C PHE G 27 -29.55 -1.21 -29.10
N TYR G 28 -30.81 -0.86 -29.38
CA TYR G 28 -31.85 -1.86 -29.57
C TYR G 28 -31.85 -2.47 -30.97
N THR G 29 -31.11 -1.89 -31.91
CA THR G 29 -31.05 -2.39 -33.28
C THR G 29 -29.60 -2.45 -33.73
N PHE G 30 -29.32 -3.42 -34.60
CA PHE G 30 -27.99 -3.74 -35.17
C PHE G 30 -26.80 -3.55 -34.23
N LEU G 59 -25.64 -0.17 -33.01
CA LEU G 59 -24.28 0.18 -33.42
C LEU G 59 -23.33 0.08 -32.22
N TYR G 60 -23.89 0.18 -31.02
CA TYR G 60 -23.10 0.04 -29.80
C TYR G 60 -22.71 -1.42 -29.63
N ASN G 61 -21.41 -1.69 -29.72
CA ASN G 61 -20.89 -3.04 -29.56
C ASN G 61 -20.09 -3.12 -28.27
N PRO G 62 -20.53 -3.90 -27.29
CA PRO G 62 -19.76 -4.04 -26.04
C PRO G 62 -18.54 -4.92 -26.14
N ASP G 63 -18.21 -5.44 -27.32
CA ASP G 63 -17.06 -6.30 -27.53
C ASP G 63 -15.90 -5.59 -28.19
N ILE G 64 -15.93 -4.25 -28.23
CA ILE G 64 -14.82 -3.51 -28.84
C ILE G 64 -13.69 -3.30 -27.84
N GLY G 65 -14.03 -3.05 -26.58
CA GLY G 65 -13.03 -2.84 -25.55
C GLY G 65 -12.54 -1.40 -25.51
N VAL G 66 -11.91 -1.07 -24.38
CA VAL G 66 -11.41 0.29 -24.15
C VAL G 66 -9.90 0.24 -23.97
N PRO G 67 -9.13 0.85 -24.87
CA PRO G 67 -7.69 0.97 -24.64
C PRO G 67 -7.39 1.84 -23.43
N LEU G 68 -6.35 1.46 -22.68
CA LEU G 68 -6.03 2.13 -21.43
C LEU G 68 -4.52 2.17 -21.25
N GLY G 69 -4.01 3.32 -20.81
CA GLY G 69 -2.63 3.44 -20.43
C GLY G 69 -1.68 3.61 -21.60
N GLN G 70 -1.95 4.57 -22.47
CA GLN G 70 -1.07 4.81 -23.61
C GLN G 70 0.23 5.49 -23.17
N ARG G 71 0.13 6.49 -22.28
CA ARG G 71 1.31 7.17 -21.78
C ARG G 71 2.16 6.21 -20.93
N LYS G 72 1.51 5.37 -20.13
CA LYS G 72 2.21 4.46 -19.25
C LYS G 72 2.96 3.36 -20.01
N LEU G 73 2.70 3.18 -21.30
CA LEU G 73 3.50 2.29 -22.13
C LEU G 73 4.76 2.96 -22.68
N MET G 74 4.75 4.29 -22.81
CA MET G 74 5.93 5.01 -23.25
C MET G 74 7.02 4.97 -22.17
N PRO G 75 8.29 4.97 -22.57
CA PRO G 75 9.38 4.87 -21.59
C PRO G 75 9.49 6.12 -20.73
N TYR G 76 10.03 5.93 -19.53
CA TYR G 76 10.28 7.02 -18.61
C TYR G 76 11.71 7.53 -18.78
N LYS G 77 11.85 8.82 -19.01
CA LYS G 77 13.16 9.46 -18.92
C LYS G 77 13.58 9.53 -17.46
N LEU G 78 14.86 9.82 -17.23
CA LEU G 78 15.35 10.15 -15.90
C LEU G 78 15.91 11.56 -15.92
N SER G 79 15.60 12.32 -14.88
CA SER G 79 15.93 13.74 -14.81
C SER G 79 17.44 13.95 -14.81
N ASN G 80 17.88 14.95 -15.57
CA ASN G 80 19.28 15.33 -15.75
C ASN G 80 20.13 14.21 -16.35
N THR G 81 19.51 13.23 -16.99
CA THR G 81 20.23 12.18 -17.70
C THR G 81 19.74 12.12 -19.14
N ASP G 82 20.18 11.09 -19.88
CA ASP G 82 19.70 10.85 -21.23
C ASP G 82 19.22 9.41 -21.42
N ASP G 83 18.84 8.74 -20.33
CA ASP G 83 18.45 7.34 -20.36
C ASP G 83 16.93 7.22 -20.24
N TYR G 84 16.35 6.41 -21.11
CA TYR G 84 14.93 6.09 -21.09
C TYR G 84 14.75 4.66 -20.63
N CYS G 85 13.82 4.44 -19.72
CA CYS G 85 13.60 3.12 -19.14
C CYS G 85 12.11 2.86 -19.00
N GLU G 86 11.77 1.58 -18.91
CA GLU G 86 10.39 1.19 -18.67
C GLU G 86 10.01 1.45 -17.22
N GLY G 87 8.70 1.59 -16.98
CA GLY G 87 8.21 1.75 -15.63
C GLY G 87 8.42 0.54 -14.76
N ASP G 88 8.35 -0.66 -15.36
CA ASP G 88 8.54 -1.90 -14.61
C ASP G 88 9.97 -2.07 -14.10
N ASP G 89 10.94 -1.41 -14.74
CA ASP G 89 12.32 -1.49 -14.30
C ASP G 89 12.66 -0.46 -13.23
N LEU G 90 11.73 0.44 -12.90
CA LEU G 90 11.93 1.40 -11.82
C LEU G 90 11.38 0.91 -10.49
N HIS G 91 10.73 -0.24 -10.46
CA HIS G 91 10.33 -0.86 -9.20
C HIS G 91 11.57 -1.26 -8.43
N PHE G 92 11.52 -1.10 -7.11
CA PHE G 92 12.70 -1.34 -6.29
C PHE G 92 13.10 -2.81 -6.27
N LEU G 93 12.14 -3.72 -6.47
CA LEU G 93 12.47 -5.13 -6.55
C LEU G 93 13.13 -5.48 -7.87
N ASN G 94 12.73 -4.82 -8.95
CA ASN G 94 13.29 -5.07 -10.27
C ASN G 94 14.54 -4.26 -10.55
N ASN G 95 14.87 -3.30 -9.70
CA ASN G 95 16.03 -2.42 -9.90
C ASN G 95 17.11 -2.82 -8.89
N ALA G 96 18.23 -3.35 -9.40
CA ALA G 96 19.33 -3.71 -8.53
C ALA G 96 20.06 -2.49 -7.98
N ALA G 97 19.96 -1.35 -8.67
CA ALA G 97 20.64 -0.15 -8.20
C ALA G 97 19.97 0.45 -6.98
N ILE G 98 18.64 0.42 -6.92
CA ILE G 98 17.93 0.91 -5.74
C ILE G 98 18.19 -0.01 -4.54
N GLN G 99 18.23 -1.31 -4.79
CA GLN G 99 18.56 -2.27 -3.74
C GLN G 99 19.99 -2.06 -3.24
N GLN G 100 20.94 -1.81 -4.15
CA GLN G 100 22.30 -1.54 -3.73
C GLN G 100 22.41 -0.19 -3.03
N LEU G 101 21.58 0.79 -3.43
CA LEU G 101 21.55 2.08 -2.76
C LEU G 101 21.12 1.93 -1.30
N TRP G 102 20.11 1.10 -1.04
CA TRP G 102 19.76 0.86 0.35
C TRP G 102 20.77 -0.04 1.04
N ASP G 103 21.37 -0.99 0.31
CA ASP G 103 22.35 -1.90 0.90
C ASP G 103 23.58 -1.15 1.40
N ASP G 104 24.06 -0.18 0.63
CA ASP G 104 25.26 0.56 1.00
C ASP G 104 25.02 1.44 2.23
N ILE G 105 23.82 2.01 2.34
CA ILE G 105 23.49 2.80 3.53
C ILE G 105 23.32 1.88 4.74
N ARG G 106 22.69 0.72 4.54
CA ARG G 106 22.42 -0.19 5.64
C ARG G 106 23.70 -0.76 6.23
N ARG G 107 24.68 -1.08 5.39
CA ARG G 107 25.88 -1.76 5.84
C ARG G 107 26.98 -0.81 6.30
N THR G 108 26.69 0.48 6.40
CA THR G 108 27.70 1.48 6.77
C THR G 108 27.58 1.80 8.26
N VAL G 109 28.70 1.65 8.98
CA VAL G 109 28.79 2.02 10.39
C VAL G 109 30.08 2.79 10.59
N ILE G 110 29.99 3.94 11.23
CA ILE G 110 31.14 4.80 11.51
C ILE G 110 31.46 4.70 12.99
N VAL G 111 32.71 4.33 13.31
CA VAL G 111 33.16 4.19 14.69
C VAL G 111 34.37 5.10 14.89
N GLY G 112 34.31 5.93 15.93
CA GLY G 112 35.43 6.78 16.28
C GLY G 112 36.53 6.02 17.00
N MET G 113 37.71 5.95 16.39
CA MET G 113 38.84 5.24 16.99
C MET G 113 39.74 6.23 17.72
N ASP G 114 39.18 6.82 18.75
CA ASP G 114 39.95 7.73 19.61
C ASP G 114 39.88 7.33 21.07
N THR G 115 38.73 6.83 21.53
CA THR G 115 38.66 6.26 22.87
C THR G 115 39.40 4.93 22.94
N ALA G 116 39.38 4.16 21.86
CA ALA G 116 40.14 2.91 21.81
C ALA G 116 41.64 3.15 21.91
N HIS G 117 42.13 4.19 21.22
CA HIS G 117 43.53 4.54 21.33
C HIS G 117 43.89 5.01 22.74
N SER G 118 42.97 5.73 23.39
CA SER G 118 43.20 6.14 24.77
C SER G 118 43.22 4.95 25.71
N VAL G 119 42.35 3.96 25.48
CA VAL G 119 42.35 2.74 26.28
C VAL G 119 43.65 1.97 26.08
N LEU G 120 44.13 1.92 24.83
CA LEU G 120 45.42 1.28 24.56
C LEU G 120 46.57 2.02 25.25
N GLU G 121 46.50 3.35 25.28
CA GLU G 121 47.64 4.13 25.77
C GLU G 121 47.71 4.18 27.29
N LYS G 122 46.59 4.46 27.96
CA LYS G 122 46.65 4.72 29.39
C LYS G 122 46.17 3.56 30.26
N ARG G 123 45.38 2.63 29.72
CA ARG G 123 44.98 1.46 30.50
C ARG G 123 45.89 0.27 30.29
N LEU G 124 46.37 0.06 29.06
CA LEU G 124 47.25 -1.06 28.76
C LEU G 124 48.71 -0.66 28.60
N GLY G 125 49.01 0.64 28.51
CA GLY G 125 50.38 1.07 28.34
C GLY G 125 50.96 0.78 26.97
N VAL G 126 50.12 0.60 25.96
CA VAL G 126 50.56 0.30 24.61
C VAL G 126 50.55 1.59 23.80
N GLU G 127 51.71 1.94 23.24
CA GLU G 127 51.81 3.15 22.44
C GLU G 127 51.13 2.95 21.09
N VAL G 128 50.52 4.01 20.58
CA VAL G 128 49.80 3.97 19.31
C VAL G 128 50.54 4.89 18.33
N THR G 129 51.10 4.31 17.29
CA THR G 129 51.83 4.98 16.23
C THR G 129 51.08 4.77 14.91
N PRO G 130 51.33 5.61 13.90
CA PRO G 130 50.74 5.34 12.57
C PRO G 130 51.15 4.00 11.97
N GLU G 131 52.31 3.46 12.34
CA GLU G 131 52.67 2.11 11.92
C GLU G 131 51.72 1.08 12.54
N THR G 132 51.41 1.23 13.83
CA THR G 132 50.45 0.34 14.47
C THR G 132 49.04 0.54 13.92
N ILE G 133 48.69 1.77 13.53
CA ILE G 133 47.39 2.02 12.92
C ILE G 133 47.31 1.35 11.55
N ASN G 134 48.41 1.40 10.78
CA ASN G 134 48.45 0.71 9.49
C ASN G 134 48.36 -0.80 9.65
N GLU G 135 49.03 -1.34 10.66
CA GLU G 135 48.93 -2.76 10.96
C GLU G 135 47.51 -3.14 11.36
N TYR G 136 46.86 -2.29 12.16
CA TYR G 136 45.47 -2.51 12.55
C TYR G 136 44.55 -2.48 11.34
N MET G 137 44.77 -1.55 10.42
CA MET G 137 43.94 -1.47 9.22
C MET G 137 44.12 -2.69 8.33
N HIS G 138 45.37 -3.17 8.20
CA HIS G 138 45.62 -4.40 7.46
C HIS G 138 44.93 -5.59 8.12
N THR G 139 44.91 -5.62 9.46
CA THR G 139 44.25 -6.70 10.17
C THR G 139 42.74 -6.65 10.00
N ILE G 140 42.13 -5.47 10.16
CA ILE G 140 40.69 -5.35 10.13
C ILE G 140 40.15 -5.50 8.71
N ASN G 141 40.95 -5.22 7.68
CA ASN G 141 40.47 -5.51 6.33
C ASN G 141 40.44 -7.00 6.05
N HIS G 142 41.13 -7.80 6.84
CA HIS G 142 41.02 -9.25 6.78
C HIS G 142 39.95 -9.80 7.72
N SER G 143 39.75 -9.15 8.87
CA SER G 143 38.85 -9.68 9.88
C SER G 143 37.39 -9.30 9.63
N LEU G 144 37.15 -8.08 9.14
CA LEU G 144 35.78 -7.63 8.89
C LEU G 144 35.00 -8.47 7.88
N PRO G 145 35.57 -8.92 6.75
CA PRO G 145 34.82 -9.89 5.93
C PRO G 145 34.55 -11.21 6.62
N GLY G 146 35.36 -11.60 7.59
CA GLY G 146 35.14 -12.86 8.27
C GLY G 146 36.35 -13.78 8.29
N GLY G 147 37.54 -13.21 8.19
CA GLY G 147 38.75 -13.99 8.35
C GLY G 147 39.10 -14.24 9.81
N ALA G 148 39.92 -15.28 10.02
CA ALA G 148 40.29 -15.72 11.37
C ALA G 148 41.65 -15.12 11.75
N VAL G 149 41.72 -14.54 12.94
CA VAL G 149 42.94 -13.92 13.42
C VAL G 149 43.52 -14.63 14.65
N VAL G 150 42.68 -15.18 15.53
CA VAL G 150 43.10 -16.07 16.62
C VAL G 150 42.22 -17.31 16.51
N GLN G 151 42.28 -18.19 17.51
CA GLN G 151 41.39 -19.35 17.62
C GLN G 151 41.52 -20.38 16.49
N GLU G 152 42.71 -20.98 16.44
CA GLU G 152 42.99 -22.13 15.58
C GLU G 152 41.81 -23.11 15.49
N HIS G 153 41.68 -23.74 14.32
CA HIS G 153 40.53 -24.55 13.92
C HIS G 153 39.25 -23.70 13.89
N MET G 154 39.29 -22.67 13.04
CA MET G 154 38.16 -21.79 12.82
C MET G 154 37.84 -21.74 11.34
N VAL G 155 36.56 -21.65 11.01
CA VAL G 155 36.14 -21.58 9.62
C VAL G 155 36.05 -20.11 9.21
N GLU G 156 36.03 -19.86 7.90
CA GLU G 156 35.93 -18.50 7.38
C GLU G 156 34.91 -18.48 6.26
N VAL G 157 34.36 -17.29 6.01
CA VAL G 157 33.39 -17.14 4.94
C VAL G 157 34.12 -17.08 3.60
N HIS G 158 33.38 -17.34 2.53
CA HIS G 158 33.96 -17.30 1.19
C HIS G 158 34.24 -15.85 0.81
N PRO G 159 35.47 -15.51 0.42
CA PRO G 159 35.77 -14.12 0.03
C PRO G 159 35.02 -13.66 -1.21
N SER G 160 34.51 -14.58 -2.03
CA SER G 160 33.70 -14.19 -3.18
C SER G 160 32.37 -13.58 -2.76
N LEU G 161 31.87 -13.92 -1.57
CA LEU G 161 30.63 -13.35 -1.06
C LEU G 161 30.85 -12.06 -0.29
N ALA G 162 32.09 -11.64 -0.09
CA ALA G 162 32.41 -10.47 0.72
C ALA G 162 33.37 -9.54 0.00
N TRP G 163 33.26 -9.45 -1.33
CA TRP G 163 34.16 -8.58 -2.08
C TRP G 163 33.85 -7.11 -1.89
N ASP G 164 32.64 -6.78 -1.46
CA ASP G 164 32.23 -5.40 -1.20
C ASP G 164 32.53 -4.96 0.22
N CYS G 165 33.16 -5.82 1.02
CA CYS G 165 33.43 -5.50 2.42
C CYS G 165 34.75 -4.74 2.52
N TYR G 166 34.69 -3.51 3.03
CA TYR G 166 35.86 -2.68 3.21
C TYR G 166 35.85 -2.06 4.61
N ALA G 167 37.04 -1.88 5.15
CA ALA G 167 37.23 -1.12 6.38
C ALA G 167 38.14 0.06 6.04
N ARG G 168 37.59 1.26 6.16
CA ARG G 168 38.29 2.48 5.77
C ARG G 168 38.50 3.37 6.97
N ILE G 169 39.49 4.25 6.85
CA ILE G 169 39.84 5.20 7.91
C ILE G 169 39.96 6.58 7.30
N PHE G 170 39.42 7.58 8.00
CA PHE G 170 39.65 8.97 7.64
C PHE G 170 39.95 9.75 8.90
N THR G 171 40.74 10.81 8.75
CA THR G 171 41.16 11.62 9.88
C THR G 171 41.00 13.09 9.55
N GLY G 172 40.62 13.87 10.55
CA GLY G 172 40.69 15.31 10.43
C GLY G 172 42.06 15.87 10.67
N ASP G 173 43.01 15.03 11.05
CA ASP G 173 44.41 15.42 11.27
C ASP G 173 45.18 15.17 9.99
N ASP G 174 45.77 16.23 9.43
CA ASP G 174 46.56 16.09 8.22
C ASP G 174 47.89 15.37 8.50
N GLU G 175 48.49 15.61 9.66
CA GLU G 175 49.76 14.97 10.00
C GLU G 175 49.60 13.45 10.13
N LEU G 176 48.50 12.99 10.75
CA LEU G 176 48.27 11.56 10.81
C LEU G 176 47.93 11.01 9.43
N ALA G 177 47.18 11.75 8.63
CA ALA G 177 46.80 11.30 7.30
C ALA G 177 47.97 11.27 6.33
N ASP G 178 49.08 11.95 6.65
CA ASP G 178 50.24 11.94 5.76
C ASP G 178 50.91 10.58 5.74
N GLU G 179 51.39 10.09 6.88
CA GLU G 179 51.99 8.75 6.93
C GLU G 179 50.95 7.69 7.31
N LEU G 180 49.84 7.67 6.60
CA LEU G 180 48.87 6.58 6.66
C LEU G 180 48.79 5.93 5.30
N ASP G 181 48.53 4.62 5.29
CA ASP G 181 48.48 3.88 4.04
C ASP G 181 47.28 4.33 3.22
N SER G 182 47.52 4.76 1.98
CA SER G 182 46.48 5.31 1.14
C SER G 182 45.50 4.26 0.64
N ARG G 183 45.80 2.97 0.81
CA ARG G 183 44.86 1.93 0.44
C ARG G 183 43.61 1.97 1.30
N PHE G 184 43.78 2.19 2.61
CA PHE G 184 42.66 2.19 3.55
C PHE G 184 42.18 3.60 3.88
N LEU G 185 42.77 4.63 3.29
CA LEU G 185 42.51 6.01 3.70
C LEU G 185 41.48 6.64 2.78
N ILE G 186 40.49 7.30 3.38
CA ILE G 186 39.59 8.19 2.66
C ILE G 186 40.15 9.59 2.79
N ASP G 187 40.66 10.14 1.68
CA ASP G 187 41.36 11.42 1.68
C ASP G 187 40.34 12.54 1.48
N ILE G 188 40.15 13.36 2.50
CA ILE G 188 39.23 14.50 2.40
C ILE G 188 39.79 15.55 1.44
N ASN G 189 41.10 15.76 1.46
CA ASN G 189 41.71 16.78 0.61
C ASN G 189 41.67 16.40 -0.87
N LYS G 190 41.65 15.10 -1.17
CA LYS G 190 41.61 14.65 -2.55
C LYS G 190 40.19 14.51 -3.09
N LEU G 191 39.22 14.22 -2.24
CA LEU G 191 37.86 13.94 -2.68
C LEU G 191 36.93 15.14 -2.62
N PHE G 192 37.34 16.23 -1.99
CA PHE G 192 36.49 17.39 -1.79
C PHE G 192 37.15 18.65 -2.32
N PRO G 193 36.37 19.66 -2.70
CA PRO G 193 36.95 20.97 -3.01
C PRO G 193 37.59 21.60 -1.78
N GLU G 194 38.44 22.59 -2.03
CA GLU G 194 39.33 23.10 -0.98
C GLU G 194 38.56 23.73 0.16
N GLU G 195 37.57 24.58 -0.15
CA GLU G 195 36.75 25.18 0.89
C GLU G 195 35.92 24.14 1.62
N GLN G 196 35.35 23.20 0.88
CA GLN G 196 34.58 22.12 1.50
C GLN G 196 35.48 21.23 2.35
N ALA G 197 36.70 20.96 1.87
CA ALA G 197 37.64 20.17 2.66
C ALA G 197 38.02 20.87 3.96
N GLU G 198 38.27 22.18 3.90
CA GLU G 198 38.61 22.91 5.12
C GLU G 198 37.44 22.97 6.09
N THR G 199 36.22 23.15 5.57
CA THR G 199 35.04 23.14 6.42
C THR G 199 34.84 21.79 7.09
N LEU G 200 35.03 20.70 6.33
CA LEU G 200 34.88 19.36 6.89
C LEU G 200 35.96 19.06 7.93
N LYS G 201 37.20 19.48 7.68
CA LYS G 201 38.27 19.25 8.65
C LYS G 201 38.05 20.08 9.90
N ALA G 202 37.52 21.29 9.78
CA ALA G 202 37.21 22.10 10.95
C ALA G 202 36.06 21.49 11.75
N ALA G 203 35.05 20.94 11.06
CA ALA G 203 33.92 20.35 11.77
C ALA G 203 34.32 19.04 12.45
N ILE G 204 35.12 18.21 11.79
CA ILE G 204 35.53 16.93 12.36
C ILE G 204 36.51 17.15 13.52
N GLY G 205 37.47 18.03 13.34
CA GLY G 205 38.51 18.22 14.34
C GLY G 205 39.62 17.21 14.18
N LYS G 206 40.57 17.25 15.12
CA LYS G 206 41.73 16.36 15.09
C LYS G 206 41.39 15.00 15.69
N LYS G 207 40.40 14.34 15.09
CA LYS G 207 39.92 13.04 15.54
C LYS G 207 39.97 12.05 14.39
N THR G 208 40.18 10.79 14.73
CA THR G 208 40.29 9.71 13.76
C THR G 208 39.05 8.84 13.81
N TYR G 209 38.54 8.47 12.64
CA TYR G 209 37.32 7.69 12.54
C TYR G 209 37.54 6.51 11.60
N GLN G 210 36.80 5.44 11.83
CA GLN G 210 36.86 4.24 11.01
C GLN G 210 35.49 3.98 10.40
N VAL G 211 35.47 3.69 9.11
CA VAL G 211 34.24 3.35 8.39
C VAL G 211 34.27 1.86 8.12
N SER G 212 33.35 1.13 8.76
CA SER G 212 33.22 -0.30 8.56
C SER G 212 32.04 -0.56 7.64
N ARG G 213 32.31 -1.19 6.50
CA ARG G 213 31.29 -1.57 5.54
C ARG G 213 31.24 -3.09 5.49
N VAL G 214 30.27 -3.67 6.20
CA VAL G 214 30.09 -5.11 6.28
C VAL G 214 29.56 -5.58 4.92
N PRO G 215 29.67 -6.87 4.57
CA PRO G 215 29.14 -7.32 3.27
C PRO G 215 27.64 -7.14 3.16
N SER G 216 27.18 -6.90 1.93
CA SER G 216 25.76 -6.71 1.68
C SER G 216 24.97 -7.99 1.92
N LEU G 217 25.61 -9.15 1.74
CA LEU G 217 24.97 -10.43 2.04
C LEU G 217 24.57 -10.55 3.49
N VAL G 218 25.35 -9.93 4.39
CA VAL G 218 25.02 -9.93 5.82
C VAL G 218 23.73 -9.17 6.07
N GLY G 219 23.61 -7.99 5.46
CA GLY G 219 22.39 -7.21 5.60
C GLY G 219 21.21 -7.79 4.84
N ARG G 220 21.47 -8.68 3.88
CA ARG G 220 20.38 -9.33 3.16
C ARG G 220 19.83 -10.55 3.91
N VAL G 221 20.71 -11.37 4.48
CA VAL G 221 20.25 -12.49 5.28
C VAL G 221 19.60 -12.00 6.58
N CYS G 222 20.24 -11.06 7.25
CA CYS G 222 19.79 -10.53 8.52
C CYS G 222 19.13 -9.16 8.33
N ASP G 223 18.90 -8.46 9.44
CA ASP G 223 18.29 -7.15 9.42
C ASP G 223 19.36 -6.07 9.55
N GLY G 224 18.93 -4.82 9.73
CA GLY G 224 19.85 -3.70 9.86
C GLY G 224 20.52 -3.57 11.22
N GLY G 225 19.96 -4.17 12.25
CA GLY G 225 20.60 -4.14 13.56
C GLY G 225 21.80 -5.03 13.70
N THR G 226 22.04 -5.88 12.70
CA THR G 226 23.19 -6.78 12.68
C THR G 226 24.49 -6.02 12.44
N ILE G 227 24.43 -4.91 11.72
CA ILE G 227 25.62 -4.28 11.13
C ILE G 227 26.55 -3.72 12.20
N SER G 228 26.00 -2.97 13.15
CA SER G 228 26.82 -2.34 14.17
C SER G 228 27.49 -3.39 15.06
N ARG G 229 26.75 -4.46 15.39
CA ARG G 229 27.34 -5.55 16.16
C ARG G 229 28.43 -6.28 15.40
N TRP G 230 28.22 -6.54 14.10
CA TRP G 230 29.24 -7.18 13.27
C TRP G 230 30.52 -6.36 13.26
N SER G 231 30.37 -5.05 13.02
CA SER G 231 31.52 -4.15 13.02
C SER G 231 32.18 -4.10 14.38
N ALA G 232 31.39 -4.17 15.45
CA ALA G 232 31.94 -4.10 16.81
C ALA G 232 32.80 -5.31 17.14
N MET G 233 32.31 -6.53 16.84
CA MET G 233 33.11 -7.71 17.11
C MET G 233 34.37 -7.72 16.26
N GLN G 234 34.28 -7.32 14.99
CA GLN G 234 35.49 -7.35 14.16
C GLN G 234 36.48 -6.27 14.58
N ILE G 235 35.99 -5.11 15.03
CA ILE G 235 36.88 -4.07 15.55
C ILE G 235 37.60 -4.54 16.80
N GLY G 236 36.87 -5.16 17.72
CA GLY G 236 37.49 -5.67 18.94
C GLY G 236 38.49 -6.79 18.66
N MET G 237 38.15 -7.66 17.71
CA MET G 237 39.04 -8.76 17.35
C MET G 237 40.33 -8.24 16.74
N SER G 238 40.22 -7.29 15.81
CA SER G 238 41.40 -6.71 15.18
C SER G 238 42.23 -5.91 16.18
N PHE G 239 41.58 -5.28 17.17
CA PHE G 239 42.33 -4.56 18.18
C PHE G 239 43.11 -5.51 19.08
N ILE G 240 42.51 -6.63 19.49
CA ILE G 240 43.23 -7.54 20.37
C ILE G 240 44.30 -8.34 19.64
N THR G 241 44.19 -8.52 18.32
CA THR G 241 45.24 -9.26 17.64
C THR G 241 46.25 -8.40 16.91
N ALA G 242 45.99 -7.10 16.73
CA ALA G 242 46.95 -6.23 16.07
C ALA G 242 47.92 -5.60 17.06
N TYR G 243 47.50 -5.43 18.31
CA TYR G 243 48.35 -4.87 19.35
C TYR G 243 48.86 -5.93 20.31
N LYS G 244 48.63 -7.21 20.00
CA LYS G 244 49.11 -8.37 20.77
C LYS G 244 48.64 -8.30 22.24
N LEU G 245 47.36 -8.06 22.42
CA LEU G 245 46.77 -7.99 23.74
C LEU G 245 46.28 -9.37 24.17
N CYS G 246 45.74 -9.44 25.40
CA CYS G 246 45.11 -10.67 25.86
C CYS G 246 43.81 -10.91 25.09
N ALA G 247 43.52 -12.18 24.84
CA ALA G 247 42.29 -12.56 24.13
C ALA G 247 41.14 -12.63 25.13
N GLY G 248 40.76 -11.45 25.62
CA GLY G 248 39.68 -11.33 26.59
C GLY G 248 40.11 -10.80 27.94
N GLU G 249 39.88 -9.52 28.18
CA GLU G 249 40.15 -8.88 29.45
C GLU G 249 39.22 -7.68 29.59
N ALA G 250 39.42 -6.87 30.63
CA ALA G 250 38.52 -5.75 30.91
C ALA G 250 38.64 -4.65 29.86
N ALA G 251 39.86 -4.42 29.36
CA ALA G 251 40.05 -3.44 28.30
C ALA G 251 39.35 -3.86 27.02
N THR G 252 39.22 -5.16 26.79
CA THR G 252 38.43 -5.65 25.66
C THR G 252 36.97 -5.26 25.80
N ALA G 253 36.44 -5.31 27.03
CA ALA G 253 35.08 -4.84 27.26
C ALA G 253 34.98 -3.33 27.07
N ASP G 254 36.03 -2.59 27.41
CA ASP G 254 36.05 -1.15 27.12
C ASP G 254 35.99 -0.90 25.61
N PHE G 255 36.75 -1.66 24.84
CA PHE G 255 36.70 -1.57 23.38
C PHE G 255 35.31 -1.89 22.85
N SER G 256 34.70 -2.94 23.38
CA SER G 256 33.38 -3.35 22.92
C SER G 256 32.32 -2.30 23.24
N TYR G 257 32.37 -1.74 24.45
CA TYR G 257 31.42 -0.68 24.81
C TYR G 257 31.61 0.55 23.93
N ALA G 258 32.87 0.92 23.66
CA ALA G 258 33.14 2.06 22.79
C ALA G 258 32.56 1.84 21.40
N SER G 259 32.91 0.71 20.78
CA SER G 259 32.48 0.42 19.41
C SER G 259 30.99 0.12 19.31
N LYS G 260 30.34 -0.17 20.43
CA LYS G 260 28.90 -0.53 20.37
C LYS G 260 28.04 0.72 20.59
N MHS G 261 28.56 1.72 21.31
CA MHS G 261 27.75 2.93 21.62
C MHS G 261 28.64 4.18 21.70
O MHS G 261 28.51 5.04 20.82
CB MHS G 261 27.00 2.76 22.94
CG MHS G 261 26.80 1.36 23.41
ND1 MHS G 261 25.63 0.64 23.17
CD2 MHS G 261 27.61 0.51 24.09
CE1 MHS G 261 25.81 -0.59 23.73
NE2 MHS G 261 27.00 -0.71 24.30
CM MHS G 261 24.44 1.12 22.46
N ALA G 262 29.47 4.28 22.74
CA ALA G 262 30.29 5.50 22.98
C ALA G 262 30.73 6.21 21.69
N ASP G 263 31.32 5.49 20.73
CA ASP G 263 31.90 6.16 19.57
C ASP G 263 31.27 5.70 18.26
N VAL G 264 30.16 4.97 18.31
CA VAL G 264 29.53 4.47 17.10
C VAL G 264 28.63 5.55 16.51
N ILE G 265 28.49 5.54 15.18
CA ILE G 265 27.57 6.42 14.48
C ILE G 265 26.70 5.54 13.60
N GLN G 266 25.41 5.51 13.89
CA GLN G 266 24.45 4.71 13.15
C GLN G 266 23.79 5.54 12.06
N MET G 267 23.55 4.93 10.91
CA MET G 267 22.79 5.60 9.87
C MET G 267 21.36 5.86 10.31
N GLY G 268 20.74 4.90 10.98
CA GLY G 268 19.40 5.06 11.49
C GLY G 268 19.24 4.58 12.92
N ASN G 269 18.45 5.28 13.72
CA ASN G 269 18.21 4.89 15.09
C ASN G 269 17.25 3.69 15.14
N ALA G 270 17.34 2.97 16.25
CA ALA G 270 16.37 1.90 16.52
C ALA G 270 15.00 2.50 16.78
N LEU G 271 13.96 1.74 16.45
CA LEU G 271 12.58 2.19 16.59
C LEU G 271 11.79 1.18 17.41
N PRO G 272 12.03 1.12 18.72
CA PRO G 272 11.33 0.13 19.55
C PRO G 272 9.91 0.57 19.88
N GLY G 273 9.11 -0.42 20.27
CA GLY G 273 7.74 -0.15 20.68
C GLY G 273 6.72 -0.45 19.61
N ARG G 274 5.97 0.57 19.21
CA ARG G 274 4.94 0.41 18.15
C ARG G 274 5.64 0.20 16.80
N AGM G 275 6.60 1.06 16.47
CA AGM G 275 7.35 0.92 15.20
CB AGM G 275 8.35 2.07 15.05
CG AGM G 275 8.43 2.65 13.64
CD AGM G 275 7.24 3.50 13.24
CE2 AGM G 275 7.56 4.35 12.03
NE1 AGM G 275 6.82 4.36 14.35
CZ AGM G 275 5.57 4.56 14.76
NH1 AGM G 275 4.73 3.56 14.83
NH2 AGM G 275 5.19 5.79 15.09
C AGM G 275 8.06 -0.44 15.18
O AGM G 275 8.19 -1.01 14.07
N ALA G 276 8.49 -0.94 16.34
CA ALA G 276 9.12 -2.28 16.45
C ALA G 276 10.11 -2.48 15.30
N ARG G 277 11.23 -1.74 15.31
CA ARG G 277 12.27 -1.93 14.27
C ARG G 277 13.64 -1.67 14.89
N GLY G 278 14.70 -2.24 14.30
CA GLY G 278 16.03 -2.06 14.81
C GLY G 278 16.73 -0.87 14.20
N PRO G 279 17.99 -0.64 14.59
CA PRO G 279 18.77 0.45 14.00
C PRO G 279 19.19 0.10 12.58
N ASN G 280 19.68 1.12 11.87
CA ASN G 280 20.10 1.04 10.47
C ASN G 280 18.98 0.53 9.58
N GLU G 281 17.77 0.96 9.87
CA GLU G 281 16.55 0.78 9.11
C GLU G 281 16.15 2.10 8.48
N PRO G 282 15.46 2.11 7.33
CA PRO G 282 15.21 3.40 6.66
C PRO G 282 14.19 4.28 7.39
N GLY G 283 13.49 3.74 8.38
CA GLY G 283 12.65 4.57 9.23
C GLY G 283 13.40 5.38 10.27
N GLY G 284 14.63 4.99 10.58
CA GLY G 284 15.45 5.71 11.52
C GLY G 284 16.38 6.72 10.93
N ILE G 285 16.44 6.83 9.61
CA ILE G 285 17.37 7.74 8.95
C ILE G 285 16.75 9.12 8.88
N ARG G 286 17.38 10.09 9.52
CA ARG G 286 16.91 11.47 9.48
C ARG G 286 17.17 12.08 8.10
N PHE G 287 16.48 13.19 7.84
CA PHE G 287 16.58 13.83 6.53
C PHE G 287 17.95 14.46 6.31
N GLY G 288 18.56 15.03 7.35
CA GLY G 288 19.90 15.55 7.23
C GLY G 288 20.95 14.48 6.98
N ILE G 289 20.75 13.30 7.59
CA ILE G 289 21.67 12.18 7.36
C ILE G 289 21.63 11.74 5.91
N LEU G 290 20.42 11.62 5.34
CA LEU G 290 20.30 11.24 3.94
C LEU G 290 20.78 12.35 3.01
N SER G 291 20.66 13.61 3.43
CA SER G 291 21.24 14.71 2.67
C SER G 291 22.76 14.60 2.63
N ASP G 292 23.37 14.23 3.75
CA ASP G 292 24.82 14.04 3.80
C ASP G 292 25.28 12.77 3.10
N VAL G 293 24.39 11.79 2.93
CA VAL G 293 24.73 10.59 2.18
C VAL G 293 24.99 10.92 0.71
N VAL G 294 24.13 11.75 0.12
CA VAL G 294 24.27 12.11 -1.29
C VAL G 294 25.46 13.06 -1.45
N GLN G 295 26.28 12.80 -2.46
CA GLN G 295 27.55 13.49 -2.65
C GLN G 295 27.53 14.43 -3.85
N THR G 296 26.36 14.97 -4.21
CA THR G 296 26.28 15.95 -5.28
C THR G 296 26.85 17.30 -4.88
N THR G 297 26.96 17.56 -3.57
CA THR G 297 27.49 18.83 -3.09
C THR G 297 28.96 19.00 -3.46
N ARG G 298 29.74 17.92 -3.42
CA ARG G 298 31.17 18.00 -3.66
C ARG G 298 31.56 17.86 -5.13
N VAL G 299 30.60 17.55 -6.01
CA VAL G 299 30.89 17.41 -7.43
C VAL G 299 30.13 18.43 -8.28
N SER G 300 29.28 19.25 -7.67
CA SER G 300 28.51 20.22 -8.43
C SER G 300 28.29 21.46 -7.57
N GLU G 301 28.15 22.60 -8.23
CA GLU G 301 27.89 23.87 -7.56
C GLU G 301 26.46 24.34 -7.73
N ASP G 302 25.65 23.64 -8.51
CA ASP G 302 24.26 24.02 -8.71
C ASP G 302 23.46 23.62 -7.48
N PRO G 303 22.86 24.57 -6.75
CA PRO G 303 22.10 24.19 -5.54
C PRO G 303 20.82 23.44 -5.84
N VAL G 304 20.16 23.75 -6.96
CA VAL G 304 18.94 23.05 -7.34
C VAL G 304 19.24 21.60 -7.67
N GLU G 305 20.34 21.34 -8.40
CA GLU G 305 20.73 19.96 -8.71
C GLU G 305 21.09 19.19 -7.46
N GLN G 306 21.78 19.84 -6.51
CA GLN G 306 22.12 19.20 -5.24
C GLN G 306 20.87 18.84 -4.45
N SER G 307 19.87 19.74 -4.45
CA SER G 307 18.62 19.44 -3.77
C SER G 307 17.85 18.32 -4.47
N LEU G 308 17.87 18.31 -5.81
CA LEU G 308 17.05 17.36 -6.55
C LEU G 308 17.63 15.95 -6.54
N GLU G 309 18.96 15.81 -6.49
CA GLU G 309 19.50 14.46 -6.32
C GLU G 309 19.15 13.90 -4.94
N VAL G 310 19.11 14.75 -3.92
CA VAL G 310 18.64 14.32 -2.61
C VAL G 310 17.14 13.99 -2.65
N VAL G 311 16.37 14.73 -3.44
CA VAL G 311 14.96 14.41 -3.64
C VAL G 311 14.81 13.03 -4.26
N ALA G 312 15.60 12.73 -5.29
CA ALA G 312 15.52 11.43 -5.95
C ALA G 312 15.95 10.30 -5.02
N THR G 313 17.04 10.49 -4.28
CA THR G 313 17.50 9.48 -3.33
C THR G 313 16.48 9.26 -2.21
N GLY G 314 15.90 10.36 -1.70
CA GLY G 314 14.90 10.23 -0.67
C GLY G 314 13.63 9.57 -1.14
N ALA G 315 13.22 9.85 -2.38
CA ALA G 315 12.07 9.16 -2.95
C ALA G 315 12.34 7.68 -3.07
N ALA G 316 13.47 7.31 -3.70
CA ALA G 316 13.79 5.90 -3.93
C ALA G 316 14.01 5.15 -2.62
N LEU G 317 14.43 5.85 -1.56
CA LEU G 317 14.54 5.18 -0.27
C LEU G 317 13.19 5.14 0.43
N TYR G 318 12.68 6.30 0.85
CA TYR G 318 11.53 6.36 1.74
C TYR G 318 10.25 5.86 1.08
N ASP G 319 9.93 6.36 -0.12
CA ASP G 319 8.66 6.00 -0.74
C ASP G 319 8.70 4.62 -1.37
N GLN G 320 9.83 4.25 -1.96
CA GLN G 320 9.89 2.99 -2.71
C GLN G 320 10.20 1.80 -1.81
N ILE G 321 11.06 1.97 -0.81
CA ILE G 321 11.47 0.87 0.04
C ILE G 321 10.76 0.93 1.38
N TRP G 322 10.99 2.00 2.16
CA TRP G 322 10.47 2.07 3.52
C TRP G 322 8.94 2.14 3.55
N LEU G 323 8.35 2.83 2.58
CA LEU G 323 6.90 2.83 2.42
C LEU G 323 6.41 1.81 1.40
N GLY G 324 7.21 1.50 0.40
CA GLY G 324 6.79 0.54 -0.61
C GLY G 324 6.66 -0.88 -0.11
N ALA G 325 7.57 -1.32 0.76
CA ALA G 325 7.58 -2.70 1.23
C ALA G 325 7.66 -2.84 2.73
N TYR G 326 8.42 -1.97 3.41
CA TYR G 326 8.62 -2.14 4.85
C TYR G 326 7.31 -1.99 5.63
N MET G 327 6.45 -1.05 5.20
CA MET G 327 5.16 -0.84 5.86
C MET G 327 3.98 -1.02 4.91
N SER G 328 4.20 -1.63 3.76
CA SER G 328 3.14 -1.95 2.80
C SER G 328 3.58 -3.21 2.05
N GLY G 329 3.01 -3.44 0.88
CA GLY G 329 3.45 -4.60 0.12
C GLY G 329 2.97 -4.57 -1.31
N GLY G 330 3.49 -5.53 -2.08
CA GLY G 330 3.04 -5.76 -3.43
C GLY G 330 3.54 -4.78 -4.46
N ILE G 331 2.62 -3.99 -5.01
CA ILE G 331 2.97 -2.99 -6.02
C ILE G 331 3.84 -1.91 -5.41
N GLY G 332 3.51 -1.47 -4.21
CA GLY G 332 4.24 -0.39 -3.58
C GLY G 332 3.93 0.94 -4.23
N PHE G 333 4.85 1.88 -4.04
CA PHE G 333 4.72 3.23 -4.59
C PHE G 333 5.90 3.50 -5.51
N THR G 334 5.77 3.06 -6.77
CA THR G 334 6.78 3.36 -7.77
C THR G 334 6.45 4.67 -8.48
N GLN G 335 5.23 4.79 -9.02
CA GLN G 335 4.83 5.99 -9.71
C GLN G 335 4.64 7.18 -8.78
N TYR G 336 4.40 6.92 -7.49
CA TYR G 336 4.37 8.01 -6.51
C TYR G 336 5.75 8.64 -6.34
N ALA G 337 6.80 7.82 -6.38
CA ALA G 337 8.15 8.30 -6.13
C ALA G 337 8.88 8.71 -7.39
N THR G 338 8.67 7.99 -8.50
CA THR G 338 9.33 8.34 -9.75
C THR G 338 8.83 9.65 -10.34
N ALA G 339 7.66 10.13 -9.89
CA ALA G 339 7.16 11.42 -10.35
C ALA G 339 8.07 12.57 -9.94
N SER G 340 8.88 12.38 -8.90
CA SER G 340 9.83 13.39 -8.47
C SER G 340 11.17 13.34 -9.21
N TYR G 341 11.45 12.27 -9.96
CA TYR G 341 12.74 12.23 -10.65
C TYR G 341 12.69 11.62 -12.05
N THR G 342 11.54 11.56 -12.72
CA THR G 342 11.55 10.97 -14.05
C THR G 342 11.74 12.02 -15.14
N ASP G 343 10.80 12.93 -15.30
CA ASP G 343 11.00 14.00 -16.25
C ASP G 343 11.46 15.24 -15.49
N ASP G 344 11.73 16.31 -16.22
CA ASP G 344 12.26 17.53 -15.62
C ASP G 344 11.14 18.45 -15.15
N ILE G 345 9.98 17.90 -14.79
CA ILE G 345 8.88 18.71 -14.28
C ILE G 345 9.26 19.36 -12.96
N LEU G 346 9.75 18.54 -12.02
CA LEU G 346 10.25 19.08 -10.76
C LEU G 346 11.50 19.92 -10.98
N ASP G 347 12.32 19.54 -11.96
CA ASP G 347 13.51 20.33 -12.29
C ASP G 347 13.13 21.70 -12.84
N ASP G 348 12.17 21.77 -13.76
CA ASP G 348 11.72 23.05 -14.29
C ASP G 348 11.08 23.90 -13.20
N PHE G 349 10.27 23.28 -12.33
CA PHE G 349 9.62 24.02 -11.25
C PHE G 349 10.64 24.56 -10.26
N SER G 350 11.64 23.76 -9.90
CA SER G 350 12.67 24.21 -8.96
C SER G 350 13.58 25.26 -9.57
N TYR G 351 13.89 25.16 -10.87
CA TYR G 351 14.69 26.20 -11.51
C TYR G 351 13.91 27.51 -11.63
N TYR G 352 12.59 27.44 -11.87
CA TYR G 352 11.77 28.64 -11.81
C TYR G 352 11.77 29.24 -10.41
N ALA G 353 11.70 28.38 -9.39
CA ALA G 353 11.73 28.86 -8.00
C ALA G 353 13.04 29.57 -7.69
N LEU G 354 14.17 29.00 -8.14
CA LEU G 354 15.46 29.62 -7.94
C LEU G 354 15.57 30.95 -8.68
N ASP G 355 15.07 31.00 -9.93
CA ASP G 355 15.11 32.24 -10.69
C ASP G 355 14.26 33.33 -10.05
N TYR G 356 13.05 32.97 -9.59
CA TYR G 356 12.18 33.94 -8.94
C TYR G 356 12.77 34.43 -7.63
N VAL G 357 13.43 33.54 -6.89
CA VAL G 357 14.04 33.94 -5.63
C VAL G 357 15.24 34.86 -5.88
N GLU G 358 16.08 34.53 -6.86
CA GLU G 358 17.25 35.33 -7.16
C GLU G 358 16.90 36.67 -7.79
N LYS G 359 15.74 36.78 -8.45
CA LYS G 359 15.38 38.05 -9.05
C LYS G 359 14.92 39.08 -8.02
N LYS G 360 14.35 38.65 -6.89
CA LYS G 360 13.79 39.59 -5.93
C LYS G 360 14.34 39.48 -4.52
N TYR G 361 14.96 38.35 -4.15
CA TYR G 361 15.53 38.21 -2.81
C TYR G 361 17.02 37.94 -2.83
N GLY G 362 17.47 36.99 -3.64
CA GLY G 362 18.83 36.50 -3.58
C GLY G 362 18.91 35.16 -2.87
N ARG G 363 20.11 34.57 -2.91
CA ARG G 363 20.32 33.24 -2.34
C ARG G 363 20.23 33.28 -0.82
N MET G 364 20.81 34.30 -0.20
CA MET G 364 20.67 34.51 1.24
C MET G 364 20.36 35.96 1.55
N GLY G 365 19.63 36.63 0.66
CA GLY G 365 19.39 38.04 0.79
C GLY G 365 18.31 38.44 1.75
N THR G 366 17.58 37.49 2.33
CA THR G 366 16.52 37.82 3.26
C THR G 366 16.57 36.90 4.47
N LYS G 367 16.06 37.40 5.59
CA LYS G 367 15.92 36.64 6.81
C LYS G 367 14.56 35.95 6.81
N ALA G 368 14.50 34.72 7.34
CA ALA G 368 13.28 33.92 7.33
C ALA G 368 12.17 34.58 8.13
N THR G 369 11.18 35.12 7.43
CA THR G 369 9.98 35.69 8.03
C THR G 369 8.77 35.06 7.37
N MET G 370 7.59 35.40 7.87
CA MET G 370 6.36 34.82 7.33
C MET G 370 6.11 35.30 5.90
N ASP G 371 6.35 36.60 5.65
CA ASP G 371 5.98 37.22 4.37
C ASP G 371 6.72 36.61 3.20
N VAL G 372 8.03 36.36 3.36
CA VAL G 372 8.80 35.76 2.27
C VAL G 372 8.36 34.32 2.02
N VAL G 373 7.98 33.59 3.07
CA VAL G 373 7.46 32.23 2.90
C VAL G 373 6.17 32.24 2.09
N GLU G 374 5.23 33.14 2.45
CA GLU G 374 3.98 33.24 1.72
C GLU G 374 4.21 33.62 0.27
N ASP G 375 5.06 34.63 0.03
CA ASP G 375 5.30 35.11 -1.32
C ASP G 375 5.91 34.03 -2.21
N VAL G 376 7.01 33.43 -1.74
CA VAL G 376 7.73 32.45 -2.57
C VAL G 376 6.88 31.20 -2.78
N ALA G 377 6.30 30.65 -1.72
CA ALA G 377 5.52 29.42 -1.85
C ALA G 377 4.27 29.63 -2.72
N GLY G 378 3.57 30.76 -2.54
CA GLY G 378 2.41 31.04 -3.38
C GLY G 378 2.77 31.21 -4.84
N GLU G 379 3.86 31.94 -5.13
CA GLU G 379 4.26 32.14 -6.52
C GLU G 379 4.66 30.83 -7.19
N VAL G 380 5.44 29.99 -6.50
CA VAL G 380 5.88 28.74 -7.10
C VAL G 380 4.71 27.77 -7.27
N THR G 381 3.78 27.75 -6.31
CA THR G 381 2.60 26.90 -6.44
C THR G 381 1.73 27.34 -7.62
N LEU G 382 1.52 28.65 -7.77
CA LEU G 382 0.73 29.17 -8.87
C LEU G 382 1.38 28.84 -10.21
N TYR G 383 2.71 28.98 -10.30
CA TYR G 383 3.41 28.63 -11.53
C TYR G 383 3.30 27.15 -11.85
N ALA G 384 3.48 26.29 -10.85
CA ALA G 384 3.43 24.85 -11.09
C ALA G 384 2.05 24.39 -11.53
N LEU G 385 1.00 24.93 -10.90
CA LEU G 385 -0.35 24.58 -11.32
C LEU G 385 -0.72 25.18 -12.66
N GLU G 386 -0.19 26.36 -13.00
CA GLU G 386 -0.37 26.90 -14.34
C GLU G 386 0.31 26.04 -15.40
N GLN G 387 1.49 25.50 -15.09
CA GLN G 387 2.16 24.60 -16.02
C GLN G 387 1.41 23.28 -16.17
N TYR G 388 0.81 22.80 -15.09
CA TYR G 388 -0.05 21.62 -15.21
C TYR G 388 -1.28 21.90 -16.06
N ASP G 389 -1.86 23.09 -15.93
CA ASP G 389 -3.03 23.46 -16.74
C ASP G 389 -2.66 23.63 -18.21
N ASP G 390 -1.51 24.25 -18.49
CA ASP G 390 -1.15 24.60 -19.86
C ASP G 390 -0.70 23.41 -20.70
N TYR G 391 -0.11 22.40 -20.07
CA TYR G 391 0.48 21.27 -20.80
C TYR G 391 -0.23 19.99 -20.43
N PRO G 392 -1.11 19.47 -21.29
CA PRO G 392 -1.77 18.19 -21.00
C PRO G 392 -0.83 17.01 -20.88
N ALA G 393 0.34 17.06 -21.50
CA ALA G 393 1.33 15.99 -21.33
C ALA G 393 1.84 15.93 -19.89
N LEU G 394 2.06 17.10 -19.27
CA LEU G 394 2.47 17.16 -17.88
C LEU G 394 1.38 16.62 -16.97
N LEU G 395 0.12 16.95 -17.25
CA LEU G 395 -0.99 16.48 -16.44
C LEU G 395 -1.20 14.98 -16.59
N GLU G 396 -1.04 14.45 -17.80
CA GLU G 396 -1.21 13.02 -18.01
C GLU G 396 -0.02 12.21 -17.49
N ASP G 397 1.16 12.82 -17.42
CA ASP G 397 2.28 12.15 -16.77
C ASP G 397 2.03 12.03 -15.27
N HIS G 398 1.67 13.12 -14.62
CA HIS G 398 1.34 13.11 -13.20
C HIS G 398 -0.18 13.04 -13.05
N PHE G 399 -0.71 11.86 -13.41
CA PHE G 399 -2.16 11.67 -13.45
C PHE G 399 -2.76 11.67 -12.06
N GLY G 400 -2.05 11.12 -11.08
CA GLY G 400 -2.52 11.18 -9.71
C GLY G 400 -2.30 12.55 -9.10
N GLY G 401 -3.25 12.97 -8.27
CA GLY G 401 -3.16 14.28 -7.66
C GLY G 401 -2.07 14.39 -6.61
N SER G 402 -1.73 13.27 -5.97
CA SER G 402 -0.72 13.25 -4.93
C SER G 402 0.66 13.57 -5.49
N MGN G 403 0.94 13.02 -6.68
CA MGN G 403 2.18 13.28 -7.43
CB1 MGN G 403 1.98 12.61 -8.80
CB2 MGN G 403 3.42 12.68 -6.76
CG MGN G 403 1.95 11.09 -8.77
CD MGN G 403 1.67 10.51 -10.14
OE1 MGN G 403 0.66 10.81 -10.76
NE2 MGN G 403 2.59 9.66 -10.61
C MGN G 403 2.34 14.77 -7.71
O MGN G 403 3.39 15.35 -7.44
N ARG G 404 1.29 15.38 -8.25
CA ARG G 404 1.28 16.82 -8.58
C ARG G 404 1.46 17.68 -7.35
N ALA G 405 0.71 17.33 -6.29
CA ALA G 405 0.80 18.07 -5.04
C ALA G 405 2.20 17.99 -4.44
N ALA G 406 2.78 16.79 -4.43
CA ALA G 406 4.13 16.61 -3.90
C ALA G 406 5.17 17.38 -4.72
N VAL G 407 5.05 17.35 -6.05
CA VAL G 407 6.03 18.03 -6.90
C VAL G 407 5.93 19.54 -6.72
N ALA G 408 4.72 20.09 -6.76
CA ALA G 408 4.54 21.53 -6.60
C ALA G 408 4.97 22.01 -5.21
N ALA G 409 4.61 21.26 -4.16
CA ALA G 409 4.99 21.65 -2.82
C ALA G 409 6.49 21.49 -2.58
N ALA G 410 7.12 20.48 -3.19
CA ALA G 410 8.57 20.34 -3.11
C ALA G 410 9.27 21.51 -3.76
N ALA G 411 8.78 21.94 -4.92
CA ALA G 411 9.36 23.11 -5.57
C ALA G 411 9.18 24.37 -4.74
N SER G 412 8.02 24.54 -4.12
CA SER G 412 7.79 25.72 -3.28
C SER G 412 8.68 25.72 -2.05
N GLY G 413 8.83 24.56 -1.39
CA GLY G 413 9.71 24.48 -0.24
C GLY G 413 11.17 24.67 -0.60
N ILE G 414 11.59 24.14 -1.75
CA ILE G 414 12.95 24.35 -2.21
C ILE G 414 13.20 25.82 -2.51
N GLY G 415 12.21 26.51 -3.10
CA GLY G 415 12.36 27.94 -3.33
C GLY G 415 12.43 28.75 -2.05
N VAL G 416 11.62 28.40 -1.06
CA VAL G 416 11.68 29.11 0.22
C VAL G 416 13.03 28.87 0.90
N CYS G 417 13.57 27.65 0.79
CA CYS G 417 14.90 27.37 1.33
C CYS G 417 15.99 28.13 0.59
N MET G 418 15.87 28.25 -0.73
CA MET G 418 16.82 29.06 -1.50
C MET G 418 16.66 30.56 -1.24
N ALA G 419 15.54 30.98 -0.67
CA ALA G 419 15.36 32.37 -0.25
C ALA G 419 15.90 32.65 1.14
N THR G 420 15.64 31.78 2.12
CA THR G 420 15.96 32.05 3.51
C THR G 420 17.09 31.22 4.07
N GLY G 421 17.31 30.01 3.57
CA GLY G 421 18.30 29.14 4.16
C GLY G 421 17.83 28.39 5.39
N ASN G 422 16.56 28.52 5.75
CA ASN G 422 15.99 27.86 6.92
C ASN G 422 15.14 26.68 6.46
N SER G 423 15.38 25.51 7.06
CA SER G 423 14.68 24.30 6.66
C SER G 423 13.21 24.33 7.08
N ASN G 424 12.94 24.83 8.30
CA ASN G 424 11.58 24.87 8.81
C ASN G 424 10.71 25.85 8.04
N ALA G 425 11.27 26.97 7.59
CA ALA G 425 10.57 27.82 6.65
C ALA G 425 10.29 27.09 5.33
N GLY G 426 11.19 26.18 4.93
CA GLY G 426 10.95 25.39 3.74
C GLY G 426 9.76 24.46 3.86
N VAL G 427 9.64 23.76 5.00
CA VAL G 427 8.46 22.91 5.16
C VAL G 427 7.20 23.76 5.33
N ASN G 428 7.32 24.94 5.96
CA ASN G 428 6.17 25.83 6.04
C ASN G 428 5.68 26.26 4.66
N GLY G 429 6.61 26.58 3.76
CA GLY G 429 6.25 26.84 2.38
C GLY G 429 5.64 25.63 1.69
N TRP G 430 6.14 24.43 2.01
CA TRP G 430 5.54 23.20 1.48
C TRP G 430 4.07 23.08 1.88
N TYR G 431 3.76 23.32 3.17
CA TYR G 431 2.39 23.18 3.64
C TYR G 431 1.47 24.25 3.09
N LEU G 432 1.98 25.49 2.95
CA LEU G 432 1.19 26.53 2.29
C LEU G 432 0.89 26.15 0.84
N SER G 433 1.89 25.57 0.15
CA SER G 433 1.68 25.13 -1.23
C SER G 433 0.63 24.03 -1.30
N GLN G 434 0.63 23.11 -0.34
CA GLN G 434 -0.39 22.06 -0.32
C GLN G 434 -1.79 22.63 -0.14
N ILE G 435 -1.97 23.52 0.84
CA ILE G 435 -3.32 24.05 1.06
C ILE G 435 -3.73 25.07 -0.01
N LEU G 436 -2.78 25.59 -0.79
CA LEU G 436 -3.14 26.44 -1.93
C LEU G 436 -3.47 25.61 -3.17
N HIS G 437 -2.78 24.48 -3.35
CA HIS G 437 -3.15 23.49 -4.36
C HIS G 437 -4.57 22.99 -4.13
N LYS G 438 -4.93 22.75 -2.86
CA LYS G 438 -6.26 22.27 -2.52
C LYS G 438 -7.35 23.25 -2.90
N GLU G 439 -7.08 24.55 -2.89
CA GLU G 439 -8.07 25.52 -3.32
C GLU G 439 -7.98 25.87 -4.80
N TYR G 440 -6.83 25.62 -5.43
CA TYR G 440 -6.72 25.79 -6.87
C TYR G 440 -7.53 24.72 -7.60
N HIS G 441 -7.20 23.45 -7.38
CA HIS G 441 -7.79 22.38 -8.17
C HIS G 441 -8.96 21.69 -7.50
N SER G 442 -9.29 22.08 -6.26
CA SER G 442 -10.32 21.44 -5.44
C SER G 442 -10.07 19.95 -5.29
N ARG G 443 -8.80 19.58 -5.23
CA ARG G 443 -8.35 18.20 -5.04
C ARG G 443 -6.89 18.26 -4.62
N LEU G 444 -6.50 17.34 -3.73
CA LEU G 444 -5.11 17.25 -3.30
C LEU G 444 -4.50 15.90 -3.60
N GLY G 445 -5.14 14.82 -3.19
CA GLY G 445 -4.62 13.49 -3.44
C GLY G 445 -5.62 12.46 -3.00
N PHE G 446 -5.13 11.24 -2.78
CA PHE G 446 -5.97 10.21 -2.19
C PHE G 446 -6.34 10.59 -0.77
N TYR G 447 -7.50 10.13 -0.31
CA TYR G 447 -7.90 10.50 1.04
C TYR G 447 -7.08 9.69 2.03
CA GL3 G 448 -5.26 9.79 3.63
N GL3 G 448 -6.29 10.40 2.81
C GL3 G 448 -3.91 10.45 3.40
S GL3 G 448 -3.27 10.81 5.02
N TYR G 449 -3.84 11.26 2.34
CA TYR G 449 -2.59 11.91 1.94
C TYR G 449 -2.28 13.15 2.76
N ASP G 450 -3.32 13.95 3.03
CA ASP G 450 -3.14 15.27 3.62
C ASP G 450 -3.37 15.28 5.13
N LEU G 451 -3.04 14.20 5.83
CA LEU G 451 -3.02 14.25 7.29
C LEU G 451 -1.95 15.22 7.77
N GLN G 452 -0.69 14.95 7.39
CA GLN G 452 0.42 15.78 7.83
C GLN G 452 0.41 17.17 7.18
N ASP G 453 -0.31 17.33 6.07
CA ASP G 453 -0.38 18.64 5.44
C ASP G 453 -1.32 19.58 6.19
N GLN G 454 -2.30 19.01 6.89
CA GLN G 454 -3.28 19.84 7.66
C GLN G 454 -2.65 20.28 8.99
N SMC G 455 -1.98 19.35 9.69
CA SMC G 455 -1.34 19.70 10.99
CB SMC G 455 -1.16 18.44 11.82
SG SMC G 455 -2.42 17.16 11.56
CS SMC G 455 -1.37 15.71 11.50
C SMC G 455 0.05 20.29 10.73
O SMC G 455 0.69 20.71 11.71
N GLY G 456 0.48 20.32 9.47
CA GLY G 456 1.85 20.79 9.16
C GLY G 456 2.11 22.22 9.56
N ALA G 457 1.29 23.17 9.10
CA ALA G 457 1.58 24.57 9.37
C ALA G 457 1.73 24.83 10.86
N SER G 458 0.90 24.18 11.68
CA SER G 458 1.01 24.31 13.12
C SER G 458 2.28 23.66 13.66
N ASN G 459 2.65 22.51 13.11
CA ASN G 459 3.78 21.76 13.63
C ASN G 459 5.12 22.15 13.00
N SER G 460 5.11 23.04 12.00
CA SER G 460 6.36 23.37 11.30
C SER G 460 7.26 24.24 12.16
N LEU G 461 6.71 25.23 12.85
CA LEU G 461 7.48 26.11 13.72
C LEU G 461 7.10 25.93 15.18
N ALA G 462 6.53 24.79 15.55
CA ALA G 462 6.09 24.54 16.91
C ALA G 462 7.28 24.42 17.85
N ILE G 463 7.00 24.51 19.15
CA ILE G 463 8.01 24.33 20.19
C ILE G 463 7.60 23.25 21.19
N ARG G 464 6.49 22.57 20.95
CA ARG G 464 6.05 21.52 21.86
C ARG G 464 6.88 20.26 21.65
N ASN G 465 6.85 19.38 22.65
CA ASN G 465 7.79 18.26 22.70
C ASN G 465 7.55 17.28 21.55
N ASP G 466 6.31 16.86 21.34
CA ASP G 466 5.99 15.91 20.28
C ASP G 466 6.00 16.53 18.90
N GLU G 467 5.95 17.86 18.78
CA GLU G 467 5.78 18.52 17.50
C GLU G 467 7.04 19.22 16.99
N ALA G 468 7.88 19.74 17.88
CA ALA G 468 9.06 20.48 17.46
C ALA G 468 10.19 19.52 17.11
N ALA G 469 10.83 19.75 15.97
CA ALA G 469 12.09 19.16 15.54
C ALA G 469 12.53 19.93 14.29
N PRO G 470 13.81 20.26 14.18
CA PRO G 470 14.31 20.80 12.91
C PRO G 470 14.19 19.76 11.81
N LEU G 471 14.00 20.23 10.58
CA LEU G 471 13.73 19.31 9.47
C LEU G 471 14.92 18.41 9.17
N GLU G 472 16.14 18.87 9.48
CA GLU G 472 17.30 17.99 9.40
C GLU G 472 17.21 16.86 10.42
N LEU G 473 16.67 17.16 11.60
CA LEU G 473 16.49 16.16 12.64
C LEU G 473 15.17 15.40 12.53
N ARG G 474 14.28 15.83 11.66
CA ARG G 474 13.06 15.08 11.41
C ARG G 474 13.34 13.88 10.52
N GLY G 475 12.40 12.95 10.51
CA GLY G 475 12.53 11.76 9.71
C GLY G 475 11.21 11.03 9.56
N PRO G 476 11.26 9.80 9.04
CA PRO G 476 10.03 9.00 8.94
C PRO G 476 9.41 8.62 10.28
N ASN G 477 10.15 8.72 11.38
CA ASN G 477 9.58 8.48 12.70
C ASN G 477 9.02 9.73 13.35
N TYR G 478 9.08 10.87 12.67
CA TYR G 478 8.36 12.03 13.13
C TYR G 478 6.86 11.71 13.08
N PRO G 479 6.11 12.00 14.15
CA PRO G 479 4.74 11.44 14.28
C PRO G 479 3.78 11.83 13.17
N ASN G 480 3.91 13.04 12.62
CA ASN G 480 3.06 13.42 11.49
C ASN G 480 3.46 12.67 10.21
N TYR G 481 4.74 12.32 10.08
CA TYR G 481 5.29 11.82 8.84
C TYR G 481 5.28 10.31 8.76
N ALA G 482 4.76 9.62 9.78
CA ALA G 482 4.90 8.18 9.91
C ALA G 482 3.75 7.41 9.30
N MET G 483 3.08 7.93 8.28
CA MET G 483 2.05 7.13 7.61
C MET G 483 1.99 7.26 6.10
N ASN G 484 2.48 8.33 5.47
CA ASN G 484 1.96 8.72 4.16
C ASN G 484 3.06 8.85 3.12
N VAL G 485 2.73 8.44 1.90
CA VAL G 485 3.64 8.56 0.76
C VAL G 485 3.54 9.96 0.16
N GLY G 486 4.61 10.38 -0.50
CA GLY G 486 4.64 11.65 -1.19
C GLY G 486 5.16 12.80 -0.38
N HIS G 487 5.77 12.56 0.77
CA HIS G 487 6.27 13.68 1.57
C HIS G 487 7.74 13.55 1.95
N GLN G 488 8.20 12.36 2.34
CA GLN G 488 9.46 12.24 3.07
C GLN G 488 10.67 12.50 2.20
N GLY G 489 10.66 11.96 0.97
CA GLY G 489 11.79 12.16 0.08
C GLY G 489 11.95 13.61 -0.34
N GLU G 490 10.84 14.32 -0.51
CA GLU G 490 10.89 15.74 -0.79
C GLU G 490 11.23 16.56 0.46
N TYR G 491 10.87 16.06 1.65
CA TYR G 491 11.32 16.69 2.89
C TYR G 491 12.84 16.66 3.01
N ALA G 492 13.45 15.53 2.63
CA ALA G 492 14.90 15.43 2.62
C ALA G 492 15.52 16.41 1.64
N GLY G 493 14.89 16.59 0.48
CA GLY G 493 15.39 17.55 -0.49
C GLY G 493 15.26 18.99 -0.03
N ILE G 494 14.17 19.31 0.68
CA ILE G 494 14.03 20.64 1.27
C ILE G 494 15.10 20.87 2.34
N ALA G 495 15.38 19.84 3.14
CA ALA G 495 16.44 19.93 4.14
C ALA G 495 17.80 20.14 3.50
N GLN G 496 18.06 19.48 2.37
CA GLN G 496 19.30 19.72 1.63
C GLN G 496 19.34 21.13 1.05
N ALA G 497 18.22 21.58 0.47
CA ALA G 497 18.13 22.90 -0.15
C ALA G 497 18.30 24.03 0.85
N ALA G 498 18.02 23.77 2.13
CA ALA G 498 18.32 24.76 3.16
C ALA G 498 19.81 25.06 3.23
N HIS G 499 20.66 24.04 3.06
CA HIS G 499 22.10 24.22 3.14
C HIS G 499 22.76 24.43 1.78
N SER G 500 22.07 24.07 0.69
CA SER G 500 22.60 24.33 -0.64
C SER G 500 22.56 25.82 -0.97
N ALA G 501 21.59 26.54 -0.42
CA ALA G 501 21.55 27.99 -0.59
C ALA G 501 22.71 28.67 0.10
N ARG G 502 23.14 28.13 1.24
CA ARG G 502 24.29 28.66 1.97
C ARG G 502 25.62 28.17 1.41
N GLY G 503 25.60 27.19 0.50
CA GLY G 503 26.83 26.58 0.03
C GLY G 503 27.56 25.79 1.10
N ASP G 504 26.81 25.11 1.98
CA ASP G 504 27.42 24.35 3.06
C ASP G 504 28.00 23.04 2.56
N ALA G 505 29.07 22.60 3.21
CA ALA G 505 29.69 21.33 2.86
C ALA G 505 28.89 20.13 3.33
N PHE G 506 28.07 20.30 4.37
CA PHE G 506 27.28 19.20 4.91
C PHE G 506 26.02 19.77 5.53
N ALA G 507 25.05 18.89 5.77
CA ALA G 507 23.76 19.29 6.34
C ALA G 507 23.67 18.97 7.83
N LEU G 508 23.92 17.73 8.21
CA LEU G 508 23.79 17.34 9.60
C LEU G 508 25.03 16.66 10.16
N ASN G 509 25.67 15.79 9.39
CA ASN G 509 26.81 15.02 9.90
C ASN G 509 27.97 15.09 8.91
N PRO G 510 29.13 15.62 9.31
CA PRO G 510 30.29 15.60 8.40
C PRO G 510 30.88 14.22 8.23
N LEU G 511 30.80 13.37 9.26
CA LEU G 511 31.36 12.03 9.18
C LEU G 511 30.62 11.19 8.15
N VAL G 512 29.30 11.33 8.06
CA VAL G 512 28.52 10.61 7.07
C VAL G 512 28.89 11.07 5.66
N LYS G 513 29.09 12.39 5.47
CA LYS G 513 29.48 12.93 4.18
C LYS G 513 30.84 12.38 3.74
N VAL G 514 31.82 12.37 4.65
CA VAL G 514 33.14 11.86 4.31
C VAL G 514 33.09 10.36 4.05
N ALA G 515 32.32 9.63 4.86
CA ALA G 515 32.23 8.17 4.72
C ALA G 515 31.58 7.77 3.41
N PHE G 516 30.56 8.51 2.98
CA PHE G 516 29.90 8.20 1.73
C PHE G 516 30.55 8.88 0.53
N ALA G 517 31.60 9.67 0.75
CA ALA G 517 32.47 10.12 -0.33
C ALA G 517 33.47 9.05 -0.75
N ASP G 518 33.42 7.86 -0.14
CA ASP G 518 34.39 6.81 -0.43
C ASP G 518 34.20 6.28 -1.85
N PRO G 519 35.25 6.24 -2.67
CA PRO G 519 35.12 5.71 -4.04
C PRO G 519 34.92 4.21 -4.11
N MET G 520 35.10 3.47 -3.01
CA MET G 520 34.98 2.02 -3.04
C MET G 520 33.54 1.54 -2.83
N LEU G 521 32.60 2.47 -2.66
CA LEU G 521 31.19 2.09 -2.55
C LEU G 521 30.67 1.56 -3.87
N VAL G 522 29.79 0.58 -3.81
CA VAL G 522 29.20 0.00 -5.02
C VAL G 522 28.27 0.99 -5.70
N PHE G 523 27.45 1.68 -4.92
CA PHE G 523 26.55 2.70 -5.44
C PHE G 523 27.26 4.05 -5.45
N ASP G 524 27.19 4.75 -6.59
CA ASP G 524 27.78 6.08 -6.71
C ASP G 524 26.75 7.10 -6.24
N PHE G 525 27.03 7.74 -5.11
CA PHE G 525 26.11 8.69 -4.52
C PHE G 525 26.28 10.10 -5.05
N SER G 526 27.25 10.32 -5.93
CA SER G 526 27.37 11.62 -6.60
C SER G 526 26.26 11.82 -7.61
N LYS G 527 25.89 10.77 -8.33
CA LYS G 527 24.84 10.82 -9.35
C LYS G 527 23.83 9.69 -9.13
N PRO G 528 22.93 9.85 -8.15
CA PRO G 528 21.94 8.78 -7.87
C PRO G 528 20.99 8.49 -9.02
N ARG G 529 20.59 9.51 -9.79
CA ARG G 529 19.66 9.29 -10.88
C ARG G 529 20.30 8.51 -12.03
N LYS G 530 21.57 8.81 -12.32
CA LYS G 530 22.28 8.04 -13.34
C LYS G 530 22.46 6.59 -12.90
N GLU G 531 22.71 6.36 -11.61
CA GLU G 531 22.85 5.00 -11.12
C GLU G 531 21.52 4.24 -11.18
N ILE G 532 20.41 4.92 -10.85
CA ILE G 532 19.09 4.30 -10.97
C ILE G 532 18.78 3.97 -12.43
N ALA G 533 19.17 4.86 -13.35
CA ALA G 533 19.00 4.59 -14.77
C ALA G 533 19.84 3.40 -15.22
N ARG G 534 21.06 3.28 -14.70
CA ARG G 534 21.90 2.13 -15.01
C ARG G 534 21.28 0.83 -14.49
N GLY G 535 20.71 0.87 -13.28
CA GLY G 535 20.08 -0.31 -12.73
C GLY G 535 18.80 -0.69 -13.46
N ALA G 536 18.12 0.29 -14.05
CA ALA G 536 16.93 0.01 -14.83
C ALA G 536 17.24 -0.60 -16.19
N LEU G 537 18.49 -0.49 -16.66
CA LEU G 537 18.89 -0.99 -17.96
C LEU G 537 19.77 -2.22 -17.87
N ARG G 538 19.80 -2.90 -16.71
CA ARG G 538 20.52 -4.16 -16.50
C ARG G 538 22.01 -4.03 -16.76
N GLU G 539 22.60 -2.92 -16.30
CA GLU G 539 24.04 -2.71 -16.44
C GLU G 539 24.67 -2.27 -15.12
N PHE G 540 23.99 -2.50 -13.99
CA PHE G 540 24.52 -2.18 -12.68
C PHE G 540 24.97 -3.46 -12.00
N GLU G 541 26.24 -3.50 -11.61
CA GLU G 541 26.80 -4.66 -10.91
C GLU G 541 26.56 -4.48 -9.42
N ALA G 542 25.67 -5.29 -8.86
CA ALA G 542 25.30 -5.19 -7.46
C ALA G 542 26.01 -6.26 -6.63
N ALA G 543 26.19 -5.96 -5.35
CA ALA G 543 26.80 -6.89 -4.40
C ALA G 543 25.74 -7.69 -3.67
N GLY G 544 26.20 -8.59 -2.81
CA GLY G 544 25.31 -9.40 -2.01
C GLY G 544 24.80 -10.65 -2.68
N GLU G 545 25.28 -10.97 -3.88
CA GLU G 545 24.86 -12.18 -4.55
C GLU G 545 25.69 -13.37 -4.09
N ARG G 546 25.12 -14.57 -4.22
CA ARG G 546 25.77 -15.80 -3.80
C ARG G 546 25.69 -16.79 -4.96
N ASP G 547 26.60 -16.67 -5.90
CA ASP G 547 26.65 -17.60 -7.03
C ASP G 547 27.74 -18.66 -6.90
N VAL G 548 28.72 -18.44 -6.01
CA VAL G 548 29.77 -19.42 -5.82
C VAL G 548 29.34 -20.55 -4.90
N ILE G 549 28.24 -20.37 -4.17
CA ILE G 549 27.74 -21.40 -3.26
C ILE G 549 26.45 -22.03 -3.78
N LEU G 550 26.13 -21.79 -5.06
CA LEU G 550 24.89 -22.29 -5.63
C LEU G 550 25.19 -23.20 -6.83
N PRO G 551 24.38 -24.22 -7.06
CA PRO G 551 24.58 -25.07 -8.24
C PRO G 551 24.22 -24.34 -9.53
N ALA G 552 24.80 -24.83 -10.62
CA ALA G 552 24.50 -24.28 -11.93
C ALA G 552 23.08 -24.67 -12.35
N LYS G 553 22.32 -23.70 -12.81
CA LYS G 553 20.93 -23.94 -13.20
C LYS G 553 20.85 -24.42 -14.66
N ALA H 2 29.98 -13.94 -15.69
CA ALA H 2 30.74 -14.81 -16.58
C ALA H 2 31.84 -14.03 -17.30
N TYR H 3 33.01 -14.64 -17.42
CA TYR H 3 34.12 -14.03 -18.14
C TYR H 3 33.87 -14.19 -19.64
N ILE H 4 33.87 -13.07 -20.36
CA ILE H 4 33.59 -13.07 -21.80
C ILE H 4 34.79 -12.44 -22.51
N ASP H 5 35.35 -13.16 -23.48
CA ASP H 5 36.33 -12.59 -24.37
C ASP H 5 36.14 -13.17 -25.77
N VAL H 6 36.48 -12.36 -26.77
CA VAL H 6 36.32 -12.73 -28.17
C VAL H 6 37.69 -12.59 -28.84
N GLU H 7 38.10 -13.61 -29.58
CA GLU H 7 39.35 -13.59 -30.33
C GLU H 7 39.02 -13.31 -31.78
N CYS H 8 39.26 -12.09 -32.23
CA CYS H 8 38.98 -11.70 -33.61
C CYS H 8 39.89 -10.54 -33.99
N ASN H 9 40.16 -10.43 -35.29
CA ASN H 9 41.00 -9.37 -35.83
C ASN H 9 40.20 -8.14 -36.26
N ASP H 10 38.87 -8.17 -36.11
CA ASP H 10 38.02 -7.03 -36.43
C ASP H 10 37.75 -6.25 -35.14
N GLU H 11 38.09 -4.96 -35.14
CA GLU H 11 37.98 -4.16 -33.93
C GLU H 11 36.52 -3.93 -33.52
N ALA H 12 35.66 -3.61 -34.49
CA ALA H 12 34.26 -3.41 -34.17
C ALA H 12 33.54 -4.72 -33.91
N GLY H 13 33.89 -5.76 -34.69
CA GLY H 13 33.26 -7.06 -34.51
C GLY H 13 33.52 -7.69 -33.16
N LYS H 14 34.71 -7.44 -32.60
CA LYS H 14 35.04 -7.94 -31.26
C LYS H 14 34.08 -7.38 -30.22
N ALA H 15 33.92 -6.06 -30.18
CA ALA H 15 33.04 -5.44 -29.19
C ALA H 15 31.58 -5.81 -29.42
N ILE H 16 31.16 -5.86 -30.69
CA ILE H 16 29.78 -6.19 -31.00
C ILE H 16 29.46 -7.63 -30.59
N TYR H 17 30.36 -8.57 -30.87
CA TYR H 17 30.09 -9.94 -30.49
C TYR H 17 30.27 -10.18 -29.00
N GLU H 18 31.10 -9.37 -28.33
CA GLU H 18 31.13 -9.40 -26.86
C GLU H 18 29.78 -9.00 -26.29
N ARG H 19 29.18 -7.94 -26.84
CA ARG H 19 27.85 -7.54 -26.41
C ARG H 19 26.80 -8.59 -26.76
N ILE H 20 26.97 -9.27 -27.90
CA ILE H 20 26.05 -10.34 -28.30
C ILE H 20 26.10 -11.50 -27.30
N ILE H 21 27.31 -11.90 -26.91
CA ILE H 21 27.47 -12.98 -25.95
C ILE H 21 26.89 -12.58 -24.59
N GLN H 22 27.12 -11.34 -24.17
CA GLN H 22 26.56 -10.85 -22.91
C GLN H 22 25.04 -10.85 -22.95
N THR H 23 24.45 -10.39 -24.06
CA THR H 23 22.99 -10.36 -24.19
C THR H 23 22.41 -11.77 -24.20
N SER H 24 23.06 -12.70 -24.90
CA SER H 24 22.56 -14.07 -24.94
C SER H 24 22.69 -14.77 -23.60
N LEU H 25 23.72 -14.41 -22.81
CA LEU H 25 23.83 -14.96 -21.47
C LEU H 25 22.77 -14.36 -20.55
N GLU H 26 22.45 -13.08 -20.72
CA GLU H 26 21.44 -12.46 -19.87
C GLU H 26 20.04 -12.95 -20.21
N ASP H 27 19.76 -13.17 -21.50
CA ASP H 27 18.42 -13.55 -21.92
C ASP H 27 18.04 -14.94 -21.44
N LEU H 28 18.99 -15.87 -21.47
CA LEU H 28 18.75 -17.23 -21.02
C LEU H 28 18.98 -17.42 -19.53
N VAL H 29 19.33 -16.33 -18.82
CA VAL H 29 19.72 -16.32 -17.41
C VAL H 29 20.83 -17.35 -17.19
N LEU H 30 21.96 -17.15 -17.87
CA LEU H 30 23.06 -18.09 -17.86
C LEU H 30 24.37 -17.47 -17.41
N GLY H 31 24.34 -16.22 -16.94
CA GLY H 31 25.56 -15.51 -16.61
C GLY H 31 26.24 -15.99 -15.34
N LYS H 32 25.49 -16.59 -14.42
CA LYS H 32 26.06 -17.07 -13.18
C LYS H 32 26.40 -18.55 -13.20
N SER H 33 25.77 -19.32 -14.09
CA SER H 33 26.02 -20.75 -14.20
C SER H 33 27.18 -21.09 -15.12
N ILE H 34 27.80 -20.09 -15.74
CA ILE H 34 28.91 -20.27 -16.67
C ILE H 34 30.09 -19.45 -16.15
N ILE H 35 31.26 -20.09 -16.05
CA ILE H 35 32.44 -19.39 -15.57
C ILE H 35 33.04 -18.52 -16.67
N LYS H 36 33.35 -19.12 -17.81
CA LYS H 36 33.99 -18.42 -18.92
C LYS H 36 33.27 -18.73 -20.22
N ALA H 37 33.22 -17.72 -21.09
CA ALA H 37 32.64 -17.85 -22.43
C ALA H 37 33.61 -17.22 -23.42
N LYS H 38 34.33 -18.05 -24.16
CA LYS H 38 35.31 -17.58 -25.13
C LYS H 38 34.86 -17.97 -26.53
N MET H 39 34.83 -16.99 -27.43
CA MET H 39 34.45 -17.20 -28.81
C MET H 39 35.60 -16.81 -29.72
N ILE H 40 35.97 -17.70 -30.63
CA ILE H 40 37.01 -17.44 -31.62
C ILE H 40 36.35 -17.18 -32.95
N CYS H 41 36.58 -15.99 -33.50
CA CYS H 41 35.96 -15.56 -34.75
C CYS H 41 36.99 -15.62 -35.87
N LYS H 42 36.83 -16.56 -36.77
CA LYS H 42 37.60 -16.64 -38.01
C LYS H 42 36.63 -16.35 -39.15
N GLN H 43 36.75 -15.16 -39.75
CA GLN H 43 35.82 -14.73 -40.79
C GLN H 43 36.42 -14.74 -42.19
N ASP H 44 37.74 -14.74 -42.32
CA ASP H 44 38.36 -14.85 -43.64
C ASP H 44 38.06 -16.20 -44.27
N VAL H 45 38.25 -17.27 -43.51
CA VAL H 45 37.65 -18.57 -43.79
C VAL H 45 36.51 -18.77 -42.80
N PRO H 46 35.26 -18.88 -43.26
CA PRO H 46 34.13 -18.80 -42.32
C PRO H 46 34.00 -20.02 -41.43
N TYR H 47 34.40 -19.85 -40.17
CA TYR H 47 34.27 -20.87 -39.14
C TYR H 47 34.41 -20.19 -37.79
N PHE H 48 33.50 -20.51 -36.86
CA PHE H 48 33.47 -19.87 -35.56
C PHE H 48 33.42 -20.95 -34.48
N ILE H 49 34.19 -20.75 -33.41
CA ILE H 49 34.25 -21.67 -32.29
C ILE H 49 33.82 -20.93 -31.03
N ILE H 50 32.91 -21.54 -30.27
CA ILE H 50 32.45 -21.01 -28.99
C ILE H 50 32.70 -22.06 -27.93
N GLY H 51 33.44 -21.69 -26.88
CA GLY H 51 33.73 -22.58 -25.76
C GLY H 51 33.04 -22.08 -24.50
N ILE H 52 32.45 -23.02 -23.76
CA ILE H 52 31.72 -22.71 -22.54
C ILE H 52 32.29 -23.55 -21.41
N LEU H 53 32.67 -22.89 -20.31
CA LEU H 53 33.09 -23.58 -19.09
C LEU H 53 32.00 -23.43 -18.04
N PRO H 54 31.21 -24.46 -17.79
CA PRO H 54 30.11 -24.35 -16.84
C PRO H 54 30.59 -24.45 -15.40
N LYS H 55 29.74 -23.95 -14.49
CA LYS H 55 30.03 -24.00 -13.07
C LYS H 55 29.88 -25.42 -12.56
N SER H 56 30.90 -25.90 -11.83
CA SER H 56 31.00 -27.26 -11.30
C SER H 56 30.85 -28.32 -12.39
N LYS H 125 22.46 -30.95 -15.31
CA LYS H 125 21.49 -31.85 -15.92
C LYS H 125 21.35 -31.58 -17.40
N GLU H 126 20.46 -32.33 -18.06
CA GLU H 126 20.28 -32.19 -19.51
C GLU H 126 19.58 -30.88 -19.87
N ASP H 127 18.80 -30.32 -18.95
CA ASP H 127 18.15 -29.04 -19.20
C ASP H 127 19.18 -27.92 -19.32
N PHE H 128 20.23 -27.98 -18.49
CA PHE H 128 21.32 -27.01 -18.60
C PHE H 128 22.04 -27.14 -19.94
N ILE H 129 22.24 -28.38 -20.41
CA ILE H 129 22.88 -28.58 -21.71
C ILE H 129 22.00 -28.05 -22.84
N ASP H 130 20.68 -28.22 -22.72
CA ASP H 130 19.77 -27.67 -23.71
C ASP H 130 19.81 -26.15 -23.71
N ARG H 131 19.90 -25.53 -22.53
CA ARG H 131 20.02 -24.09 -22.45
C ARG H 131 21.33 -23.61 -23.07
N VAL H 132 22.42 -24.35 -22.85
CA VAL H 132 23.71 -23.98 -23.43
C VAL H 132 23.67 -24.11 -24.96
N LEU H 133 23.02 -25.16 -25.47
CA LEU H 133 22.87 -25.30 -26.91
C LEU H 133 22.03 -24.19 -27.51
N ASP H 134 21.00 -23.76 -26.78
CA ASP H 134 20.22 -22.59 -27.19
C ASP H 134 21.09 -21.33 -27.21
N PHE H 135 22.00 -21.21 -26.25
CA PHE H 135 22.93 -20.07 -26.23
C PHE H 135 23.84 -20.08 -27.46
N MET H 136 24.39 -21.25 -27.82
CA MET H 136 25.19 -21.32 -29.04
C MET H 136 24.38 -21.01 -30.28
N ASN H 137 23.12 -21.45 -30.32
CA ASN H 137 22.27 -21.12 -31.46
C ASN H 137 22.00 -19.63 -31.53
N ARG H 138 21.91 -18.96 -30.38
CA ARG H 138 21.67 -17.52 -30.37
C ARG H 138 22.90 -16.73 -30.79
N VAL H 139 24.10 -17.17 -30.39
CA VAL H 139 25.29 -16.38 -30.67
C VAL H 139 25.82 -16.63 -32.08
N PHE H 140 25.78 -17.88 -32.54
CA PHE H 140 26.38 -18.23 -33.82
C PHE H 140 25.66 -17.54 -34.97
N PRO H 141 26.40 -17.04 -35.97
CA PRO H 141 25.76 -16.35 -37.11
C PRO H 141 24.87 -17.25 -37.96
N GLU H 142 24.11 -16.64 -38.87
CA GLU H 142 23.06 -17.34 -39.61
C GLU H 142 23.61 -18.38 -40.56
N GLY H 143 24.58 -17.99 -41.41
CA GLY H 143 25.05 -18.86 -42.46
C GLY H 143 25.86 -20.04 -41.99
N MET H 144 26.40 -19.97 -40.77
CA MET H 144 27.20 -21.05 -40.20
C MET H 144 26.24 -22.12 -39.67
N ARG H 145 25.77 -22.96 -40.60
CA ARG H 145 24.74 -23.95 -40.29
C ARG H 145 25.28 -25.33 -40.01
N ILE H 146 26.44 -25.69 -40.55
CA ILE H 146 27.04 -26.99 -40.31
C ILE H 146 27.78 -26.91 -38.98
N ARG H 147 27.27 -27.60 -37.96
CA ARG H 147 27.76 -27.47 -36.59
C ARG H 147 28.07 -28.84 -36.02
N LYS H 148 29.10 -28.89 -35.18
CA LYS H 148 29.50 -30.10 -34.49
C LYS H 148 30.06 -29.73 -33.13
N THR H 149 29.56 -30.39 -32.08
CA THR H 149 29.90 -30.05 -30.71
C THR H 149 30.57 -31.22 -30.01
N ILE H 150 31.45 -30.90 -29.06
CA ILE H 150 32.12 -31.88 -28.23
C ILE H 150 31.89 -31.49 -26.77
N ARG H 151 31.51 -32.48 -25.95
CA ARG H 151 31.15 -32.23 -24.55
C ARG H 151 31.83 -33.26 -23.67
N ASP H 152 32.79 -32.81 -22.86
CA ASP H 152 33.44 -33.63 -21.84
C ASP H 152 33.56 -32.83 -20.54
N LYS H 153 32.44 -32.25 -20.12
CA LYS H 153 32.15 -31.26 -19.08
C LYS H 153 32.54 -29.85 -19.54
N THR H 154 33.19 -29.68 -20.69
CA THR H 154 33.37 -28.40 -21.33
C THR H 154 32.77 -28.48 -22.72
N ILE H 155 31.79 -27.62 -23.00
CA ILE H 155 31.02 -27.69 -24.22
C ILE H 155 31.61 -26.72 -25.24
N VAL H 156 32.10 -27.26 -26.35
CA VAL H 156 32.72 -26.48 -27.41
C VAL H 156 32.07 -26.89 -28.74
N MET H 157 31.61 -25.90 -29.51
CA MET H 157 30.97 -26.15 -30.78
C MET H 157 31.64 -25.31 -31.87
N VAL H 158 31.82 -25.91 -33.04
CA VAL H 158 32.35 -25.22 -34.22
C VAL H 158 31.23 -25.12 -35.24
N ALA H 159 31.00 -23.92 -35.76
CA ALA H 159 29.97 -23.66 -36.75
C ALA H 159 30.60 -23.10 -38.01
N SER H 160 30.18 -23.61 -39.16
CA SER H 160 30.71 -23.15 -40.44
C SER H 160 29.67 -23.37 -41.53
N GLU H 161 29.83 -22.64 -42.63
CA GLU H 161 29.01 -22.88 -43.81
C GLU H 161 29.53 -24.03 -44.67
N LYS H 162 30.76 -24.44 -44.44
CA LYS H 162 31.42 -25.58 -45.07
C LYS H 162 31.46 -26.76 -44.12
N PRO H 163 31.68 -27.98 -44.63
CA PRO H 163 31.91 -29.11 -43.74
C PRO H 163 33.13 -28.90 -42.85
N ILE H 164 33.03 -29.37 -41.61
CA ILE H 164 34.01 -29.05 -40.59
C ILE H 164 35.31 -29.81 -40.87
N GLU H 165 36.41 -29.06 -40.95
CA GLU H 165 37.71 -29.65 -41.19
C GLU H 165 38.32 -30.11 -39.87
N GLU H 166 39.35 -30.96 -39.99
CA GLU H 166 39.98 -31.53 -38.81
C GLU H 166 40.86 -30.53 -38.07
N GLU H 167 41.40 -29.54 -38.78
CA GLU H 167 42.17 -28.49 -38.14
C GLU H 167 41.29 -27.64 -37.24
N TRP H 168 40.05 -27.37 -37.67
CA TRP H 168 39.11 -26.61 -36.86
C TRP H 168 38.73 -27.39 -35.60
N MET H 169 38.57 -28.71 -35.73
CA MET H 169 38.32 -29.54 -34.57
C MET H 169 39.53 -29.57 -33.63
N ASN H 170 40.75 -29.55 -34.19
CA ASN H 170 41.94 -29.49 -33.34
C ASN H 170 42.00 -28.18 -32.57
N GLU H 171 41.64 -27.07 -33.21
CA GLU H 171 41.54 -25.80 -32.51
C GLU H 171 40.43 -25.83 -31.45
N ALA H 172 39.35 -26.56 -31.71
CA ALA H 172 38.29 -26.72 -30.73
C ALA H 172 38.78 -27.48 -29.50
N VAL H 173 39.54 -28.55 -29.70
CA VAL H 173 40.11 -29.28 -28.56
C VAL H 173 41.15 -28.43 -27.83
N LYS H 174 41.90 -27.59 -28.57
CA LYS H 174 42.83 -26.67 -27.92
C LYS H 174 42.11 -25.67 -27.03
N LEU H 175 41.00 -25.11 -27.52
CA LEU H 175 40.18 -24.20 -26.72
C LEU H 175 39.59 -24.93 -25.51
N GLN H 176 39.13 -26.17 -25.71
CA GLN H 176 38.56 -26.95 -24.62
C GLN H 176 39.59 -27.23 -23.53
N GLU H 177 40.82 -27.58 -23.93
CA GLU H 177 41.87 -27.86 -22.96
C GLU H 177 42.32 -26.59 -22.24
N GLU H 178 42.38 -25.46 -22.95
CA GLU H 178 42.76 -24.22 -22.28
C GLU H 178 41.63 -23.66 -21.42
N LEU H 179 40.38 -24.08 -21.67
CA LEU H 179 39.28 -23.72 -20.79
C LEU H 179 39.15 -24.66 -19.60
N LYS H 180 39.67 -25.89 -19.73
CA LYS H 180 39.63 -26.84 -18.61
C LYS H 180 40.49 -26.38 -17.44
N ILE H 181 41.62 -25.75 -17.73
CA ILE H 181 42.58 -25.37 -16.69
C ILE H 181 42.35 -23.93 -16.27
N PHE H 182 41.25 -23.33 -16.72
CA PHE H 182 40.93 -21.95 -16.35
C PHE H 182 40.41 -21.91 -14.92
N LYS H 183 41.12 -21.18 -14.06
CA LYS H 183 40.74 -21.08 -12.66
C LYS H 183 41.29 -19.79 -12.05
N MET I 1 4.81 21.86 -53.53
CA MET I 1 3.85 22.82 -52.99
C MET I 1 3.09 22.20 -51.83
N TYR I 2 3.06 20.86 -51.80
CA TYR I 2 2.32 20.12 -50.79
C TYR I 2 3.32 19.59 -49.76
N GLN I 3 3.52 20.39 -48.71
CA GLN I 3 4.39 19.96 -47.61
C GLN I 3 3.68 18.90 -46.78
N ILE I 4 4.37 17.81 -46.49
CA ILE I 4 3.82 16.68 -45.74
C ILE I 4 4.47 16.68 -44.37
N ILE I 5 3.64 16.76 -43.33
CA ILE I 5 4.08 16.79 -41.94
C ILE I 5 3.24 15.81 -41.13
N ARG I 6 3.61 15.66 -39.87
CA ARG I 6 2.87 14.82 -38.93
C ARG I 6 2.32 15.70 -37.81
N TYR I 7 1.03 15.53 -37.51
CA TYR I 7 0.38 16.23 -36.42
C TYR I 7 0.14 15.25 -35.28
N GLU I 8 0.54 15.64 -34.07
CA GLU I 8 0.30 14.84 -32.86
C GLU I 8 -0.51 15.71 -31.90
N GLY I 9 -1.82 15.46 -31.85
CA GLY I 9 -2.69 16.16 -30.93
C GLY I 9 -3.66 15.22 -30.25
N GLY I 10 -4.75 15.75 -29.71
CA GLY I 10 -5.75 14.92 -29.07
C GLY I 10 -6.94 14.64 -29.94
N VAL I 11 -7.75 13.65 -29.56
CA VAL I 11 -8.94 13.34 -30.35
C VAL I 11 -10.07 14.32 -30.09
N TYR I 12 -10.02 15.08 -29.00
CA TYR I 12 -11.03 16.08 -28.73
C TYR I 12 -10.91 17.23 -29.71
N LYS I 13 -12.02 17.56 -30.39
CA LYS I 13 -12.10 18.59 -31.42
C LYS I 13 -11.14 18.34 -32.58
N ASN I 14 -10.77 17.08 -32.80
CA ASN I 14 -9.92 16.73 -33.94
C ASN I 14 -10.69 16.77 -35.25
N ASN I 15 -12.00 16.49 -35.20
CA ASN I 15 -12.81 16.55 -36.40
C ASN I 15 -12.92 17.97 -36.94
N ILE I 16 -12.91 18.97 -36.07
CA ILE I 16 -12.94 20.36 -36.52
C ILE I 16 -11.64 20.71 -37.24
N LEU I 17 -10.50 20.23 -36.72
CA LEU I 17 -9.23 20.42 -37.40
C LEU I 17 -9.18 19.68 -38.74
N LYS I 18 -9.78 18.48 -38.80
CA LYS I 18 -9.88 17.77 -40.07
C LYS I 18 -10.74 18.54 -41.07
N GLU I 19 -11.81 19.17 -40.59
CA GLU I 19 -12.64 20.01 -41.45
C GLU I 19 -11.86 21.22 -41.95
N TRP I 20 -11.05 21.82 -41.08
CA TRP I 20 -10.20 22.94 -41.51
C TRP I 20 -9.19 22.51 -42.56
N ILE I 21 -8.61 21.33 -42.39
CA ILE I 21 -7.67 20.78 -43.36
C ILE I 21 -8.36 20.54 -44.70
N GLU I 22 -9.57 19.99 -44.66
CA GLU I 22 -10.33 19.77 -45.89
C GLU I 22 -10.73 21.09 -46.55
N ASP I 23 -11.03 22.11 -45.74
CA ASP I 23 -11.40 23.42 -46.28
C ASP I 23 -10.22 24.09 -46.98
N VAL I 24 -9.03 24.01 -46.38
CA VAL I 24 -7.86 24.63 -46.99
C VAL I 24 -7.24 23.78 -48.09
N GLY I 25 -7.84 22.63 -48.41
CA GLY I 25 -7.35 21.79 -49.48
C GLY I 25 -6.34 20.74 -49.08
N GLY I 26 -6.10 20.55 -47.79
CA GLY I 26 -5.19 19.53 -47.35
C GLY I 26 -5.79 18.13 -47.47
N PHE I 27 -4.91 17.14 -47.44
CA PHE I 27 -5.30 15.74 -47.52
C PHE I 27 -4.70 14.98 -46.34
N ILE I 28 -5.54 14.21 -45.65
CA ILE I 28 -5.08 13.38 -44.54
C ILE I 28 -4.59 12.07 -45.13
N ILE I 29 -3.27 11.86 -45.12
CA ILE I 29 -2.70 10.65 -45.69
C ILE I 29 -2.88 9.48 -44.75
N GLN I 30 -2.54 9.66 -43.48
CA GLN I 30 -2.57 8.59 -42.50
C GLN I 30 -3.19 9.11 -41.21
N GLU I 31 -4.04 8.29 -40.58
CA GLU I 31 -4.64 8.60 -39.30
C GLU I 31 -4.54 7.39 -38.39
N HIS I 32 -4.19 7.63 -37.13
CA HIS I 32 -4.15 6.58 -36.14
C HIS I 32 -4.46 7.16 -34.78
N VAL I 33 -5.45 6.58 -34.10
CA VAL I 33 -5.86 6.99 -32.76
C VAL I 33 -5.44 5.89 -31.79
N MET I 34 -4.59 6.23 -30.84
CA MET I 34 -4.13 5.20 -29.90
C MET I 34 -5.12 5.01 -28.74
N GLN I 35 -5.18 5.98 -27.83
CA GLN I 35 -6.23 5.98 -26.81
C GLN I 35 -6.99 7.29 -26.81
N LEU I 36 -6.26 8.40 -26.65
CA LEU I 36 -6.83 9.73 -26.67
C LEU I 36 -6.03 10.71 -27.52
N ASP I 37 -4.89 10.28 -28.05
CA ASP I 37 -4.08 11.09 -28.94
C ASP I 37 -4.11 10.51 -30.35
N VAL I 38 -4.02 11.38 -31.34
CA VAL I 38 -4.12 11.00 -32.74
C VAL I 38 -2.85 11.44 -33.46
N TYR I 39 -2.28 10.53 -34.25
CA TYR I 39 -1.16 10.86 -35.13
C TYR I 39 -1.69 11.01 -36.55
N MET I 40 -1.49 12.17 -37.13
CA MET I 40 -2.10 12.52 -38.42
C MET I 40 -1.01 13.00 -39.38
N THR I 41 -0.78 12.23 -40.45
CA THR I 41 0.15 12.63 -41.50
C THR I 41 -0.67 13.36 -42.57
N ILE I 42 -0.44 14.66 -42.69
CA ILE I 42 -1.25 15.52 -43.54
C ILE I 42 -0.36 16.22 -44.55
N ALA I 43 -0.84 16.30 -45.79
CA ALA I 43 -0.20 17.06 -46.85
C ALA I 43 -1.03 18.32 -47.11
N ILE I 44 -0.50 19.47 -46.77
CA ILE I 44 -1.21 20.74 -46.91
C ILE I 44 -0.40 21.61 -47.87
N PRO I 45 -1.06 22.58 -48.54
CA PRO I 45 -0.31 23.52 -49.39
C PRO I 45 0.67 24.35 -48.60
N GLN I 46 1.77 24.73 -49.26
CA GLN I 46 2.87 25.42 -48.61
C GLN I 46 2.51 26.83 -48.15
N ASN I 47 1.48 27.44 -48.74
CA ASN I 47 1.05 28.77 -48.32
C ASN I 47 0.18 28.75 -47.07
N GLU I 48 -0.14 27.56 -46.55
CA GLU I 48 -0.94 27.43 -45.34
C GLU I 48 -0.16 26.85 -44.18
N ILE I 49 1.17 26.84 -44.26
CA ILE I 49 2.01 26.25 -43.21
C ILE I 49 1.82 27.01 -41.89
N GLU I 50 1.91 28.34 -41.94
CA GLU I 50 1.80 29.14 -40.73
C GLU I 50 0.37 29.14 -40.19
N ASN I 51 -0.63 29.12 -41.08
CA ASN I 51 -2.02 29.05 -40.63
C ASN I 51 -2.31 27.71 -39.96
N PHE I 52 -1.77 26.61 -40.50
CA PHE I 52 -1.95 25.33 -39.84
C PHE I 52 -1.19 25.25 -38.53
N LYS I 53 -0.02 25.90 -38.43
CA LYS I 53 0.69 25.94 -37.16
C LYS I 53 -0.10 26.70 -36.10
N GLU I 54 -0.71 27.83 -36.49
CA GLU I 54 -1.57 28.57 -35.56
C GLU I 54 -2.80 27.75 -35.17
N GLU I 55 -3.35 27.00 -36.12
CA GLU I 55 -4.51 26.16 -35.81
C GLU I 55 -4.12 25.01 -34.87
N ALA I 56 -2.93 24.44 -35.07
CA ALA I 56 -2.48 23.33 -34.23
C ALA I 56 -2.16 23.79 -32.82
N LYS I 57 -1.58 24.98 -32.68
CA LYS I 57 -1.32 25.50 -31.35
C LYS I 57 -2.59 25.96 -30.65
N LYS I 58 -3.69 26.13 -31.38
CA LYS I 58 -4.97 26.42 -30.74
C LYS I 58 -5.52 25.20 -30.02
N TYR I 59 -5.30 24.00 -30.58
CA TYR I 59 -5.75 22.76 -29.99
C TYR I 59 -4.66 22.06 -29.20
N LYS I 60 -3.57 22.77 -28.89
CA LYS I 60 -2.42 22.25 -28.15
C LYS I 60 -1.80 21.03 -28.83
N GLY I 61 -1.81 21.03 -30.16
CA GLY I 61 -1.20 19.98 -30.94
C GLY I 61 0.28 20.21 -31.18
N LYS I 62 0.90 19.23 -31.82
CA LYS I 62 2.32 19.27 -32.11
C LYS I 62 2.54 19.02 -33.59
N ILE I 63 3.37 19.86 -34.22
CA ILE I 63 3.75 19.69 -35.61
C ILE I 63 5.16 19.12 -35.65
N VAL I 64 5.30 17.94 -36.26
CA VAL I 64 6.58 17.27 -36.39
C VAL I 64 6.95 17.27 -37.87
N GLU I 65 8.11 17.84 -38.19
CA GLU I 65 8.56 17.91 -39.57
C GLU I 65 9.18 16.58 -39.96
N THR I 66 8.53 15.86 -40.86
CA THR I 66 8.98 14.55 -41.31
C THR I 66 9.50 14.63 -42.72
N PRO I 67 10.81 14.47 -42.95
CA PRO I 67 11.38 14.66 -44.28
C PRO I 67 11.18 13.49 -45.23
N LEU I 68 10.63 12.36 -44.77
CA LEU I 68 10.55 11.16 -45.58
C LEU I 68 9.13 10.68 -45.80
N ALA I 69 8.12 11.50 -45.52
CA ALA I 69 6.74 11.04 -45.60
C ALA I 69 6.14 11.23 -46.99
N GLY I 70 6.87 10.78 -48.01
CA GLY I 70 6.33 10.73 -49.35
C GLY I 70 6.91 9.57 -50.13
N ILE I 71 7.70 8.74 -49.43
CA ILE I 71 8.45 7.66 -50.06
C ILE I 71 8.16 6.37 -49.30
N GLU I 72 8.57 5.25 -49.91
CA GLU I 72 8.56 3.97 -49.24
C GLU I 72 9.94 3.34 -49.36
N ILE I 73 10.37 2.66 -48.30
CA ILE I 73 11.72 2.14 -48.17
C ILE I 73 11.65 0.62 -48.06
N ALA I 74 12.53 -0.05 -48.78
CA ALA I 74 12.72 -1.48 -48.60
C ALA I 74 13.93 -1.71 -47.69
N ILE I 75 13.70 -2.40 -46.58
CA ILE I 75 14.77 -2.75 -45.66
C ILE I 75 15.11 -4.20 -45.91
N VAL I 76 16.31 -4.44 -46.40
CA VAL I 76 16.71 -5.77 -46.90
C VAL I 76 17.53 -6.42 -45.79
N SER I 77 16.85 -7.15 -44.92
CA SER I 77 17.56 -8.01 -43.99
C SER I 77 17.93 -9.31 -44.68
N PRO I 78 19.07 -9.92 -44.32
CA PRO I 78 19.45 -11.19 -44.93
C PRO I 78 18.46 -12.32 -44.69
N SER I 79 17.79 -12.32 -43.55
CA SER I 79 16.73 -13.29 -43.25
C SER I 79 15.83 -12.67 -42.18
N LEU I 80 14.75 -13.37 -41.85
CA LEU I 80 13.83 -12.92 -40.83
C LEU I 80 14.00 -13.73 -39.55
N SER I 81 15.20 -14.26 -39.32
CA SER I 81 15.50 -15.09 -38.18
C SER I 81 15.85 -14.24 -36.97
N ARG I 82 16.21 -14.90 -35.87
CA ARG I 82 16.51 -14.20 -34.62
C ARG I 82 17.78 -13.37 -34.71
N HIS I 83 18.61 -13.59 -35.73
CA HIS I 83 19.88 -12.88 -35.83
C HIS I 83 19.69 -11.44 -36.29
N HIS I 84 18.81 -11.21 -37.26
CA HIS I 84 18.63 -9.87 -37.80
C HIS I 84 17.26 -9.28 -37.58
N LEU I 85 16.21 -10.08 -37.44
CA LEU I 85 14.85 -9.53 -37.36
C LEU I 85 14.54 -8.80 -36.05
N PRO I 86 14.60 -9.45 -34.87
CA PRO I 86 13.93 -8.85 -33.69
C PRO I 86 14.64 -7.64 -33.13
N HIS I 87 15.85 -7.34 -33.61
CA HIS I 87 16.55 -6.10 -33.26
C HIS I 87 17.43 -5.72 -34.44
N ILE I 88 17.80 -4.42 -34.45
CA ILE I 88 18.45 -3.68 -35.54
C ILE I 88 17.47 -3.42 -36.68
N ALA I 89 16.94 -4.48 -37.29
CA ALA I 89 16.06 -4.31 -38.45
C ALA I 89 14.77 -3.58 -38.09
N CYS I 90 14.15 -3.94 -36.97
CA CYS I 90 13.00 -3.16 -36.50
C CYS I 90 13.42 -1.81 -35.99
N ASP I 91 14.61 -1.70 -35.42
CA ASP I 91 15.10 -0.39 -34.99
C ASP I 91 15.28 0.54 -36.18
N VAL I 92 15.87 0.03 -37.27
CA VAL I 92 16.00 0.80 -38.50
C VAL I 92 14.64 1.11 -39.09
N SER I 93 13.73 0.13 -39.09
CA SER I 93 12.41 0.31 -39.66
C SER I 93 11.59 1.34 -38.88
N GLU I 94 11.64 1.28 -37.56
CA GLU I 94 10.89 2.22 -36.73
C GLU I 94 11.53 3.60 -36.74
N TYR I 95 12.85 3.69 -36.86
CA TYR I 95 13.48 5.00 -37.00
C TYR I 95 13.12 5.62 -38.35
N VAL I 96 13.01 4.79 -39.39
CA VAL I 96 12.53 5.25 -40.69
C VAL I 96 11.07 5.70 -40.59
N ARG I 97 10.26 4.97 -39.83
CA ARG I 97 8.86 5.33 -39.62
C ARG I 97 8.72 6.62 -38.82
N LYS I 98 9.67 6.91 -37.94
CA LYS I 98 9.62 8.11 -37.11
C LYS I 98 9.72 9.38 -37.95
N PHE I 99 10.32 9.30 -39.13
CA PHE I 99 10.41 10.44 -40.04
C PHE I 99 9.44 10.32 -41.21
N GLY I 100 8.41 9.50 -41.08
CA GLY I 100 7.27 9.52 -41.97
C GLY I 100 7.27 8.48 -43.08
N ALA I 101 8.39 7.81 -43.32
CA ALA I 101 8.46 6.87 -44.43
C ALA I 101 7.73 5.58 -44.10
N LYS I 102 7.26 4.90 -45.15
CA LYS I 102 6.57 3.63 -45.02
C LYS I 102 7.53 2.51 -45.35
N PRO I 103 7.96 1.70 -44.38
CA PRO I 103 8.96 0.66 -44.66
C PRO I 103 8.34 -0.69 -45.00
N ASN I 104 9.16 -1.52 -45.63
CA ASN I 104 8.81 -2.90 -45.92
C ASN I 104 10.00 -3.79 -45.62
N MET I 105 9.77 -4.84 -44.83
CA MET I 105 10.83 -5.77 -44.47
C MET I 105 11.01 -6.79 -45.59
N ILE I 106 12.21 -6.81 -46.17
CA ILE I 106 12.54 -7.73 -47.25
C ILE I 106 13.51 -8.75 -46.69
N GLY I 107 13.02 -9.96 -46.43
CA GLY I 107 13.88 -11.04 -45.97
C GLY I 107 14.32 -11.92 -47.12
N LEU I 108 15.62 -11.91 -47.42
CA LEU I 108 16.15 -12.68 -48.53
C LEU I 108 16.08 -14.17 -48.24
N ALA I 109 15.87 -14.96 -49.29
CA ALA I 109 15.81 -16.41 -49.15
C ALA I 109 17.18 -16.98 -48.82
N HIS I 110 18.22 -16.53 -49.51
CA HIS I 110 19.58 -17.00 -49.32
C HIS I 110 20.52 -15.82 -49.07
N GLY I 111 20.10 -14.89 -48.22
CA GLY I 111 20.91 -13.73 -47.89
C GLY I 111 21.94 -13.95 -46.82
N ALA I 112 21.99 -15.14 -46.23
CA ALA I 112 22.90 -15.45 -45.13
C ALA I 112 24.12 -16.20 -45.66
N GLY I 113 25.22 -16.07 -44.94
CA GLY I 113 26.48 -16.69 -45.32
C GLY I 113 27.43 -15.70 -45.96
N LYS I 114 28.66 -16.14 -46.13
CA LYS I 114 29.71 -15.32 -46.73
C LYS I 114 29.88 -15.58 -48.22
N ASN I 115 29.99 -16.85 -48.62
CA ASN I 115 30.13 -17.22 -50.02
C ASN I 115 28.93 -17.94 -50.59
N ILE I 116 28.01 -18.39 -49.74
CA ILE I 116 26.80 -19.08 -50.20
C ILE I 116 25.63 -18.11 -50.37
N SER I 117 25.88 -16.81 -50.23
CA SER I 117 24.81 -15.83 -50.35
C SER I 117 24.44 -15.60 -51.81
N GLU I 118 23.15 -15.42 -52.05
CA GLU I 118 22.64 -15.14 -53.39
C GLU I 118 21.36 -14.34 -53.27
N ILE I 119 21.00 -13.65 -54.35
CA ILE I 119 19.79 -12.85 -54.41
C ILE I 119 19.01 -13.24 -55.65
N ARG I 120 17.72 -13.53 -55.47
CA ARG I 120 16.87 -13.93 -56.58
C ARG I 120 16.44 -12.72 -57.40
N GLU I 121 16.02 -12.98 -58.63
CA GLU I 121 15.54 -11.91 -59.51
C GLU I 121 14.20 -11.36 -59.06
N LYS I 122 13.34 -12.22 -58.49
CA LYS I 122 12.06 -11.77 -57.98
C LYS I 122 12.26 -10.83 -56.79
N GLU I 123 13.15 -11.21 -55.86
CA GLU I 123 13.49 -10.33 -54.75
C GLU I 123 14.15 -9.06 -55.25
N LYS I 124 14.98 -9.18 -56.30
CA LYS I 124 15.61 -8.01 -56.90
C LYS I 124 14.58 -7.01 -57.40
N ARG I 125 13.63 -7.48 -58.21
CA ARG I 125 12.60 -6.60 -58.76
C ARG I 125 11.68 -6.04 -57.68
N LEU I 126 11.43 -6.82 -56.62
CA LEU I 126 10.68 -6.29 -55.49
C LEU I 126 11.43 -5.16 -54.80
N ILE I 127 12.76 -5.27 -54.72
CA ILE I 127 13.56 -4.17 -54.18
C ILE I 127 13.49 -2.96 -55.10
N GLN I 128 13.59 -3.17 -56.42
CA GLN I 128 13.51 -2.05 -57.36
C GLN I 128 12.14 -1.40 -57.40
N GLU I 129 11.09 -2.09 -56.92
CA GLU I 129 9.77 -1.46 -56.87
C GLU I 129 9.67 -0.37 -55.81
N HIS I 130 10.64 -0.24 -54.91
CA HIS I 130 10.62 0.78 -53.89
C HIS I 130 11.39 2.01 -54.35
N ASP I 131 11.40 3.05 -53.51
CA ASP I 131 12.09 4.29 -53.82
C ASP I 131 13.55 4.26 -53.39
N ILE I 132 13.84 3.67 -52.23
CA ILE I 132 15.20 3.56 -51.73
C ILE I 132 15.30 2.28 -50.91
N ALA I 133 16.46 1.63 -50.95
CA ALA I 133 16.68 0.38 -50.25
C ALA I 133 17.78 0.55 -49.21
N ILE I 134 17.55 0.00 -48.02
CA ILE I 134 18.51 0.00 -46.93
C ILE I 134 18.88 -1.44 -46.63
N TYR I 135 20.18 -1.74 -46.68
CA TYR I 135 20.67 -3.07 -46.40
C TYR I 135 21.22 -3.12 -44.98
N VAL I 136 20.76 -4.09 -44.20
CA VAL I 136 21.21 -4.28 -42.82
C VAL I 136 22.17 -5.46 -42.82
N MET I 137 23.47 -5.15 -42.81
CA MET I 137 24.50 -6.16 -42.95
C MET I 137 25.13 -6.46 -41.58
N GLY I 138 26.17 -7.28 -41.59
CA GLY I 138 26.78 -7.78 -40.37
C GLY I 138 27.87 -6.89 -39.83
N ASN I 139 28.81 -7.51 -39.10
CA ASN I 139 29.83 -6.77 -38.37
C ASN I 139 31.22 -7.30 -38.65
N PHE I 140 31.47 -7.81 -39.85
CA PHE I 140 32.79 -8.24 -40.28
C PHE I 140 33.11 -7.63 -41.62
N GLU I 141 34.33 -7.11 -41.74
CA GLU I 141 34.73 -6.39 -42.96
C GLU I 141 34.81 -7.33 -44.15
N SER I 142 35.47 -8.48 -43.99
CA SER I 142 35.65 -9.41 -45.09
C SER I 142 34.35 -10.03 -45.54
N CYS I 143 33.43 -10.27 -44.60
CA CYS I 143 32.14 -10.87 -44.93
C CYS I 143 31.33 -9.96 -45.84
N ILE I 144 31.25 -8.67 -45.50
CA ILE I 144 30.49 -7.74 -46.34
C ILE I 144 31.25 -7.42 -47.63
N LEU I 145 32.58 -7.38 -47.56
CA LEU I 145 33.36 -7.11 -48.77
C LEU I 145 33.23 -8.24 -49.79
N ASP I 146 33.05 -9.48 -49.32
CA ASP I 146 32.76 -10.61 -50.20
C ASP I 146 31.27 -10.78 -50.44
N LYS I 147 30.47 -9.72 -50.26
CA LYS I 147 29.02 -9.79 -50.36
C LYS I 147 28.48 -8.58 -51.12
N THR I 148 29.29 -8.01 -52.01
CA THR I 148 28.90 -6.80 -52.74
C THR I 148 27.75 -7.08 -53.72
N HIS I 149 27.70 -8.30 -54.26
CA HIS I 149 26.72 -8.67 -55.29
C HIS I 149 25.27 -8.59 -54.80
N LEU I 150 25.04 -8.57 -53.48
CA LEU I 150 23.70 -8.37 -52.97
C LEU I 150 23.20 -6.96 -53.24
N PHE I 151 24.10 -5.98 -53.24
CA PHE I 151 23.71 -4.58 -53.44
C PHE I 151 23.80 -4.20 -54.91
N LYS I 152 23.12 -4.99 -55.75
CA LYS I 152 23.15 -4.79 -57.20
C LYS I 152 21.76 -4.43 -57.68
N VAL I 153 21.42 -3.15 -57.57
CA VAL I 153 20.15 -2.59 -58.03
C VAL I 153 20.41 -1.18 -58.50
N ASP I 154 19.57 -0.71 -59.43
CA ASP I 154 19.64 0.68 -59.90
C ASP I 154 18.72 1.58 -59.08
N ILE I 155 18.83 1.46 -57.76
CA ILE I 155 18.03 2.20 -56.78
C ILE I 155 19.03 2.90 -55.88
N PRO I 156 18.69 4.05 -55.29
CA PRO I 156 19.54 4.62 -54.23
C PRO I 156 19.72 3.64 -53.08
N LEU I 157 20.94 3.58 -52.57
CA LEU I 157 21.36 2.52 -51.66
C LEU I 157 22.09 3.10 -50.46
N VAL I 158 21.74 2.62 -49.27
CA VAL I 158 22.48 2.89 -48.05
C VAL I 158 22.72 1.56 -47.35
N VAL I 159 23.99 1.25 -47.10
CA VAL I 159 24.39 -0.01 -46.48
C VAL I 159 24.78 0.26 -45.04
N THR I 160 24.16 -0.47 -44.12
CA THR I 160 24.48 -0.37 -42.70
C THR I 160 25.27 -1.59 -42.28
N GLY I 161 26.37 -1.36 -41.55
CA GLY I 161 27.24 -2.45 -41.16
C GLY I 161 27.90 -2.18 -39.82
N GLY I 162 28.47 -3.24 -39.27
CA GLY I 162 29.22 -3.18 -38.03
C GLY I 162 30.49 -2.36 -38.03
N PRO I 163 31.40 -2.60 -38.99
CA PRO I 163 32.62 -1.79 -39.05
C PRO I 163 32.33 -0.31 -39.29
N GLU I 164 33.20 0.54 -38.73
CA GLU I 164 33.01 1.98 -38.83
C GLU I 164 33.18 2.47 -40.26
N THR I 165 34.15 1.92 -41.00
CA THR I 165 34.46 2.36 -42.35
C THR I 165 34.58 1.14 -43.25
N LEU I 166 33.87 1.17 -44.38
CA LEU I 166 33.91 0.09 -45.36
C LEU I 166 34.29 0.66 -46.72
N ASP I 167 34.99 -0.16 -47.51
CA ASP I 167 35.51 0.26 -48.82
C ASP I 167 34.67 -0.28 -49.98
N ILE I 168 33.36 -0.37 -49.80
CA ILE I 168 32.46 -0.76 -50.88
C ILE I 168 32.18 0.46 -51.74
N PRO I 169 31.86 0.30 -53.05
CA PRO I 169 31.48 1.44 -53.90
C PRO I 169 30.02 1.84 -53.76
N TYR I 170 29.54 1.95 -52.52
CA TYR I 170 28.20 2.38 -52.21
C TYR I 170 28.22 3.24 -50.96
N THR I 171 27.09 3.87 -50.67
CA THR I 171 26.95 4.64 -49.43
C THR I 171 26.90 3.70 -48.24
N TYR I 172 27.73 3.97 -47.25
CA TYR I 172 27.89 3.09 -46.10
C TYR I 172 27.76 3.87 -44.81
N VAL I 173 26.99 3.34 -43.87
CA VAL I 173 26.84 3.90 -42.52
C VAL I 173 27.32 2.85 -41.54
N GLY I 174 28.30 3.20 -40.71
CA GLY I 174 28.92 2.26 -39.80
C GLY I 174 28.24 2.20 -38.45
N ASN I 175 28.79 1.32 -37.60
CA ASN I 175 28.37 1.13 -36.21
C ASN I 175 26.91 0.65 -36.10
N LEU I 176 26.41 -0.02 -37.13
CA LEU I 176 25.08 -0.65 -37.11
C LEU I 176 25.22 -2.05 -37.69
N GLY I 177 25.62 -3.01 -36.85
CA GLY I 177 25.81 -4.36 -37.27
C GLY I 177 24.68 -5.28 -36.83
N ARG I 178 25.01 -6.55 -36.70
CA ARG I 178 24.09 -7.52 -36.12
C ARG I 178 24.21 -7.45 -34.60
N ARG I 179 23.09 -7.20 -33.93
CA ARG I 179 23.07 -7.11 -32.48
C ARG I 179 21.87 -7.87 -31.95
N ALA I 180 21.80 -7.99 -30.63
CA ALA I 180 20.70 -8.66 -29.96
C ALA I 180 19.95 -7.75 -28.99
N GLN I 181 20.31 -6.47 -28.93
CA GLN I 181 19.68 -5.52 -28.04
C GLN I 181 18.95 -4.44 -28.83
N ARG I 182 18.02 -3.77 -28.16
CA ARG I 182 17.41 -2.58 -28.72
C ARG I 182 18.44 -1.46 -28.81
N LEU I 183 18.44 -0.74 -29.93
CA LEU I 183 19.36 0.36 -30.15
C LEU I 183 18.99 1.52 -29.24
N ARG I 184 19.76 1.72 -28.17
CA ARG I 184 19.49 2.80 -27.23
C ARG I 184 20.72 3.58 -26.79
N LYS I 185 21.93 3.09 -27.06
CA LYS I 185 23.13 3.83 -26.68
C LYS I 185 23.33 5.04 -27.60
N GLY I 186 24.18 5.97 -27.16
CA GLY I 186 24.36 7.21 -27.88
C GLY I 186 25.00 7.04 -29.25
N GLU I 187 25.99 6.14 -29.34
CA GLU I 187 26.63 5.88 -30.63
C GLU I 187 25.66 5.24 -31.61
N GLU I 188 24.81 4.34 -31.12
CA GLU I 188 23.81 3.70 -31.98
C GLU I 188 22.79 4.70 -32.49
N ILE I 189 22.34 5.61 -31.64
CA ILE I 189 21.40 6.65 -32.05
C ILE I 189 22.05 7.61 -33.03
N ARG I 190 23.34 7.93 -32.81
CA ARG I 190 24.08 8.76 -33.76
C ARG I 190 24.20 8.10 -35.12
N ALA I 191 24.46 6.78 -35.14
CA ALA I 191 24.58 6.07 -36.41
C ALA I 191 23.23 5.97 -37.12
N LEU I 192 22.14 5.79 -36.35
CA LEU I 192 20.80 5.79 -36.95
C LEU I 192 20.48 7.16 -37.55
N ARG I 193 20.85 8.23 -36.86
CA ARG I 193 20.68 9.58 -37.38
C ARG I 193 21.50 9.79 -38.64
N GLN I 194 22.71 9.23 -38.68
CA GLN I 194 23.55 9.31 -39.86
C GLN I 194 22.91 8.61 -41.05
N MET I 195 22.34 7.42 -40.82
CA MET I 195 21.67 6.70 -41.89
C MET I 195 20.45 7.47 -42.39
N ILE I 196 19.72 8.10 -41.46
CA ILE I 196 18.59 8.95 -41.82
C ILE I 196 19.06 10.13 -42.67
N ASP I 197 20.21 10.71 -42.32
CA ASP I 197 20.76 11.82 -43.10
C ASP I 197 21.13 11.40 -44.52
N GLU I 198 21.76 10.22 -44.67
CA GLU I 198 22.12 9.78 -46.02
C GLU I 198 20.89 9.46 -46.86
N VAL I 199 19.89 8.80 -46.28
CA VAL I 199 18.69 8.50 -47.07
C VAL I 199 17.93 9.79 -47.38
N THR I 200 17.96 10.77 -46.47
CA THR I 200 17.34 12.07 -46.75
C THR I 200 18.04 12.79 -47.89
N LYS I 201 19.37 12.74 -47.92
CA LYS I 201 20.12 13.36 -49.01
C LYS I 201 19.81 12.70 -50.35
N LYS I 202 19.78 11.35 -50.37
CA LYS I 202 19.46 10.65 -51.62
C LYS I 202 18.05 10.93 -52.08
N ILE I 203 17.09 11.00 -51.14
CA ILE I 203 15.71 11.30 -51.50
C ILE I 203 15.58 12.73 -52.01
N ASN I 204 16.33 13.66 -51.43
CA ASN I 204 16.29 15.04 -51.91
C ASN I 204 16.89 15.16 -53.31
N ASP I 205 17.97 14.43 -53.59
CA ASP I 205 18.52 14.43 -54.94
C ASP I 205 17.55 13.84 -55.95
N LYS I 206 16.88 12.74 -55.59
CA LYS I 206 15.89 12.15 -56.50
C LYS I 206 14.68 13.06 -56.66
N ARG I 207 14.31 13.80 -55.61
CA ARG I 207 13.21 14.75 -55.71
C ARG I 207 13.56 15.91 -56.65
N MET I 208 14.80 16.40 -56.58
CA MET I 208 15.23 17.44 -57.52
C MET I 208 15.26 16.91 -58.96
N GLU I 209 15.72 15.66 -59.13
CA GLU I 209 15.73 15.05 -60.46
C GLU I 209 14.32 14.91 -61.01
N LEU I 210 13.36 14.55 -60.15
CA LEU I 210 11.97 14.50 -60.58
C LEU I 210 11.39 15.89 -60.81
N SER I 211 11.87 16.89 -60.08
CA SER I 211 11.37 18.26 -60.24
C SER I 211 11.94 18.94 -61.47
N TYR I 212 13.00 18.39 -62.07
CA TYR I 212 13.45 18.90 -63.36
C TYR I 212 12.38 18.71 -64.43
N ASP I 213 11.74 17.54 -64.45
CA ASP I 213 10.61 17.27 -65.34
C ASP I 213 9.45 16.74 -64.50
N PRO I 214 8.55 17.59 -64.04
CA PRO I 214 7.51 17.16 -63.09
C PRO I 214 6.51 16.23 -63.76
N PRO I 215 5.81 15.40 -62.98
CA PRO I 215 4.77 14.55 -63.55
C PRO I 215 3.52 15.35 -63.86
N ILE I 216 2.57 14.68 -64.51
CA ILE I 216 1.28 15.30 -64.84
C ILE I 216 0.51 15.61 -63.56
N ILE I 217 0.48 14.67 -62.62
CA ILE I 217 -0.29 14.81 -61.40
C ILE I 217 0.55 14.36 -60.21
N PRO I 218 0.56 15.08 -59.10
CA PRO I 218 1.30 14.63 -57.92
C PRO I 218 0.72 13.35 -57.36
N PRO I 219 1.54 12.50 -56.73
CA PRO I 219 1.02 11.25 -56.17
C PRO I 219 0.03 11.42 -55.03
N VAL I 220 0.14 12.50 -54.26
CA VAL I 220 -0.74 12.70 -53.11
C VAL I 220 -2.17 12.97 -53.57
N VAL I 221 -2.35 13.89 -54.51
CA VAL I 221 -3.70 14.19 -54.98
C VAL I 221 -4.20 13.08 -55.90
N LEU I 222 -3.31 12.29 -56.49
CA LEU I 222 -3.75 11.11 -57.23
C LEU I 222 -4.31 10.05 -56.28
N LYS I 223 -3.65 9.87 -55.13
CA LYS I 223 -4.17 8.98 -54.10
C LYS I 223 -5.51 9.48 -53.58
N ASP I 224 -5.64 10.80 -53.40
CA ASP I 224 -6.91 11.37 -52.98
C ASP I 224 -8.01 11.13 -54.01
N GLU I 225 -7.69 11.29 -55.29
CA GLU I 225 -8.67 11.03 -56.35
C GLU I 225 -9.07 9.55 -56.40
N ILE I 226 -8.10 8.65 -56.18
CA ILE I 226 -8.41 7.22 -56.20
C ILE I 226 -9.31 6.86 -55.02
N GLU I 227 -9.04 7.41 -53.83
CA GLU I 227 -9.94 7.18 -52.70
C GLU I 227 -11.31 7.81 -52.92
N LYS I 228 -11.38 8.91 -53.67
CA LYS I 228 -12.68 9.52 -53.96
C LYS I 228 -13.48 8.68 -54.94
N ARG I 229 -12.82 8.10 -55.95
CA ARG I 229 -13.54 7.36 -56.98
C ARG I 229 -13.74 5.89 -56.60
N ILE I 230 -12.65 5.18 -56.31
CA ILE I 230 -12.73 3.75 -55.98
C ILE I 230 -13.28 3.60 -54.56
N ASP I 231 -14.40 2.91 -54.43
CA ASP I 231 -15.06 2.73 -53.15
C ASP I 231 -14.61 1.47 -52.40
N GLU I 232 -13.78 0.63 -53.03
CA GLU I 232 -13.24 -0.54 -52.34
C GLU I 232 -11.95 -0.26 -51.60
N VAL I 233 -11.47 0.99 -51.60
CA VAL I 233 -10.23 1.30 -50.92
C VAL I 233 -10.40 1.35 -49.40
N ARG I 234 -11.64 1.52 -48.91
CA ARG I 234 -11.87 1.50 -47.47
C ARG I 234 -12.03 0.09 -46.92
N GLY I 235 -12.15 -0.92 -47.79
CA GLY I 235 -12.21 -2.30 -47.38
C GLY I 235 -10.89 -3.02 -47.36
N ILE I 236 -9.78 -2.31 -47.51
CA ILE I 236 -8.46 -2.93 -47.56
C ILE I 236 -7.95 -3.12 -46.13
N LEU I 237 -7.56 -4.34 -45.80
CA LEU I 237 -7.06 -4.67 -44.47
C LEU I 237 -5.56 -4.54 -44.33
N ALA I 238 -4.87 -4.08 -45.38
CA ALA I 238 -3.43 -3.89 -45.32
C ALA I 238 -3.08 -2.70 -44.42
N PRO I 239 -1.83 -2.64 -43.91
CA PRO I 239 -1.41 -1.49 -43.08
C PRO I 239 -1.60 -0.13 -43.74
N MET I 240 -0.99 0.07 -44.91
CA MET I 240 -1.22 1.27 -45.70
C MET I 240 -1.89 0.86 -47.00
N PRO I 241 -3.21 1.08 -47.15
CA PRO I 241 -3.90 0.62 -48.37
C PRO I 241 -3.39 1.25 -49.65
N ILE I 242 -3.01 2.53 -49.62
CA ILE I 242 -2.37 3.20 -50.74
C ILE I 242 -1.10 3.83 -50.22
N VAL I 243 0.05 3.36 -50.72
CA VAL I 243 1.35 3.86 -50.31
C VAL I 243 1.79 4.92 -51.30
N THR I 244 2.03 6.13 -50.82
CA THR I 244 2.49 7.22 -51.68
C THR I 244 3.98 7.06 -51.93
N GLN I 245 4.35 6.72 -53.16
CA GLN I 245 5.75 6.61 -53.54
C GLN I 245 6.25 7.98 -54.00
N LEU I 246 7.52 8.02 -54.40
CA LEU I 246 8.11 9.29 -54.83
C LEU I 246 7.53 9.76 -56.15
N ASP I 247 7.29 8.85 -57.08
CA ASP I 247 6.72 9.19 -58.39
C ASP I 247 5.65 8.19 -58.76
N GLY I 248 4.79 7.83 -57.81
CA GLY I 248 3.72 6.90 -58.09
C GLY I 248 3.04 6.46 -56.81
N LEU I 249 2.27 5.38 -56.94
CA LEU I 249 1.48 4.84 -55.84
C LEU I 249 1.56 3.32 -55.87
N ARG I 250 1.23 2.71 -54.73
CA ARG I 250 1.09 1.27 -54.62
C ARG I 250 -0.27 0.99 -53.98
N ILE I 251 -1.23 0.58 -54.80
CA ILE I 251 -2.57 0.27 -54.33
C ILE I 251 -2.67 -1.22 -54.03
N LYS I 252 -3.08 -1.55 -52.82
CA LYS I 252 -3.02 -2.92 -52.33
C LYS I 252 -4.36 -3.63 -52.55
N MET I 253 -4.67 -3.83 -53.82
CA MET I 253 -5.75 -4.69 -54.27
C MET I 253 -5.19 -5.79 -55.16
N ASP I 254 -6.03 -6.76 -55.49
CA ASP I 254 -5.66 -7.76 -56.47
C ASP I 254 -5.55 -7.11 -57.84
N TYR I 255 -4.48 -7.43 -58.56
CA TYR I 255 -4.24 -6.80 -59.86
C TYR I 255 -5.22 -7.29 -60.91
N ASP I 256 -5.55 -8.58 -60.84
CA ASP I 256 -6.40 -9.19 -61.87
C ASP I 256 -7.84 -8.71 -61.74
N ARG I 257 -8.28 -8.44 -60.53
CA ARG I 257 -9.71 -8.07 -60.34
C ARG I 257 -9.93 -6.55 -60.33
N ASN I 258 -8.89 -5.73 -60.42
CA ASN I 258 -9.04 -4.30 -60.20
C ASN I 258 -8.26 -3.40 -61.14
N HIS I 259 -7.46 -3.97 -62.05
CA HIS I 259 -6.63 -3.09 -62.89
C HIS I 259 -7.50 -2.35 -63.92
N GLU I 260 -8.56 -2.97 -64.45
CA GLU I 260 -9.44 -2.30 -65.40
C GLU I 260 -10.26 -1.21 -64.74
N GLU I 261 -10.52 -1.33 -63.43
CA GLU I 261 -11.18 -0.25 -62.70
C GLU I 261 -10.22 0.89 -62.40
N ILE I 262 -8.96 0.56 -62.08
CA ILE I 262 -7.98 1.58 -61.73
C ILE I 262 -7.60 2.40 -62.96
N GLU I 263 -7.38 1.71 -64.10
CA GLU I 263 -6.97 2.40 -65.32
C GLU I 263 -8.06 3.34 -65.84
N ASN I 264 -9.32 2.93 -65.71
CA ASN I 264 -10.44 3.75 -66.20
C ASN I 264 -10.93 4.70 -65.10
N VAL I 265 -9.99 5.51 -64.61
CA VAL I 265 -10.28 6.56 -63.63
C VAL I 265 -9.96 7.89 -64.28
N LYS I 266 -10.95 8.77 -64.35
CA LYS I 266 -10.79 10.08 -64.99
C LYS I 266 -10.34 11.07 -63.92
N ILE I 267 -9.09 11.53 -64.02
CA ILE I 267 -8.58 12.60 -63.18
C ILE I 267 -8.43 13.86 -64.03
N GLY I 268 -8.96 14.97 -63.54
CA GLY I 268 -9.03 16.18 -64.33
C GLY I 268 -9.86 15.98 -65.58
N LYS I 269 -9.20 15.92 -66.73
CA LYS I 269 -9.83 15.48 -67.97
C LYS I 269 -9.06 14.35 -68.64
N TYR I 270 -8.11 13.74 -67.93
CA TYR I 270 -7.28 12.68 -68.46
C TYR I 270 -7.67 11.33 -67.87
N LEU I 271 -7.52 10.28 -68.67
CA LEU I 271 -7.63 8.92 -68.15
C LEU I 271 -6.30 8.52 -67.53
N LEU I 272 -6.38 7.60 -66.56
CA LEU I 272 -5.17 7.22 -65.83
C LEU I 272 -4.25 6.34 -66.67
N LYS I 273 -4.82 5.47 -67.53
CA LYS I 273 -4.01 4.51 -68.27
C LYS I 273 -3.11 5.21 -69.30
N ASP I 274 -3.52 6.38 -69.79
CA ASP I 274 -2.67 7.12 -70.73
C ASP I 274 -1.61 7.96 -70.03
N ILE I 275 -1.74 8.18 -68.72
CA ILE I 275 -0.82 9.03 -67.99
C ILE I 275 -0.01 8.29 -66.94
N ALA I 276 -0.31 7.02 -66.67
CA ALA I 276 0.41 6.25 -65.67
C ALA I 276 0.60 4.83 -66.17
N TYR I 277 1.61 4.16 -65.64
CA TYR I 277 1.94 2.79 -65.99
C TYR I 277 1.38 1.87 -64.91
N VAL I 278 0.13 1.47 -65.07
CA VAL I 278 -0.50 0.54 -64.14
C VAL I 278 0.01 -0.86 -64.44
N THR I 279 0.71 -1.46 -63.48
CA THR I 279 1.36 -2.75 -63.69
C THR I 279 1.18 -3.62 -62.46
N ARG I 280 1.36 -4.92 -62.66
CA ARG I 280 1.27 -5.87 -61.57
C ARG I 280 2.49 -5.76 -60.67
N SER I 281 2.25 -5.75 -59.36
CA SER I 281 3.33 -5.66 -58.39
C SER I 281 3.78 -7.05 -57.96
N GLU I 282 5.09 -7.17 -57.68
CA GLU I 282 5.61 -8.42 -57.17
C GLU I 282 5.16 -8.68 -55.74
N MET I 283 4.75 -7.64 -55.03
CA MET I 283 4.36 -7.75 -53.62
C MET I 283 2.88 -8.14 -53.60
N LYS I 284 2.63 -9.43 -53.34
CA LYS I 284 1.30 -9.99 -53.10
C LYS I 284 0.30 -9.70 -54.22
N ASN I 285 0.80 -9.65 -55.47
CA ASN I 285 -0.01 -9.40 -56.67
C ASN I 285 -0.78 -8.08 -56.57
N TYR I 286 -0.13 -7.05 -56.05
CA TYR I 286 -0.77 -5.75 -55.89
C TYR I 286 -0.69 -4.94 -57.18
N ILE I 287 -1.16 -3.70 -57.11
CA ILE I 287 -1.18 -2.79 -58.25
C ILE I 287 -0.14 -1.70 -57.99
N LEU I 288 0.79 -1.53 -58.94
CA LEU I 288 1.82 -0.51 -58.85
C LEU I 288 1.58 0.52 -59.94
N ILE I 289 1.65 1.79 -59.57
CA ILE I 289 1.41 2.90 -60.48
C ILE I 289 2.70 3.70 -60.61
N LYS I 290 3.14 3.95 -61.85
CA LYS I 290 4.30 4.79 -62.12
C LYS I 290 3.85 5.93 -63.02
N LEU I 291 4.04 7.16 -62.53
CA LEU I 291 3.54 8.34 -63.24
C LEU I 291 4.46 8.73 -64.39
N LYS I 292 3.86 9.14 -65.49
CA LYS I 292 4.59 9.73 -66.60
C LYS I 292 4.85 11.21 -66.32
N SER I 293 5.82 11.76 -67.04
CA SER I 293 6.14 13.17 -66.91
C SER I 293 5.38 13.98 -67.97
N THR I 294 5.57 15.31 -67.95
CA THR I 294 4.91 16.17 -68.93
C THR I 294 5.53 16.08 -70.32
N SER I 295 6.71 15.47 -70.44
CA SER I 295 7.32 15.31 -71.76
C SER I 295 6.54 14.31 -72.61
N GLU I 296 5.90 13.33 -71.97
CA GLU I 296 5.09 12.35 -72.69
C GLU I 296 3.71 12.21 -72.06
N ARG J 41 13.21 -22.84 -47.62
CA ARG J 41 13.96 -21.61 -47.86
C ARG J 41 13.34 -20.81 -48.99
N LYS J 42 12.65 -19.73 -48.63
CA LYS J 42 12.01 -18.86 -49.60
C LYS J 42 12.01 -17.44 -49.05
N GLU J 43 11.75 -16.48 -49.94
CA GLU J 43 11.71 -15.08 -49.53
C GLU J 43 10.52 -14.82 -48.61
N GLN J 44 10.73 -13.94 -47.64
CA GLN J 44 9.70 -13.61 -46.65
C GLN J 44 9.63 -12.10 -46.54
N ILE J 45 8.50 -11.52 -46.92
CA ILE J 45 8.32 -10.08 -46.98
C ILE J 45 7.18 -9.70 -46.03
N VAL J 46 7.43 -8.70 -45.18
CA VAL J 46 6.44 -8.24 -44.21
C VAL J 46 6.02 -6.83 -44.59
N ASP J 47 4.72 -6.63 -44.75
CA ASP J 47 4.14 -5.29 -44.83
C ASP J 47 4.19 -4.68 -43.44
N CYS J 48 5.15 -3.78 -43.22
CA CYS J 48 5.31 -3.18 -41.91
C CYS J 48 4.17 -2.21 -41.61
N ARG J 49 4.03 -1.87 -40.33
CA ARG J 49 3.01 -0.93 -39.91
C ARG J 49 3.35 0.47 -40.40
N ALA J 50 2.34 1.33 -40.41
CA ALA J 50 2.51 2.71 -40.87
C ALA J 50 2.77 3.68 -39.73
N VAL J 51 2.70 3.24 -38.48
CA VAL J 51 2.79 4.12 -37.33
C VAL J 51 4.07 3.80 -36.57
N MET J 52 4.76 4.85 -36.12
CA MET J 52 5.97 4.67 -35.34
C MET J 52 5.65 4.14 -33.95
N GLY J 53 6.69 3.68 -33.26
CA GLY J 53 6.53 3.00 -31.99
C GLY J 53 6.35 3.94 -30.81
N LEU J 54 6.63 3.41 -29.62
CA LEU J 54 6.40 4.12 -28.37
C LEU J 54 7.64 4.93 -28.00
N GLY J 55 7.72 6.13 -28.57
CA GLY J 55 8.80 7.02 -28.19
C GLY J 55 10.16 6.62 -28.73
N GLU J 56 11.19 7.10 -28.05
CA GLU J 56 12.58 6.89 -28.48
C GLU J 56 13.17 5.63 -27.87
N GLY J 57 13.21 5.55 -26.55
CA GLY J 57 13.78 4.40 -25.87
C GLY J 57 12.75 3.39 -25.45
N GLY J 58 11.71 3.22 -26.24
CA GLY J 58 10.62 2.33 -25.88
C GLY J 58 10.35 1.23 -26.87
N GLY J 59 9.11 0.75 -26.91
CA GLY J 59 8.76 -0.33 -27.81
C GLY J 59 8.69 0.12 -29.25
N LEU J 60 8.89 -0.85 -30.15
CA LEU J 60 8.88 -0.58 -31.57
C LEU J 60 7.51 -0.67 -32.20
N ALA J 61 6.60 -1.44 -31.62
CA ALA J 61 5.25 -1.60 -32.14
C ALA J 61 4.31 -0.56 -31.56
N GLN J 62 3.14 -0.45 -32.16
CA GLN J 62 2.11 0.49 -31.74
C GLN J 62 0.80 -0.27 -31.54
N ARG J 63 0.00 0.20 -30.60
CA ARG J 63 -1.29 -0.45 -30.33
C ARG J 63 -2.24 -0.27 -31.50
N GLY J 64 -3.11 -1.26 -31.69
CA GLY J 64 -4.09 -1.23 -32.76
C GLY J 64 -3.49 -1.25 -34.15
N THR J 65 -2.37 -1.95 -34.34
CA THR J 65 -1.69 -1.97 -35.62
C THR J 65 -1.51 -3.42 -36.08
N PHE J 66 -1.50 -3.60 -37.39
CA PHE J 66 -1.35 -4.90 -38.02
C PHE J 66 -0.21 -4.86 -39.01
N ALA J 67 0.60 -5.93 -39.03
CA ALA J 67 1.72 -6.04 -39.94
C ALA J 67 1.56 -7.33 -40.73
N GLU J 68 1.24 -7.19 -42.02
CA GLU J 68 0.93 -8.34 -42.86
C GLU J 68 2.21 -8.99 -43.36
N GLY J 69 2.27 -10.32 -43.27
CA GLY J 69 3.39 -11.07 -43.81
C GLY J 69 3.14 -11.60 -45.20
N LEU J 70 2.49 -10.78 -46.04
CA LEU J 70 2.12 -11.11 -47.41
C LEU J 70 1.32 -12.39 -47.23
N ARG J 71 1.78 -13.48 -47.86
CA ARG J 71 1.17 -14.78 -47.65
C ARG J 71 0.72 -15.04 -46.22
N ASN J 72 -0.58 -15.24 -46.04
CA ASN J 72 -1.21 -15.25 -44.71
C ASN J 72 -1.35 -16.70 -44.24
N ASP J 73 -0.44 -17.14 -43.37
CA ASP J 73 -0.53 -18.46 -42.77
C ASP J 73 -0.77 -18.39 -41.27
N VAL J 74 0.12 -17.73 -40.54
CA VAL J 74 0.04 -17.63 -39.08
C VAL J 74 0.03 -16.16 -38.70
N VAL J 75 -0.90 -15.76 -37.85
CA VAL J 75 -0.94 -14.43 -37.27
C VAL J 75 -0.66 -14.56 -35.78
N VAL J 76 0.25 -13.75 -35.27
CA VAL J 76 0.58 -13.71 -33.85
C VAL J 76 -0.09 -12.48 -33.25
N VAL J 77 -0.91 -12.70 -32.23
CA VAL J 77 -1.69 -11.63 -31.62
C VAL J 77 -1.04 -11.24 -30.29
N ALA J 78 -0.70 -9.97 -30.17
CA ALA J 78 -0.13 -9.42 -28.95
C ALA J 78 -1.15 -8.51 -28.28
N MET J 79 -1.20 -8.56 -26.95
CA MET J 79 -2.22 -7.82 -26.22
C MET J 79 -1.93 -6.32 -26.20
N SER J 80 -0.67 -5.93 -26.17
CA SER J 80 -0.29 -4.54 -26.02
C SER J 80 1.10 -4.35 -26.60
N PRO J 81 1.46 -3.13 -26.98
CA PRO J 81 2.83 -2.86 -27.42
C PRO J 81 3.85 -2.71 -26.29
N GLY J 82 3.46 -2.96 -25.05
CA GLY J 82 4.35 -2.78 -23.92
C GLY J 82 5.39 -3.87 -23.80
N ARG J 83 6.29 -3.67 -22.84
CA ARG J 83 7.41 -4.59 -22.63
C ARG J 83 6.95 -5.95 -22.10
N ARG J 84 5.75 -6.04 -21.55
CA ARG J 84 5.23 -7.32 -21.10
C ARG J 84 4.82 -8.22 -22.24
N HIS J 85 4.60 -7.67 -23.43
CA HIS J 85 4.14 -8.46 -24.57
C HIS J 85 5.02 -8.34 -25.79
N ILE J 86 5.65 -7.21 -26.05
CA ILE J 86 6.38 -7.03 -27.30
C ILE J 86 7.86 -7.32 -27.09
N THR J 87 8.37 -8.20 -27.96
CA THR J 87 9.75 -8.64 -28.19
C THR J 87 10.22 -9.62 -27.12
N LYS J 88 9.57 -9.65 -25.96
CA LYS J 88 10.03 -10.70 -25.05
C LYS J 88 9.23 -11.99 -25.24
N PRO J 89 7.86 -12.01 -25.21
CA PRO J 89 7.19 -13.28 -25.52
C PRO J 89 6.63 -13.43 -26.93
N VAL J 90 6.55 -12.37 -27.74
CA VAL J 90 5.79 -12.40 -28.99
C VAL J 90 6.70 -12.44 -30.21
N CYS J 91 7.69 -11.54 -30.27
CA CYS J 91 8.60 -11.55 -31.41
C CYS J 91 9.51 -12.76 -31.41
N GLU J 92 9.70 -13.40 -30.26
CA GLU J 92 10.44 -14.65 -30.21
C GLU J 92 9.67 -15.78 -30.88
N ILE J 93 8.38 -15.91 -30.54
CA ILE J 93 7.50 -16.85 -31.23
C ILE J 93 7.45 -16.52 -32.71
N THR J 94 7.43 -15.23 -33.03
CA THR J 94 7.41 -14.78 -34.42
C THR J 94 8.64 -15.23 -35.17
N TYR J 95 9.84 -15.10 -34.58
CA TYR J 95 11.01 -15.52 -35.35
C TYR J 95 11.10 -17.03 -35.41
N GLY J 96 10.55 -17.74 -34.42
CA GLY J 96 10.52 -19.18 -34.50
C GLY J 96 9.64 -19.67 -35.63
N ILE J 97 8.48 -19.04 -35.80
CA ILE J 97 7.61 -19.37 -36.93
C ILE J 97 8.27 -18.99 -38.25
N ARG J 98 8.93 -17.84 -38.30
CA ARG J 98 9.62 -17.43 -39.52
C ARG J 98 10.83 -18.29 -39.83
N GLU J 99 11.47 -18.85 -38.80
CA GLU J 99 12.59 -19.76 -38.99
C GLU J 99 12.11 -21.13 -39.43
N ALA J 100 10.90 -21.53 -39.02
CA ALA J 100 10.32 -22.79 -39.46
C ALA J 100 9.90 -22.77 -40.92
N GLY J 101 9.94 -21.61 -41.57
CA GLY J 101 9.54 -21.49 -42.96
C GLY J 101 8.13 -21.03 -43.19
N ILE J 102 7.42 -20.62 -42.14
CA ILE J 102 6.04 -20.20 -42.22
C ILE J 102 5.99 -18.68 -42.09
N GLN J 103 5.34 -18.03 -43.06
CA GLN J 103 5.22 -16.57 -43.03
C GLN J 103 4.31 -16.14 -41.88
N THR J 104 4.71 -15.07 -41.21
CA THR J 104 4.08 -14.67 -39.96
C THR J 104 3.62 -13.22 -40.03
N SER J 105 2.46 -12.96 -39.45
CA SER J 105 1.96 -11.61 -39.24
C SER J 105 1.82 -11.36 -37.75
N VAL J 106 2.09 -10.12 -37.33
CA VAL J 106 1.94 -9.73 -35.93
C VAL J 106 0.90 -8.64 -35.86
N LEU J 107 -0.17 -8.88 -35.10
CA LEU J 107 -1.20 -7.90 -34.84
C LEU J 107 -1.18 -7.52 -33.37
N VAL J 108 -1.09 -6.23 -33.09
CA VAL J 108 -1.15 -5.71 -31.73
C VAL J 108 -2.56 -5.21 -31.50
N LEU J 109 -3.22 -5.76 -30.48
CA LEU J 109 -4.60 -5.39 -30.21
C LEU J 109 -4.71 -3.98 -29.67
N ASP J 110 -5.78 -3.30 -30.06
CA ASP J 110 -6.02 -1.94 -29.57
C ASP J 110 -6.36 -1.94 -28.08
N ALA J 111 -7.22 -2.88 -27.66
CA ALA J 111 -7.58 -3.04 -26.25
C ALA J 111 -7.41 -4.51 -25.90
N GLY J 112 -6.19 -4.90 -25.54
CA GLY J 112 -5.91 -6.29 -25.24
C GLY J 112 -5.77 -6.57 -23.76
N GLY J 113 -5.67 -5.53 -22.93
CA GLY J 113 -5.54 -5.69 -21.51
C GLY J 113 -6.89 -5.82 -20.82
N GLY J 114 -6.94 -6.64 -19.78
CA GLY J 114 -8.12 -6.77 -18.97
C GLY J 114 -9.04 -7.90 -19.41
N ILE J 115 -10.24 -7.87 -18.87
CA ILE J 115 -11.24 -8.92 -19.10
C ILE J 115 -12.39 -8.34 -19.91
N PRO J 116 -13.09 -9.14 -20.71
CA PRO J 116 -14.22 -8.61 -21.47
C PRO J 116 -15.39 -8.23 -20.57
N SER J 117 -16.27 -7.40 -21.12
CA SER J 117 -17.42 -6.90 -20.35
C SER J 117 -18.47 -7.99 -20.10
N ASP J 118 -18.40 -9.11 -20.81
CA ASP J 118 -19.32 -10.22 -20.57
C ASP J 118 -18.82 -11.16 -19.47
N ALA J 119 -17.72 -10.83 -18.80
CA ALA J 119 -17.29 -11.56 -17.62
C ALA J 119 -18.33 -11.40 -16.51
N PRO J 120 -18.41 -12.35 -15.58
CA PRO J 120 -19.39 -12.23 -14.49
C PRO J 120 -19.18 -10.98 -13.65
N GLN J 121 -20.30 -10.32 -13.33
CA GLN J 121 -20.34 -9.04 -12.62
C GLN J 121 -19.53 -7.96 -13.35
N GLY J 122 -19.58 -7.98 -14.68
CA GLY J 122 -18.94 -6.95 -15.47
C GLY J 122 -17.43 -7.07 -15.49
N SER J 123 -16.80 -6.03 -16.04
CA SER J 123 -15.35 -5.96 -16.12
C SER J 123 -14.78 -5.09 -15.01
N LEU J 124 -13.49 -5.25 -14.78
CA LEU J 124 -12.77 -4.49 -13.77
C LEU J 124 -11.40 -4.13 -14.32
N GLY J 125 -10.85 -3.01 -13.86
CA GLY J 125 -9.52 -2.59 -14.27
C GLY J 125 -9.48 -2.03 -15.68
N SER J 126 -9.67 -2.90 -16.67
CA SER J 126 -9.75 -2.49 -18.06
C SER J 126 -10.61 -3.49 -18.81
N THR J 127 -11.12 -3.05 -19.96
CA THR J 127 -12.07 -3.82 -20.75
C THR J 127 -11.34 -4.40 -21.97
N PHE J 128 -11.38 -5.72 -22.10
CA PHE J 128 -10.82 -6.40 -23.26
C PHE J 128 -11.85 -6.42 -24.38
N GLY J 129 -11.37 -6.27 -25.62
CA GLY J 129 -12.29 -6.31 -26.74
C GLY J 129 -11.55 -6.51 -28.05
N LEU J 130 -12.34 -6.75 -29.09
CA LEU J 130 -11.83 -6.99 -30.43
C LEU J 130 -12.57 -6.10 -31.42
N LYS J 131 -11.82 -5.47 -32.30
CA LYS J 131 -12.44 -4.65 -33.33
C LYS J 131 -12.83 -5.51 -34.52
N PRO J 132 -13.87 -5.12 -35.27
CA PRO J 132 -14.23 -5.87 -36.48
C PRO J 132 -13.14 -5.92 -37.53
N GLU J 133 -12.37 -4.83 -37.67
CA GLU J 133 -11.25 -4.83 -38.60
C GLU J 133 -10.15 -5.77 -38.13
N GLU J 134 -9.91 -5.82 -36.81
CA GLU J 134 -8.94 -6.76 -36.26
C GLU J 134 -9.36 -8.20 -36.51
N ALA J 135 -10.65 -8.49 -36.32
CA ALA J 135 -11.18 -9.84 -36.58
C ALA J 135 -11.06 -10.19 -38.06
N LYS J 136 -11.32 -9.24 -38.95
CA LYS J 136 -11.17 -9.48 -40.38
C LYS J 136 -9.71 -9.72 -40.76
N GLN J 137 -8.79 -9.00 -40.12
CA GLN J 137 -7.37 -9.21 -40.39
C GLN J 137 -6.89 -10.55 -39.88
N VAL J 138 -7.43 -11.01 -38.75
CA VAL J 138 -7.06 -12.33 -38.24
C VAL J 138 -7.65 -13.43 -39.12
N ASN J 139 -8.90 -13.25 -39.57
CA ASN J 139 -9.65 -14.32 -40.23
C ASN J 139 -9.13 -14.67 -41.62
N ARG J 140 -8.22 -13.88 -42.19
CA ARG J 140 -7.65 -14.21 -43.48
C ARG J 140 -6.39 -15.07 -43.37
N HIS J 141 -6.04 -15.49 -42.16
CA HIS J 141 -4.89 -16.35 -41.93
C HIS J 141 -5.34 -17.80 -41.72
N LYS J 142 -4.42 -18.72 -41.98
CA LYS J 142 -4.72 -20.14 -41.80
C LYS J 142 -4.74 -20.54 -40.34
N LEU J 143 -3.96 -19.87 -39.49
CA LEU J 143 -3.87 -20.21 -38.08
C LEU J 143 -3.54 -18.95 -37.29
N CYS J 144 -3.87 -18.99 -36.01
CA CYS J 144 -3.61 -17.86 -35.11
C CYS J 144 -2.84 -18.35 -33.89
N VAL J 145 -1.93 -17.51 -33.41
CA VAL J 145 -1.23 -17.75 -32.15
C VAL J 145 -1.47 -16.53 -31.28
N ILE J 146 -2.03 -16.74 -30.10
CA ILE J 146 -2.38 -15.65 -29.20
C ILE J 146 -1.69 -15.87 -27.87
N HIS J 147 -1.17 -14.80 -27.28
CA HIS J 147 -0.39 -14.85 -26.06
C HIS J 147 -1.22 -14.31 -24.90
N PHE J 148 -1.51 -15.16 -23.93
CA PHE J 148 -2.30 -14.80 -22.76
C PHE J 148 -1.41 -14.84 -21.52
N GLY J 149 -2.02 -14.60 -20.36
CA GLY J 149 -1.24 -14.35 -19.16
C GLY J 149 -1.32 -15.39 -18.07
N ASN J 150 -1.76 -14.96 -16.88
CA ASN J 150 -1.60 -15.71 -15.66
C ASN J 150 -2.92 -16.26 -15.12
N VAL J 151 -3.91 -15.40 -14.89
CA VAL J 151 -5.11 -15.80 -14.18
C VAL J 151 -5.98 -16.67 -15.08
N LYS J 152 -6.41 -17.81 -14.54
CA LYS J 152 -7.17 -18.79 -15.32
C LYS J 152 -8.53 -18.25 -15.74
N SER J 153 -9.20 -17.53 -14.84
CA SER J 153 -10.53 -17.02 -15.15
C SER J 153 -10.50 -15.88 -16.16
N HIS J 154 -9.37 -15.17 -16.29
CA HIS J 154 -9.28 -14.11 -17.28
C HIS J 154 -9.15 -14.69 -18.69
N ILE J 155 -8.32 -15.73 -18.82
CA ILE J 155 -7.95 -16.26 -20.13
C ILE J 155 -9.14 -16.91 -20.81
N ILE J 156 -10.02 -17.57 -20.05
CA ILE J 156 -11.14 -18.28 -20.65
C ILE J 156 -12.14 -17.32 -21.28
N TYR J 157 -12.51 -16.24 -20.57
CA TYR J 157 -13.43 -15.28 -21.15
C TYR J 157 -12.77 -14.43 -22.24
N LYS J 158 -11.46 -14.16 -22.11
CA LYS J 158 -10.75 -13.48 -23.20
C LYS J 158 -10.76 -14.32 -24.47
N ALA J 159 -10.53 -15.62 -24.35
CA ALA J 159 -10.54 -16.50 -25.51
C ALA J 159 -11.96 -16.66 -26.05
N ARG J 160 -12.97 -16.66 -25.19
CA ARG J 160 -14.35 -16.74 -25.65
C ARG J 160 -14.73 -15.52 -26.48
N LEU J 161 -14.36 -14.32 -26.01
CA LEU J 161 -14.66 -13.12 -26.79
C LEU J 161 -13.83 -13.07 -28.07
N PHE J 162 -12.58 -13.54 -28.02
CA PHE J 162 -11.74 -13.55 -29.21
C PHE J 162 -12.28 -14.50 -30.27
N LEU J 163 -12.76 -15.67 -29.86
CA LEU J 163 -13.28 -16.66 -30.78
C LEU J 163 -14.75 -16.47 -31.11
N LYS J 164 -15.42 -15.50 -30.47
CA LYS J 164 -16.74 -15.10 -30.92
C LYS J 164 -16.71 -14.44 -32.29
N TYR J 165 -15.56 -13.90 -32.71
CA TYR J 165 -15.41 -13.25 -33.99
C TYR J 165 -14.33 -13.85 -34.87
N VAL J 166 -13.50 -14.74 -34.34
CA VAL J 166 -12.43 -15.38 -35.10
C VAL J 166 -12.81 -16.83 -35.33
N ASP J 167 -12.79 -17.27 -36.58
CA ASP J 167 -13.27 -18.59 -36.95
C ASP J 167 -12.16 -19.54 -37.40
N ILE J 168 -10.90 -19.14 -37.26
CA ILE J 168 -9.78 -20.00 -37.66
C ILE J 168 -9.26 -20.71 -36.40
N PRO J 169 -8.58 -21.85 -36.53
CA PRO J 169 -8.03 -22.51 -35.33
C PRO J 169 -6.89 -21.70 -34.74
N THR J 170 -6.95 -21.47 -33.42
CA THR J 170 -5.96 -20.67 -32.72
C THR J 170 -5.26 -21.49 -31.65
N ILE J 171 -4.02 -21.09 -31.37
CA ILE J 171 -3.19 -21.69 -30.33
C ILE J 171 -3.03 -20.69 -29.21
N ILE J 172 -3.33 -21.11 -27.98
CA ILE J 172 -3.23 -20.24 -26.82
C ILE J 172 -1.90 -20.48 -26.13
N VAL J 173 -1.15 -19.40 -25.93
CA VAL J 173 0.15 -19.45 -25.27
C VAL J 173 0.04 -18.67 -23.97
N CYS J 174 0.16 -19.35 -22.84
CA CYS J 174 0.03 -18.71 -21.54
C CYS J 174 1.13 -19.25 -20.63
N GLN J 175 1.08 -18.85 -19.35
CA GLN J 175 2.08 -19.24 -18.38
C GLN J 175 1.59 -20.30 -17.40
N THR J 176 0.49 -20.04 -16.71
CA THR J 176 -0.04 -21.03 -15.77
C THR J 176 -0.77 -22.14 -16.49
N PRO J 177 -0.74 -23.37 -15.96
CA PRO J 177 -1.40 -24.48 -16.64
C PRO J 177 -2.92 -24.41 -16.60
N VAL J 178 -3.51 -24.05 -17.72
CA VAL J 178 -4.95 -24.14 -17.90
C VAL J 178 -5.23 -25.38 -18.72
N ASP J 179 -6.24 -26.13 -18.29
CA ASP J 179 -6.63 -27.35 -18.99
C ASP J 179 -7.56 -26.99 -20.13
N MET J 180 -7.52 -27.79 -21.19
CA MET J 180 -8.30 -27.53 -22.39
C MET J 180 -9.69 -28.18 -22.26
N GLU J 181 -10.29 -27.89 -21.10
CA GLU J 181 -11.65 -28.30 -20.78
C GLU J 181 -12.40 -27.15 -20.10
N ASP J 182 -11.66 -26.30 -19.38
CA ASP J 182 -12.29 -25.14 -18.73
C ASP J 182 -12.78 -24.11 -19.73
N PHE J 183 -12.23 -24.12 -20.94
CA PHE J 183 -12.78 -23.28 -22.00
C PHE J 183 -14.14 -23.80 -22.46
N ALA J 184 -14.30 -25.13 -22.51
CA ALA J 184 -15.57 -25.72 -22.89
C ALA J 184 -16.64 -25.54 -21.81
N ALA J 185 -16.24 -25.26 -20.58
CA ALA J 185 -17.21 -25.05 -19.51
C ALA J 185 -18.00 -23.76 -19.70
N ILE J 186 -17.45 -22.79 -20.43
CA ILE J 186 -18.14 -21.55 -20.72
C ILE J 186 -18.58 -21.48 -22.18
N GLY J 187 -18.40 -22.56 -22.94
CA GLY J 187 -18.96 -22.64 -24.28
C GLY J 187 -18.01 -22.24 -25.40
N ILE J 188 -16.79 -22.77 -25.39
CA ILE J 188 -15.80 -22.50 -26.41
C ILE J 188 -15.54 -23.79 -27.17
N LYS J 189 -15.55 -23.71 -28.51
CA LYS J 189 -15.19 -24.85 -29.33
C LYS J 189 -13.75 -25.26 -29.08
N THR J 190 -13.50 -26.56 -29.07
CA THR J 190 -12.23 -27.11 -28.62
C THR J 190 -12.05 -28.48 -29.27
N LYS J 191 -10.81 -28.78 -29.67
CA LYS J 191 -10.54 -30.00 -30.44
C LYS J 191 -10.86 -31.26 -29.63
N ASN J 192 -10.52 -31.28 -28.35
CA ASN J 192 -10.69 -32.49 -27.55
C ASN J 192 -11.95 -32.49 -26.68
N VAL J 193 -12.35 -31.33 -26.16
CA VAL J 193 -13.48 -31.25 -25.22
C VAL J 193 -14.49 -30.27 -25.83
N MET J 194 -15.48 -30.82 -26.54
CA MET J 194 -16.50 -29.97 -27.14
C MET J 194 -17.55 -29.56 -26.11
N PRO J 195 -18.18 -28.40 -26.28
CA PRO J 195 -19.33 -28.05 -25.45
C PRO J 195 -20.65 -28.44 -26.10
N LEU J 196 -21.71 -28.61 -25.31
CA LEU J 196 -23.03 -28.87 -25.89
C LEU J 196 -23.57 -27.63 -26.59
N GLU J 197 -23.47 -26.48 -25.95
CA GLU J 197 -23.89 -25.21 -26.53
C GLU J 197 -22.64 -24.38 -26.78
N SER J 198 -22.16 -24.41 -28.02
CA SER J 198 -20.93 -23.71 -28.39
C SER J 198 -21.25 -22.25 -28.68
N LYS J 199 -20.64 -21.35 -27.92
CA LYS J 199 -20.86 -19.92 -28.06
C LYS J 199 -19.78 -19.23 -28.87
N THR J 200 -18.85 -19.99 -29.45
CA THR J 200 -17.78 -19.43 -30.28
C THR J 200 -17.77 -20.14 -31.63
N GLU J 201 -17.35 -19.41 -32.65
CA GLU J 201 -17.20 -19.99 -33.98
C GLU J 201 -15.77 -20.42 -34.27
N GLY J 202 -14.85 -20.23 -33.34
CA GLY J 202 -13.48 -20.68 -33.53
C GLY J 202 -13.09 -21.75 -32.54
N LYS J 203 -12.11 -22.57 -32.91
CA LYS J 203 -11.71 -23.74 -32.13
C LYS J 203 -10.32 -23.54 -31.56
N ILE J 204 -10.19 -23.72 -30.25
CA ILE J 204 -8.88 -23.79 -29.61
C ILE J 204 -8.25 -25.11 -30.00
N VAL J 205 -7.11 -25.05 -30.68
CA VAL J 205 -6.50 -26.25 -31.22
C VAL J 205 -5.34 -26.77 -30.37
N GLU J 206 -4.75 -25.94 -29.51
CA GLU J 206 -3.64 -26.34 -28.66
C GLU J 206 -3.48 -25.33 -27.54
N ILE J 207 -3.16 -25.83 -26.35
CA ILE J 207 -2.81 -25.00 -25.21
C ILE J 207 -1.34 -25.28 -24.88
N ILE J 208 -0.53 -24.22 -24.84
CA ILE J 208 0.89 -24.32 -24.53
C ILE J 208 1.16 -23.46 -23.30
N THR J 209 1.70 -24.08 -22.26
CA THR J 209 1.84 -23.48 -20.94
C THR J 209 3.32 -23.40 -20.59
N GLY J 210 3.73 -22.26 -20.03
CA GLY J 210 5.08 -22.11 -19.52
C GLY J 210 5.82 -20.95 -20.12
N VAL J 211 5.09 -20.03 -20.75
CA VAL J 211 5.67 -18.85 -21.38
C VAL J 211 5.27 -17.64 -20.55
N ILE J 212 6.26 -17.01 -19.93
CA ILE J 212 6.03 -15.89 -19.01
C ILE J 212 6.08 -14.59 -19.80
N ARG J 213 5.21 -13.65 -19.43
CA ARG J 213 5.19 -12.35 -20.07
C ARG J 213 6.47 -11.58 -19.72
N GLY J 214 6.96 -10.80 -20.68
CA GLY J 214 8.13 -9.98 -20.47
C GLY J 214 9.43 -10.73 -20.27
N GLU J 215 9.47 -12.02 -20.58
CA GLU J 215 10.66 -12.83 -20.38
C GLU J 215 11.00 -13.56 -21.68
N SER J 216 12.26 -13.95 -21.79
CA SER J 216 12.73 -14.64 -22.99
C SER J 216 12.19 -16.06 -23.03
N ALA J 217 11.50 -16.41 -24.11
CA ALA J 217 10.95 -17.75 -24.26
C ALA J 217 12.05 -18.72 -24.66
N PRO J 218 12.14 -19.89 -24.04
CA PRO J 218 13.20 -20.84 -24.38
C PRO J 218 12.94 -21.51 -25.73
N GLN J 219 13.97 -22.21 -26.20
CA GLN J 219 13.88 -22.90 -27.49
C GLN J 219 12.90 -24.06 -27.45
N LYS J 220 12.73 -24.70 -26.29
CA LYS J 220 11.81 -25.82 -26.18
C LYS J 220 10.37 -25.40 -26.39
N LYS J 221 9.97 -24.25 -25.82
CA LYS J 221 8.63 -23.73 -26.03
C LYS J 221 8.40 -23.37 -27.49
N ILE J 222 9.41 -22.78 -28.13
CA ILE J 222 9.32 -22.45 -29.56
C ILE J 222 9.17 -23.72 -30.39
N ASP J 223 9.88 -24.79 -30.00
CA ASP J 223 9.78 -26.06 -30.71
C ASP J 223 8.39 -26.68 -30.54
N GLU J 224 7.80 -26.58 -29.35
CA GLU J 224 6.43 -27.06 -29.15
C GLU J 224 5.44 -26.27 -30.00
N ILE J 225 5.61 -24.95 -30.07
CA ILE J 225 4.73 -24.11 -30.88
C ILE J 225 4.87 -24.48 -32.37
N ILE J 226 6.10 -24.69 -32.83
CA ILE J 226 6.35 -25.02 -34.23
C ILE J 226 5.75 -26.39 -34.57
N GLU J 227 5.92 -27.37 -33.68
CA GLU J 227 5.35 -28.69 -33.91
C GLU J 227 3.82 -28.64 -33.94
N SER J 228 3.21 -27.87 -33.04
CA SER J 228 1.76 -27.74 -33.04
C SER J 228 1.26 -27.05 -34.31
N ILE J 229 1.95 -26.00 -34.76
CA ILE J 229 1.55 -25.29 -35.97
C ILE J 229 1.69 -26.20 -37.19
N LYS J 230 2.77 -26.97 -37.26
CA LYS J 230 2.97 -27.87 -38.38
C LYS J 230 1.96 -29.02 -38.37
N LYS J 231 1.57 -29.50 -37.18
CA LYS J 231 0.62 -30.59 -37.11
C LYS J 231 -0.81 -30.12 -37.34
N HIS J 232 -1.07 -28.83 -37.13
CA HIS J 232 -2.43 -28.32 -37.26
C HIS J 232 -2.58 -27.30 -38.38
N LEU J 233 -1.60 -27.22 -39.28
CA LEU J 233 -1.67 -26.34 -40.44
C LEU J 233 -1.65 -27.09 -41.76
N GLY J 234 -0.82 -28.12 -41.89
CA GLY J 234 -0.75 -28.90 -43.10
C GLY J 234 -0.48 -30.37 -42.84
N MET K 1 -57.11 -7.93 36.92
CA MET K 1 -58.03 -6.82 36.74
C MET K 1 -57.67 -5.95 35.53
N LEU K 2 -58.26 -4.75 35.50
CA LEU K 2 -58.20 -3.84 34.35
C LEU K 2 -56.77 -3.47 33.99
N LEU K 3 -56.46 -3.55 32.69
CA LEU K 3 -55.14 -3.20 32.17
C LEU K 3 -55.09 -1.80 31.60
N LEU K 4 -55.96 -1.50 30.63
CA LEU K 4 -55.99 -0.17 30.05
C LEU K 4 -57.41 0.23 29.70
N GLU K 5 -57.69 1.51 29.85
CA GLU K 5 -58.96 2.11 29.44
C GLU K 5 -58.73 2.98 28.22
N VAL K 6 -59.81 3.18 27.46
CA VAL K 6 -59.81 4.07 26.31
C VAL K 6 -60.96 5.05 26.48
N LYS K 7 -60.64 6.32 26.71
CA LYS K 7 -61.66 7.35 26.80
C LYS K 7 -62.11 7.76 25.40
N ASN K 8 -63.04 8.69 25.32
CA ASN K 8 -63.64 9.10 24.05
C ASN K 8 -62.61 9.89 23.25
N VAL K 9 -61.87 9.19 22.39
CA VAL K 9 -60.76 9.77 21.63
C VAL K 9 -61.17 9.90 20.17
N SER K 10 -60.98 11.10 19.62
CA SER K 10 -61.25 11.37 18.20
C SER K 10 -59.96 11.87 17.57
N LYS K 11 -59.28 10.97 16.84
CA LYS K 11 -58.02 11.30 16.19
C LYS K 11 -58.28 11.92 14.83
N SER K 12 -57.68 13.08 14.59
CA SER K 12 -57.89 13.84 13.36
C SER K 12 -56.55 14.19 12.72
N TYR K 13 -56.56 14.34 11.39
CA TYR K 13 -55.30 14.60 10.65
C TYR K 13 -55.53 15.75 9.67
N GLY K 14 -55.79 16.96 10.18
CA GLY K 14 -56.10 18.09 9.28
C GLY K 14 -57.47 17.90 8.67
N ASP K 15 -58.53 18.12 9.45
CA ASP K 15 -59.92 17.90 8.96
C ASP K 15 -60.03 16.47 8.41
N THR K 16 -59.43 15.50 9.12
CA THR K 16 -59.50 14.08 8.70
C THR K 16 -59.67 13.21 9.94
N GLU K 17 -60.92 13.03 10.40
CA GLU K 17 -61.16 12.24 11.65
C GLU K 17 -60.92 10.76 11.36
N VAL K 18 -59.66 10.38 11.12
CA VAL K 18 -59.30 8.95 10.90
C VAL K 18 -60.06 8.11 11.93
N LEU K 19 -60.22 8.64 13.14
CA LEU K 19 -60.91 7.94 14.21
C LEU K 19 -61.76 8.92 15.00
N LYS K 20 -62.95 8.50 15.39
CA LYS K 20 -63.76 9.29 16.31
C LYS K 20 -64.63 8.35 17.13
N ASN K 21 -64.80 8.71 18.41
CA ASN K 21 -65.63 7.99 19.37
C ASN K 21 -65.20 6.53 19.49
N VAL K 22 -63.93 6.35 19.85
CA VAL K 22 -63.34 5.03 20.07
C VAL K 22 -63.12 4.86 21.57
N SER K 23 -63.65 3.77 22.12
CA SER K 23 -63.61 3.52 23.55
C SER K 23 -63.79 2.04 23.81
N PHE K 24 -62.83 1.42 24.48
CA PHE K 24 -62.96 0.03 24.90
C PHE K 24 -62.14 -0.17 26.16
N GLU K 25 -62.49 -1.23 26.89
CA GLU K 25 -61.83 -1.57 28.15
C GLU K 25 -61.29 -2.99 28.07
N LEU K 26 -60.12 -3.20 28.67
CA LEU K 26 -59.48 -4.50 28.72
C LEU K 26 -59.06 -4.81 30.15
N ASN K 27 -58.97 -6.10 30.46
CA ASN K 27 -58.50 -6.55 31.75
C ASN K 27 -57.18 -7.29 31.55
N GLU K 28 -56.74 -7.99 32.60
CA GLU K 28 -55.41 -8.61 32.62
C GLU K 28 -55.20 -9.57 31.45
N GLY K 29 -56.11 -10.52 31.26
CA GLY K 29 -55.99 -11.41 30.12
C GLY K 29 -57.25 -11.54 29.29
N ASP K 30 -57.21 -11.06 28.05
CA ASP K 30 -58.28 -11.20 27.08
C ASP K 30 -57.75 -10.83 25.71
N VAL K 31 -58.30 -11.45 24.68
CA VAL K 31 -57.97 -11.12 23.30
C VAL K 31 -59.04 -10.18 22.76
N MET K 32 -58.62 -9.02 22.26
CA MET K 32 -59.52 -8.06 21.65
C MET K 32 -59.27 -8.01 20.15
N GLY K 33 -60.32 -8.16 19.36
CA GLY K 33 -60.22 -8.08 17.92
C GLY K 33 -60.65 -6.70 17.42
N VAL K 34 -59.92 -6.21 16.41
CA VAL K 34 -60.26 -4.96 15.75
C VAL K 34 -60.56 -5.31 14.30
N LEU K 35 -61.83 -5.33 13.94
CA LEU K 35 -62.28 -5.77 12.62
C LEU K 35 -62.86 -4.59 11.88
N GLY K 36 -62.53 -4.49 10.59
CA GLY K 36 -63.04 -3.38 9.81
C GLY K 36 -62.56 -3.46 8.37
N ARG K 37 -62.98 -2.48 7.59
CA ARG K 37 -62.63 -2.40 6.18
C ARG K 37 -61.16 -1.96 6.03
N SER K 38 -60.69 -1.90 4.80
CA SER K 38 -59.36 -1.36 4.53
C SER K 38 -59.37 0.15 4.72
N GLY K 39 -58.36 0.65 5.45
CA GLY K 39 -58.31 2.06 5.77
C GLY K 39 -59.26 2.49 6.86
N ALA K 40 -59.80 1.55 7.64
CA ALA K 40 -60.73 1.90 8.70
C ALA K 40 -60.06 2.61 9.86
N GLY K 41 -58.78 2.31 10.12
CA GLY K 41 -58.08 2.96 11.20
C GLY K 41 -57.43 2.01 12.18
N LYS K 42 -57.25 0.75 11.77
CA LYS K 42 -56.69 -0.24 12.67
C LYS K 42 -55.21 -0.01 12.94
N SER K 43 -54.43 0.28 11.90
CA SER K 43 -53.01 0.54 12.08
C SER K 43 -52.79 1.85 12.84
N VAL K 44 -53.62 2.86 12.57
CA VAL K 44 -53.56 4.11 13.32
C VAL K 44 -53.87 3.86 14.79
N LEU K 45 -54.85 3.00 15.07
CA LEU K 45 -55.23 2.73 16.46
C LEU K 45 -54.15 1.91 17.17
N LEU K 46 -53.46 1.02 16.46
CA LEU K 46 -52.41 0.25 17.12
C LEU K 46 -51.16 1.09 17.35
N HIS K 47 -50.81 1.97 16.41
CA HIS K 47 -49.74 2.93 16.65
C HIS K 47 -50.14 3.93 17.73
N MET K 48 -51.44 4.19 17.85
CA MET K 48 -51.98 5.05 18.90
C MET K 48 -51.76 4.44 20.27
N LEU K 49 -52.11 3.15 20.41
CA LEU K 49 -51.90 2.44 21.67
C LEU K 49 -50.42 2.24 21.97
N ARG K 50 -49.60 2.04 20.93
CA ARG K 50 -48.16 1.93 21.11
C ARG K 50 -47.53 3.25 21.56
N GLY K 51 -48.10 4.38 21.18
CA GLY K 51 -47.54 5.66 21.54
C GLY K 51 -46.43 6.12 20.61
N MET K 52 -46.53 5.81 19.33
CA MET K 52 -45.53 6.24 18.36
C MET K 52 -45.72 7.73 18.04
N GLU K 53 -44.69 8.32 17.43
CA GLU K 53 -44.70 9.75 17.16
C GLU K 53 -45.71 10.09 16.08
N GLY K 54 -46.45 11.18 16.29
CA GLY K 54 -47.47 11.61 15.37
C GLY K 54 -48.85 11.03 15.61
N TYR K 55 -48.99 10.11 16.56
CA TYR K 55 -50.27 9.48 16.86
C TYR K 55 -50.85 9.95 18.19
N GLU K 56 -50.58 11.20 18.55
CA GLU K 56 -51.11 11.78 19.77
C GLU K 56 -52.58 12.15 19.59
N PRO K 57 -53.44 11.90 20.57
CA PRO K 57 -54.85 12.25 20.43
C PRO K 57 -55.09 13.75 20.43
N THR K 58 -56.20 14.13 19.82
CA THR K 58 -56.67 15.51 19.82
C THR K 58 -57.83 15.75 20.77
N SER K 59 -58.57 14.70 21.14
CA SER K 59 -59.76 14.83 21.98
C SER K 59 -59.67 14.04 23.28
N GLY K 60 -59.31 12.76 23.22
CA GLY K 60 -59.38 11.89 24.36
C GLY K 60 -58.01 11.48 24.88
N GLN K 61 -58.01 10.40 25.65
CA GLN K 61 -56.80 9.87 26.26
C GLN K 61 -56.99 8.38 26.51
N ILE K 62 -55.88 7.67 26.67
CA ILE K 62 -55.93 6.27 27.11
C ILE K 62 -55.05 6.15 28.36
N ILE K 63 -55.51 5.34 29.31
CA ILE K 63 -54.87 5.20 30.62
C ILE K 63 -54.22 3.83 30.64
N TYR K 64 -52.94 3.69 30.95
CA TYR K 64 -52.41 2.31 31.14
C TYR K 64 -52.20 2.14 32.64
N HIS K 65 -52.73 1.10 33.25
CA HIS K 65 -52.64 0.84 34.70
C HIS K 65 -51.66 -0.30 34.86
N VAL K 66 -50.51 -0.07 35.47
CA VAL K 66 -49.48 -1.16 35.49
C VAL K 66 -48.95 -1.42 36.90
N ALA K 67 -47.96 -2.28 37.03
CA ALA K 67 -47.27 -2.47 38.31
C ALA K 67 -45.95 -1.74 38.15
N TYR K 68 -45.17 -1.54 39.19
CA TYR K 68 -43.92 -0.78 38.96
C TYR K 68 -42.95 -0.85 40.12
N CYS K 69 -41.67 -0.86 39.80
CA CYS K 69 -40.63 -0.83 40.81
C CYS K 69 -39.91 0.51 40.77
N PRO K 70 -39.89 1.30 41.85
CA PRO K 70 -39.31 2.63 41.74
C PRO K 70 -37.76 2.56 41.77
N HIS K 71 -37.20 1.37 41.90
CA HIS K 71 -35.74 1.26 42.01
C HIS K 71 -35.20 0.42 40.88
N CYS K 72 -36.09 -0.04 40.01
CA CYS K 72 -35.64 -1.04 39.05
C CYS K 72 -36.17 -0.73 37.66
N GLU K 73 -37.22 0.11 37.60
CA GLU K 73 -37.90 0.49 36.36
C GLU K 73 -38.43 -0.70 35.57
N ASN K 74 -38.96 -1.70 36.27
CA ASN K 74 -39.62 -2.83 35.64
C ASN K 74 -41.13 -2.65 35.77
N VAL K 75 -41.84 -2.78 34.65
CA VAL K 75 -43.28 -2.40 34.67
C VAL K 75 -44.21 -3.58 35.00
N GLU K 76 -44.17 -4.74 34.36
CA GLU K 76 -45.02 -5.89 34.81
C GLU K 76 -46.50 -5.96 34.38
N ALA K 77 -47.35 -6.64 35.15
CA ALA K 77 -48.77 -6.78 34.85
C ALA K 77 -49.29 -6.07 36.09
N PRO K 78 -50.49 -5.43 36.07
CA PRO K 78 -51.08 -4.85 37.28
C PRO K 78 -51.31 -5.93 38.35
N SER K 79 -51.56 -7.17 37.93
CA SER K 79 -51.81 -8.25 38.88
C SER K 79 -50.65 -8.44 39.85
N GLN K 80 -49.46 -8.00 39.45
CA GLN K 80 -48.26 -8.14 40.28
C GLN K 80 -48.27 -7.21 41.50
N VAL K 81 -49.18 -6.24 41.52
CA VAL K 81 -49.30 -5.33 42.66
C VAL K 81 -49.82 -6.12 43.86
N GLY K 82 -48.93 -6.37 44.82
CA GLY K 82 -49.26 -7.23 45.94
C GLY K 82 -48.25 -8.36 46.08
N LYS K 83 -47.46 -8.58 45.02
CA LYS K 83 -46.46 -9.62 45.00
C LYS K 83 -45.07 -9.01 45.24
N LYS K 84 -44.04 -9.84 45.12
CA LYS K 84 -42.68 -9.48 45.50
C LYS K 84 -41.85 -9.26 44.24
N CYS K 85 -41.02 -8.21 44.26
CA CYS K 85 -40.24 -7.80 43.10
C CYS K 85 -39.16 -8.82 42.74
N GLU K 86 -38.50 -8.55 41.62
CA GLU K 86 -37.24 -9.22 41.27
C GLU K 86 -36.09 -8.36 41.78
N CYS K 87 -36.44 -7.37 42.60
CA CYS K 87 -35.52 -6.47 43.27
C CYS K 87 -36.04 -6.25 44.69
N GLU K 88 -35.50 -5.25 45.35
CA GLU K 88 -36.06 -4.86 46.66
C GLU K 88 -37.39 -4.15 46.36
N THR K 89 -38.08 -3.63 47.38
CA THR K 89 -39.33 -2.85 47.21
C THR K 89 -40.40 -3.93 47.02
N GLU K 90 -41.66 -3.52 46.96
CA GLU K 90 -42.67 -4.58 46.93
C GLU K 90 -43.19 -4.41 45.50
N TYR K 91 -43.98 -3.36 45.24
CA TYR K 91 -44.48 -2.84 43.95
C TYR K 91 -45.37 -1.63 44.19
N VAL K 92 -45.65 -0.93 43.11
CA VAL K 92 -46.55 0.24 43.23
C VAL K 92 -47.44 0.24 41.98
N ALA K 93 -48.70 0.63 42.12
CA ALA K 93 -49.62 0.62 40.98
C ALA K 93 -49.64 2.01 40.37
N LYS K 94 -49.50 2.10 39.04
CA LYS K 94 -49.43 3.43 38.38
C LYS K 94 -50.52 3.55 37.32
N SER K 95 -51.23 4.68 37.24
CA SER K 95 -52.21 4.87 36.13
C SER K 95 -51.52 5.65 35.01
N VAL K 96 -50.43 5.09 34.46
CA VAL K 96 -49.63 5.80 33.41
C VAL K 96 -50.70 6.32 32.45
N ASP K 97 -50.64 7.61 32.09
CA ASP K 97 -51.56 8.16 31.07
C ASP K 97 -50.55 8.44 29.95
N PHE K 98 -50.70 7.76 28.81
CA PHE K 98 -49.80 8.01 27.65
C PHE K 98 -50.01 9.45 27.16
N TRP K 99 -49.07 9.95 26.36
CA TRP K 99 -49.17 11.35 25.83
C TRP K 99 -49.26 12.34 27.00
N ASN K 100 -48.67 11.99 28.15
CA ASN K 100 -48.68 12.91 29.32
C ASN K 100 -47.27 12.93 29.92
N ASN K 101 -46.27 12.47 29.16
CA ASN K 101 -44.86 12.46 29.64
C ASN K 101 -44.81 11.92 31.06
N ASN K 102 -45.27 10.68 31.27
CA ASN K 102 -45.29 10.09 32.63
C ASN K 102 -44.14 9.08 32.76
N GLU K 103 -42.92 9.55 32.98
CA GLU K 103 -41.72 8.66 33.16
C GLU K 103 -42.04 7.21 32.79
N ILE K 104 -42.69 6.47 33.70
CA ILE K 104 -43.03 5.03 33.48
C ILE K 104 -43.29 4.79 31.98
N THR K 105 -43.94 5.74 31.31
CA THR K 105 -44.17 5.63 29.84
C THR K 105 -42.99 4.90 29.19
N TYR K 106 -41.77 5.40 29.39
CA TYR K 106 -40.56 4.78 28.79
C TYR K 106 -40.52 3.28 29.12
N ALA K 107 -40.53 2.94 30.41
CA ALA K 107 -40.47 1.52 30.83
C ALA K 107 -41.66 0.75 30.27
N LEU K 108 -42.86 1.33 30.36
CA LEU K 108 -44.08 0.67 29.84
C LEU K 108 -43.94 0.46 28.33
N LYS K 109 -43.46 1.49 27.62
CA LYS K 109 -43.27 1.39 26.14
C LYS K 109 -42.31 0.23 25.85
N LYS K 110 -41.29 0.04 26.69
CA LYS K 110 -40.36 -1.10 26.52
C LYS K 110 -41.12 -2.39 26.75
N LYS K 111 -42.13 -2.34 27.62
CA LYS K 111 -42.83 -3.60 27.97
C LYS K 111 -43.98 -3.88 27.01
N ILE K 112 -44.09 -3.11 25.94
CA ILE K 112 -45.20 -3.52 25.07
C ILE K 112 -44.65 -3.92 23.70
N ALA K 113 -45.22 -4.98 23.14
CA ALA K 113 -44.77 -5.52 21.87
C ALA K 113 -45.72 -5.13 20.76
N ILE K 114 -45.16 -4.88 19.57
CA ILE K 114 -45.96 -4.52 18.40
C ILE K 114 -45.46 -5.30 17.21
N MET K 115 -46.40 -5.86 16.45
CA MET K 115 -46.12 -6.49 15.16
C MET K 115 -46.55 -5.52 14.07
N LEU K 116 -45.58 -4.84 13.47
CA LEU K 116 -45.88 -3.81 12.47
C LEU K 116 -46.43 -4.44 11.19
N GLN K 117 -47.34 -3.72 10.56
CA GLN K 117 -47.97 -4.17 9.33
C GLN K 117 -47.02 -3.97 8.16
N ARG K 118 -46.64 -5.07 7.51
CA ARG K 118 -45.78 -5.09 6.32
C ARG K 118 -44.44 -4.41 6.58
N THR K 119 -43.90 -4.60 7.78
CA THR K 119 -42.60 -4.04 8.16
C THR K 119 -41.88 -5.07 9.02
N PHE K 120 -40.71 -5.51 8.58
CA PHE K 120 -39.97 -6.58 9.24
C PHE K 120 -38.93 -5.94 10.15
N ALA K 121 -39.24 -5.90 11.46
CA ALA K 121 -38.33 -5.34 12.46
C ALA K 121 -37.33 -6.40 12.89
N LEU K 122 -36.37 -6.65 12.01
CA LEU K 122 -35.30 -7.61 12.25
C LEU K 122 -33.98 -7.01 11.81
N TYR K 123 -32.89 -7.56 12.35
CA TYR K 123 -31.56 -7.00 12.08
C TYR K 123 -31.01 -7.38 10.71
N GLY K 124 -31.65 -8.29 9.99
CA GLY K 124 -31.26 -8.59 8.63
C GLY K 124 -30.02 -9.44 8.52
N GLU K 125 -28.88 -8.91 8.94
CA GLU K 125 -27.60 -9.58 8.83
C GLU K 125 -27.27 -10.45 10.04
N LYS K 126 -28.19 -10.56 11.00
CA LYS K 126 -27.95 -11.29 12.23
C LYS K 126 -28.61 -12.66 12.23
N THR K 127 -28.79 -13.27 11.05
CA THR K 127 -29.37 -14.59 10.85
C THR K 127 -30.79 -14.80 11.37
N VAL K 128 -31.07 -15.98 11.92
CA VAL K 128 -32.40 -16.26 12.47
C VAL K 128 -32.20 -16.46 13.96
N ALA K 129 -31.22 -17.30 14.31
CA ALA K 129 -30.96 -17.61 15.73
C ALA K 129 -30.58 -16.33 16.47
N GLU K 130 -29.53 -15.63 16.00
CA GLU K 130 -29.06 -14.42 16.73
C GLU K 130 -30.18 -13.38 16.80
N ASN K 131 -31.02 -13.29 15.76
CA ASN K 131 -32.17 -12.35 15.80
C ASN K 131 -33.05 -12.70 16.99
N ILE K 132 -33.43 -13.98 17.13
CA ILE K 132 -34.26 -14.43 18.28
C ILE K 132 -33.42 -14.36 19.56
N MET K 133 -32.18 -14.85 19.51
CA MET K 133 -31.27 -14.75 20.68
C MET K 133 -31.27 -13.30 21.15
N GLU K 134 -31.01 -12.35 20.24
CA GLU K 134 -31.06 -10.92 20.61
C GLU K 134 -32.33 -10.67 21.43
N ALA K 135 -33.49 -11.04 20.89
CA ALA K 135 -34.75 -10.74 21.62
C ALA K 135 -34.62 -11.18 23.07
N LEU K 136 -34.24 -12.44 23.30
CA LEU K 136 -34.10 -12.97 24.68
C LEU K 136 -33.10 -12.13 25.46
N THR K 137 -31.82 -12.16 25.07
CA THR K 137 -30.78 -11.38 25.76
C THR K 137 -31.29 -9.97 26.04
N ALA K 138 -31.73 -9.26 24.99
CA ALA K 138 -32.25 -7.88 25.16
C ALA K 138 -33.24 -7.84 26.32
N ALA K 139 -34.32 -8.62 26.22
CA ALA K 139 -35.33 -8.67 27.31
C ALA K 139 -34.87 -9.25 28.64
N GLY K 140 -33.79 -10.05 28.62
CA GLY K 140 -33.27 -10.67 29.85
C GLY K 140 -32.85 -12.11 29.71
N TYR K 141 -33.55 -13.03 30.39
CA TYR K 141 -33.23 -14.48 30.32
C TYR K 141 -31.75 -14.68 30.68
N GLU K 142 -31.12 -15.74 30.15
CA GLU K 142 -29.68 -16.01 30.41
C GLU K 142 -29.21 -17.13 29.47
N GLY K 143 -27.90 -17.28 29.31
CA GLY K 143 -27.35 -18.33 28.42
C GLY K 143 -28.29 -19.51 28.26
N LYS K 144 -28.48 -20.29 29.33
CA LYS K 144 -29.34 -21.51 29.25
C LYS K 144 -30.78 -21.08 28.94
N ASP K 145 -31.39 -20.27 29.80
CA ASP K 145 -32.79 -19.80 29.58
C ASP K 145 -32.95 -19.41 28.11
N ALA K 146 -32.15 -18.44 27.65
CA ALA K 146 -32.21 -18.02 26.24
C ALA K 146 -32.16 -19.25 25.33
N THR K 147 -31.08 -20.04 25.42
CA THR K 147 -30.93 -21.24 24.54
C THR K 147 -32.23 -22.05 24.54
N GLU K 148 -32.68 -22.50 25.73
CA GLU K 148 -33.95 -23.26 25.83
C GLU K 148 -35.02 -22.56 24.99
N TRP K 149 -35.36 -21.33 25.36
CA TRP K 149 -36.38 -20.56 24.62
C TRP K 149 -36.05 -20.55 23.13
N ALA K 150 -34.90 -19.96 22.75
CA ALA K 150 -34.51 -19.88 21.33
C ALA K 150 -34.96 -21.14 20.59
N LEU K 151 -34.55 -22.31 21.07
CA LEU K 151 -34.91 -23.59 20.39
C LEU K 151 -36.42 -23.82 20.50
N ASN K 152 -36.95 -23.84 21.72
CA ASN K 152 -38.43 -24.00 21.89
C ASN K 152 -39.16 -22.99 20.98
N LEU K 153 -38.60 -21.78 20.80
CA LEU K 153 -39.29 -20.73 20.02
C LEU K 153 -39.19 -21.02 18.52
N ILE K 154 -37.98 -21.28 18.01
CA ILE K 154 -37.80 -21.52 16.55
C ILE K 154 -38.74 -22.65 16.13
N LYS K 155 -39.06 -23.57 17.04
CA LYS K 155 -40.02 -24.66 16.74
C LYS K 155 -41.40 -24.06 16.49
N MET K 156 -41.87 -23.21 17.40
CA MET K 156 -43.23 -22.64 17.26
C MET K 156 -43.46 -21.95 15.92
N VAL K 157 -42.64 -20.97 15.51
CA VAL K 157 -42.95 -20.33 14.20
C VAL K 157 -42.42 -21.21 13.06
N LYS K 158 -41.93 -22.41 13.35
CA LYS K 158 -41.49 -23.38 12.32
C LYS K 158 -40.34 -22.82 11.46
N LEU K 159 -39.10 -22.91 11.96
CA LEU K 159 -37.96 -22.30 11.24
C LEU K 159 -36.74 -23.18 11.44
N GLU K 160 -36.91 -24.50 11.67
CA GLU K 160 -35.70 -25.29 11.94
C GLU K 160 -34.90 -25.54 10.68
N HIS K 161 -35.53 -25.41 9.51
CA HIS K 161 -34.80 -25.53 8.25
C HIS K 161 -33.99 -24.27 7.94
N ARG K 162 -34.28 -23.15 8.58
CA ARG K 162 -33.50 -21.92 8.46
C ARG K 162 -33.12 -21.46 9.87
N VAL K 163 -32.02 -21.98 10.39
CA VAL K 163 -31.51 -21.59 11.70
C VAL K 163 -30.29 -20.69 11.57
N ALA K 164 -29.27 -21.15 10.85
CA ALA K 164 -28.09 -20.34 10.55
C ALA K 164 -28.25 -19.50 9.30
N HIS K 165 -29.42 -19.59 8.64
CA HIS K 165 -29.68 -18.82 7.45
C HIS K 165 -29.80 -17.34 7.78
N ILE K 166 -29.21 -16.50 6.92
CA ILE K 166 -29.25 -15.05 7.13
C ILE K 166 -30.67 -14.56 6.90
N SER K 167 -31.20 -13.80 7.88
CA SER K 167 -32.58 -13.34 7.82
C SER K 167 -32.82 -12.33 6.71
N ARG K 168 -31.78 -11.68 6.20
CA ARG K 168 -31.95 -10.78 5.07
C ARG K 168 -32.27 -11.55 3.81
N ASP K 169 -31.76 -12.78 3.69
CA ASP K 169 -31.99 -13.63 2.54
C ASP K 169 -33.18 -14.56 2.73
N LEU K 170 -34.06 -14.26 3.69
CA LEU K 170 -35.26 -15.07 3.91
C LEU K 170 -36.33 -14.66 2.90
N SER K 171 -37.54 -15.19 3.08
CA SER K 171 -38.57 -15.09 2.05
C SER K 171 -39.91 -14.72 2.69
N GLY K 172 -40.18 -13.42 2.79
CA GLY K 172 -41.52 -12.94 3.09
C GLY K 172 -42.10 -13.37 4.42
N GLY K 173 -43.00 -14.36 4.35
CA GLY K 173 -43.58 -14.95 5.54
C GLY K 173 -42.58 -15.54 6.51
N GLU K 174 -41.45 -16.01 6.02
CA GLU K 174 -40.37 -16.46 6.91
C GLU K 174 -39.86 -15.31 7.77
N LYS K 175 -39.66 -14.14 7.15
CA LYS K 175 -39.31 -12.95 7.91
C LYS K 175 -40.44 -12.54 8.83
N GLN K 176 -41.70 -12.77 8.42
CA GLN K 176 -42.84 -12.46 9.27
C GLN K 176 -42.82 -13.29 10.56
N ARG K 177 -42.52 -14.57 10.41
CA ARG K 177 -42.46 -15.51 11.54
C ARG K 177 -41.24 -15.20 12.40
N VAL K 178 -40.14 -14.76 11.79
CA VAL K 178 -38.95 -14.36 12.54
C VAL K 178 -39.27 -13.13 13.41
N VAL K 179 -39.95 -12.14 12.83
CA VAL K 179 -40.34 -10.95 13.57
C VAL K 179 -41.31 -11.33 14.70
N LEU K 180 -42.23 -12.24 14.41
CA LEU K 180 -43.15 -12.75 15.43
C LEU K 180 -42.39 -13.37 16.61
N ALA K 181 -41.51 -14.33 16.32
CA ALA K 181 -40.76 -15.03 17.37
C ALA K 181 -39.87 -14.07 18.15
N ARG K 182 -39.41 -13.00 17.50
CA ARG K 182 -38.78 -11.92 18.24
C ARG K 182 -39.79 -11.21 19.14
N GLN K 183 -41.04 -11.11 18.70
CA GLN K 183 -42.02 -10.31 19.44
C GLN K 183 -42.65 -11.01 20.64
N ILE K 184 -42.81 -12.34 20.66
CA ILE K 184 -43.23 -12.95 21.93
C ILE K 184 -42.12 -12.82 22.96
N ALA K 185 -40.86 -12.99 22.55
CA ALA K 185 -39.75 -13.18 23.46
C ALA K 185 -39.29 -11.84 24.08
N LYS K 186 -40.22 -11.19 24.76
CA LYS K 186 -39.89 -10.05 25.60
C LYS K 186 -40.71 -9.97 26.88
N ASN K 187 -41.60 -10.93 27.13
CA ASN K 187 -42.58 -10.87 28.21
C ASN K 187 -43.34 -9.54 28.27
N PRO K 188 -44.21 -9.27 27.31
CA PRO K 188 -44.92 -7.98 27.29
C PRO K 188 -46.05 -7.94 28.30
N VAL K 189 -46.53 -6.72 28.53
CA VAL K 189 -47.76 -6.54 29.34
C VAL K 189 -48.90 -6.58 28.32
N ILE K 190 -48.63 -6.25 27.06
CA ILE K 190 -49.64 -6.25 25.97
C ILE K 190 -48.93 -6.55 24.68
N PHE K 191 -49.57 -7.33 23.84
CA PHE K 191 -49.06 -7.65 22.51
C PHE K 191 -50.04 -7.04 21.54
N LEU K 192 -49.70 -5.92 20.93
CA LEU K 192 -50.53 -5.33 19.86
C LEU K 192 -50.09 -5.99 18.53
N ALA K 193 -50.96 -6.75 17.89
CA ALA K 193 -50.60 -7.43 16.63
C ALA K 193 -51.35 -6.87 15.42
N ASP K 194 -50.63 -6.18 14.52
CA ASP K 194 -51.24 -5.66 13.28
C ASP K 194 -50.98 -6.67 12.18
N GLU K 195 -52.07 -7.30 11.75
CA GLU K 195 -52.05 -8.34 10.69
C GLU K 195 -50.93 -9.30 11.05
N PRO K 196 -51.10 -10.06 12.13
CA PRO K 196 -50.04 -10.95 12.62
C PRO K 196 -49.66 -12.09 11.66
N THR K 197 -50.59 -12.55 10.85
CA THR K 197 -50.31 -13.72 10.00
C THR K 197 -49.75 -13.22 8.68
N GLY K 198 -50.24 -12.10 8.17
CA GLY K 198 -49.64 -11.55 6.96
C GLY K 198 -50.33 -12.12 5.75
N THR K 199 -49.64 -12.13 4.62
CA THR K 199 -50.22 -12.78 3.42
C THR K 199 -49.74 -14.21 3.56
N LEU K 200 -50.07 -14.86 4.67
CA LEU K 200 -49.54 -16.21 4.93
C LEU K 200 -50.54 -17.26 4.46
N ASP K 201 -50.08 -18.39 3.98
CA ASP K 201 -50.96 -19.45 3.45
C ASP K 201 -51.67 -20.12 4.62
N PRO K 202 -52.89 -20.65 4.45
CA PRO K 202 -53.60 -21.38 5.51
C PRO K 202 -52.78 -22.14 6.56
N LYS K 203 -51.97 -23.09 6.13
CA LYS K 203 -51.20 -23.97 7.02
C LYS K 203 -50.24 -23.19 7.93
N THR K 204 -49.42 -22.35 7.32
CA THR K 204 -48.44 -21.56 8.10
C THR K 204 -49.19 -20.57 8.99
N ALA K 205 -50.31 -20.05 8.50
CA ALA K 205 -51.09 -19.13 9.32
C ALA K 205 -51.54 -19.87 10.57
N LYS K 206 -52.10 -21.07 10.42
CA LYS K 206 -52.48 -21.93 11.57
C LYS K 206 -51.30 -22.08 12.54
N PHE K 207 -50.09 -22.41 12.09
CA PHE K 207 -48.97 -22.47 13.07
C PHE K 207 -48.76 -21.16 13.79
N VAL K 208 -48.63 -20.08 13.04
CA VAL K 208 -48.52 -18.75 13.71
C VAL K 208 -49.60 -18.61 14.77
N HIS K 209 -50.83 -18.90 14.45
CA HIS K 209 -51.97 -18.68 15.37
C HIS K 209 -51.75 -19.51 16.62
N ASN K 210 -51.43 -20.78 16.46
CA ASN K 210 -51.29 -21.64 17.65
C ASN K 210 -50.11 -21.15 18.47
N ALA K 211 -49.00 -20.81 17.80
CA ALA K 211 -47.83 -20.25 18.50
C ALA K 211 -48.27 -19.06 19.36
N LEU K 212 -49.04 -18.14 18.77
CA LEU K 212 -49.53 -16.96 19.52
C LEU K 212 -50.25 -17.45 20.79
N THR K 213 -51.27 -18.28 20.63
CA THR K 213 -51.98 -18.85 21.81
C THR K 213 -50.96 -19.51 22.72
N GLU K 214 -50.28 -20.55 22.22
CA GLU K 214 -49.30 -21.30 23.05
C GLU K 214 -48.55 -20.33 23.97
N ALA K 215 -48.34 -19.08 23.54
CA ALA K 215 -47.49 -18.20 24.38
C ALA K 215 -48.30 -17.08 25.03
N VAL K 216 -48.75 -16.09 24.26
CA VAL K 216 -49.43 -14.92 24.86
C VAL K 216 -50.63 -15.31 25.72
N ILE K 217 -51.43 -16.28 25.29
CA ILE K 217 -52.64 -16.59 26.12
C ILE K 217 -52.22 -17.38 27.36
N LYS K 218 -51.07 -18.06 27.31
CA LYS K 218 -50.58 -18.79 28.50
C LYS K 218 -50.14 -17.78 29.57
N HIS K 219 -49.39 -16.75 29.16
CA HIS K 219 -48.89 -15.75 30.12
C HIS K 219 -49.97 -14.68 30.34
N ASN K 220 -51.24 -15.02 30.09
CA ASN K 220 -52.38 -14.08 30.26
C ASN K 220 -51.95 -12.65 29.87
N ILE K 221 -51.28 -12.50 28.72
CA ILE K 221 -50.93 -11.14 28.23
C ILE K 221 -52.09 -10.69 27.35
N ALA K 222 -52.71 -9.54 27.65
CA ALA K 222 -53.80 -9.08 26.80
C ALA K 222 -53.34 -8.96 25.34
N MET K 223 -54.25 -9.26 24.42
CA MET K 223 -53.97 -9.26 22.99
C MET K 223 -54.86 -8.25 22.30
N VAL K 224 -54.27 -7.35 21.53
CA VAL K 224 -55.00 -6.51 20.59
C VAL K 224 -54.57 -6.90 19.18
N ILE K 225 -55.42 -7.64 18.49
CA ILE K 225 -55.12 -8.19 17.18
C ILE K 225 -56.17 -7.69 16.20
N THR K 226 -55.66 -7.27 15.02
CA THR K 226 -56.48 -6.77 13.91
C THR K 226 -56.37 -7.80 12.79
N SER K 227 -57.41 -7.93 11.97
CA SER K 227 -57.28 -8.84 10.82
C SER K 227 -58.60 -8.28 10.30
N HIS K 228 -58.86 -8.22 9.00
CA HIS K 228 -60.07 -7.48 8.53
C HIS K 228 -60.31 -8.81 7.77
N TRP K 229 -59.69 -9.94 8.16
CA TRP K 229 -59.85 -11.30 7.56
C TRP K 229 -60.43 -11.92 8.83
N PRO K 230 -61.75 -12.18 8.96
CA PRO K 230 -62.41 -12.66 10.19
C PRO K 230 -61.97 -14.04 10.75
N GLU K 231 -62.08 -15.15 10.03
CA GLU K 231 -61.79 -16.52 10.57
C GLU K 231 -60.74 -16.65 11.69
N VAL K 232 -59.96 -15.58 11.92
CA VAL K 232 -58.82 -15.61 12.88
C VAL K 232 -59.52 -14.84 14.01
N ILE K 233 -60.05 -13.64 13.73
CA ILE K 233 -60.69 -12.82 14.79
C ILE K 233 -61.53 -13.77 15.67
N GLU K 234 -62.32 -14.64 15.05
CA GLU K 234 -63.13 -15.61 15.81
C GLU K 234 -62.22 -16.62 16.52
N GLU K 235 -61.35 -17.33 15.79
CA GLU K 235 -60.58 -18.40 16.44
C GLU K 235 -59.60 -17.88 17.49
N LEU K 236 -59.51 -16.56 17.67
CA LEU K 236 -58.51 -16.00 18.61
C LEU K 236 -59.20 -15.11 19.65
N CYS K 237 -59.98 -14.13 19.20
CA CYS K 237 -60.58 -13.15 20.15
C CYS K 237 -61.91 -13.64 20.72
N GLN K 238 -62.27 -13.16 21.90
CA GLN K 238 -63.57 -13.52 22.53
C GLN K 238 -64.43 -12.25 22.52
N LYS K 239 -63.78 -11.09 22.58
CA LYS K 239 -64.50 -9.79 22.54
C LYS K 239 -63.91 -8.96 21.40
N ALA K 240 -64.70 -8.64 20.38
CA ALA K 240 -64.13 -7.94 19.21
C ALA K 240 -65.00 -6.75 18.82
N ILE K 241 -64.37 -5.67 18.33
CA ILE K 241 -65.13 -4.53 17.85
C ILE K 241 -65.11 -4.53 16.33
N TRP K 242 -66.15 -3.94 15.74
CA TRP K 242 -66.23 -3.72 14.30
C TRP K 242 -66.38 -2.22 14.09
N LEU K 243 -65.39 -1.61 13.45
CA LEU K 243 -65.42 -0.19 13.17
C LEU K 243 -65.53 0.05 11.67
N ASP K 244 -66.12 1.16 11.26
CA ASP K 244 -66.19 1.43 9.82
C ASP K 244 -65.76 2.87 9.59
N LYS K 245 -64.66 3.05 8.88
CA LYS K 245 -64.11 4.41 8.64
C LYS K 245 -63.88 5.12 9.97
N GLY K 246 -63.27 4.44 10.95
CA GLY K 246 -62.88 5.11 12.21
C GLY K 246 -63.95 5.22 13.24
N GLU K 247 -65.09 4.64 12.99
CA GLU K 247 -66.21 4.75 13.94
C GLU K 247 -66.58 3.34 14.28
N MET K 248 -66.78 3.06 15.54
CA MET K 248 -67.12 1.70 16.01
C MET K 248 -68.54 1.35 15.56
N ARG K 249 -68.69 0.57 14.50
CA ARG K 249 -70.03 0.23 13.96
C ARG K 249 -70.68 -0.74 14.93
N LEU K 250 -69.90 -1.32 15.82
CA LEU K 250 -70.43 -2.36 16.73
C LEU K 250 -69.36 -2.64 17.76
N VAL K 251 -69.76 -3.07 18.95
CA VAL K 251 -68.78 -3.51 19.99
C VAL K 251 -69.45 -4.70 20.67
N GLY K 252 -69.01 -5.92 20.37
CA GLY K 252 -69.71 -7.06 20.96
C GLY K 252 -68.86 -8.28 21.19
N GLU K 253 -69.50 -9.41 21.46
CA GLU K 253 -68.78 -10.68 21.62
C GLU K 253 -68.25 -10.91 20.23
N SER K 254 -67.06 -11.44 20.16
CA SER K 254 -66.47 -11.61 18.81
C SER K 254 -67.36 -12.42 17.85
N LYS K 255 -68.07 -13.41 18.33
CA LYS K 255 -68.82 -14.23 17.35
C LYS K 255 -69.89 -13.40 16.63
N HIS K 256 -70.73 -12.75 17.40
CA HIS K 256 -71.80 -11.94 16.80
C HIS K 256 -71.16 -10.92 15.87
N VAL K 257 -70.06 -10.32 16.31
CA VAL K 257 -69.48 -9.19 15.53
C VAL K 257 -69.03 -9.74 14.21
N VAL K 258 -68.33 -10.86 14.22
CA VAL K 258 -67.80 -11.39 12.93
C VAL K 258 -69.01 -11.69 12.05
N GLU K 259 -70.03 -12.33 12.59
CA GLU K 259 -71.26 -12.60 11.79
C GLU K 259 -71.73 -11.34 11.08
N GLU K 260 -72.06 -10.34 11.90
CA GLU K 260 -72.58 -9.08 11.35
C GLU K 260 -71.66 -8.57 10.26
N PHE K 261 -70.35 -8.47 10.52
CA PHE K 261 -69.36 -7.97 9.53
C PHE K 261 -69.48 -8.75 8.22
N MET K 262 -69.40 -10.07 8.28
CA MET K 262 -69.47 -10.92 7.06
C MET K 262 -70.75 -10.73 6.27
N LYS K 263 -71.88 -10.52 6.95
CA LYS K 263 -73.09 -10.19 6.15
C LYS K 263 -72.74 -9.01 5.24
N THR K 264 -72.30 -7.85 5.76
CA THR K 264 -71.82 -6.69 4.96
C THR K 264 -70.75 -7.52 4.26
N VAL K 265 -70.72 -7.50 2.93
CA VAL K 265 -69.70 -8.24 2.14
C VAL K 265 -70.26 -8.25 0.73
N THR K 266 -69.60 -8.91 -0.22
CA THR K 266 -70.15 -9.11 -1.59
C THR K 266 -69.51 -10.37 -2.14
N SER K 267 -70.15 -10.99 -3.12
CA SER K 267 -69.62 -12.21 -3.75
C SER K 267 -68.74 -11.80 -4.94
N MET K 268 -68.14 -12.76 -5.61
CA MET K 268 -67.18 -12.40 -6.70
C MET K 268 -67.93 -12.04 -7.97
N LYS K 269 -67.20 -11.77 -9.05
CA LYS K 269 -67.93 -11.27 -10.23
C LYS K 269 -67.78 -12.25 -11.37
N GLU K 270 -67.40 -13.51 -11.08
CA GLU K 270 -67.14 -14.53 -12.14
C GLU K 270 -67.26 -13.88 -13.51
N PHE K 271 -66.14 -13.47 -14.08
CA PHE K 271 -66.13 -12.79 -15.38
C PHE K 271 -66.48 -13.76 -16.51
N GLU K 272 -66.58 -13.23 -17.73
CA GLU K 272 -66.86 -14.07 -18.92
C GLU K 272 -65.59 -14.83 -19.32
N LYS K 273 -65.74 -15.89 -20.11
CA LYS K 273 -64.57 -16.66 -20.57
C LYS K 273 -63.78 -15.84 -21.57
N VAL K 274 -62.64 -16.32 -22.02
CA VAL K 274 -61.64 -15.53 -22.81
C VAL K 274 -60.95 -16.70 -23.50
N GLU K 275 -60.39 -16.48 -24.67
CA GLU K 275 -59.66 -17.63 -25.27
C GLU K 275 -58.30 -16.94 -25.17
N VAL K 276 -57.24 -17.74 -25.14
CA VAL K 276 -55.90 -17.16 -24.91
C VAL K 276 -55.27 -17.18 -26.28
N LYS K 277 -54.01 -16.83 -26.42
CA LYS K 277 -53.47 -16.75 -27.80
C LYS K 277 -52.01 -17.09 -28.04
N ASP K 278 -51.57 -18.35 -28.04
CA ASP K 278 -50.18 -18.75 -28.44
C ASP K 278 -49.34 -18.72 -27.17
N GLU K 279 -48.12 -19.22 -27.22
CA GLU K 279 -47.27 -19.35 -26.03
C GLU K 279 -46.41 -18.11 -26.14
N LEU K 280 -46.10 -17.48 -25.02
CA LEU K 280 -45.27 -16.26 -24.99
C LEU K 280 -43.98 -16.61 -24.27
N LEU K 281 -44.06 -17.30 -23.16
CA LEU K 281 -42.88 -17.63 -22.35
C LEU K 281 -42.73 -19.14 -22.33
N LYS K 282 -41.53 -19.62 -22.27
CA LYS K 282 -41.24 -21.06 -22.18
C LYS K 282 -40.00 -21.16 -21.29
N LEU K 283 -40.13 -21.70 -20.09
CA LEU K 283 -38.98 -21.97 -19.20
C LEU K 283 -38.76 -23.47 -19.24
N GLU K 284 -37.53 -23.95 -19.40
CA GLU K 284 -37.30 -25.39 -19.61
C GLU K 284 -36.72 -26.10 -18.39
N ASN K 285 -35.50 -25.89 -17.99
CA ASN K 285 -35.10 -26.65 -16.77
C ASN K 285 -34.58 -25.64 -15.78
N VAL K 286 -35.44 -24.75 -15.35
CA VAL K 286 -34.98 -23.60 -14.55
C VAL K 286 -34.68 -24.04 -13.13
N GLU K 287 -33.48 -23.74 -12.69
CA GLU K 287 -33.01 -24.13 -11.36
C GLU K 287 -32.49 -22.85 -10.75
N LYS K 288 -32.54 -22.69 -9.45
CA LYS K 288 -31.92 -21.55 -8.76
C LYS K 288 -31.40 -22.07 -7.44
N ARG K 289 -30.10 -22.10 -7.26
CA ARG K 289 -29.50 -22.66 -6.04
C ARG K 289 -28.75 -21.56 -5.32
N TYR K 290 -28.95 -21.44 -4.02
CA TYR K 290 -28.21 -20.46 -3.21
C TYR K 290 -27.21 -21.23 -2.35
N VAL K 291 -25.98 -21.41 -2.85
CA VAL K 291 -24.92 -22.18 -2.14
C VAL K 291 -24.17 -21.31 -1.15
N SER K 292 -23.94 -21.83 0.04
CA SER K 292 -23.13 -21.13 1.07
C SER K 292 -22.03 -22.07 1.54
N VAL K 293 -20.89 -21.53 1.91
CA VAL K 293 -19.79 -22.36 2.46
C VAL K 293 -20.09 -22.57 3.94
N ASP K 294 -21.22 -22.05 4.42
CA ASP K 294 -21.55 -22.11 5.87
C ASP K 294 -23.01 -22.51 6.16
N ARG K 295 -23.85 -22.85 5.18
CA ARG K 295 -25.24 -23.24 5.57
C ARG K 295 -25.86 -24.33 4.70
N GLY K 296 -25.17 -24.73 3.64
CA GLY K 296 -25.72 -25.74 2.72
C GLY K 296 -26.27 -25.11 1.46
N ILE K 297 -26.84 -25.93 0.59
CA ILE K 297 -27.46 -25.41 -0.64
C ILE K 297 -28.95 -25.21 -0.38
N VAL K 298 -29.52 -24.11 -0.83
CA VAL K 298 -30.99 -23.92 -0.80
C VAL K 298 -31.38 -23.96 -2.27
N LYS K 299 -31.85 -25.09 -2.77
CA LYS K 299 -32.35 -25.21 -4.16
C LYS K 299 -33.73 -24.56 -4.25
N ALA K 300 -33.85 -23.23 -4.28
CA ALA K 300 -35.12 -22.45 -4.36
C ALA K 300 -36.02 -22.92 -5.48
N VAL K 301 -35.55 -22.91 -6.72
CA VAL K 301 -36.31 -23.50 -7.86
C VAL K 301 -35.46 -24.71 -8.20
N ASP K 302 -36.07 -25.88 -8.34
CA ASP K 302 -35.29 -27.12 -8.54
C ASP K 302 -35.55 -27.80 -9.87
N GLY K 303 -35.84 -27.08 -10.93
CA GLY K 303 -35.95 -27.78 -12.23
C GLY K 303 -37.41 -27.43 -12.31
N ILE K 304 -37.77 -26.63 -13.29
CA ILE K 304 -39.15 -26.10 -13.40
C ILE K 304 -39.29 -25.94 -14.90
N ASP K 305 -40.27 -26.61 -15.49
CA ASP K 305 -40.66 -26.40 -16.89
C ASP K 305 -42.07 -25.82 -16.85
N VAL K 306 -42.28 -24.60 -17.30
CA VAL K 306 -43.64 -24.01 -17.40
C VAL K 306 -43.77 -23.38 -18.78
N SER K 307 -45.00 -23.10 -19.21
CA SER K 307 -45.27 -22.38 -20.47
C SER K 307 -46.45 -21.43 -20.19
N ILE K 308 -46.40 -20.20 -20.65
CA ILE K 308 -47.57 -19.30 -20.52
C ILE K 308 -48.05 -19.08 -21.94
N ASN K 309 -49.36 -18.98 -22.16
CA ASN K 309 -49.92 -19.00 -23.53
C ASN K 309 -50.37 -17.64 -24.04
N GLU K 310 -49.89 -16.52 -23.50
CA GLU K 310 -50.17 -15.17 -24.10
C GLU K 310 -51.34 -14.55 -23.40
N LYS K 311 -52.38 -14.18 -24.11
CA LYS K 311 -53.26 -13.46 -23.21
C LYS K 311 -53.96 -14.46 -22.30
N GLU K 312 -53.45 -14.59 -21.07
CA GLU K 312 -54.02 -15.49 -20.08
C GLU K 312 -53.53 -15.06 -18.71
N ILE K 313 -54.28 -15.50 -17.69
CA ILE K 313 -53.91 -15.25 -16.29
C ILE K 313 -53.42 -16.58 -15.72
N PHE K 314 -52.15 -16.61 -15.32
CA PHE K 314 -51.52 -17.81 -14.82
C PHE K 314 -51.34 -17.68 -13.31
N GLY K 315 -51.72 -18.72 -12.58
CA GLY K 315 -51.60 -18.74 -11.13
C GLY K 315 -50.43 -19.58 -10.65
N LEU K 316 -49.85 -19.18 -9.53
CA LEU K 316 -48.80 -19.93 -8.86
C LEU K 316 -49.14 -20.00 -7.38
N VAL K 317 -49.68 -21.14 -6.95
CA VAL K 317 -50.08 -21.36 -5.57
C VAL K 317 -49.11 -22.33 -4.93
N GLY K 318 -48.98 -22.25 -3.62
CA GLY K 318 -48.07 -23.13 -2.91
C GLY K 318 -48.00 -22.78 -1.45
N VAL K 319 -47.03 -23.38 -0.77
CA VAL K 319 -46.80 -23.12 0.63
C VAL K 319 -45.67 -22.10 0.74
N SER K 320 -45.48 -21.53 1.93
CA SER K 320 -44.43 -20.56 2.15
C SER K 320 -43.06 -21.21 2.01
N GLY K 321 -42.17 -20.54 1.26
CA GLY K 321 -40.85 -21.07 0.99
C GLY K 321 -40.77 -22.05 -0.15
N ALA K 322 -41.84 -22.20 -0.94
CA ALA K 322 -41.82 -23.17 -2.03
C ALA K 322 -40.92 -22.73 -3.17
N GLY K 323 -40.84 -21.43 -3.41
CA GLY K 323 -40.01 -20.92 -4.50
C GLY K 323 -40.78 -20.09 -5.50
N LYS K 324 -41.90 -19.50 -5.07
CA LYS K 324 -42.73 -18.72 -5.99
C LYS K 324 -42.10 -17.38 -6.32
N THR K 325 -41.56 -16.69 -5.31
CA THR K 325 -40.95 -15.38 -5.55
C THR K 325 -39.67 -15.51 -6.37
N THR K 326 -38.88 -16.55 -6.11
CA THR K 326 -37.69 -16.80 -6.91
C THR K 326 -38.05 -17.08 -8.37
N LEU K 327 -39.10 -17.88 -8.59
CA LEU K 327 -39.59 -18.14 -9.94
C LEU K 327 -40.05 -16.86 -10.62
N SER K 328 -40.84 -16.03 -9.92
CA SER K 328 -41.37 -14.81 -10.52
C SER K 328 -40.26 -13.81 -10.82
N LYS K 329 -39.21 -13.79 -9.99
CA LYS K 329 -38.07 -12.93 -10.28
C LYS K 329 -37.26 -13.47 -11.45
N ILE K 330 -37.24 -14.79 -11.65
CA ILE K 330 -36.61 -15.35 -12.83
C ILE K 330 -37.40 -14.99 -14.09
N ILE K 331 -38.73 -14.97 -14.00
CA ILE K 331 -39.56 -14.62 -15.16
C ILE K 331 -39.35 -13.16 -15.53
N ALA K 332 -39.29 -12.27 -14.54
CA ALA K 332 -39.17 -10.84 -14.77
C ALA K 332 -37.76 -10.41 -15.15
N ALA K 333 -36.84 -11.36 -15.37
CA ALA K 333 -35.44 -11.11 -15.71
C ALA K 333 -34.75 -10.24 -14.66
N VAL K 334 -35.10 -10.47 -13.40
CA VAL K 334 -34.47 -9.80 -12.27
C VAL K 334 -33.36 -10.65 -11.67
N ILE K 335 -33.65 -11.92 -11.42
CA ILE K 335 -32.70 -12.87 -10.84
C ILE K 335 -32.36 -13.89 -11.92
N PRO K 336 -31.11 -13.97 -12.36
CA PRO K 336 -30.74 -14.97 -13.37
C PRO K 336 -30.77 -16.37 -12.81
N PRO K 337 -31.14 -17.37 -13.61
CA PRO K 337 -31.10 -18.75 -13.14
C PRO K 337 -29.69 -19.32 -13.17
N SER K 338 -29.50 -20.23 -12.23
CA SER K 338 -28.23 -20.93 -12.09
C SER K 338 -28.11 -21.84 -13.31
N LYS K 339 -29.23 -22.37 -13.77
CA LYS K 339 -29.27 -23.26 -14.93
C LYS K 339 -30.64 -23.17 -15.57
N GLY K 340 -30.74 -23.50 -16.85
CA GLY K 340 -32.06 -23.61 -17.48
C GLY K 340 -32.32 -22.58 -18.55
N ASN K 341 -33.28 -22.85 -19.42
CA ASN K 341 -33.57 -21.97 -20.56
C ASN K 341 -34.83 -21.15 -20.33
N TYR K 342 -34.85 -19.93 -20.82
CA TYR K 342 -36.06 -19.10 -20.76
C TYR K 342 -36.08 -18.38 -22.10
N GLU K 343 -37.12 -18.58 -22.89
CA GLU K 343 -37.27 -17.81 -24.13
C GLU K 343 -38.61 -17.07 -24.09
N PHE K 344 -38.62 -15.82 -24.56
CA PHE K 344 -39.86 -15.00 -24.58
C PHE K 344 -40.21 -14.74 -26.05
N ARG K 345 -41.36 -15.26 -26.50
CA ARG K 345 -41.81 -14.96 -27.88
C ARG K 345 -42.23 -13.49 -27.96
N LEU K 346 -41.29 -12.60 -28.30
CA LEU K 346 -41.63 -11.16 -28.44
C LEU K 346 -42.85 -11.04 -29.35
N ALA K 347 -42.77 -11.58 -30.57
CA ALA K 347 -43.93 -11.57 -31.49
C ALA K 347 -43.90 -12.90 -32.27
N ASP K 348 -42.70 -13.44 -32.51
CA ASP K 348 -42.55 -14.72 -33.23
C ASP K 348 -41.13 -15.24 -33.04
N GLU K 349 -40.25 -14.40 -32.48
CA GLU K 349 -38.84 -14.78 -32.24
C GLU K 349 -38.76 -15.02 -30.74
N TRP K 350 -38.03 -16.06 -30.33
CA TRP K 350 -37.90 -16.38 -28.88
C TRP K 350 -36.52 -15.94 -28.39
N VAL K 351 -36.44 -14.75 -27.78
CA VAL K 351 -35.13 -14.21 -27.32
C VAL K 351 -34.58 -15.08 -26.19
N ASP K 352 -33.36 -15.60 -26.33
CA ASP K 352 -32.78 -16.34 -25.19
C ASP K 352 -32.63 -15.28 -24.10
N MET K 353 -33.43 -15.36 -23.05
CA MET K 353 -33.19 -14.45 -21.91
C MET K 353 -32.26 -14.60 -20.70
N THR K 354 -31.44 -15.63 -20.63
CA THR K 354 -30.50 -15.65 -19.48
C THR K 354 -29.27 -14.98 -20.12
N LYS K 355 -29.47 -13.92 -20.91
CA LYS K 355 -28.35 -13.15 -21.51
C LYS K 355 -28.66 -11.67 -21.26
N VAL K 356 -27.83 -11.00 -20.46
CA VAL K 356 -28.12 -9.59 -20.10
C VAL K 356 -27.84 -8.66 -21.27
N GLY K 357 -28.53 -7.53 -21.34
CA GLY K 357 -28.24 -6.54 -22.39
C GLY K 357 -29.46 -6.14 -23.19
N PRO K 358 -29.44 -4.96 -23.86
CA PRO K 358 -30.56 -4.57 -24.71
C PRO K 358 -30.70 -5.49 -25.92
N LEU K 359 -29.59 -6.00 -26.46
CA LEU K 359 -29.61 -6.93 -27.62
C LEU K 359 -30.28 -8.24 -27.24
N TYR K 360 -30.43 -8.52 -25.94
CA TYR K 360 -31.03 -9.80 -25.49
C TYR K 360 -32.15 -10.08 -24.47
N ARG K 361 -32.03 -9.55 -23.26
CA ARG K 361 -33.02 -9.82 -22.19
C ARG K 361 -33.77 -8.49 -22.36
N GLY K 362 -33.04 -7.37 -22.37
CA GLY K 362 -33.68 -6.04 -22.49
C GLY K 362 -34.86 -6.04 -23.45
N ARG K 363 -34.68 -6.62 -24.64
CA ARG K 363 -35.76 -6.66 -25.66
C ARG K 363 -37.12 -6.94 -24.98
N ALA K 364 -37.21 -8.03 -24.21
CA ALA K 364 -38.49 -8.37 -23.61
C ALA K 364 -38.74 -7.62 -22.32
N LYS K 365 -37.69 -7.09 -21.67
CA LYS K 365 -37.85 -6.44 -20.38
C LYS K 365 -38.53 -5.09 -20.46
N ARG K 366 -38.67 -4.52 -21.67
CA ARG K 366 -39.45 -3.30 -21.81
C ARG K 366 -40.92 -3.55 -21.53
N TYR K 367 -41.42 -4.74 -21.86
CA TYR K 367 -42.82 -5.07 -21.70
C TYR K 367 -43.08 -6.00 -20.52
N ILE K 368 -42.11 -6.12 -19.61
CA ILE K 368 -42.27 -6.92 -18.40
C ILE K 368 -42.32 -5.98 -17.20
N GLY K 369 -43.41 -6.05 -16.46
CA GLY K 369 -43.56 -5.31 -15.21
C GLY K 369 -43.81 -6.27 -14.07
N MET K 370 -43.18 -6.00 -12.93
CA MET K 370 -43.29 -6.87 -11.77
C MET K 370 -43.70 -6.05 -10.56
N LEU K 371 -44.73 -6.51 -9.86
CA LEU K 371 -45.07 -6.00 -8.53
C LEU K 371 -44.49 -6.97 -7.50
N PHE K 372 -43.59 -6.48 -6.66
CA PHE K 372 -42.88 -7.34 -5.74
C PHE K 372 -43.72 -7.64 -4.50
N GLN K 373 -43.44 -8.78 -3.89
CA GLN K 373 -44.09 -9.12 -2.62
C GLN K 373 -43.68 -8.15 -1.53
N GLU K 374 -42.39 -7.80 -1.49
CA GLU K 374 -41.89 -6.73 -0.62
C GLU K 374 -41.74 -5.48 -1.47
N TYR K 375 -42.87 -4.81 -1.69
CA TYR K 375 -42.94 -3.63 -2.56
C TYR K 375 -42.50 -2.39 -1.81
N SER K 376 -42.26 -1.32 -2.56
CA SER K 376 -42.00 -0.01 -1.98
C SER K 376 -42.37 1.07 -2.98
N LEU K 377 -42.55 2.27 -2.47
CA LEU K 377 -42.74 3.48 -3.25
C LEU K 377 -41.59 4.43 -2.95
N TYR K 378 -41.70 5.66 -3.45
CA TYR K 378 -40.71 6.67 -3.11
C TYR K 378 -41.30 7.57 -2.04
N PRO K 379 -40.84 7.48 -0.79
CA PRO K 379 -41.51 8.21 0.31
C PRO K 379 -41.32 9.70 0.26
N HIS K 380 -40.29 10.19 -0.42
CA HIS K 380 -40.05 11.63 -0.53
C HIS K 380 -40.85 12.26 -1.65
N ARG K 381 -41.52 11.46 -2.49
CA ARG K 381 -42.35 11.96 -3.58
C ARG K 381 -43.82 11.81 -3.22
N THR K 382 -44.66 12.58 -3.91
CA THR K 382 -46.10 12.44 -3.74
C THR K 382 -46.59 11.21 -4.50
N ILE K 383 -47.88 10.91 -4.32
CA ILE K 383 -48.50 9.80 -5.05
C ILE K 383 -48.54 10.10 -6.54
N LEU K 384 -48.91 11.33 -6.90
CA LEU K 384 -48.92 11.74 -8.31
C LEU K 384 -47.53 11.63 -8.93
N TYR K 385 -46.51 12.07 -8.19
CA TYR K 385 -45.14 11.92 -8.65
C TYR K 385 -44.76 10.45 -8.77
N ASN K 386 -45.27 9.60 -7.87
CA ASN K 386 -44.97 8.18 -7.92
C ASN K 386 -45.55 7.51 -9.15
N LEU K 387 -46.80 7.81 -9.51
CA LEU K 387 -47.35 7.27 -10.74
C LEU K 387 -46.76 7.87 -12.01
N THR K 388 -46.44 9.17 -12.02
CA THR K 388 -46.11 9.83 -13.27
C THR K 388 -44.62 10.18 -13.42
N GLU K 389 -44.05 10.94 -12.49
CA GLU K 389 -42.70 11.46 -12.70
C GLU K 389 -41.60 10.54 -12.18
N SER K 390 -41.88 9.68 -11.20
CA SER K 390 -40.83 8.85 -10.62
C SER K 390 -40.39 7.75 -11.57
N ILE K 391 -41.32 7.18 -12.34
CA ILE K 391 -40.98 6.08 -13.25
C ILE K 391 -40.77 6.55 -14.68
N GLY K 392 -41.31 7.70 -15.06
CA GLY K 392 -41.16 8.20 -16.41
C GLY K 392 -42.38 7.90 -17.25
N LEU K 393 -43.26 8.87 -17.40
CA LEU K 393 -44.49 8.72 -18.17
C LEU K 393 -44.35 9.50 -19.47
N GLU K 394 -44.62 8.82 -20.59
CA GLU K 394 -44.37 9.38 -21.91
C GLU K 394 -45.53 10.29 -22.32
N MET K 395 -45.61 11.42 -21.62
CA MET K 395 -46.65 12.41 -21.83
C MET K 395 -46.23 13.70 -21.12
N PRO K 396 -46.73 14.86 -21.55
CA PRO K 396 -46.44 16.10 -20.83
C PRO K 396 -47.03 16.09 -19.43
N GLY K 397 -46.42 16.88 -18.55
CA GLY K 397 -46.79 16.87 -17.13
C GLY K 397 -48.17 17.42 -16.85
N GLU K 398 -48.72 18.23 -17.75
CA GLU K 398 -50.08 18.74 -17.54
C GLU K 398 -51.13 17.64 -17.68
N PHE K 399 -50.90 16.68 -18.56
CA PHE K 399 -51.88 15.64 -18.86
C PHE K 399 -51.60 14.34 -18.12
N ALA K 400 -50.57 14.29 -17.27
CA ALA K 400 -50.29 13.08 -16.52
C ALA K 400 -51.19 12.93 -15.30
N LYS K 401 -51.76 14.03 -14.81
CA LYS K 401 -52.61 13.97 -13.61
C LYS K 401 -53.87 13.15 -13.85
N MET K 402 -54.56 13.39 -14.96
CA MET K 402 -55.78 12.65 -15.22
C MET K 402 -55.50 11.22 -15.65
N LYS K 403 -54.33 10.97 -16.24
CA LYS K 403 -53.90 9.59 -16.50
C LYS K 403 -53.70 8.82 -15.20
N ALA K 404 -53.01 9.44 -14.22
CA ALA K 404 -52.83 8.80 -12.93
C ALA K 404 -54.16 8.62 -12.20
N GLU K 405 -55.06 9.60 -12.32
CA GLU K 405 -56.38 9.47 -11.72
C GLU K 405 -57.18 8.33 -12.36
N HIS K 406 -57.08 8.19 -13.69
CA HIS K 406 -57.76 7.09 -14.37
C HIS K 406 -57.18 5.74 -13.96
N THR K 407 -55.86 5.67 -13.79
CA THR K 407 -55.24 4.42 -13.33
C THR K 407 -55.67 4.08 -11.91
N LEU K 408 -55.75 5.08 -11.03
CA LEU K 408 -56.19 4.83 -9.66
C LEU K 408 -57.66 4.43 -9.61
N VAL K 409 -58.49 5.01 -10.49
CA VAL K 409 -59.89 4.62 -10.56
C VAL K 409 -60.03 3.19 -11.08
N SER K 410 -59.25 2.84 -12.10
CA SER K 410 -59.27 1.48 -12.64
C SER K 410 -58.79 0.46 -11.63
N VAL K 411 -57.83 0.82 -10.78
CA VAL K 411 -57.41 -0.04 -9.68
C VAL K 411 -58.52 -0.29 -8.68
N GLY K 412 -59.42 0.67 -8.49
CA GLY K 412 -60.53 0.48 -7.57
C GLY K 412 -60.71 1.56 -6.53
N PHE K 413 -60.25 2.78 -6.83
CA PHE K 413 -60.52 3.95 -6.02
C PHE K 413 -61.64 4.76 -6.66
N THR K 414 -62.40 5.45 -5.82
CA THR K 414 -63.40 6.36 -6.35
C THR K 414 -62.74 7.64 -6.84
N GLU K 415 -63.52 8.47 -7.54
CA GLU K 415 -62.98 9.72 -8.08
C GLU K 415 -62.59 10.68 -6.97
N GLU K 416 -63.42 10.78 -5.93
CA GLU K 416 -63.09 11.63 -4.78
C GLU K 416 -61.85 11.12 -4.06
N GLU K 417 -61.76 9.81 -3.85
CA GLU K 417 -60.62 9.23 -3.15
C GLU K 417 -59.32 9.40 -3.95
N ALA K 418 -59.39 9.18 -5.26
CA ALA K 418 -58.21 9.33 -6.10
C ALA K 418 -57.81 10.81 -6.21
N GLU K 419 -58.79 11.71 -6.22
CA GLU K 419 -58.47 13.13 -6.23
C GLU K 419 -57.81 13.57 -4.94
N ASN K 420 -58.31 13.07 -3.80
CA ASN K 420 -57.74 13.46 -2.50
C ASN K 420 -56.39 12.79 -2.26
N MET K 421 -56.14 11.65 -2.89
CA MET K 421 -54.93 10.88 -2.64
C MET K 421 -53.73 11.37 -3.43
N LEU K 422 -53.94 12.12 -4.52
CA LEU K 422 -52.86 12.48 -5.43
C LEU K 422 -51.81 13.36 -4.77
N GLU K 423 -52.25 14.35 -3.98
CA GLU K 423 -51.33 15.25 -3.28
C GLU K 423 -51.09 14.75 -1.86
N LYS K 424 -50.44 13.60 -1.76
CA LYS K 424 -50.23 12.94 -0.48
C LYS K 424 -48.96 12.11 -0.55
N HIS K 425 -48.37 11.83 0.61
CA HIS K 425 -47.16 11.04 0.68
C HIS K 425 -47.49 9.57 0.99
N PRO K 426 -46.63 8.64 0.60
CA PRO K 426 -46.88 7.22 0.92
C PRO K 426 -46.96 6.93 2.41
N SER K 427 -46.27 7.70 3.26
CA SER K 427 -46.37 7.51 4.69
C SER K 427 -47.74 7.90 5.23
N GLU K 428 -48.51 8.67 4.49
CA GLU K 428 -49.86 9.07 4.89
C GLU K 428 -50.93 8.11 4.39
N LEU K 429 -50.54 7.02 3.74
CA LEU K 429 -51.49 6.02 3.28
C LEU K 429 -51.50 4.82 4.23
N SER K 430 -52.39 3.87 3.96
CA SER K 430 -52.46 2.63 4.70
C SER K 430 -51.83 1.51 3.88
N VAL K 431 -51.47 0.43 4.56
CA VAL K 431 -50.97 -0.76 3.88
C VAL K 431 -52.14 -1.45 3.19
N GLY K 432 -52.23 -1.30 1.88
CA GLY K 432 -53.39 -1.71 1.12
C GLY K 432 -53.82 -0.59 0.20
N GLU K 433 -53.70 0.65 0.69
CA GLU K 433 -53.71 1.80 -0.20
C GLU K 433 -52.36 1.95 -0.89
N LYS K 434 -51.26 1.71 -0.16
CA LYS K 434 -49.93 1.70 -0.76
C LYS K 434 -49.78 0.53 -1.72
N HIS K 435 -50.37 -0.62 -1.38
CA HIS K 435 -50.29 -1.79 -2.25
C HIS K 435 -51.03 -1.55 -3.56
N ARG K 436 -52.20 -0.93 -3.50
CA ARG K 436 -52.94 -0.59 -4.71
C ARG K 436 -52.23 0.50 -5.51
N VAL K 437 -51.55 1.43 -4.84
CA VAL K 437 -50.77 2.44 -5.55
C VAL K 437 -49.59 1.81 -6.28
N ALA K 438 -48.93 0.84 -5.64
CA ALA K 438 -47.83 0.14 -6.31
C ALA K 438 -48.34 -0.71 -7.48
N LEU K 439 -49.53 -1.31 -7.32
CA LEU K 439 -50.14 -2.04 -8.43
C LEU K 439 -50.45 -1.11 -9.59
N ALA K 440 -50.98 0.09 -9.29
CA ALA K 440 -51.22 1.09 -10.32
C ALA K 440 -49.93 1.55 -10.97
N GLN K 441 -48.85 1.64 -10.19
CA GLN K 441 -47.55 2.03 -10.71
C GLN K 441 -47.01 0.99 -11.69
N VAL K 442 -47.25 -0.29 -11.40
CA VAL K 442 -46.90 -1.33 -12.36
C VAL K 442 -47.80 -1.26 -13.60
N LEU K 443 -49.10 -1.03 -13.40
CA LEU K 443 -50.06 -1.11 -14.49
C LEU K 443 -50.01 0.10 -15.44
N ILE K 444 -49.60 1.27 -14.96
CA ILE K 444 -49.77 2.50 -15.71
C ILE K 444 -48.86 2.58 -16.94
N ARG K 445 -47.75 1.83 -16.95
CA ARG K 445 -46.87 1.82 -18.11
C ARG K 445 -47.37 0.92 -19.23
N GLU K 446 -48.43 0.15 -18.98
CA GLU K 446 -49.02 -0.85 -19.85
C GLU K 446 -47.99 -1.82 -20.40
N PRO K 447 -47.39 -2.68 -19.58
CA PRO K 447 -46.51 -3.71 -20.12
C PRO K 447 -47.31 -4.91 -20.60
N HIS K 448 -46.65 -5.74 -21.41
CA HIS K 448 -47.32 -6.93 -21.93
C HIS K 448 -47.43 -8.00 -20.85
N LEU K 449 -46.30 -8.49 -20.36
CA LEU K 449 -46.28 -9.50 -19.30
C LEU K 449 -46.20 -8.80 -17.95
N ILE K 450 -47.16 -9.07 -17.08
CA ILE K 450 -47.23 -8.46 -15.77
C ILE K 450 -47.16 -9.56 -14.72
N LEU K 451 -46.23 -9.41 -13.78
CA LEU K 451 -46.07 -10.34 -12.68
C LEU K 451 -46.55 -9.68 -11.39
N LEU K 452 -47.49 -10.31 -10.71
CA LEU K 452 -48.11 -9.76 -9.51
C LEU K 452 -47.86 -10.72 -8.35
N ASP K 453 -46.88 -10.41 -7.53
CA ASP K 453 -46.57 -11.22 -6.35
C ASP K 453 -47.45 -10.77 -5.21
N GLU K 454 -48.48 -11.58 -4.91
CA GLU K 454 -49.49 -11.35 -3.88
C GLU K 454 -50.16 -10.00 -4.01
N PRO K 455 -51.04 -9.81 -5.01
CA PRO K 455 -51.79 -8.53 -5.09
C PRO K 455 -52.69 -8.28 -3.89
N THR K 456 -53.26 -9.33 -3.32
CA THR K 456 -54.11 -9.22 -2.15
C THR K 456 -53.27 -9.43 -0.89
N GLY K 457 -53.92 -9.62 0.25
CA GLY K 457 -53.22 -9.86 1.49
C GLY K 457 -53.65 -8.89 2.58
N THR K 458 -54.09 -7.71 2.17
CA THR K 458 -54.60 -6.71 3.10
C THR K 458 -55.88 -6.05 2.59
N MET K 459 -56.62 -6.72 1.72
CA MET K 459 -57.81 -6.17 1.10
C MET K 459 -59.04 -6.89 1.62
N ASP K 460 -60.01 -6.09 2.03
CA ASP K 460 -61.30 -6.67 2.42
C ASP K 460 -61.74 -7.52 1.23
N PRO K 461 -62.64 -8.51 1.40
CA PRO K 461 -63.15 -9.20 0.26
C PRO K 461 -63.52 -8.18 -0.81
N ILE K 462 -64.17 -7.08 -0.47
CA ILE K 462 -64.65 -6.14 -1.53
C ILE K 462 -63.47 -5.57 -2.32
N THR K 463 -62.48 -4.99 -1.63
CA THR K 463 -61.28 -4.43 -2.31
C THR K 463 -60.62 -5.50 -3.18
N ARG K 464 -60.59 -6.75 -2.71
CA ARG K 464 -59.93 -7.84 -3.46
C ARG K 464 -60.71 -8.11 -4.74
N ASN K 465 -62.01 -8.27 -4.63
CA ASN K 465 -62.82 -8.45 -5.86
C ASN K 465 -62.53 -7.28 -6.80
N GLN K 466 -62.38 -6.08 -6.27
CA GLN K 466 -62.03 -4.89 -7.10
C GLN K 466 -60.74 -5.09 -7.90
N VAL K 467 -59.63 -5.29 -7.18
CA VAL K 467 -58.32 -5.50 -7.85
C VAL K 467 -58.49 -6.61 -8.89
N ALA K 468 -59.29 -7.63 -8.59
CA ALA K 468 -59.55 -8.79 -9.48
C ALA K 468 -60.22 -8.43 -10.81
N GLU K 469 -61.34 -7.74 -10.72
CA GLU K 469 -62.03 -7.32 -11.96
C GLU K 469 -61.09 -6.40 -12.71
N SER K 470 -60.26 -5.64 -12.00
CA SER K 470 -59.25 -4.80 -12.69
C SER K 470 -58.38 -5.66 -13.59
N ILE K 471 -57.71 -6.62 -12.97
CA ILE K 471 -56.81 -7.49 -13.78
C ILE K 471 -57.60 -8.10 -14.95
N GLN K 472 -58.84 -8.56 -14.72
CA GLN K 472 -59.59 -9.23 -15.82
C GLN K 472 -59.89 -8.28 -16.97
N LYS K 473 -60.41 -7.10 -16.66
CA LYS K 473 -60.70 -6.10 -17.69
C LYS K 473 -59.43 -5.75 -18.47
N SER K 474 -58.31 -5.55 -17.78
CA SER K 474 -57.10 -5.10 -18.49
C SER K 474 -56.62 -6.23 -19.40
N ARG K 475 -56.75 -7.48 -18.94
CA ARG K 475 -56.33 -8.64 -19.76
C ARG K 475 -57.18 -8.67 -21.02
N SER K 476 -58.48 -8.46 -20.88
CA SER K 476 -59.24 -8.58 -22.15
C SER K 476 -59.19 -7.27 -22.94
N GLU K 477 -59.48 -6.11 -22.32
CA GLU K 477 -59.49 -4.96 -23.22
C GLU K 477 -58.10 -4.57 -23.71
N LEU K 478 -57.03 -5.09 -23.10
CA LEU K 478 -55.68 -4.66 -23.46
C LEU K 478 -54.79 -5.86 -23.81
N ASP K 479 -55.37 -7.05 -23.87
CA ASP K 479 -54.73 -8.36 -24.08
C ASP K 479 -53.41 -8.47 -23.31
N GLN K 480 -53.46 -8.14 -22.03
CA GLN K 480 -52.32 -8.21 -21.14
C GLN K 480 -52.27 -9.59 -20.49
N THR K 481 -51.11 -10.23 -20.58
CA THR K 481 -50.90 -11.51 -19.91
C THR K 481 -50.40 -11.28 -18.48
N TYR K 482 -50.86 -12.13 -17.56
CA TYR K 482 -50.56 -11.96 -16.15
C TYR K 482 -50.04 -13.26 -15.56
N VAL K 483 -49.13 -13.14 -14.60
CA VAL K 483 -48.67 -14.24 -13.78
C VAL K 483 -48.93 -13.86 -12.34
N ILE K 484 -49.72 -14.67 -11.63
CA ILE K 484 -50.21 -14.33 -10.30
C ILE K 484 -49.66 -15.34 -9.31
N VAL K 485 -49.05 -14.83 -8.24
CA VAL K 485 -48.70 -15.64 -7.07
C VAL K 485 -49.67 -15.24 -5.97
N SER K 486 -50.41 -16.22 -5.43
CA SER K 486 -51.46 -15.89 -4.49
C SER K 486 -51.67 -17.03 -3.52
N HIS K 487 -52.34 -16.71 -2.41
CA HIS K 487 -52.72 -17.69 -1.40
C HIS K 487 -54.23 -17.81 -1.23
N ASP K 488 -55.00 -16.80 -1.59
CA ASP K 488 -56.45 -16.88 -1.52
C ASP K 488 -56.96 -17.77 -2.64
N MET K 489 -57.65 -18.85 -2.26
CA MET K 489 -58.07 -19.84 -3.25
C MET K 489 -59.16 -19.28 -4.16
N ASP K 490 -60.20 -18.67 -3.57
CA ASP K 490 -61.35 -18.19 -4.34
C ASP K 490 -60.94 -17.13 -5.36
N PHE K 491 -59.88 -16.38 -5.06
CA PHE K 491 -59.29 -15.50 -6.07
C PHE K 491 -58.79 -16.30 -7.27
N VAL K 492 -58.18 -17.46 -7.02
CA VAL K 492 -57.69 -18.29 -8.13
C VAL K 492 -58.85 -18.93 -8.90
N LEU K 493 -59.91 -19.35 -8.20
CA LEU K 493 -61.07 -19.90 -8.92
C LEU K 493 -61.76 -18.85 -9.77
N ASN K 494 -62.01 -17.66 -9.23
CA ASN K 494 -62.78 -16.69 -9.99
C ASN K 494 -61.92 -15.76 -10.83
N VAL K 495 -60.60 -15.93 -10.84
CA VAL K 495 -59.74 -15.09 -11.66
C VAL K 495 -58.91 -15.95 -12.60
N CYS K 496 -58.11 -16.85 -12.05
CA CYS K 496 -57.16 -17.62 -12.84
C CYS K 496 -57.86 -18.75 -13.60
N ASP K 497 -57.15 -19.29 -14.59
CA ASP K 497 -57.71 -20.35 -15.42
C ASP K 497 -56.79 -21.56 -15.52
N ARG K 498 -55.49 -21.35 -15.40
CA ARG K 498 -54.52 -22.44 -15.56
C ARG K 498 -53.43 -22.36 -14.50
N ALA K 499 -53.84 -22.32 -13.23
CA ALA K 499 -52.89 -22.20 -12.12
C ALA K 499 -52.01 -23.44 -12.00
N ALA K 500 -50.87 -23.27 -11.33
CA ALA K 500 -49.91 -24.34 -11.09
C ALA K 500 -49.51 -24.35 -9.63
N LEU K 501 -49.16 -25.54 -9.14
CA LEU K 501 -48.81 -25.74 -7.74
C LEU K 501 -47.30 -25.88 -7.63
N VAL K 502 -46.70 -25.18 -6.66
CA VAL K 502 -45.27 -25.21 -6.44
C VAL K 502 -45.01 -25.82 -5.07
N ARG K 503 -44.14 -26.82 -5.03
CA ARG K 503 -43.81 -27.51 -3.77
C ARG K 503 -42.33 -27.85 -3.80
N GLY K 504 -41.54 -27.10 -3.03
CA GLY K 504 -40.11 -27.35 -2.93
C GLY K 504 -39.33 -27.13 -4.21
N GLY K 505 -39.73 -26.13 -5.01
CA GLY K 505 -39.05 -25.87 -6.27
C GLY K 505 -39.50 -26.72 -7.43
N LYS K 506 -40.61 -27.44 -7.31
CA LYS K 506 -41.14 -28.27 -8.38
C LYS K 506 -42.46 -27.71 -8.88
N ILE K 507 -42.97 -28.33 -9.95
CA ILE K 507 -44.22 -27.87 -10.57
C ILE K 507 -45.39 -28.82 -10.34
N ILE K 508 -45.12 -30.06 -9.92
CA ILE K 508 -46.12 -31.07 -9.56
C ILE K 508 -46.95 -30.93 -10.83
N LYS K 509 -48.25 -30.68 -10.67
CA LYS K 509 -49.15 -30.59 -11.81
C LYS K 509 -49.76 -29.23 -12.09
N THR K 510 -49.97 -28.92 -13.38
CA THR K 510 -50.61 -27.70 -13.81
C THR K 510 -51.97 -28.02 -14.41
N GLY K 511 -52.95 -27.15 -14.16
CA GLY K 511 -54.28 -27.38 -14.67
C GLY K 511 -55.23 -26.31 -14.19
N LYS K 512 -56.52 -26.65 -14.23
CA LYS K 512 -57.56 -25.72 -13.81
C LYS K 512 -57.44 -25.43 -12.31
N PRO K 513 -57.88 -24.24 -11.86
CA PRO K 513 -57.84 -23.94 -10.42
C PRO K 513 -58.70 -24.88 -9.58
N ASP K 514 -59.83 -25.36 -10.11
CA ASP K 514 -60.61 -26.36 -9.38
C ASP K 514 -59.84 -27.67 -9.27
N GLU K 515 -59.19 -28.08 -10.36
CA GLU K 515 -58.36 -29.28 -10.34
C GLU K 515 -57.21 -29.13 -9.35
N ILE K 516 -56.61 -27.94 -9.31
CA ILE K 516 -55.58 -27.64 -8.32
C ILE K 516 -56.14 -27.71 -6.90
N VAL K 517 -57.40 -27.28 -6.72
CA VAL K 517 -58.03 -27.34 -5.40
C VAL K 517 -58.24 -28.78 -4.95
N LYS K 518 -58.75 -29.64 -5.83
CA LYS K 518 -58.93 -31.04 -5.43
C LYS K 518 -57.60 -31.78 -5.34
N ILE K 519 -56.55 -31.30 -6.00
CA ILE K 519 -55.22 -31.85 -5.74
C ILE K 519 -54.75 -31.45 -4.35
N LEU K 520 -54.95 -30.19 -3.98
CA LEU K 520 -54.62 -29.73 -2.63
C LEU K 520 -55.49 -30.39 -1.59
N SER K 521 -56.77 -30.54 -1.88
CA SER K 521 -57.70 -31.18 -0.94
C SER K 521 -58.83 -31.89 -1.69
N ILE L 10 -17.81 -47.82 -21.22
CA ILE L 10 -18.47 -46.53 -21.02
C ILE L 10 -19.88 -46.57 -21.57
N GLU L 11 -20.86 -46.34 -20.69
CA GLU L 11 -22.26 -46.29 -21.11
C GLU L 11 -23.00 -45.40 -20.12
N ILE L 12 -24.29 -45.21 -20.40
CA ILE L 12 -25.13 -44.34 -19.56
C ILE L 12 -25.30 -44.97 -18.19
N GLY L 13 -25.11 -44.17 -17.15
CA GLY L 13 -25.17 -44.63 -15.78
C GLY L 13 -23.84 -45.03 -15.19
N SER L 14 -22.79 -45.11 -16.01
CA SER L 14 -21.47 -45.43 -15.50
C SER L 14 -20.84 -44.20 -14.87
N TYR L 15 -19.77 -44.43 -14.10
CA TYR L 15 -19.04 -43.38 -13.41
C TYR L 15 -17.71 -43.17 -14.12
N VAL L 16 -17.48 -41.95 -14.60
CA VAL L 16 -16.28 -41.63 -15.37
C VAL L 16 -15.58 -40.44 -14.75
N ARG L 17 -14.29 -40.32 -15.06
CA ARG L 17 -13.48 -39.21 -14.59
C ARG L 17 -12.64 -38.69 -15.74
N TYR L 18 -12.21 -37.44 -15.62
CA TYR L 18 -11.33 -36.81 -16.58
C TYR L 18 -9.90 -36.88 -16.09
N ILE L 19 -9.00 -37.36 -16.95
CA ILE L 19 -7.61 -37.58 -16.53
C ILE L 19 -6.88 -36.26 -16.30
N ASN L 20 -7.25 -35.21 -17.04
CA ASN L 20 -6.48 -33.98 -17.01
C ASN L 20 -6.75 -33.17 -15.74
N THR L 21 -7.98 -33.17 -15.24
CA THR L 21 -8.33 -32.40 -14.06
C THR L 21 -8.91 -33.24 -12.93
N GLY L 22 -9.75 -34.22 -13.25
CA GLY L 22 -10.40 -35.00 -12.20
C GLY L 22 -11.82 -34.54 -11.93
N THR L 23 -12.58 -34.31 -12.99
CA THR L 23 -13.98 -33.90 -12.87
C THR L 23 -14.86 -35.14 -12.85
N HIS L 24 -15.52 -35.37 -11.72
CA HIS L 24 -16.42 -36.51 -11.58
C HIS L 24 -17.75 -36.21 -12.26
N GLY L 25 -18.30 -37.23 -12.92
CA GLY L 25 -19.58 -37.06 -13.59
C GLY L 25 -20.08 -38.40 -14.08
N THR L 26 -21.36 -38.40 -14.46
CA THR L 26 -22.04 -39.57 -14.98
C THR L 26 -22.36 -39.37 -16.45
N VAL L 27 -22.23 -40.45 -17.24
CA VAL L 27 -22.45 -40.36 -18.67
C VAL L 27 -23.93 -40.19 -18.95
N LYS L 28 -24.26 -39.16 -19.74
CA LYS L 28 -25.65 -38.91 -20.13
C LYS L 28 -26.00 -39.64 -21.42
N ALA L 29 -25.23 -39.43 -22.48
CA ALA L 29 -25.48 -40.06 -23.76
C ALA L 29 -24.20 -40.06 -24.59
N ILE L 30 -24.19 -40.88 -25.63
CA ILE L 30 -23.12 -40.86 -26.63
C ILE L 30 -23.74 -40.32 -27.92
N GLU L 31 -23.13 -39.27 -28.47
CA GLU L 31 -23.63 -38.62 -29.67
C GLU L 31 -22.51 -38.50 -30.69
N PRO L 32 -22.42 -39.44 -31.64
CA PRO L 32 -21.40 -39.33 -32.69
C PRO L 32 -21.64 -38.13 -33.58
N LYS L 33 -20.54 -37.49 -33.99
CA LYS L 33 -20.59 -36.39 -34.94
C LYS L 33 -19.28 -36.33 -35.71
N ASN L 34 -19.37 -35.98 -36.99
CA ASN L 34 -18.24 -35.85 -37.90
C ASN L 34 -17.37 -37.11 -37.90
N ASP L 35 -18.05 -38.26 -38.00
CA ASP L 35 -17.50 -39.62 -37.84
C ASP L 35 -16.49 -39.70 -36.70
N GLU L 36 -16.89 -39.21 -35.53
CA GLU L 36 -16.05 -39.25 -34.34
C GLU L 36 -16.93 -39.47 -33.13
N GLU L 37 -16.41 -40.22 -32.15
CA GLU L 37 -17.16 -40.57 -30.95
C GLU L 37 -17.03 -39.47 -29.90
N TRP L 38 -18.16 -39.12 -29.29
CA TRP L 38 -18.18 -38.13 -28.22
C TRP L 38 -19.10 -38.61 -27.10
N VAL L 39 -18.74 -38.24 -25.87
CA VAL L 39 -19.44 -38.69 -24.67
C VAL L 39 -19.97 -37.46 -23.95
N LEU L 40 -21.27 -37.45 -23.68
CA LEU L 40 -21.93 -36.34 -23.02
C LEU L 40 -22.12 -36.67 -21.55
N LEU L 41 -21.72 -35.75 -20.68
CA LEU L 41 -21.66 -35.97 -19.24
C LEU L 41 -22.74 -35.17 -18.52
N GLU L 42 -22.70 -35.20 -17.19
CA GLU L 42 -23.75 -34.58 -16.37
C GLU L 42 -23.73 -33.06 -16.48
N ASN L 43 -22.57 -32.46 -16.74
CA ASN L 43 -22.45 -31.01 -16.83
C ASN L 43 -22.73 -30.48 -18.23
N ASP L 44 -23.33 -31.31 -19.09
CA ASP L 44 -23.65 -30.96 -20.49
C ASP L 44 -22.40 -30.52 -21.25
N ILE L 45 -21.32 -31.29 -21.12
CA ILE L 45 -20.07 -31.05 -21.81
C ILE L 45 -19.67 -32.33 -22.53
N TYR L 46 -19.43 -32.25 -23.83
CA TYR L 46 -18.92 -33.39 -24.57
C TYR L 46 -17.47 -33.66 -24.18
N TYR L 47 -17.09 -34.94 -24.24
CA TYR L 47 -15.74 -35.37 -23.92
C TYR L 47 -15.28 -36.36 -24.97
N ARG L 48 -14.01 -36.73 -24.90
CA ARG L 48 -13.47 -37.73 -25.79
C ARG L 48 -13.24 -39.04 -25.05
N PRO L 49 -13.63 -40.18 -25.66
CA PRO L 49 -13.44 -41.47 -24.97
C PRO L 49 -11.99 -41.83 -24.67
N GLU L 50 -11.04 -41.43 -25.52
CA GLU L 50 -9.64 -41.71 -25.24
C GLU L 50 -9.12 -40.87 -24.08
N LEU L 51 -9.75 -39.74 -23.80
CA LEU L 51 -9.42 -38.92 -22.65
C LEU L 51 -10.26 -39.26 -21.42
N LEU L 52 -11.10 -40.28 -21.51
CA LEU L 52 -11.90 -40.75 -20.39
C LEU L 52 -11.47 -42.17 -20.00
N GLU L 53 -11.61 -42.48 -18.71
CA GLU L 53 -11.29 -43.80 -18.21
C GLU L 53 -12.42 -44.27 -17.31
N LEU L 54 -12.56 -45.59 -17.19
CA LEU L 54 -13.62 -46.20 -16.41
C LEU L 54 -13.16 -46.41 -14.98
N VAL L 55 -13.89 -45.84 -14.03
CA VAL L 55 -13.62 -46.02 -12.61
C VAL L 55 -14.84 -46.64 -11.95
N GLU L 56 -14.62 -47.25 -10.79
CA GLU L 56 -15.69 -47.91 -10.05
C GLU L 56 -15.65 -47.54 -8.58
NI F43 M . 35.61 -17.98 20.62
NA F43 M . 35.38 -16.50 19.14
CHA F43 M . 33.57 -17.70 18.04
C1A F43 M . 34.53 -16.57 18.20
C2A F43 M . 34.60 -15.41 17.24
C3A F43 M . 36.05 -14.94 17.47
C4A F43 M . 36.13 -15.22 18.96
C5A F43 M . 33.54 -14.31 17.49
C6A F43 M . 33.47 -13.32 16.35
O7A F43 M . 34.48 -12.66 16.03
N8A F43 M . 32.32 -13.22 15.71
C9A F43 M . 34.37 -15.98 15.83
CAA F43 M . 37.15 -15.65 16.70
CBA F43 M . 37.95 -14.73 15.78
CCA F43 M . 38.90 -15.47 14.90
ODA F43 M . 40.16 -15.17 15.14
OEA F43 M . 38.57 -16.39 14.18
NB F43 M . 36.91 -16.65 21.57
CHB F43 M . 37.47 -15.15 19.70
C1B F43 M . 37.16 -15.22 21.20
C2B F43 M . 38.16 -14.66 22.25
C3B F43 M . 38.54 -15.91 23.13
C4B F43 M . 37.63 -17.01 22.58
N5B F43 M . 35.95 -14.42 21.46
C6B F43 M . 36.04 -13.49 22.41
O7B F43 M . 35.17 -12.68 22.69
C8B F43 M . 37.39 -13.60 23.06
C9B F43 M . 39.36 -13.94 21.61
CAB F43 M . 40.02 -16.35 23.24
CBB F43 M . 40.55 -17.16 22.06
CCB F43 M . 41.98 -17.60 22.22
ODB F43 M . 42.87 -16.81 22.42
OEB F43 M . 42.17 -18.79 21.71
NC F43 M . 36.28 -19.61 21.68
CHC F43 M . 37.59 -18.26 23.20
C1C F43 M . 36.99 -19.41 22.82
C2C F43 M . 37.07 -20.61 23.70
C3C F43 M . 36.47 -21.72 22.82
C4C F43 M . 35.92 -20.95 21.65
C5C F43 M . 36.35 -20.38 25.03
C6C F43 M . 37.10 -20.93 26.19
O7C F43 M . 37.20 -22.12 26.40
O8C F43 M . 37.48 -20.01 27.06
C8C F43 M . 37.63 -22.61 22.34
C9C F43 M . 37.87 -23.86 23.16
CAC F43 M . 39.32 -24.14 23.40
OBC F43 M . 39.84 -25.00 22.56
OCC F43 M . 39.99 -23.51 24.20
ND F43 M . 34.83 -19.42 19.38
CHD F43 M . 35.14 -21.52 20.64
C5D F43 M . 33.33 -22.62 18.62
C6D F43 M . 34.25 -23.56 19.38
C7D F43 M . 34.77 -22.96 20.66
O8D F43 M . 34.57 -23.57 21.71
C9D F43 M . 33.39 -20.29 16.07
CAD F43 M . 32.70 -21.49 15.47
OBD F43 M . 31.65 -21.93 15.90
OCD F43 M . 33.31 -21.97 14.42
C1D F43 M . 34.72 -20.74 19.55
C2D F43 M . 34.11 -21.35 18.30
C3D F43 M . 33.38 -20.20 17.59
C4D F43 M . 34.30 -19.05 18.05
NI F43 N . -4.15 3.47 -5.98
NA F43 N . -3.57 1.58 -5.29
CHA F43 N . -1.26 2.30 -5.01
C1A F43 N . -2.38 1.32 -4.96
C2A F43 N . -2.22 -0.10 -4.50
C3A F43 N . -3.38 -0.78 -5.26
C4A F43 N . -4.38 0.34 -5.14
C5A F43 N . -2.41 -0.14 -2.96
C6A F43 N . -1.11 -0.07 -2.17
O7A F43 N . -0.51 1.00 -2.06
N8A F43 N . -0.69 -1.19 -1.62
C9A F43 N . -0.84 -0.66 -4.86
CAA F43 N . -3.14 -1.18 -6.71
CBA F43 N . -2.92 -2.68 -6.93
CCA F43 N . -4.19 -3.43 -7.19
ODA F43 N . -5.26 -2.78 -6.83
OEA F43 N . -4.20 -4.59 -7.55
NB F43 N . -6.12 2.77 -5.94
CHB F43 N . -5.57 0.35 -6.08
C1B F43 N . -6.60 1.40 -5.64
C2B F43 N . -7.96 1.33 -6.35
C3B F43 N . -8.48 2.81 -6.15
C4B F43 N . -7.13 3.53 -6.23
N5B F43 N . -6.99 1.22 -4.25
C6B F43 N . -8.14 0.53 -4.11
O7B F43 N . -8.53 0.04 -3.05
C8B F43 N . -8.73 0.32 -5.47
C9B F43 N . -7.83 0.86 -7.80
CAB F43 N . -9.46 3.43 -7.17
CBB F43 N . -10.78 2.67 -7.36
CCB F43 N . -11.59 2.48 -6.10
ODB F43 N . -11.71 1.40 -5.57
OEB F43 N . -12.44 3.45 -5.93
NC F43 N . -4.68 5.16 -7.01
CHC F43 N . -7.05 4.91 -6.53
C1C F43 N . -5.95 5.63 -6.88
C2C F43 N . -6.02 7.11 -7.12
C3C F43 N . -4.75 7.32 -8.00
C4C F43 N . -3.90 6.16 -7.58
C5C F43 N . -6.03 7.89 -5.81
C6C F43 N . -6.70 9.23 -5.93
O7C F43 N . -6.12 10.27 -5.67
O8C F43 N . -7.92 9.19 -6.38
C8C F43 N . -5.03 7.28 -9.51
C9C F43 N . -5.59 8.58 -10.07
CAC F43 N . -6.36 8.40 -11.34
OBC F43 N . -7.43 9.15 -11.41
OCC F43 N . -6.02 7.64 -12.22
ND F43 N . -2.27 3.88 -6.66
CHD F43 N . -2.51 6.06 -7.76
C5D F43 N . 0.42 6.00 -7.77
C6D F43 N . -0.32 6.88 -8.76
C7D F43 N . -1.73 7.18 -8.36
O8D F43 N . -2.08 8.35 -8.25
C9D F43 N . 1.17 2.61 -7.18
CAD F43 N . 2.43 3.18 -7.76
OBD F43 N . 3.07 2.60 -8.60
OCD F43 N . 2.93 4.15 -7.03
C1D F43 N . -1.80 4.92 -7.35
C2D F43 N . -0.34 4.68 -7.66
C3D F43 N . 0.14 3.62 -6.65
C4D F43 N . -1.19 2.89 -6.43
C1 COM O . 34.21 -17.60 23.35
C2 COM O . 34.05 -16.23 24.01
S1 COM O . 33.40 -17.57 21.72
S2 COM O . 34.76 -16.25 25.68
O1S COM O . 34.87 -14.86 26.25
O2S COM O . 36.21 -16.65 25.67
O3S COM O . 33.97 -17.14 26.59
N TP7 P . 24.63 -8.80 23.96
P TP7 P . 25.29 -4.27 24.94
O1P TP7 P . 25.85 -4.12 26.34
O2P TP7 P . 26.19 -3.64 23.88
O3P TP7 P . 23.85 -3.82 24.81
O4P TP7 P . 25.29 -5.85 24.62
CB TP7 P . 24.32 -6.74 25.25
C TP7 P . 23.41 -6.95 22.90
O TP7 P . 24.09 -7.22 21.90
OXT TP7 P . 22.48 -6.11 22.94
CA TP7 P . 23.73 -7.70 24.21
CG TP7 P . 25.03 -7.48 26.36
O1 TP7 P . 23.08 -10.40 23.77
C1 TP7 P . 24.19 -9.97 23.51
C2 TP7 P . 25.14 -10.72 22.60
C3 TP7 P . 24.56 -12.00 22.07
C4 TP7 P . 25.52 -12.80 21.24
C5 TP7 P . 26.96 -12.59 21.61
C6 TP7 P . 27.48 -13.64 22.56
C7 TP7 P . 27.01 -15.05 22.21
S7 TP7 P . 27.55 -16.31 23.39
S1 SHT Q . -3.28 4.54 -3.52
OS3 SHT Q . -7.60 5.65 -3.25
SG2 SHT Q . -7.04 5.73 -1.85
OS1 SHT Q . -7.98 4.82 -1.10
OS2 SHT Q . -7.10 7.14 -1.32
CD SHT Q . -5.32 5.13 -1.78
CC SHT Q . -5.02 4.27 -3.04
SK SHT Q . -2.27 5.44 -1.90
CK6 SHT Q . -1.92 4.15 -0.66
CK5 SHT Q . -2.37 4.57 0.75
CK4 SHT Q . -2.51 3.35 1.69
CK3 SHT Q . -1.79 3.53 3.04
CK2 SHT Q . -2.79 3.60 4.22
CK1 SHT Q . -2.26 3.16 5.36
CK SHT Q . -1.11 2.57 6.22
OK SHT Q . -1.20 1.45 6.61
N SHT Q . 0.08 3.38 6.55
CA SHT Q . 1.13 2.78 7.37
C SHT Q . 0.59 2.63 8.79
OXT SHT Q . 0.28 3.67 9.45
O SHT Q . 0.45 1.49 9.32
CB SHT Q . 2.41 3.62 7.38
CG2 SHT Q . 3.39 3.19 6.25
O3' SHT Q . 3.02 3.51 8.63
P SHT Q . 4.45 4.29 8.98
O1P SHT Q . 4.60 5.55 8.16
O2P SHT Q . 4.57 4.59 10.45
O8P SHT Q . 5.58 3.36 8.61
S4B S5Q R . 24.09 -10.10 -40.28
FE8 S5Q R . 23.08 -12.15 -40.35
FE5 S5Q R . 25.50 -11.64 -39.41
S3A S5Q R . 27.20 -10.97 -38.10
FE7 S5Q R . 24.91 -11.30 -41.95
S5A S5Q R . 25.87 -10.21 -43.62
S3B S5Q R . 23.51 -12.98 -42.43
FE6 S5Q R . 25.04 -13.69 -40.98
S2B S5Q R . 26.10 -15.51 -41.53
S1B S5Q R . 24.27 -13.46 -38.89
CX S5Q R . 26.41 -12.25 -41.08
FE4 S5Q R . 28.03 -11.74 -40.03
S1A S5Q R . 29.22 -13.70 -40.04
S4A S5Q R . 29.08 -10.32 -41.47
FE1 S5Q R . 29.76 -12.45 -41.90
FE3 S5Q R . 27.43 -11.40 -42.57
S2A S5Q R . 28.39 -13.21 -43.53
FE2 S5Q R . 27.54 -13.85 -41.55
S4B S5Q S . -6.25 -10.27 -18.17
FE8 S5Q S . -5.43 -11.42 -16.37
FE5 S5Q S . -4.46 -9.17 -17.35
S3A S5Q S . -4.17 -6.99 -17.85
FE7 S5Q S . -4.42 -11.38 -18.75
S5A S5Q S . -4.12 -11.89 -20.88
S3B S5Q S . -4.02 -12.97 -17.22
FE6 S5Q S . -2.89 -11.15 -16.68
S2B S5Q S . -0.76 -11.41 -16.33
S1B S5Q S . -4.08 -9.92 -15.25
CX S5Q S . -2.99 -10.07 -18.36
FE4 S5Q S . -2.59 -8.19 -18.88
S1A S5Q S . -0.43 -7.98 -18.19
S4A S5Q S . -2.57 -8.36 -21.15
FE1 S5Q S . -0.47 -8.80 -20.34
FE3 S5Q S . -2.55 -10.43 -20.26
S2A S5Q S . -0.38 -11.05 -20.10
FE2 S5Q S . -1.00 -10.17 -18.14
S4B S5Q T . 9.67 -3.54 -38.08
FE8 S5Q T . 8.18 -4.42 -39.56
FE5 S5Q T . 7.78 -4.07 -36.99
S3A S5Q T . 7.35 -3.12 -34.99
FE7 S5Q T . 9.59 -5.74 -37.86
S5A S5Q T . 11.33 -6.79 -36.99
S3B S5Q T . 8.67 -6.64 -39.69
FE6 S5Q T . 7.10 -6.30 -38.16
S2B S5Q T . 5.86 -8.03 -37.68
S1B S5Q T . 6.13 -4.31 -38.51
CX S5Q T . 8.17 -5.96 -36.52
FE4 S5Q T . 7.79 -5.28 -34.68
S1A S5Q T . 6.11 -6.68 -34.02
S4A S5Q T . 9.68 -5.93 -33.58
FE1 S5Q T . 8.15 -7.62 -33.48
FE3 S5Q T . 9.61 -6.96 -35.58
S2A S5Q T . 8.63 -8.96 -35.24
FE2 S5Q T . 7.05 -7.51 -35.90
ZN ZN U . -37.47 -3.88 41.36
PG ATP V . -55.30 -1.43 6.09
O1G ATP V . -54.09 -1.62 6.91
O2G ATP V . -56.09 -2.67 5.98
O3G ATP V . -55.02 -0.82 4.78
PB ATP V . -56.19 0.33 8.30
O1B ATP V . -57.55 0.27 8.83
O2B ATP V . -55.07 -0.22 9.08
O3B ATP V . -56.20 -0.37 6.86
PA ATP V . -54.93 2.91 8.69
O1A ATP V . -53.53 2.65 8.26
O2A ATP V . -55.20 2.94 10.14
O3A ATP V . -55.86 1.85 7.98
O5' ATP V . -55.44 4.25 8.05
C5' ATP V . -56.64 4.91 8.52
C4' ATP V . -56.91 6.08 7.60
O4' ATP V . -56.02 7.17 7.95
C3' ATP V . -56.68 5.84 6.11
O3' ATP V . -57.58 6.61 5.34
C2' ATP V . -55.26 6.36 5.89
O2' ATP V . -55.05 6.78 4.57
C1' ATP V . -55.23 7.54 6.86
N9 ATP V . -53.91 7.83 7.36
C8 ATP V . -53.01 6.95 7.89
N7 ATP V . -51.91 7.53 8.28
C5 ATP V . -52.10 8.87 8.00
C6 ATP V . -51.30 10.01 8.18
N6 ATP V . -50.08 9.98 8.71
N1 ATP V . -51.80 11.20 7.77
C2 ATP V . -53.03 11.22 7.24
N3 ATP V . -53.87 10.22 7.03
C4 ATP V . -53.33 9.07 7.44
PG ATP W . -43.33 -17.00 0.51
O1G ATP W . -43.13 -15.78 -0.32
O2G ATP W . -42.83 -16.82 1.89
O3G ATP W . -44.73 -17.46 0.49
PB ATP W . -41.90 -18.26 -1.70
O1B ATP W . -42.35 -19.52 -2.32
O2B ATP W . -42.21 -16.99 -2.38
O3B ATP W . -42.45 -18.13 -0.21
PA ATP W . -39.03 -17.68 -2.10
O1A ATP W . -38.96 -16.27 -1.71
O2A ATP W . -38.92 -18.00 -3.55
O3A ATP W . -40.33 -18.34 -1.47
O5' ATP W . -37.90 -18.50 -1.33
C5' ATP W . -37.70 -19.90 -1.55
C4' ATP W . -36.77 -20.40 -0.46
O4' ATP W . -35.42 -19.99 -0.77
C3' ATP W . -37.07 -19.87 0.95
O3' ATP W . -36.98 -20.87 1.95
C2' ATP W . -36.02 -18.78 1.15
O2' ATP W . -35.65 -18.63 2.51
C1' ATP W . -34.86 -19.25 0.28
N9 ATP W . -34.19 -18.11 -0.28
C8 ATP W . -34.79 -17.04 -0.91
N7 ATP W . -33.93 -16.12 -1.26
C5 ATP W . -32.71 -16.60 -0.84
C6 ATP W . -31.41 -16.08 -0.92
N6 ATP W . -31.12 -14.92 -1.51
N1 ATP W . -30.41 -16.82 -0.39
C2 ATP W . -30.71 -17.98 0.19
N3 ATP W . -31.89 -18.57 0.33
C4 ATP W . -32.86 -17.82 -0.21
MG MG X . -42.86 -15.05 -1.71
MG MG Y . -53.12 -0.82 8.28
#